data_3FLP
#
_entry.id   3FLP
#
_cell.length_a   98.320
_cell.length_b   167.560
_cell.length_c   140.870
_cell.angle_alpha   90.000
_cell.angle_beta   92.500
_cell.angle_gamma   90.000
#
_symmetry.space_group_name_H-M   'P 1 21 1'
#
loop_
_entity.id
_entity.type
_entity.pdbx_description
1 polymer 'SAP-like pentraxin'
2 non-polymer 'CALCIUM ION'
3 water water
#
_entity_poly.entity_id   1
_entity_poly.type   'polypeptide(L)'
_entity_poly.pdbx_seq_one_letter_code
;AVDIRDVKISFPGTQNPKFPHLRFMQTLPAVRQLTVCQRIKPFHRNTGYIFSCATSNQDNQFITSMYVKSDGTLNLGLQV
NASSNKYISCPIEIELGQWYHVCHVWSGVDGRMAVYANGSPCGTMENVGKGHQISAGGTVVIGQEQDKIGGGFEEQESWS
GELSDLQVWDEALTTHQVSTVASCNGIRPRGNVISWMEDSFVADDGVIVGISHMCSL
;
_entity_poly.pdbx_strand_id   A,B,C,D,E,F,G,H,I,J,K,L,M,N
#
loop_
_chem_comp.id
_chem_comp.type
_chem_comp.name
_chem_comp.formula
CA non-polymer 'CALCIUM ION' 'Ca 2'
#
# COMPACT_ATOMS: atom_id res chain seq x y z
N ALA A 1 -23.92 4.68 2.71
CA ALA A 1 -24.10 5.75 3.72
C ALA A 1 -24.88 5.23 4.93
N VAL A 2 -26.20 5.15 4.80
CA VAL A 2 -27.05 4.67 5.88
C VAL A 2 -27.12 3.14 5.89
N ASP A 3 -26.80 2.55 7.04
CA ASP A 3 -26.82 1.09 7.20
C ASP A 3 -28.24 0.60 7.48
N ILE A 4 -28.58 -0.56 6.92
CA ILE A 4 -29.89 -1.15 7.10
C ILE A 4 -30.22 -1.45 8.56
N ARG A 5 -29.18 -1.64 9.38
CA ARG A 5 -29.38 -1.92 10.79
C ARG A 5 -29.89 -0.70 11.56
N ASP A 6 -29.80 0.48 10.96
CA ASP A 6 -30.28 1.70 11.60
C ASP A 6 -31.69 2.09 11.20
N VAL A 7 -32.35 1.28 10.37
CA VAL A 7 -33.72 1.56 9.97
C VAL A 7 -34.55 1.41 11.24
N LYS A 8 -35.55 2.27 11.43
CA LYS A 8 -36.36 2.17 12.63
C LYS A 8 -37.85 2.16 12.29
N ILE A 9 -38.64 1.65 13.22
CA ILE A 9 -40.08 1.59 13.05
C ILE A 9 -40.69 2.34 14.24
N SER A 10 -41.60 3.25 13.97
CA SER A 10 -42.27 3.99 15.03
C SER A 10 -43.67 3.42 15.22
N PHE A 11 -44.01 3.11 16.47
CA PHE A 11 -45.32 2.59 16.84
C PHE A 11 -45.95 3.80 17.53
N PRO A 12 -46.68 4.62 16.76
CA PRO A 12 -47.38 5.85 17.15
C PRO A 12 -48.18 5.87 18.44
N GLY A 13 -49.05 4.89 18.60
CA GLY A 13 -49.90 4.82 19.77
C GLY A 13 -51.06 3.93 19.38
N THR A 14 -51.59 3.19 20.34
CA THR A 14 -52.68 2.27 20.06
C THR A 14 -54.03 2.72 20.59
N GLN A 15 -55.06 2.49 19.79
CA GLN A 15 -56.43 2.80 20.18
C GLN A 15 -57.37 2.02 19.28
N ASN A 16 -58.01 1.01 19.86
CA ASN A 16 -58.95 0.16 19.14
C ASN A 16 -59.77 1.03 18.18
N PRO A 17 -59.96 0.57 16.92
CA PRO A 17 -59.47 -0.68 16.33
C PRO A 17 -58.08 -0.60 15.67
N LYS A 18 -57.32 0.45 15.97
CA LYS A 18 -55.99 0.60 15.38
C LYS A 18 -54.89 0.06 16.30
N PHE A 19 -54.18 -0.96 15.82
CA PHE A 19 -53.09 -1.57 16.58
C PHE A 19 -51.80 -1.63 15.75
N PRO A 20 -51.01 -0.55 15.75
CA PRO A 20 -49.77 -0.59 14.97
C PRO A 20 -48.90 -1.78 15.38
N HIS A 21 -48.42 -2.55 14.41
CA HIS A 21 -47.58 -3.70 14.72
C HIS A 21 -46.86 -4.25 13.51
N LEU A 22 -45.96 -5.19 13.78
CA LEU A 22 -45.21 -5.88 12.75
C LEU A 22 -45.47 -7.36 13.01
N ARG A 23 -45.51 -8.15 11.94
CA ARG A 23 -45.70 -9.59 12.07
C ARG A 23 -44.72 -10.23 11.09
N PHE A 24 -43.80 -11.04 11.61
CA PHE A 24 -42.84 -11.67 10.73
C PHE A 24 -43.50 -12.75 9.88
N MET A 25 -43.17 -12.74 8.60
CA MET A 25 -43.73 -13.68 7.64
C MET A 25 -43.38 -15.14 7.89
N GLN A 26 -42.17 -15.40 8.37
CA GLN A 26 -41.73 -16.76 8.63
C GLN A 26 -41.83 -17.12 10.11
N THR A 27 -42.41 -18.27 10.40
CA THR A 27 -42.53 -18.71 11.79
C THR A 27 -41.16 -19.20 12.26
N LEU A 28 -40.96 -19.18 13.57
CA LEU A 28 -39.68 -19.60 14.13
C LEU A 28 -39.56 -21.12 14.21
N PRO A 29 -38.32 -21.62 14.30
CA PRO A 29 -38.11 -23.07 14.41
C PRO A 29 -38.26 -23.38 15.90
N ALA A 30 -38.20 -24.65 16.27
CA ALA A 30 -38.29 -25.01 17.68
C ALA A 30 -37.00 -24.50 18.32
N VAL A 31 -37.07 -23.94 19.52
CA VAL A 31 -35.86 -23.45 20.19
C VAL A 31 -35.89 -23.80 21.66
N ARG A 32 -34.71 -24.02 22.25
CA ARG A 32 -34.66 -24.29 23.67
C ARG A 32 -34.01 -23.11 24.39
N GLN A 33 -33.56 -22.14 23.60
CA GLN A 33 -32.93 -20.93 24.12
C GLN A 33 -33.24 -19.77 23.16
N LEU A 34 -33.26 -18.56 23.69
CA LEU A 34 -33.55 -17.41 22.85
C LEU A 34 -32.99 -16.12 23.44
N THR A 35 -32.37 -15.32 22.59
CA THR A 35 -31.83 -14.03 23.01
C THR A 35 -32.43 -13.00 22.06
N VAL A 36 -33.15 -12.04 22.61
CA VAL A 36 -33.77 -10.99 21.81
C VAL A 36 -33.16 -9.65 22.22
N CYS A 37 -32.48 -9.01 21.26
CA CYS A 37 -31.83 -7.73 21.50
C CYS A 37 -32.40 -6.69 20.51
N GLN A 38 -32.51 -5.44 20.94
CA GLN A 38 -32.98 -4.37 20.07
C GLN A 38 -32.80 -3.00 20.70
N ARG A 39 -32.87 -1.97 19.87
CA ARG A 39 -32.74 -0.61 20.36
C ARG A 39 -34.16 -0.05 20.44
N ILE A 40 -34.51 0.54 21.57
CA ILE A 40 -35.85 1.10 21.77
C ILE A 40 -35.87 2.50 22.38
N LYS A 41 -36.88 3.26 21.98
CA LYS A 41 -37.12 4.60 22.49
C LYS A 41 -38.58 4.53 22.95
N PRO A 42 -38.79 4.33 24.25
CA PRO A 42 -40.16 4.24 24.78
C PRO A 42 -40.91 5.56 24.87
N PHE A 43 -42.22 5.51 24.60
CA PHE A 43 -43.06 6.70 24.67
C PHE A 43 -43.89 6.76 25.94
N HIS A 44 -43.97 5.65 26.69
CA HIS A 44 -44.74 5.66 27.94
C HIS A 44 -44.16 4.78 29.04
N ARG A 45 -44.48 5.14 30.28
CA ARG A 45 -44.00 4.41 31.44
C ARG A 45 -44.74 3.11 31.73
N ASN A 46 -46.02 3.05 31.41
CA ASN A 46 -46.80 1.85 31.69
C ASN A 46 -46.36 0.65 30.86
N THR A 47 -46.63 -0.53 31.40
CA THR A 47 -46.26 -1.79 30.78
C THR A 47 -46.68 -1.93 29.32
N GLY A 48 -45.76 -2.43 28.51
CA GLY A 48 -46.04 -2.65 27.11
C GLY A 48 -45.27 -3.89 26.67
N TYR A 49 -45.85 -4.68 25.77
CA TYR A 49 -45.16 -5.88 25.29
C TYR A 49 -44.51 -5.60 23.95
N ILE A 50 -43.21 -5.88 23.88
CA ILE A 50 -42.43 -5.63 22.67
C ILE A 50 -42.37 -6.79 21.69
N PHE A 51 -41.84 -7.91 22.17
CA PHE A 51 -41.68 -9.12 21.36
C PHE A 51 -42.67 -10.19 21.84
N SER A 52 -43.58 -10.58 20.97
CA SER A 52 -44.61 -11.57 21.28
C SER A 52 -44.55 -12.77 20.33
N CYS A 53 -44.38 -13.96 20.88
CA CYS A 53 -44.32 -15.19 20.09
C CYS A 53 -45.47 -16.13 20.49
N ALA A 54 -46.23 -16.58 19.49
CA ALA A 54 -47.36 -17.45 19.77
C ALA A 54 -47.48 -18.64 18.81
N THR A 55 -47.93 -19.77 19.36
CA THR A 55 -48.16 -20.98 18.57
C THR A 55 -49.66 -21.26 18.66
N SER A 56 -50.16 -22.18 17.84
CA SER A 56 -51.60 -22.50 17.83
C SER A 56 -52.15 -22.87 19.21
N ASN A 57 -51.38 -23.63 19.97
CA ASN A 57 -51.79 -24.09 21.30
C ASN A 57 -51.36 -23.19 22.45
N GLN A 58 -50.52 -22.19 22.17
CA GLN A 58 -50.02 -21.32 23.24
C GLN A 58 -49.71 -19.92 22.72
N ASP A 59 -50.63 -18.99 22.96
CA ASP A 59 -50.43 -17.62 22.50
C ASP A 59 -49.34 -16.89 23.27
N ASN A 60 -48.93 -17.45 24.41
CA ASN A 60 -47.91 -16.83 25.24
C ASN A 60 -46.63 -17.67 25.37
N GLN A 61 -46.07 -18.07 24.23
CA GLN A 61 -44.85 -18.88 24.24
C GLN A 61 -43.64 -18.11 24.78
N PHE A 62 -43.48 -16.87 24.33
CA PHE A 62 -42.37 -16.05 24.75
C PHE A 62 -42.76 -14.59 24.56
N ILE A 63 -42.75 -13.82 25.64
CA ILE A 63 -43.13 -12.41 25.52
C ILE A 63 -42.26 -11.51 26.38
N THR A 64 -41.69 -10.48 25.74
CA THR A 64 -40.86 -9.52 26.45
C THR A 64 -41.69 -8.28 26.72
N SER A 65 -41.35 -7.56 27.77
CA SER A 65 -42.08 -6.36 28.14
C SER A 65 -41.21 -5.45 28.98
N MET A 66 -41.72 -4.27 29.25
CA MET A 66 -40.98 -3.30 30.06
C MET A 66 -41.96 -2.30 30.63
N TYR A 67 -41.50 -1.58 31.63
CA TYR A 67 -42.27 -0.50 32.23
C TYR A 67 -41.28 0.28 33.08
N VAL A 68 -41.63 1.52 33.37
CA VAL A 68 -40.77 2.39 34.16
C VAL A 68 -41.39 2.59 35.52
N LYS A 69 -40.62 2.32 36.58
CA LYS A 69 -41.11 2.49 37.95
C LYS A 69 -41.29 3.98 38.24
N SER A 70 -41.95 4.26 39.36
CA SER A 70 -42.22 5.63 39.79
C SER A 70 -40.94 6.48 39.88
N ASP A 71 -39.84 5.87 40.32
CA ASP A 71 -38.57 6.57 40.45
C ASP A 71 -37.79 6.68 39.14
N GLY A 72 -38.39 6.24 38.04
CA GLY A 72 -37.72 6.30 36.75
C GLY A 72 -36.89 5.07 36.40
N THR A 73 -36.86 4.10 37.29
CA THR A 73 -36.10 2.86 37.09
C THR A 73 -36.71 1.95 36.02
N LEU A 74 -35.86 1.40 35.17
CA LEU A 74 -36.30 0.49 34.12
C LEU A 74 -36.54 -0.92 34.65
N ASN A 75 -37.67 -1.50 34.28
CA ASN A 75 -37.99 -2.86 34.67
C ASN A 75 -38.25 -3.68 33.40
N LEU A 76 -37.49 -4.76 33.24
CA LEU A 76 -37.64 -5.61 32.06
C LEU A 76 -38.28 -6.93 32.45
N GLY A 77 -39.33 -7.29 31.73
CA GLY A 77 -40.03 -8.52 32.02
C GLY A 77 -39.98 -9.57 30.93
N LEU A 78 -40.18 -10.81 31.35
CA LEU A 78 -40.19 -11.94 30.44
C LEU A 78 -41.26 -12.93 30.89
N GLN A 79 -41.94 -13.52 29.92
CA GLN A 79 -42.94 -14.52 30.19
C GLN A 79 -42.68 -15.66 29.21
N VAL A 80 -42.60 -16.88 29.73
CA VAL A 80 -42.36 -18.06 28.89
C VAL A 80 -43.42 -19.12 29.18
N ASN A 81 -43.99 -19.67 28.11
CA ASN A 81 -45.01 -20.70 28.21
C ASN A 81 -46.11 -20.34 29.20
N ALA A 82 -46.69 -19.16 29.02
CA ALA A 82 -47.77 -18.66 29.86
C ALA A 82 -47.47 -18.59 31.35
N SER A 83 -46.20 -18.45 31.71
CA SER A 83 -45.83 -18.31 33.10
C SER A 83 -46.24 -16.89 33.49
N SER A 84 -46.04 -16.53 34.75
CA SER A 84 -46.35 -15.18 35.17
C SER A 84 -45.20 -14.32 34.65
N ASN A 85 -45.38 -13.01 34.57
CA ASN A 85 -44.32 -12.15 34.09
C ASN A 85 -43.22 -12.04 35.14
N LYS A 86 -41.98 -12.29 34.73
CA LYS A 86 -40.85 -12.21 35.64
C LYS A 86 -40.13 -10.89 35.33
N TYR A 87 -39.96 -10.07 36.37
CA TYR A 87 -39.32 -8.77 36.20
C TYR A 87 -37.97 -8.64 36.88
N ILE A 88 -37.05 -7.95 36.21
CA ILE A 88 -35.72 -7.69 36.74
C ILE A 88 -35.50 -6.20 36.54
N SER A 89 -35.18 -5.50 37.63
CA SER A 89 -34.97 -4.07 37.52
C SER A 89 -33.54 -3.74 37.09
N CYS A 90 -33.42 -2.68 36.31
CA CYS A 90 -32.14 -2.22 35.81
C CYS A 90 -31.75 -0.90 36.47
N PRO A 91 -30.48 -0.78 36.90
CA PRO A 91 -29.99 0.43 37.55
C PRO A 91 -29.77 1.58 36.58
N ILE A 92 -30.83 2.00 35.90
CA ILE A 92 -30.73 3.09 34.94
C ILE A 92 -32.03 3.86 34.90
N GLU A 93 -31.94 5.19 34.96
CA GLU A 93 -33.13 6.02 34.92
C GLU A 93 -33.57 6.21 33.48
N ILE A 94 -34.83 5.91 33.21
CA ILE A 94 -35.37 6.04 31.86
C ILE A 94 -36.01 7.38 31.59
N GLU A 95 -35.60 7.99 30.48
CA GLU A 95 -36.18 9.25 30.04
C GLU A 95 -36.96 8.91 28.79
N LEU A 96 -38.29 9.00 28.86
CA LEU A 96 -39.11 8.69 27.70
C LEU A 96 -38.64 9.56 26.54
N GLY A 97 -38.53 8.95 25.36
CA GLY A 97 -38.08 9.70 24.20
C GLY A 97 -36.59 9.51 23.91
N GLN A 98 -35.87 8.85 24.83
CA GLN A 98 -34.43 8.58 24.62
C GLN A 98 -34.20 7.13 24.23
N TRP A 99 -33.09 6.87 23.55
CA TRP A 99 -32.75 5.52 23.10
C TRP A 99 -32.02 4.70 24.16
N TYR A 100 -32.30 3.40 24.17
CA TYR A 100 -31.66 2.46 25.10
C TYR A 100 -31.53 1.14 24.37
N HIS A 101 -30.48 0.38 24.68
CA HIS A 101 -30.35 -0.92 24.07
C HIS A 101 -30.82 -1.90 25.13
N VAL A 102 -31.75 -2.77 24.76
CA VAL A 102 -32.29 -3.74 25.68
C VAL A 102 -32.16 -5.14 25.11
N CYS A 103 -31.85 -6.09 25.98
CA CYS A 103 -31.72 -7.45 25.54
C CYS A 103 -32.24 -8.43 26.61
N HIS A 104 -32.97 -9.44 26.15
CA HIS A 104 -33.51 -10.48 27.02
C HIS A 104 -32.83 -11.79 26.65
N VAL A 105 -32.22 -12.44 27.64
CA VAL A 105 -31.54 -13.71 27.43
C VAL A 105 -32.30 -14.81 28.17
N TRP A 106 -32.73 -15.83 27.43
CA TRP A 106 -33.48 -16.93 28.04
C TRP A 106 -32.93 -18.30 27.66
N SER A 107 -32.81 -19.17 28.66
CA SER A 107 -32.33 -20.51 28.43
C SER A 107 -33.26 -21.50 29.09
N GLY A 108 -33.94 -22.31 28.27
CA GLY A 108 -34.83 -23.31 28.81
C GLY A 108 -34.06 -24.52 29.31
N VAL A 109 -32.79 -24.60 28.93
CA VAL A 109 -31.95 -25.71 29.34
C VAL A 109 -31.77 -25.69 30.86
N ASP A 110 -31.47 -24.51 31.41
CA ASP A 110 -31.27 -24.38 32.85
C ASP A 110 -32.34 -23.51 33.50
N GLY A 111 -33.24 -22.94 32.68
CA GLY A 111 -34.29 -22.09 33.21
C GLY A 111 -33.82 -20.73 33.70
N ARG A 112 -32.70 -20.26 33.18
CA ARG A 112 -32.17 -18.96 33.59
C ARG A 112 -32.57 -17.83 32.66
N MET A 113 -32.94 -16.70 33.28
CA MET A 113 -33.34 -15.51 32.55
C MET A 113 -32.36 -14.40 32.95
N ALA A 114 -31.95 -13.60 31.98
CA ALA A 114 -31.03 -12.49 32.24
C ALA A 114 -31.38 -11.34 31.30
N VAL A 115 -31.35 -10.12 31.82
CA VAL A 115 -31.65 -8.97 30.99
C VAL A 115 -30.51 -7.97 31.06
N TYR A 116 -30.38 -7.18 29.99
CA TYR A 116 -29.31 -6.20 29.89
C TYR A 116 -29.81 -4.86 29.39
N ALA A 117 -29.26 -3.78 29.94
CA ALA A 117 -29.62 -2.44 29.54
C ALA A 117 -28.33 -1.76 29.09
N ASN A 118 -28.32 -1.26 27.86
CA ASN A 118 -27.15 -0.59 27.30
C ASN A 118 -25.89 -1.46 27.38
N GLY A 119 -26.07 -2.75 27.16
CA GLY A 119 -24.93 -3.66 27.17
C GLY A 119 -24.43 -4.11 28.53
N SER A 120 -25.09 -3.68 29.61
CA SER A 120 -24.67 -4.09 30.95
C SER A 120 -25.71 -4.97 31.62
N PRO A 121 -25.27 -6.00 32.35
CA PRO A 121 -26.18 -6.93 33.04
C PRO A 121 -26.97 -6.26 34.15
N CYS A 122 -28.27 -6.50 34.19
CA CYS A 122 -29.11 -5.91 35.24
C CYS A 122 -29.36 -6.95 36.33
N GLY A 123 -29.19 -8.22 35.98
CA GLY A 123 -29.40 -9.28 36.95
C GLY A 123 -29.99 -10.51 36.28
N THR A 124 -30.19 -11.57 37.07
CA THR A 124 -30.74 -12.81 36.54
C THR A 124 -31.86 -13.35 37.43
N MET A 125 -32.58 -14.33 36.89
CA MET A 125 -33.66 -14.96 37.63
C MET A 125 -33.70 -16.45 37.25
N GLU A 126 -33.91 -17.30 38.25
CA GLU A 126 -33.96 -18.72 38.03
C GLU A 126 -35.38 -19.22 37.82
N ASN A 127 -35.49 -20.48 37.39
CA ASN A 127 -36.77 -21.12 37.18
C ASN A 127 -37.74 -20.40 36.26
N VAL A 128 -37.25 -19.97 35.11
CA VAL A 128 -38.10 -19.32 34.12
C VAL A 128 -38.13 -20.24 32.90
N GLY A 129 -39.26 -20.93 32.73
CA GLY A 129 -39.41 -21.85 31.61
C GLY A 129 -38.39 -22.95 31.63
N LYS A 130 -38.00 -23.39 32.84
CA LYS A 130 -37.01 -24.45 32.96
C LYS A 130 -37.52 -25.75 32.36
N GLY A 131 -36.71 -26.33 31.46
CA GLY A 131 -37.09 -27.57 30.82
C GLY A 131 -38.08 -27.34 29.67
N HIS A 132 -38.46 -26.09 29.44
CA HIS A 132 -39.40 -25.80 28.37
C HIS A 132 -38.72 -25.57 27.04
N GLN A 133 -39.33 -26.12 25.99
CA GLN A 133 -38.84 -25.95 24.63
C GLN A 133 -39.99 -25.34 23.83
N ILE A 134 -39.75 -24.17 23.25
CA ILE A 134 -40.79 -23.52 22.47
C ILE A 134 -41.02 -24.37 21.22
N SER A 135 -42.23 -24.86 21.05
CA SER A 135 -42.56 -25.68 19.90
C SER A 135 -42.40 -24.92 18.60
N ALA A 136 -42.08 -25.66 17.54
CA ALA A 136 -41.87 -25.10 16.21
C ALA A 136 -43.10 -24.40 15.66
N GLY A 137 -42.87 -23.39 14.82
CA GLY A 137 -43.98 -22.69 14.20
C GLY A 137 -44.48 -21.44 14.92
N GLY A 138 -43.67 -20.87 15.79
CA GLY A 138 -44.08 -19.68 16.51
C GLY A 138 -44.15 -18.44 15.63
N THR A 139 -45.25 -17.69 15.74
CA THR A 139 -45.45 -16.47 14.97
C THR A 139 -45.02 -15.29 15.84
N VAL A 140 -44.16 -14.43 15.29
CA VAL A 140 -43.68 -13.27 16.03
C VAL A 140 -44.35 -11.95 15.64
N VAL A 141 -44.86 -11.25 16.66
CA VAL A 141 -45.49 -9.95 16.46
C VAL A 141 -44.73 -8.95 17.32
N ILE A 142 -44.50 -7.76 16.79
CA ILE A 142 -43.80 -6.71 17.52
C ILE A 142 -44.74 -5.54 17.82
N GLY A 143 -44.73 -5.08 19.06
CA GLY A 143 -45.56 -3.95 19.43
C GLY A 143 -46.92 -4.24 20.02
N GLN A 144 -47.38 -5.48 19.90
CA GLN A 144 -48.67 -5.89 20.43
C GLN A 144 -48.52 -7.27 21.07
N GLU A 145 -49.45 -7.62 21.96
CA GLU A 145 -49.45 -8.91 22.65
C GLU A 145 -50.50 -9.79 21.97
N GLN A 146 -50.11 -10.94 21.45
CA GLN A 146 -51.04 -11.85 20.77
C GLN A 146 -51.87 -12.73 21.72
N ASP A 147 -53.17 -12.84 21.44
CA ASP A 147 -54.05 -13.71 22.21
C ASP A 147 -54.51 -14.78 21.24
N LYS A 148 -54.07 -14.61 20.00
CA LYS A 148 -54.34 -15.52 18.89
C LYS A 148 -53.23 -15.25 17.89
N ILE A 149 -52.94 -16.23 17.02
CA ILE A 149 -51.88 -16.04 16.04
C ILE A 149 -52.08 -14.76 15.21
N GLY A 150 -51.16 -13.82 15.35
CA GLY A 150 -51.23 -12.57 14.61
C GLY A 150 -52.38 -11.64 14.96
N GLY A 151 -53.02 -11.85 16.11
CA GLY A 151 -54.13 -10.99 16.46
C GLY A 151 -54.57 -11.05 17.92
N GLY A 152 -55.82 -10.65 18.16
CA GLY A 152 -56.36 -10.62 19.51
C GLY A 152 -55.62 -9.62 20.37
N PHE A 153 -55.23 -8.50 19.76
CA PHE A 153 -54.49 -7.46 20.45
C PHE A 153 -55.33 -6.68 21.45
N GLU A 154 -54.67 -6.14 22.47
CA GLU A 154 -55.33 -5.35 23.52
C GLU A 154 -54.55 -4.06 23.72
N GLU A 155 -55.24 -2.94 23.65
CA GLU A 155 -54.57 -1.64 23.79
C GLU A 155 -53.76 -1.45 25.07
N GLN A 156 -54.23 -2.01 26.18
CA GLN A 156 -53.50 -1.85 27.43
C GLN A 156 -52.20 -2.66 27.51
N GLU A 157 -51.96 -3.52 26.52
CA GLU A 157 -50.74 -4.32 26.50
C GLU A 157 -49.83 -3.95 25.33
N SER A 158 -50.21 -2.92 24.57
CA SER A 158 -49.42 -2.49 23.44
C SER A 158 -48.20 -1.69 23.89
N TRP A 159 -47.21 -1.58 23.00
CA TRP A 159 -46.01 -0.83 23.30
C TRP A 159 -45.83 0.24 22.23
N SER A 160 -45.73 1.49 22.66
CA SER A 160 -45.55 2.59 21.73
C SER A 160 -44.15 3.17 21.89
N GLY A 161 -43.55 3.56 20.77
CA GLY A 161 -42.22 4.12 20.80
C GLY A 161 -41.53 3.79 19.49
N GLU A 162 -40.21 3.91 19.46
CA GLU A 162 -39.45 3.62 18.26
C GLU A 162 -38.56 2.41 18.51
N LEU A 163 -38.41 1.58 17.48
CA LEU A 163 -37.61 0.37 17.62
C LEU A 163 -36.71 0.15 16.40
N SER A 164 -35.50 -0.35 16.65
CA SER A 164 -34.59 -0.64 15.55
C SER A 164 -33.54 -1.66 15.96
N ASP A 165 -32.85 -2.19 14.95
CA ASP A 165 -31.78 -3.17 15.16
C ASP A 165 -32.21 -4.39 15.98
N LEU A 166 -33.35 -4.99 15.62
CA LEU A 166 -33.84 -6.17 16.32
C LEU A 166 -33.04 -7.38 15.85
N GLN A 167 -32.37 -8.05 16.79
CA GLN A 167 -31.56 -9.21 16.47
C GLN A 167 -31.94 -10.35 17.43
N VAL A 168 -32.25 -11.52 16.86
CA VAL A 168 -32.64 -12.69 17.64
C VAL A 168 -31.81 -13.93 17.33
N TRP A 169 -31.30 -14.58 18.37
CA TRP A 169 -30.48 -15.79 18.27
C TRP A 169 -31.19 -16.91 19.01
N ASP A 170 -31.00 -18.16 18.58
CA ASP A 170 -31.62 -19.27 19.28
C ASP A 170 -30.61 -19.89 20.26
N GLU A 171 -29.83 -19.01 20.88
CA GLU A 171 -28.83 -19.38 21.86
C GLU A 171 -28.93 -18.38 23.00
N ALA A 172 -28.34 -18.73 24.15
CA ALA A 172 -28.34 -17.84 25.31
C ALA A 172 -27.00 -17.12 25.38
N LEU A 173 -26.92 -15.96 24.75
CA LEU A 173 -25.71 -15.17 24.72
C LEU A 173 -25.13 -14.86 26.10
N THR A 174 -23.81 -14.81 26.19
CA THR A 174 -23.15 -14.52 27.45
C THR A 174 -23.16 -13.01 27.73
N THR A 175 -22.83 -12.65 28.96
CA THR A 175 -22.78 -11.26 29.37
C THR A 175 -21.83 -10.48 28.45
N HIS A 176 -20.66 -11.07 28.18
CA HIS A 176 -19.68 -10.40 27.31
C HIS A 176 -20.22 -10.21 25.90
N GLN A 177 -20.87 -11.23 25.36
CA GLN A 177 -21.41 -11.13 24.01
C GLN A 177 -22.50 -10.06 23.88
N VAL A 178 -23.33 -9.91 24.90
CA VAL A 178 -24.38 -8.90 24.85
C VAL A 178 -23.75 -7.50 24.78
N SER A 179 -22.62 -7.30 25.46
CA SER A 179 -21.98 -5.99 25.43
C SER A 179 -21.45 -5.71 24.02
N THR A 180 -21.04 -6.75 23.29
CA THR A 180 -20.54 -6.51 21.93
C THR A 180 -21.72 -6.26 20.98
N VAL A 181 -22.91 -6.70 21.37
CA VAL A 181 -24.10 -6.48 20.56
C VAL A 181 -24.57 -5.03 20.72
N ALA A 182 -24.58 -4.54 21.95
CA ALA A 182 -25.06 -3.18 22.25
C ALA A 182 -24.18 -2.04 21.71
N SER A 183 -22.86 -2.22 21.73
CA SER A 183 -21.95 -1.17 21.27
C SER A 183 -22.36 -0.60 19.94
N CYS A 184 -22.56 0.72 19.93
CA CYS A 184 -22.98 1.42 18.72
C CYS A 184 -21.92 1.37 17.61
N ASN A 185 -20.64 1.47 17.99
CA ASN A 185 -19.56 1.42 17.02
C ASN A 185 -18.89 0.06 16.98
N GLY A 186 -19.56 -0.95 17.52
CA GLY A 186 -19.01 -2.29 17.53
C GLY A 186 -19.24 -3.00 16.21
N ILE A 187 -19.23 -4.33 16.23
CA ILE A 187 -19.43 -5.11 15.02
C ILE A 187 -20.89 -5.15 14.59
N ARG A 188 -21.79 -4.75 15.49
CA ARG A 188 -23.22 -4.75 15.21
C ARG A 188 -23.66 -6.08 14.59
N PRO A 189 -23.64 -7.16 15.40
CA PRO A 189 -24.01 -8.54 15.05
C PRO A 189 -25.44 -8.68 14.53
N ARG A 190 -25.67 -9.75 13.77
CA ARG A 190 -26.98 -10.05 13.22
C ARG A 190 -27.45 -11.41 13.76
N GLY A 191 -28.66 -11.44 14.31
CA GLY A 191 -29.18 -12.69 14.86
C GLY A 191 -29.34 -13.75 13.78
N ASN A 192 -29.24 -15.03 14.17
CA ASN A 192 -29.39 -16.12 13.21
C ASN A 192 -30.86 -16.53 13.03
N VAL A 193 -31.72 -16.14 13.98
CA VAL A 193 -33.14 -16.47 13.89
C VAL A 193 -33.82 -15.30 13.17
N ILE A 194 -33.61 -14.09 13.69
CA ILE A 194 -34.15 -12.88 13.08
C ILE A 194 -33.04 -11.86 12.97
N SER A 195 -32.82 -11.34 11.77
CA SER A 195 -31.83 -10.31 11.54
C SER A 195 -32.61 -9.12 11.01
N TRP A 196 -32.53 -7.99 11.73
CA TRP A 196 -33.26 -6.79 11.36
C TRP A 196 -33.18 -6.43 9.88
N MET A 197 -34.35 -6.29 9.26
CA MET A 197 -34.47 -5.93 7.85
C MET A 197 -33.97 -7.01 6.87
N GLU A 198 -33.64 -8.20 7.37
CA GLU A 198 -33.22 -9.28 6.49
C GLU A 198 -34.26 -10.40 6.55
N ASP A 199 -35.21 -10.27 7.46
CA ASP A 199 -36.29 -11.23 7.61
C ASP A 199 -37.59 -10.45 7.43
N SER A 200 -38.32 -10.80 6.39
CA SER A 200 -39.57 -10.13 6.03
C SER A 200 -40.62 -10.05 7.12
N PHE A 201 -41.32 -8.93 7.16
CA PHE A 201 -42.39 -8.73 8.13
C PHE A 201 -43.48 -7.83 7.56
N VAL A 202 -44.70 -8.07 8.01
CA VAL A 202 -45.83 -7.28 7.58
C VAL A 202 -45.92 -6.05 8.48
N ALA A 203 -46.14 -4.89 7.89
CA ALA A 203 -46.26 -3.64 8.65
C ALA A 203 -47.73 -3.26 8.55
N ASP A 204 -48.36 -2.96 9.68
CA ASP A 204 -49.78 -2.61 9.62
C ASP A 204 -50.22 -1.58 10.63
N ASP A 205 -51.38 -0.99 10.38
CA ASP A 205 -51.99 0.01 11.23
C ASP A 205 -51.16 1.26 11.51
N GLY A 206 -50.59 1.83 10.46
CA GLY A 206 -49.83 3.06 10.59
C GLY A 206 -48.46 3.14 11.24
N VAL A 207 -47.66 2.08 11.16
CA VAL A 207 -46.32 2.17 11.73
C VAL A 207 -45.55 3.08 10.79
N ILE A 208 -44.54 3.78 11.31
CA ILE A 208 -43.77 4.70 10.51
C ILE A 208 -42.35 4.19 10.29
N VAL A 209 -41.94 4.11 9.02
CA VAL A 209 -40.61 3.64 8.68
C VAL A 209 -39.68 4.85 8.57
N GLY A 210 -38.59 4.83 9.32
CA GLY A 210 -37.63 5.92 9.29
C GLY A 210 -36.23 5.46 9.63
N ILE A 211 -35.42 6.39 10.11
CA ILE A 211 -34.04 6.10 10.46
C ILE A 211 -33.76 6.41 11.93
N SER A 212 -33.04 5.50 12.59
CA SER A 212 -32.66 5.67 13.98
C SER A 212 -31.33 6.40 14.07
N HIS A 213 -31.26 7.42 14.93
CA HIS A 213 -30.03 8.17 15.12
C HIS A 213 -29.41 7.92 16.49
N MET A 214 -29.68 6.74 17.04
CA MET A 214 -29.12 6.38 18.34
C MET A 214 -27.61 6.23 18.23
N CYS A 215 -27.18 5.60 17.15
CA CYS A 215 -25.78 5.33 16.91
C CYS A 215 -25.08 6.28 15.94
N SER A 216 -25.69 6.49 14.76
CA SER A 216 -25.13 7.38 13.75
C SER A 216 -26.02 8.59 13.55
N LEU A 217 -25.43 9.78 13.60
CA LEU A 217 -26.16 11.02 13.41
C LEU A 217 -26.37 11.28 11.92
N ALA B 1 -23.35 -5.44 4.72
CA ALA B 1 -23.80 -6.52 3.80
C ALA B 1 -24.94 -6.05 2.90
N VAL B 2 -26.16 -6.04 3.43
CA VAL B 2 -27.31 -5.61 2.65
C VAL B 2 -27.47 -4.09 2.68
N ASP B 3 -27.54 -3.48 1.50
CA ASP B 3 -27.68 -2.04 1.41
C ASP B 3 -29.14 -1.62 1.55
N ILE B 4 -29.36 -0.49 2.21
CA ILE B 4 -30.68 0.04 2.44
C ILE B 4 -31.46 0.32 1.14
N ARG B 5 -30.74 0.54 0.05
CA ARG B 5 -31.37 0.82 -1.23
C ARG B 5 -32.03 -0.43 -1.82
N ASP B 6 -31.71 -1.60 -1.28
CA ASP B 6 -32.30 -2.84 -1.75
C ASP B 6 -33.49 -3.33 -0.92
N VAL B 7 -33.91 -2.53 0.07
CA VAL B 7 -35.08 -2.86 0.87
C VAL B 7 -36.26 -2.78 -0.09
N LYS B 8 -37.22 -3.68 0.03
CA LYS B 8 -38.37 -3.62 -0.86
C LYS B 8 -39.66 -3.69 -0.07
N ILE B 9 -40.73 -3.23 -0.70
CA ILE B 9 -42.05 -3.25 -0.10
C ILE B 9 -42.95 -4.02 -1.05
N SER B 10 -43.71 -4.97 -0.52
CA SER B 10 -44.63 -5.74 -1.34
C SER B 10 -46.05 -5.24 -1.08
N PHE B 11 -46.77 -4.96 -2.16
CA PHE B 11 -48.15 -4.52 -2.08
C PHE B 11 -48.91 -5.76 -2.57
N PRO B 12 -49.33 -6.63 -1.63
CA PRO B 12 -50.05 -7.89 -1.77
C PRO B 12 -51.20 -7.96 -2.76
N GLY B 13 -52.12 -7.02 -2.64
CA GLY B 13 -53.30 -6.99 -3.50
C GLY B 13 -54.33 -6.17 -2.77
N THR B 14 -55.16 -5.46 -3.52
CA THR B 14 -56.15 -4.60 -2.91
C THR B 14 -57.57 -5.13 -2.99
N GLN B 15 -58.32 -4.93 -1.91
CA GLN B 15 -59.71 -5.34 -1.83
C GLN B 15 -60.37 -4.57 -0.69
N ASN B 16 -61.21 -3.59 -1.06
CA ASN B 16 -61.91 -2.77 -0.07
C ASN B 16 -62.37 -3.67 1.08
N PRO B 17 -62.17 -3.22 2.34
CA PRO B 17 -61.59 -1.94 2.77
C PRO B 17 -60.06 -1.94 2.94
N LYS B 18 -59.39 -2.97 2.44
CA LYS B 18 -57.94 -3.06 2.57
C LYS B 18 -57.21 -2.45 1.36
N PHE B 19 -56.42 -1.40 1.62
CA PHE B 19 -55.65 -0.74 0.56
C PHE B 19 -54.17 -0.61 0.94
N PRO B 20 -53.36 -1.65 0.68
CA PRO B 20 -51.94 -1.56 1.03
C PRO B 20 -51.32 -0.32 0.38
N HIS B 21 -50.60 0.48 1.18
CA HIS B 21 -49.96 1.67 0.64
C HIS B 21 -48.94 2.28 1.59
N LEU B 22 -48.21 3.25 1.04
CA LEU B 22 -47.21 3.99 1.81
C LEU B 22 -47.61 5.44 1.65
N ARG B 23 -47.36 6.24 2.68
CA ARG B 23 -47.64 7.65 2.62
C ARG B 23 -46.45 8.36 3.25
N PHE B 24 -45.75 9.19 2.48
CA PHE B 24 -44.61 9.90 3.01
C PHE B 24 -45.03 10.95 4.03
N MET B 25 -44.31 10.99 5.16
CA MET B 25 -44.59 11.91 6.25
C MET B 25 -44.42 13.37 5.91
N GLN B 26 -43.43 13.70 5.08
CA GLN B 26 -43.18 15.08 4.72
C GLN B 26 -43.72 15.41 3.34
N THR B 27 -44.45 16.53 3.24
CA THR B 27 -45.00 16.94 1.96
C THR B 27 -43.86 17.49 1.09
N LEU B 28 -44.07 17.48 -0.22
CA LEU B 28 -43.06 17.95 -1.14
C LEU B 28 -43.04 19.47 -1.25
N PRO B 29 -41.91 20.03 -1.71
CA PRO B 29 -41.84 21.49 -1.86
C PRO B 29 -42.45 21.77 -3.24
N ALA B 30 -42.58 23.03 -3.61
CA ALA B 30 -43.11 23.35 -4.92
C ALA B 30 -42.04 22.93 -5.92
N VAL B 31 -42.46 22.35 -7.05
CA VAL B 31 -41.49 21.93 -8.05
C VAL B 31 -41.99 22.26 -9.45
N ARG B 32 -41.06 22.50 -10.37
CA ARG B 32 -41.48 22.78 -11.72
C ARG B 32 -41.01 21.64 -12.62
N GLN B 33 -40.30 20.69 -12.01
CA GLN B 33 -39.80 19.51 -12.70
C GLN B 33 -39.75 18.34 -11.70
N LEU B 34 -39.87 17.12 -12.21
CA LEU B 34 -39.82 15.97 -11.33
C LEU B 34 -39.40 14.71 -12.06
N THR B 35 -38.51 13.94 -11.45
CA THR B 35 -38.07 12.68 -12.02
C THR B 35 -38.29 11.62 -10.94
N VAL B 36 -39.09 10.61 -11.27
CA VAL B 36 -39.39 9.54 -10.32
C VAL B 36 -38.86 8.22 -10.89
N CYS B 37 -37.88 7.65 -10.20
CA CYS B 37 -37.28 6.38 -10.63
C CYS B 37 -37.47 5.34 -9.52
N GLN B 38 -37.65 4.08 -9.91
CA GLN B 38 -37.78 3.00 -8.94
C GLN B 38 -37.73 1.64 -9.61
N ARG B 39 -37.49 0.61 -8.80
CA ARG B 39 -37.45 -0.75 -9.29
C ARG B 39 -38.79 -1.37 -8.95
N ILE B 40 -39.44 -2.00 -9.94
CA ILE B 40 -40.74 -2.63 -9.71
C ILE B 40 -40.88 -4.02 -10.29
N LYS B 41 -41.67 -4.83 -9.60
CA LYS B 41 -41.99 -6.19 -10.03
C LYS B 41 -43.52 -6.20 -10.01
N PRO B 42 -44.15 -6.01 -11.18
CA PRO B 42 -45.61 -6.00 -11.27
C PRO B 42 -46.28 -7.37 -11.12
N PHE B 43 -47.44 -7.38 -10.46
CA PHE B 43 -48.20 -8.61 -10.27
C PHE B 43 -49.40 -8.71 -11.23
N HIS B 44 -49.77 -7.62 -11.90
CA HIS B 44 -50.88 -7.66 -12.84
C HIS B 44 -50.71 -6.78 -14.07
N ARG B 45 -51.37 -7.16 -15.16
CA ARG B 45 -51.29 -6.40 -16.41
C ARG B 45 -52.15 -5.16 -16.46
N ASN B 46 -53.28 -5.17 -15.76
CA ASN B 46 -54.16 -4.00 -15.78
C ASN B 46 -53.54 -2.77 -15.12
N THR B 47 -54.02 -1.61 -15.54
CA THR B 47 -53.53 -0.34 -15.04
C THR B 47 -53.51 -0.20 -13.53
N GLY B 48 -52.41 0.35 -13.04
CA GLY B 48 -52.26 0.58 -11.62
C GLY B 48 -51.46 1.85 -11.44
N TYR B 49 -51.77 2.63 -10.41
CA TYR B 49 -51.03 3.86 -10.16
C TYR B 49 -49.98 3.62 -9.08
N ILE B 50 -48.74 3.96 -9.41
CA ILE B 50 -47.62 3.75 -8.51
C ILE B 50 -47.32 4.94 -7.58
N PHE B 51 -47.01 6.07 -8.19
CA PHE B 51 -46.67 7.31 -7.47
C PHE B 51 -47.82 8.31 -7.60
N SER B 52 -48.42 8.66 -6.48
CA SER B 52 -49.53 9.61 -6.47
C SER B 52 -49.23 10.81 -5.58
N CYS B 53 -49.33 12.01 -6.15
CA CYS B 53 -49.08 13.25 -5.40
C CYS B 53 -50.32 14.14 -5.43
N ALA B 54 -50.77 14.56 -4.25
CA ALA B 54 -51.96 15.39 -4.16
C ALA B 54 -51.85 16.56 -3.20
N THR B 55 -52.49 17.66 -3.55
CA THR B 55 -52.54 18.85 -2.71
C THR B 55 -54.02 19.06 -2.35
N SER B 56 -54.29 19.95 -1.40
CA SER B 56 -55.66 20.20 -0.98
C SER B 56 -56.64 20.54 -2.11
N ASN B 57 -56.17 21.32 -3.06
CA ASN B 57 -56.98 21.77 -4.19
C ASN B 57 -56.88 20.89 -5.45
N GLN B 58 -55.96 19.93 -5.43
CA GLN B 58 -55.76 19.08 -6.60
C GLN B 58 -55.24 17.70 -6.22
N ASP B 59 -56.14 16.73 -6.17
CA ASP B 59 -55.77 15.37 -5.81
C ASP B 59 -54.92 14.68 -6.88
N ASN B 60 -54.92 15.23 -8.09
CA ASN B 60 -54.17 14.67 -9.22
C ASN B 60 -53.03 15.57 -9.71
N GLN B 61 -52.16 16.01 -8.80
CA GLN B 61 -51.04 16.87 -9.18
C GLN B 61 -50.03 16.15 -10.07
N PHE B 62 -49.66 14.94 -9.69
CA PHE B 62 -48.70 14.17 -10.44
C PHE B 62 -48.96 12.69 -10.14
N ILE B 63 -49.22 11.90 -11.18
CA ILE B 63 -49.50 10.48 -10.97
C ILE B 63 -48.87 9.62 -12.04
N THR B 64 -48.10 8.62 -11.61
CA THR B 64 -47.47 7.70 -12.55
C THR B 64 -48.29 6.41 -12.56
N SER B 65 -48.24 5.70 -13.67
CA SER B 65 -48.99 4.46 -13.78
C SER B 65 -48.38 3.61 -14.87
N MET B 66 -48.86 2.38 -14.97
CA MET B 66 -48.39 1.44 -15.98
C MET B 66 -49.45 0.40 -16.23
N TYR B 67 -49.29 -0.33 -17.33
CA TYR B 67 -50.16 -1.42 -17.67
C TYR B 67 -49.44 -2.18 -18.77
N VAL B 68 -49.80 -3.44 -18.96
CA VAL B 68 -49.17 -4.24 -19.97
C VAL B 68 -50.18 -4.52 -21.08
N LYS B 69 -49.78 -4.22 -22.32
CA LYS B 69 -50.65 -4.43 -23.46
C LYS B 69 -50.85 -5.91 -23.72
N SER B 70 -51.81 -6.25 -24.57
CA SER B 70 -52.11 -7.65 -24.89
C SER B 70 -50.89 -8.42 -25.40
N ASP B 71 -50.03 -7.75 -26.14
CA ASP B 71 -48.83 -8.40 -26.68
C ASP B 71 -47.67 -8.45 -25.67
N GLY B 72 -47.93 -8.03 -24.44
CA GLY B 72 -46.89 -8.05 -23.41
C GLY B 72 -46.04 -6.79 -23.33
N THR B 73 -46.35 -5.82 -24.17
CA THR B 73 -45.60 -4.56 -24.19
C THR B 73 -45.91 -3.65 -23.00
N LEU B 74 -44.87 -3.05 -22.44
CA LEU B 74 -45.02 -2.14 -21.31
C LEU B 74 -45.46 -0.76 -21.73
N ASN B 75 -46.46 -0.23 -21.04
CA ASN B 75 -46.95 1.12 -21.30
C ASN B 75 -46.84 1.93 -20.02
N LEU B 76 -46.13 3.04 -20.09
CA LEU B 76 -45.94 3.90 -18.93
C LEU B 76 -46.75 5.18 -19.07
N GLY B 77 -47.53 5.49 -18.05
CA GLY B 77 -48.35 6.68 -18.12
C GLY B 77 -48.03 7.75 -17.09
N LEU B 78 -48.40 8.98 -17.41
CA LEU B 78 -48.19 10.10 -16.52
C LEU B 78 -49.37 11.04 -16.63
N GLN B 79 -49.76 11.61 -15.49
CA GLN B 79 -50.84 12.57 -15.45
C GLN B 79 -50.36 13.72 -14.58
N VAL B 80 -50.49 14.94 -15.10
CA VAL B 80 -50.08 16.13 -14.38
C VAL B 80 -51.22 17.14 -14.30
N ASN B 81 -51.45 17.67 -13.12
CA ASN B 81 -52.50 18.66 -12.91
C ASN B 81 -53.84 18.23 -13.51
N ALA B 82 -54.28 17.02 -13.15
CA ALA B 82 -55.55 16.48 -13.61
C ALA B 82 -55.71 16.39 -15.13
N SER B 83 -54.60 16.30 -15.86
CA SER B 83 -54.70 16.17 -17.31
C SER B 83 -55.13 14.73 -17.56
N SER B 84 -55.30 14.35 -18.82
CA SER B 84 -55.66 12.98 -19.11
C SER B 84 -54.35 12.19 -18.98
N ASN B 85 -54.44 10.88 -18.85
CA ASN B 85 -53.23 10.07 -18.73
C ASN B 85 -52.52 10.00 -20.07
N LYS B 86 -51.23 10.33 -20.07
CA LYS B 86 -50.42 10.29 -21.28
C LYS B 86 -49.61 9.01 -21.23
N TYR B 87 -49.70 8.19 -22.27
CA TYR B 87 -48.99 6.93 -22.31
C TYR B 87 -47.91 6.85 -23.37
N ILE B 88 -46.79 6.23 -23.01
CA ILE B 88 -45.67 6.02 -23.91
C ILE B 88 -45.32 4.53 -23.81
N SER B 89 -45.30 3.87 -24.96
CA SER B 89 -45.01 2.45 -25.03
C SER B 89 -43.51 2.18 -24.97
N CYS B 90 -43.12 1.11 -24.30
CA CYS B 90 -41.72 0.74 -24.19
C CYS B 90 -41.48 -0.56 -24.94
N PRO B 91 -40.42 -0.62 -25.75
CA PRO B 91 -40.07 -1.81 -26.53
C PRO B 91 -39.51 -2.94 -25.67
N ILE B 92 -40.30 -3.40 -24.71
CA ILE B 92 -39.85 -4.48 -23.84
C ILE B 92 -41.05 -5.32 -23.39
N GLU B 93 -40.90 -6.64 -23.49
CA GLU B 93 -41.96 -7.56 -23.08
C GLU B 93 -41.93 -7.71 -21.57
N ILE B 94 -43.07 -7.49 -20.93
CA ILE B 94 -43.14 -7.62 -19.49
C ILE B 94 -43.61 -9.00 -19.03
N GLU B 95 -42.86 -9.58 -18.10
CA GLU B 95 -43.21 -10.88 -17.53
C GLU B 95 -43.59 -10.54 -16.09
N LEU B 96 -44.85 -10.70 -15.75
CA LEU B 96 -45.31 -10.42 -14.40
C LEU B 96 -44.45 -11.24 -13.44
N GLY B 97 -44.01 -10.62 -12.35
CA GLY B 97 -43.19 -11.33 -11.39
C GLY B 97 -41.69 -11.09 -11.58
N GLN B 98 -41.33 -10.38 -12.65
CA GLN B 98 -39.93 -10.06 -12.92
C GLN B 98 -39.65 -8.58 -12.61
N TRP B 99 -38.40 -8.28 -12.29
CA TRP B 99 -37.98 -6.91 -11.96
C TRP B 99 -37.67 -6.05 -13.18
N TYR B 100 -38.01 -4.77 -13.09
CA TYR B 100 -37.73 -3.81 -14.16
C TYR B 100 -37.44 -2.48 -13.51
N HIS B 101 -36.57 -1.68 -14.13
CA HIS B 101 -36.32 -0.37 -13.59
C HIS B 101 -37.15 0.58 -14.45
N VAL B 102 -37.96 1.40 -13.79
CA VAL B 102 -38.82 2.33 -14.49
C VAL B 102 -38.59 3.74 -13.98
N CYS B 103 -38.62 4.71 -14.90
CA CYS B 103 -38.44 6.09 -14.51
C CYS B 103 -39.29 7.02 -15.36
N HIS B 104 -39.89 8.01 -14.70
CA HIS B 104 -40.71 9.00 -15.37
C HIS B 104 -40.01 10.34 -15.21
N VAL B 105 -39.75 11.02 -16.32
CA VAL B 105 -39.12 12.33 -16.30
C VAL B 105 -40.13 13.36 -16.77
N TRP B 106 -40.39 14.37 -15.95
CA TRP B 106 -41.33 15.43 -16.31
C TRP B 106 -40.75 16.82 -16.10
N SER B 107 -41.00 17.69 -17.07
CA SER B 107 -40.52 19.07 -16.99
C SER B 107 -41.67 20.02 -17.34
N GLY B 108 -42.09 20.81 -16.35
CA GLY B 108 -43.17 21.74 -16.58
C GLY B 108 -42.64 22.98 -17.28
N VAL B 109 -41.32 23.13 -17.31
CA VAL B 109 -40.72 24.29 -17.95
C VAL B 109 -40.99 24.25 -19.45
N ASP B 110 -40.83 23.09 -20.07
CA ASP B 110 -41.07 22.96 -21.50
C ASP B 110 -42.23 22.01 -21.81
N GLY B 111 -42.80 21.42 -20.76
CA GLY B 111 -43.93 20.51 -20.93
C GLY B 111 -43.57 19.17 -21.56
N ARG B 112 -42.32 18.76 -21.41
CA ARG B 112 -41.88 17.49 -21.98
C ARG B 112 -41.92 16.34 -20.98
N MET B 113 -42.40 15.20 -21.45
CA MET B 113 -42.50 13.98 -20.66
C MET B 113 -41.65 12.93 -21.33
N ALA B 114 -40.93 12.15 -20.53
CA ALA B 114 -40.08 11.09 -21.08
C ALA B 114 -40.06 9.94 -20.08
N VAL B 115 -40.13 8.71 -20.58
CA VAL B 115 -40.10 7.55 -19.71
C VAL B 115 -39.00 6.59 -20.13
N TYR B 116 -38.49 5.84 -19.17
CA TYR B 116 -37.40 4.90 -19.41
C TYR B 116 -37.67 3.54 -18.79
N ALA B 117 -37.25 2.49 -19.49
CA ALA B 117 -37.41 1.12 -19.00
C ALA B 117 -36.01 0.51 -18.98
N ASN B 118 -35.60 0.03 -17.81
CA ASN B 118 -34.27 -0.56 -17.63
C ASN B 118 -33.15 0.36 -18.09
N GLY B 119 -33.30 1.64 -17.82
CA GLY B 119 -32.28 2.61 -18.18
C GLY B 119 -32.24 3.09 -19.62
N SER B 120 -33.17 2.61 -20.45
CA SER B 120 -33.22 3.02 -21.85
C SER B 120 -34.45 3.84 -22.15
N PRO B 121 -34.30 4.88 -22.99
CA PRO B 121 -35.40 5.77 -23.37
C PRO B 121 -36.47 5.04 -24.19
N CYS B 122 -37.74 5.22 -23.82
CA CYS B 122 -38.85 4.59 -24.53
C CYS B 122 -39.47 5.60 -25.51
N GLY B 123 -39.26 6.88 -25.23
CA GLY B 123 -39.81 7.92 -26.08
C GLY B 123 -40.22 9.12 -25.26
N THR B 124 -40.74 10.15 -25.93
CA THR B 124 -41.15 11.37 -25.25
C THR B 124 -42.48 11.86 -25.75
N MET B 125 -43.07 12.80 -25.02
CA MET B 125 -44.35 13.38 -25.39
C MET B 125 -44.34 14.86 -25.00
N GLU B 126 -44.88 15.69 -25.88
CA GLU B 126 -44.94 17.13 -25.65
C GLU B 126 -46.26 17.55 -25.00
N ASN B 127 -46.30 18.81 -24.57
CA ASN B 127 -47.48 19.38 -23.96
C ASN B 127 -48.08 18.62 -22.78
N VAL B 128 -47.22 18.23 -21.84
CA VAL B 128 -47.69 17.54 -20.64
C VAL B 128 -47.40 18.46 -19.47
N GLY B 129 -48.45 19.10 -18.97
CA GLY B 129 -48.30 20.02 -17.85
C GLY B 129 -47.38 21.18 -18.17
N LYS B 130 -47.42 21.63 -19.43
CA LYS B 130 -46.58 22.74 -19.87
C LYS B 130 -46.93 24.02 -19.12
N GLY B 131 -45.93 24.63 -18.51
CA GLY B 131 -46.15 25.86 -17.77
C GLY B 131 -46.72 25.60 -16.38
N HIS B 132 -46.96 24.34 -16.06
CA HIS B 132 -47.50 24.00 -14.76
C HIS B 132 -46.43 23.83 -13.69
N GLN B 133 -46.72 24.34 -12.50
CA GLN B 133 -45.82 24.21 -11.38
C GLN B 133 -46.63 23.57 -10.25
N ILE B 134 -46.17 22.42 -9.78
CA ILE B 134 -46.86 21.72 -8.71
C ILE B 134 -46.74 22.58 -7.45
N SER B 135 -47.88 23.00 -6.91
CA SER B 135 -47.86 23.84 -5.72
C SER B 135 -47.27 23.09 -4.53
N ALA B 136 -46.68 23.85 -3.61
CA ALA B 136 -46.05 23.31 -2.41
C ALA B 136 -47.01 22.56 -1.51
N GLY B 137 -46.49 21.57 -0.79
CA GLY B 137 -47.32 20.82 0.14
C GLY B 137 -47.95 19.55 -0.39
N GLY B 138 -47.42 19.01 -1.49
CA GLY B 138 -47.99 17.80 -2.04
C GLY B 138 -47.70 16.57 -1.19
N THR B 139 -48.75 15.77 -0.96
CA THR B 139 -48.63 14.53 -0.18
C THR B 139 -48.45 13.37 -1.14
N VAL B 140 -47.42 12.57 -0.89
CA VAL B 140 -47.13 11.42 -1.75
C VAL B 140 -47.59 10.07 -1.18
N VAL B 141 -48.32 9.33 -1.99
CA VAL B 141 -48.79 8.00 -1.61
C VAL B 141 -48.30 7.02 -2.67
N ILE B 142 -47.87 5.84 -2.24
CA ILE B 142 -47.37 4.82 -3.16
C ILE B 142 -48.29 3.61 -3.17
N GLY B 143 -48.66 3.14 -4.37
CA GLY B 143 -49.50 1.96 -4.47
C GLY B 143 -50.99 2.19 -4.59
N GLN B 144 -51.43 3.41 -4.36
CA GLN B 144 -52.85 3.75 -4.45
C GLN B 144 -52.98 5.14 -5.08
N GLU B 145 -54.16 5.42 -5.63
CA GLU B 145 -54.42 6.72 -6.28
C GLU B 145 -55.27 7.55 -5.31
N GLN B 146 -54.79 8.73 -4.95
CA GLN B 146 -55.51 9.59 -4.01
C GLN B 146 -56.63 10.42 -4.64
N ASP B 147 -57.79 10.46 -3.99
CA ASP B 147 -58.90 11.29 -4.46
C ASP B 147 -59.09 12.33 -3.35
N LYS B 148 -58.26 12.18 -2.32
CA LYS B 148 -58.27 13.06 -1.16
C LYS B 148 -56.87 12.89 -0.56
N ILE B 149 -56.39 13.88 0.18
CA ILE B 149 -55.05 13.77 0.79
C ILE B 149 -54.93 12.50 1.62
N GLY B 150 -54.05 11.60 1.19
CA GLY B 150 -53.83 10.36 1.92
C GLY B 150 -54.98 9.38 1.94
N GLY B 151 -55.96 9.55 1.06
CA GLY B 151 -57.10 8.64 1.04
C GLY B 151 -57.96 8.65 -0.20
N GLY B 152 -59.20 8.17 -0.05
CA GLY B 152 -60.12 8.11 -1.17
C GLY B 152 -59.62 7.13 -2.21
N PHE B 153 -59.01 6.05 -1.76
CA PHE B 153 -58.46 5.03 -2.65
C PHE B 153 -59.54 4.21 -3.36
N GLU B 154 -59.21 3.71 -4.54
CA GLU B 154 -60.12 2.88 -5.32
C GLU B 154 -59.37 1.63 -5.78
N GLU B 155 -59.93 0.47 -5.50
CA GLU B 155 -59.27 -0.78 -5.84
C GLU B 155 -58.92 -0.98 -7.31
N GLN B 156 -59.72 -0.45 -8.23
CA GLN B 156 -59.40 -0.62 -9.64
C GLN B 156 -58.24 0.28 -10.11
N GLU B 157 -57.74 1.15 -9.23
CA GLU B 157 -56.62 2.01 -9.59
C GLU B 157 -55.37 1.70 -8.76
N SER B 158 -55.45 0.67 -7.92
CA SER B 158 -54.33 0.28 -7.09
C SER B 158 -53.26 -0.45 -7.89
N TRP B 159 -52.05 -0.51 -7.34
CA TRP B 159 -50.96 -1.20 -8.02
C TRP B 159 -50.41 -2.25 -7.06
N SER B 160 -50.40 -3.51 -7.51
CA SER B 160 -49.88 -4.59 -6.68
C SER B 160 -48.58 -5.10 -7.28
N GLY B 161 -47.64 -5.43 -6.39
CA GLY B 161 -46.35 -5.93 -6.83
C GLY B 161 -45.31 -5.57 -5.81
N GLU B 162 -44.04 -5.62 -6.19
CA GLU B 162 -42.96 -5.29 -5.27
C GLU B 162 -42.25 -4.03 -5.76
N LEU B 163 -41.85 -3.17 -4.84
CA LEU B 163 -41.19 -1.93 -5.19
C LEU B 163 -39.95 -1.69 -4.34
N SER B 164 -38.93 -1.10 -4.94
CA SER B 164 -37.69 -0.84 -4.24
C SER B 164 -36.88 0.28 -4.90
N ASP B 165 -35.95 0.85 -4.15
CA ASP B 165 -35.07 1.89 -4.66
C ASP B 165 -35.80 3.08 -5.29
N LEU B 166 -36.79 3.62 -4.60
CA LEU B 166 -37.54 4.78 -5.09
C LEU B 166 -36.69 6.04 -4.88
N GLN B 167 -36.37 6.73 -5.98
CA GLN B 167 -35.57 7.95 -5.92
C GLN B 167 -36.28 9.05 -6.71
N VAL B 168 -36.45 10.20 -6.08
CA VAL B 168 -37.12 11.32 -6.72
C VAL B 168 -36.30 12.63 -6.64
N TRP B 169 -36.16 13.31 -7.78
CA TRP B 169 -35.42 14.56 -7.88
C TRP B 169 -36.37 15.63 -8.39
N ASP B 170 -36.13 16.89 -8.03
CA ASP B 170 -36.98 17.96 -8.51
C ASP B 170 -36.35 18.60 -9.74
N GLU B 171 -35.76 17.75 -10.57
CA GLU B 171 -35.12 18.17 -11.82
C GLU B 171 -35.51 17.16 -12.90
N ALA B 172 -35.33 17.52 -14.16
CA ALA B 172 -35.65 16.62 -15.26
C ALA B 172 -34.36 15.97 -15.75
N LEU B 173 -34.05 14.81 -15.19
CA LEU B 173 -32.84 14.07 -15.53
C LEU B 173 -32.70 13.79 -17.02
N THR B 174 -31.47 13.79 -17.52
CA THR B 174 -31.20 13.53 -18.93
C THR B 174 -31.24 12.03 -19.20
N THR B 175 -31.26 11.68 -20.48
CA THR B 175 -31.28 10.28 -20.90
C THR B 175 -30.06 9.56 -20.33
N HIS B 176 -28.89 10.19 -20.41
CA HIS B 176 -27.69 9.58 -19.89
C HIS B 176 -27.73 9.38 -18.38
N GLN B 177 -28.25 10.38 -17.67
CA GLN B 177 -28.34 10.28 -16.21
C GLN B 177 -29.27 9.15 -15.77
N VAL B 178 -30.37 8.95 -16.48
CA VAL B 178 -31.30 7.88 -16.11
C VAL B 178 -30.61 6.52 -16.25
N SER B 179 -29.74 6.38 -17.26
CA SER B 179 -29.05 5.11 -17.43
C SER B 179 -28.09 4.85 -16.25
N THR B 180 -27.54 5.92 -15.67
CA THR B 180 -26.64 5.73 -14.53
C THR B 180 -27.44 5.43 -13.27
N VAL B 181 -28.71 5.81 -13.27
CA VAL B 181 -29.58 5.53 -12.13
C VAL B 181 -30.00 4.05 -12.14
N ALA B 182 -30.39 3.57 -13.32
CA ALA B 182 -30.86 2.18 -13.47
C ALA B 182 -29.82 1.09 -13.23
N SER B 183 -28.59 1.35 -13.66
CA SER B 183 -27.50 0.38 -13.51
C SER B 183 -27.45 -0.26 -12.12
N CYS B 184 -27.59 -1.57 -12.06
CA CYS B 184 -27.56 -2.29 -10.79
C CYS B 184 -26.23 -2.16 -10.06
N ASN B 185 -25.12 -2.22 -10.80
CA ASN B 185 -23.81 -2.08 -10.16
C ASN B 185 -23.21 -0.70 -10.36
N GLY B 186 -24.07 0.26 -10.66
CA GLY B 186 -23.61 1.63 -10.85
C GLY B 186 -23.47 2.34 -9.51
N ILE B 187 -23.52 3.67 -9.53
CA ILE B 187 -23.38 4.44 -8.30
C ILE B 187 -24.64 4.43 -7.45
N ARG B 188 -25.75 3.98 -8.03
CA ARG B 188 -27.02 3.91 -7.30
C ARG B 188 -27.31 5.23 -6.59
N PRO B 189 -27.59 6.29 -7.37
CA PRO B 189 -27.90 7.65 -6.90
C PRO B 189 -29.10 7.72 -5.96
N ARG B 190 -29.14 8.77 -5.16
CA ARG B 190 -30.23 9.00 -4.22
C ARG B 190 -30.91 10.33 -4.58
N GLY B 191 -32.23 10.31 -4.74
CA GLY B 191 -32.97 11.53 -5.09
C GLY B 191 -32.85 12.59 -4.01
N ASN B 192 -32.93 13.87 -4.40
CA ASN B 192 -32.82 14.96 -3.44
C ASN B 192 -34.18 15.30 -2.83
N VAL B 193 -35.28 14.87 -3.47
CA VAL B 193 -36.60 15.14 -2.92
C VAL B 193 -36.98 13.94 -2.05
N ILE B 194 -36.87 12.74 -2.62
CA ILE B 194 -37.15 11.52 -1.88
C ILE B 194 -36.03 10.53 -2.13
N SER B 195 -35.40 10.07 -1.06
CA SER B 195 -34.34 9.08 -1.14
C SER B 195 -34.86 7.83 -0.41
N TRP B 196 -34.94 6.72 -1.12
CA TRP B 196 -35.46 5.48 -0.55
C TRP B 196 -34.92 5.15 0.84
N MET B 197 -35.84 4.96 1.78
CA MET B 197 -35.49 4.60 3.16
C MET B 197 -34.79 5.71 3.95
N GLU B 198 -34.70 6.91 3.37
CA GLU B 198 -34.06 8.02 4.08
C GLU B 198 -35.11 9.10 4.35
N ASP B 199 -36.30 8.92 3.79
CA ASP B 199 -37.41 9.84 3.98
C ASP B 199 -38.55 8.98 4.54
N SER B 200 -38.94 9.27 5.77
CA SER B 200 -39.95 8.50 6.45
C SER B 200 -41.32 8.42 5.78
N PHE B 201 -41.95 7.26 5.93
CA PHE B 201 -43.25 7.03 5.36
C PHE B 201 -44.05 6.08 6.22
N VAL B 202 -45.38 6.25 6.19
CA VAL B 202 -46.28 5.40 6.94
C VAL B 202 -46.55 4.16 6.09
N ALA B 203 -46.52 2.99 6.70
CA ALA B 203 -46.81 1.73 6.03
C ALA B 203 -48.16 1.29 6.56
N ASP B 204 -49.09 0.94 5.68
CA ASP B 204 -50.41 0.55 6.16
C ASP B 204 -51.10 -0.54 5.32
N ASP B 205 -52.09 -1.18 5.94
CA ASP B 205 -52.88 -2.22 5.29
C ASP B 205 -52.12 -3.43 4.76
N GLY B 206 -51.22 -3.95 5.59
CA GLY B 206 -50.48 -5.14 5.23
C GLY B 206 -49.39 -5.15 4.19
N VAL B 207 -48.64 -4.06 4.02
CA VAL B 207 -47.55 -4.12 3.06
C VAL B 207 -46.47 -4.98 3.71
N ILE B 208 -45.65 -5.62 2.90
CA ILE B 208 -44.61 -6.50 3.41
C ILE B 208 -43.22 -5.91 3.19
N VAL B 209 -42.46 -5.80 4.27
CA VAL B 209 -41.10 -5.25 4.20
C VAL B 209 -40.13 -6.42 4.03
N GLY B 210 -39.33 -6.35 2.97
CA GLY B 210 -38.37 -7.40 2.69
C GLY B 210 -37.16 -6.88 1.93
N ILE B 211 -36.49 -7.77 1.22
CA ILE B 211 -35.30 -7.42 0.46
C ILE B 211 -35.47 -7.73 -1.02
N SER B 212 -35.02 -6.80 -1.87
CA SER B 212 -35.09 -6.99 -3.30
C SER B 212 -33.82 -7.65 -3.79
N HIS B 213 -33.97 -8.66 -4.65
CA HIS B 213 -32.82 -9.34 -5.22
C HIS B 213 -32.69 -9.07 -6.72
N MET B 214 -33.16 -7.91 -7.16
CA MET B 214 -33.04 -7.56 -8.57
C MET B 214 -31.58 -7.31 -8.91
N CYS B 215 -30.86 -6.66 -8.01
CA CYS B 215 -29.47 -6.32 -8.23
C CYS B 215 -28.46 -7.22 -7.52
N SER B 216 -28.68 -7.45 -6.23
CA SER B 216 -27.78 -8.28 -5.44
C SER B 216 -28.50 -9.53 -4.94
N LEU B 217 -27.91 -10.69 -5.19
CA LEU B 217 -28.47 -11.97 -4.77
C LEU B 217 -28.18 -12.25 -3.30
N ALA C 1 -11.93 21.40 -1.89
CA ALA C 1 -11.28 22.40 -0.99
C ALA C 1 -12.24 22.86 0.09
N VAL C 2 -13.12 23.80 -0.26
CA VAL C 2 -14.10 24.32 0.70
C VAL C 2 -15.33 23.42 0.78
N ASP C 3 -15.67 22.99 2.00
CA ASP C 3 -16.83 22.13 2.20
C ASP C 3 -18.12 22.95 2.30
N ILE C 4 -19.19 22.39 1.74
CA ILE C 4 -20.48 23.05 1.73
C ILE C 4 -21.01 23.36 3.13
N ARG C 5 -20.55 22.60 4.13
CA ARG C 5 -20.97 22.82 5.51
C ARG C 5 -20.42 24.12 6.10
N ASP C 6 -19.41 24.68 5.44
CA ASP C 6 -18.81 25.91 5.91
C ASP C 6 -19.35 27.17 5.22
N VAL C 7 -20.35 27.02 4.36
CA VAL C 7 -20.97 28.17 3.71
C VAL C 7 -21.67 28.92 4.82
N LYS C 8 -21.64 30.25 4.78
CA LYS C 8 -22.31 31.01 5.83
C LYS C 8 -23.22 32.07 5.22
N ILE C 9 -24.18 32.51 6.02
CA ILE C 9 -25.11 33.55 5.60
C ILE C 9 -24.99 34.68 6.63
N SER C 10 -24.82 35.91 6.14
CA SER C 10 -24.74 37.06 7.03
C SER C 10 -26.09 37.79 7.00
N PHE C 11 -26.61 38.08 8.18
CA PHE C 11 -27.86 38.81 8.35
C PHE C 11 -27.36 40.17 8.85
N PRO C 12 -27.14 41.11 7.91
CA PRO C 12 -26.65 42.49 8.08
C PRO C 12 -27.21 43.33 9.22
N GLY C 13 -28.53 43.40 9.27
CA GLY C 13 -29.18 44.20 10.29
C GLY C 13 -30.57 44.48 9.77
N THR C 14 -31.54 44.59 10.66
CA THR C 14 -32.90 44.79 10.25
C THR C 14 -33.46 46.19 10.51
N GLN C 15 -34.22 46.69 9.54
CA GLN C 15 -34.89 47.98 9.67
C GLN C 15 -36.02 48.04 8.66
N ASN C 16 -37.24 47.98 9.18
CA ASN C 16 -38.44 48.03 8.36
C ASN C 16 -38.23 49.02 7.23
N PRO C 17 -38.62 48.66 5.99
CA PRO C 17 -39.25 47.40 5.59
C PRO C 17 -38.27 46.29 5.17
N LYS C 18 -36.99 46.43 5.53
CA LYS C 18 -36.02 45.41 5.16
C LYS C 18 -35.81 44.39 6.30
N PHE C 19 -36.13 43.12 6.02
CA PHE C 19 -35.96 42.05 7.00
C PHE C 19 -35.15 40.89 6.42
N PRO C 20 -33.81 40.97 6.48
CA PRO C 20 -33.03 39.86 5.92
C PRO C 20 -33.40 38.54 6.58
N HIS C 21 -33.63 37.51 5.75
CA HIS C 21 -34.01 36.21 6.27
C HIS C 21 -33.93 35.10 5.24
N LEU C 22 -34.11 33.88 5.71
CA LEU C 22 -34.13 32.70 4.87
C LEU C 22 -35.46 32.02 5.18
N ARG C 23 -36.03 31.36 4.17
CA ARG C 23 -37.26 30.61 4.38
C ARG C 23 -37.07 29.31 3.62
N PHE C 24 -37.15 28.19 4.33
CA PHE C 24 -36.99 26.90 3.68
C PHE C 24 -38.18 26.58 2.80
N MET C 25 -37.89 26.10 1.60
CA MET C 25 -38.91 25.77 0.61
C MET C 25 -39.85 24.64 1.02
N GLN C 26 -39.32 23.65 1.73
CA GLN C 26 -40.13 22.50 2.12
C GLN C 26 -40.55 22.60 3.58
N THR C 27 -41.83 22.38 3.85
CA THR C 27 -42.33 22.43 5.22
C THR C 27 -41.88 21.17 5.95
N LEU C 28 -41.82 21.26 7.28
CA LEU C 28 -41.38 20.11 8.07
C LEU C 28 -42.49 19.09 8.27
N PRO C 29 -42.11 17.86 8.62
CA PRO C 29 -43.12 16.82 8.86
C PRO C 29 -43.54 17.01 10.31
N ALA C 30 -44.52 16.24 10.78
CA ALA C 30 -44.93 16.33 12.17
C ALA C 30 -43.76 15.77 12.98
N VAL C 31 -43.46 16.38 14.12
CA VAL C 31 -42.35 15.91 14.96
C VAL C 31 -42.75 15.95 16.43
N ARG C 32 -42.18 15.03 17.21
CA ARG C 32 -42.44 14.98 18.64
C ARG C 32 -41.19 15.45 19.37
N GLN C 33 -40.10 15.55 18.62
CA GLN C 33 -38.80 15.96 19.15
C GLN C 33 -38.05 16.75 18.09
N LEU C 34 -37.15 17.63 18.54
CA LEU C 34 -36.39 18.42 17.60
C LEU C 34 -35.08 18.89 18.20
N THR C 35 -34.00 18.77 17.41
CA THR C 35 -32.70 19.25 17.83
C THR C 35 -32.21 20.18 16.73
N VAL C 36 -31.94 21.43 17.09
CA VAL C 36 -31.47 22.43 16.13
C VAL C 36 -30.07 22.86 16.54
N CYS C 37 -29.09 22.56 15.69
CA CYS C 37 -27.70 22.92 15.95
C CYS C 37 -27.19 23.82 14.83
N GLN C 38 -26.30 24.77 15.16
CA GLN C 38 -25.72 25.63 14.14
C GLN C 38 -24.59 26.48 14.71
N ARG C 39 -23.77 27.02 13.83
CA ARG C 39 -22.66 27.89 14.23
C ARG C 39 -23.13 29.32 14.02
N ILE C 40 -22.96 30.17 15.04
CA ILE C 40 -23.39 31.56 14.96
C ILE C 40 -22.36 32.55 15.47
N LYS C 41 -22.37 33.73 14.85
CA LYS C 41 -21.51 34.84 15.21
C LYS C 41 -22.50 35.99 15.42
N PRO C 42 -22.87 36.26 16.68
CA PRO C 42 -23.83 37.34 16.99
C PRO C 42 -23.29 38.76 16.84
N PHE C 43 -24.13 39.67 16.34
CA PHE C 43 -23.74 41.06 16.18
C PHE C 43 -24.30 41.95 17.28
N HIS C 44 -25.24 41.45 18.07
CA HIS C 44 -25.80 42.26 19.16
C HIS C 44 -26.19 41.46 20.40
N ARG C 45 -26.19 42.14 21.54
CA ARG C 45 -26.52 41.52 22.83
C ARG C 45 -28.02 41.32 23.06
N ASN C 46 -28.85 42.20 22.52
CA ASN C 46 -30.28 42.07 22.75
C ASN C 46 -30.89 40.85 22.08
N THR C 47 -32.01 40.41 22.63
CA THR C 47 -32.72 39.23 22.15
C THR C 47 -33.01 39.23 20.66
N GLY C 48 -32.78 38.06 20.05
CA GLY C 48 -33.03 37.88 18.63
C GLY C 48 -33.47 36.44 18.43
N TYR C 49 -34.40 36.23 17.50
CA TYR C 49 -34.89 34.88 17.23
C TYR C 49 -34.16 34.32 16.01
N ILE C 50 -33.57 33.15 16.18
CA ILE C 50 -32.80 32.52 15.11
C ILE C 50 -33.59 31.55 14.25
N PHE C 51 -34.16 30.53 14.88
CA PHE C 51 -34.95 29.52 14.17
C PHE C 51 -36.43 29.68 14.54
N SER C 52 -37.25 29.96 13.52
CA SER C 52 -38.68 30.16 13.72
C SER C 52 -39.51 29.20 12.88
N CYS C 53 -40.38 28.44 13.54
CA CYS C 53 -41.23 27.47 12.84
C CYS C 53 -42.71 27.80 13.09
N ALA C 54 -43.46 27.96 12.01
CA ALA C 54 -44.87 28.30 12.14
C ALA C 54 -45.81 27.49 11.24
N THR C 55 -47.01 27.21 11.77
CA THR C 55 -48.03 26.50 11.02
C THR C 55 -49.21 27.46 10.88
N SER C 56 -50.18 27.14 10.02
CA SER C 56 -51.33 28.01 9.81
C SER C 56 -52.05 28.45 11.09
N ASN C 57 -52.21 27.52 12.01
CA ASN C 57 -52.91 27.77 13.26
C ASN C 57 -52.03 28.20 14.43
N GLN C 58 -50.70 28.15 14.24
CA GLN C 58 -49.78 28.49 15.33
C GLN C 58 -48.46 29.05 14.79
N ASP C 59 -48.33 30.38 14.80
CA ASP C 59 -47.13 31.02 14.30
C ASP C 59 -45.91 30.79 15.19
N ASN C 60 -46.16 30.34 16.42
CA ASN C 60 -45.08 30.08 17.39
C ASN C 60 -44.94 28.61 17.77
N GLN C 61 -44.82 27.72 16.78
CA GLN C 61 -44.69 26.30 17.07
C GLN C 61 -43.37 25.96 17.77
N PHE C 62 -42.28 26.53 17.27
CA PHE C 62 -40.97 26.27 17.83
C PHE C 62 -40.07 27.45 17.48
N ILE C 63 -39.53 28.13 18.49
CA ILE C 63 -38.69 29.29 18.24
C ILE C 63 -37.47 29.33 19.15
N THR C 64 -36.29 29.43 18.56
CA THR C 64 -35.07 29.52 19.34
C THR C 64 -34.64 30.98 19.37
N SER C 65 -33.93 31.36 20.43
CA SER C 65 -33.48 32.74 20.57
C SER C 65 -32.29 32.80 21.51
N MET C 66 -31.68 33.97 21.59
CA MET C 66 -30.54 34.16 22.45
C MET C 66 -30.41 35.64 22.78
N TYR C 67 -29.62 35.93 23.81
CA TYR C 67 -29.31 37.28 24.20
C TYR C 67 -28.15 37.17 25.17
N VAL C 68 -27.41 38.27 25.31
CA VAL C 68 -26.25 38.28 26.19
C VAL C 68 -26.56 39.13 27.40
N LYS C 69 -26.37 38.57 28.58
CA LYS C 69 -26.62 39.28 29.82
C LYS C 69 -25.60 40.39 30.01
N SER C 70 -25.86 41.28 30.96
CA SER C 70 -24.97 42.41 31.22
C SER C 70 -23.53 41.97 31.50
N ASP C 71 -23.36 40.84 32.18
CA ASP C 71 -22.03 40.35 32.49
C ASP C 71 -21.36 39.59 31.34
N GLY C 72 -22.02 39.57 30.18
CA GLY C 72 -21.46 38.89 29.02
C GLY C 72 -21.87 37.43 28.90
N THR C 73 -22.68 36.94 29.84
CA THR C 73 -23.13 35.55 29.82
C THR C 73 -24.16 35.26 28.73
N LEU C 74 -24.00 34.12 28.08
CA LEU C 74 -24.93 33.70 27.03
C LEU C 74 -26.19 33.09 27.61
N ASN C 75 -27.33 33.52 27.08
CA ASN C 75 -28.62 33.00 27.50
C ASN C 75 -29.32 32.44 26.27
N LEU C 76 -29.68 31.16 26.32
CA LEU C 76 -30.35 30.53 25.20
C LEU C 76 -31.81 30.27 25.53
N GLY C 77 -32.70 30.70 24.66
CA GLY C 77 -34.11 30.50 24.90
C GLY C 77 -34.83 29.63 23.90
N LEU C 78 -35.94 29.06 24.35
CA LEU C 78 -36.78 28.23 23.51
C LEU C 78 -38.25 28.47 23.84
N GLN C 79 -39.08 28.47 22.80
CA GLN C 79 -40.51 28.63 22.97
C GLN C 79 -41.14 27.55 22.13
N VAL C 80 -42.08 26.81 22.72
CA VAL C 80 -42.78 25.74 22.04
C VAL C 80 -44.28 25.93 22.19
N ASN C 81 -45.00 25.81 21.07
CA ASN C 81 -46.45 25.96 21.07
C ASN C 81 -46.91 27.20 21.83
N ALA C 82 -46.38 28.36 21.46
CA ALA C 82 -46.74 29.63 22.07
C ALA C 82 -46.56 29.72 23.58
N SER C 83 -45.68 28.90 24.13
CA SER C 83 -45.42 28.95 25.56
C SER C 83 -44.61 30.22 25.79
N SER C 84 -44.27 30.53 27.03
CA SER C 84 -43.45 31.71 27.26
C SER C 84 -42.03 31.27 26.92
N ASN C 85 -41.13 32.22 26.72
CA ASN C 85 -39.74 31.87 26.40
C ASN C 85 -39.05 31.28 27.62
N LYS C 86 -38.44 30.10 27.45
CA LYS C 86 -37.72 29.45 28.53
C LYS C 86 -36.23 29.69 28.29
N TYR C 87 -35.55 30.26 29.28
CA TYR C 87 -34.15 30.55 29.13
C TYR C 87 -33.23 29.73 30.05
N ILE C 88 -32.09 29.35 29.50
CA ILE C 88 -31.08 28.60 30.23
C ILE C 88 -29.75 29.33 29.99
N SER C 89 -29.09 29.70 31.08
CA SER C 89 -27.81 30.41 31.02
C SER C 89 -26.65 29.46 30.72
N CYS C 90 -25.69 29.93 29.95
CA CYS C 90 -24.51 29.15 29.62
C CYS C 90 -23.28 29.79 30.25
N PRO C 91 -22.43 29.00 30.89
CA PRO C 91 -21.21 29.50 31.55
C PRO C 91 -20.13 29.86 30.54
N ILE C 92 -20.43 30.81 29.66
CA ILE C 92 -19.47 31.23 28.66
C ILE C 92 -19.68 32.71 28.35
N GLU C 93 -18.60 33.48 28.33
CA GLU C 93 -18.69 34.89 28.04
C GLU C 93 -18.73 35.09 26.54
N ILE C 94 -19.74 35.83 26.07
CA ILE C 94 -19.89 36.07 24.64
C ILE C 94 -19.22 37.36 24.17
N GLU C 95 -18.43 37.24 23.11
CA GLU C 95 -17.77 38.38 22.51
C GLU C 95 -18.46 38.55 21.15
N LEU C 96 -19.24 39.61 21.00
CA LEU C 96 -19.91 39.86 19.74
C LEU C 96 -18.88 39.82 18.62
N GLY C 97 -19.22 39.16 17.52
CA GLY C 97 -18.29 39.06 16.41
C GLY C 97 -17.47 37.78 16.42
N GLN C 98 -17.58 36.97 17.47
CA GLN C 98 -16.87 35.70 17.54
C GLN C 98 -17.83 34.54 17.29
N TRP C 99 -17.27 33.40 16.84
CA TRP C 99 -18.08 32.21 16.54
C TRP C 99 -18.35 31.34 17.76
N TYR C 100 -19.54 30.75 17.80
CA TYR C 100 -19.92 29.83 18.87
C TYR C 100 -20.81 28.75 18.27
N HIS C 101 -20.77 27.55 18.83
CA HIS C 101 -21.65 26.51 18.34
C HIS C 101 -22.78 26.45 19.35
N VAL C 102 -23.99 26.56 18.86
CA VAL C 102 -25.16 26.54 19.73
C VAL C 102 -26.12 25.45 19.29
N CYS C 103 -26.71 24.76 20.26
CA CYS C 103 -27.66 23.72 19.94
C CYS C 103 -28.82 23.68 20.94
N HIS C 104 -30.03 23.55 20.44
CA HIS C 104 -31.22 23.47 21.28
C HIS C 104 -31.79 22.06 21.11
N VAL C 105 -31.98 21.35 22.21
CA VAL C 105 -32.54 20.01 22.18
C VAL C 105 -33.91 20.02 22.86
N TRP C 106 -34.93 19.59 22.13
CA TRP C 106 -36.27 19.55 22.69
C TRP C 106 -36.97 18.22 22.49
N SER C 107 -37.64 17.77 23.54
CA SER C 107 -38.37 16.51 23.47
C SER C 107 -39.77 16.70 24.03
N GLY C 108 -40.77 16.57 23.15
CA GLY C 108 -42.15 16.72 23.58
C GLY C 108 -42.62 15.47 24.29
N VAL C 109 -41.87 14.37 24.13
CA VAL C 109 -42.24 13.12 24.78
C VAL C 109 -42.19 13.26 26.30
N ASP C 110 -41.13 13.88 26.81
CA ASP C 110 -41.00 14.06 28.25
C ASP C 110 -41.03 15.54 28.66
N GLY C 111 -41.10 16.43 27.67
CA GLY C 111 -41.14 17.85 27.95
C GLY C 111 -39.81 18.43 28.42
N ARG C 112 -38.71 17.78 28.06
CA ARG C 112 -37.40 18.26 28.48
C ARG C 112 -36.71 19.14 27.43
N MET C 113 -36.11 20.21 27.90
CA MET C 113 -35.38 21.16 27.06
C MET C 113 -33.94 21.18 27.54
N ALA C 114 -33.00 21.20 26.60
CA ALA C 114 -31.59 21.26 26.96
C ALA C 114 -30.86 22.07 25.91
N VAL C 115 -29.91 22.89 26.34
CA VAL C 115 -29.14 23.69 25.38
C VAL C 115 -27.66 23.46 25.60
N TYR C 116 -26.89 23.67 24.53
CA TYR C 116 -25.46 23.46 24.54
C TYR C 116 -24.70 24.60 23.89
N ALA C 117 -23.56 24.94 24.46
CA ALA C 117 -22.70 25.98 23.92
C ALA C 117 -21.34 25.36 23.65
N ASN C 118 -20.87 25.46 22.41
CA ASN C 118 -19.60 24.89 22.02
C ASN C 118 -19.47 23.40 22.38
N GLY C 119 -20.57 22.68 22.22
CA GLY C 119 -20.57 21.25 22.49
C GLY C 119 -20.71 20.82 23.94
N SER C 120 -20.86 21.77 24.85
CA SER C 120 -21.00 21.45 26.26
C SER C 120 -22.38 21.80 26.79
N PRO C 121 -22.93 20.95 27.66
CA PRO C 121 -24.27 21.18 28.24
C PRO C 121 -24.31 22.40 29.16
N CYS C 122 -25.32 23.24 28.98
CA CYS C 122 -25.48 24.45 29.80
C CYS C 122 -26.49 24.17 30.91
N GLY C 123 -27.35 23.19 30.68
CA GLY C 123 -28.36 22.84 31.66
C GLY C 123 -29.64 22.39 30.99
N THR C 124 -30.64 22.04 31.78
CA THR C 124 -31.91 21.58 31.25
C THR C 124 -33.08 22.23 31.95
N MET C 125 -34.26 22.08 31.36
CA MET C 125 -35.48 22.62 31.94
C MET C 125 -36.63 21.67 31.66
N GLU C 126 -37.47 21.45 32.65
CA GLU C 126 -38.61 20.56 32.52
C GLU C 126 -39.88 21.29 32.10
N ASN C 127 -40.89 20.52 31.75
CA ASN C 127 -42.20 21.04 31.35
C ASN C 127 -42.18 22.06 30.21
N VAL C 128 -41.46 21.76 29.15
CA VAL C 128 -41.42 22.63 27.98
C VAL C 128 -42.10 21.88 26.85
N GLY C 129 -43.32 22.27 26.52
CA GLY C 129 -44.05 21.62 25.45
C GLY C 129 -44.27 20.15 25.73
N LYS C 130 -44.45 19.79 27.00
CA LYS C 130 -44.67 18.41 27.39
C LYS C 130 -45.95 17.86 26.77
N GLY C 131 -45.84 16.72 26.08
CA GLY C 131 -46.99 16.13 25.45
C GLY C 131 -47.37 16.82 24.14
N HIS C 132 -46.63 17.86 23.76
CA HIS C 132 -46.93 18.56 22.53
C HIS C 132 -46.24 17.95 21.31
N GLN C 133 -46.98 17.90 20.21
CA GLN C 133 -46.44 17.38 18.97
C GLN C 133 -46.64 18.48 17.93
N ILE C 134 -45.54 18.93 17.32
CA ILE C 134 -45.64 19.98 16.32
C ILE C 134 -46.35 19.41 15.11
N SER C 135 -47.50 20.00 14.77
CA SER C 135 -48.28 19.52 13.63
C SER C 135 -47.50 19.64 12.32
N ALA C 136 -47.80 18.74 11.39
CA ALA C 136 -47.13 18.71 10.10
C ALA C 136 -47.33 19.98 9.27
N GLY C 137 -46.36 20.30 8.44
CA GLY C 137 -46.46 21.47 7.58
C GLY C 137 -45.86 22.75 8.11
N GLY C 138 -44.96 22.65 9.08
CA GLY C 138 -44.34 23.83 9.65
C GLY C 138 -43.38 24.51 8.70
N THR C 139 -43.49 25.82 8.57
CA THR C 139 -42.61 26.61 7.70
C THR C 139 -41.49 27.19 8.55
N VAL C 140 -40.26 26.99 8.12
CA VAL C 140 -39.09 27.47 8.84
C VAL C 140 -38.47 28.74 8.27
N VAL C 141 -38.29 29.74 9.12
CA VAL C 141 -37.67 31.00 8.74
C VAL C 141 -36.48 31.21 9.65
N ILE C 142 -35.38 31.70 9.08
CA ILE C 142 -34.16 31.96 9.85
C ILE C 142 -33.86 33.45 9.92
N GLY C 143 -33.57 33.96 11.12
CA GLY C 143 -33.23 35.36 11.28
C GLY C 143 -34.37 36.32 11.62
N GLN C 144 -35.60 35.85 11.52
CA GLN C 144 -36.77 36.67 11.84
C GLN C 144 -37.79 35.80 12.57
N GLU C 145 -38.69 36.45 13.29
CA GLU C 145 -39.74 35.75 14.05
C GLU C 145 -41.05 35.89 13.27
N GLN C 146 -41.66 34.76 12.90
CA GLN C 146 -42.92 34.76 12.13
C GLN C 146 -44.17 35.02 12.97
N ASP C 147 -45.05 35.89 12.47
CA ASP C 147 -46.33 36.16 13.12
C ASP C 147 -47.38 35.66 12.14
N LYS C 148 -46.89 35.23 10.97
CA LYS C 148 -47.71 34.67 9.91
C LYS C 148 -46.74 33.81 9.11
N ILE C 149 -47.26 32.83 8.37
CA ILE C 149 -46.37 31.96 7.59
C ILE C 149 -45.47 32.76 6.66
N GLY C 150 -44.16 32.68 6.90
CA GLY C 150 -43.20 33.39 6.08
C GLY C 150 -43.22 34.90 6.15
N GLY C 151 -43.85 35.47 7.18
CA GLY C 151 -43.91 36.91 7.29
C GLY C 151 -44.32 37.47 8.64
N GLY C 152 -44.81 38.71 8.63
CA GLY C 152 -45.22 39.36 9.86
C GLY C 152 -44.02 39.57 10.77
N PHE C 153 -42.86 39.88 10.18
CA PHE C 153 -41.63 40.10 10.92
C PHE C 153 -41.64 41.40 11.71
N GLU C 154 -40.88 41.43 12.80
CA GLU C 154 -40.75 42.60 13.67
C GLU C 154 -39.26 42.85 13.92
N GLU C 155 -38.80 44.06 13.65
CA GLU C 155 -37.39 44.39 13.82
C GLU C 155 -36.82 44.13 15.22
N GLN C 156 -37.62 44.33 16.26
CA GLN C 156 -37.17 44.10 17.64
C GLN C 156 -36.94 42.62 17.96
N GLU C 157 -37.40 41.73 17.08
CA GLU C 157 -37.24 40.29 17.32
C GLU C 157 -36.30 39.63 16.30
N SER C 158 -35.70 40.44 15.43
CA SER C 158 -34.79 39.92 14.42
C SER C 158 -33.44 39.56 15.03
N TRP C 159 -32.67 38.74 14.32
CA TRP C 159 -31.36 38.36 14.79
C TRP C 159 -30.35 38.68 13.70
N SER C 160 -29.35 39.48 14.04
CA SER C 160 -28.30 39.86 13.09
C SER C 160 -27.00 39.18 13.47
N GLY C 161 -26.23 38.80 12.47
CA GLY C 161 -24.97 38.14 12.68
C GLY C 161 -24.71 37.16 11.55
N GLU C 162 -23.78 36.24 11.75
CA GLU C 162 -23.47 35.26 10.71
C GLU C 162 -23.86 33.88 11.19
N LEU C 163 -24.36 33.06 10.28
CA LEU C 163 -24.78 31.72 10.63
C LEU C 163 -24.32 30.69 9.60
N SER C 164 -23.97 29.49 10.09
CA SER C 164 -23.55 28.43 9.20
C SER C 164 -23.70 27.06 9.84
N ASP C 165 -23.61 26.02 9.02
CA ASP C 165 -23.71 24.64 9.48
C ASP C 165 -25.00 24.35 10.28
N LEU C 166 -26.15 24.78 9.75
CA LEU C 166 -27.43 24.54 10.41
C LEU C 166 -27.84 23.08 10.18
N GLN C 167 -28.00 22.32 11.25
CA GLN C 167 -28.37 20.92 11.16
C GLN C 167 -29.55 20.65 12.11
N VAL C 168 -30.61 20.05 11.58
CA VAL C 168 -31.81 19.76 12.36
C VAL C 168 -32.24 18.31 12.25
N TRP C 169 -32.50 17.68 13.41
CA TRP C 169 -32.94 16.29 13.49
C TRP C 169 -34.29 16.25 14.19
N ASP C 170 -35.12 15.25 13.87
CA ASP C 170 -36.41 15.14 14.55
C ASP C 170 -36.29 14.17 15.73
N GLU C 171 -35.15 14.24 16.40
CA GLU C 171 -34.87 13.40 17.56
C GLU C 171 -34.23 14.30 18.62
N ALA C 172 -34.21 13.85 19.87
CA ALA C 172 -33.60 14.63 20.93
C ALA C 172 -32.20 14.05 21.22
N LEU C 173 -31.21 14.61 20.53
CA LEU C 173 -29.81 14.19 20.67
C LEU C 173 -29.32 14.18 22.10
N THR C 174 -28.45 13.24 22.42
CA THR C 174 -27.88 13.11 23.75
C THR C 174 -26.75 14.14 23.94
N THR C 175 -26.33 14.32 25.18
CA THR C 175 -25.26 15.23 25.50
C THR C 175 -24.00 14.84 24.74
N HIS C 176 -23.70 13.55 24.69
CA HIS C 176 -22.52 13.09 23.97
C HIS C 176 -22.62 13.36 22.47
N GLN C 177 -23.79 13.12 21.90
CA GLN C 177 -23.98 13.35 20.48
C GLN C 177 -23.80 14.82 20.11
N VAL C 178 -24.30 15.73 20.95
CA VAL C 178 -24.14 17.15 20.66
C VAL C 178 -22.66 17.54 20.60
N SER C 179 -21.83 16.93 21.46
CA SER C 179 -20.41 17.26 21.43
C SER C 179 -19.77 16.78 20.13
N THR C 180 -20.27 15.68 19.56
CA THR C 180 -19.71 15.20 18.31
C THR C 180 -20.18 16.09 17.16
N VAL C 181 -21.30 16.79 17.34
CA VAL C 181 -21.80 17.68 16.31
C VAL C 181 -20.98 18.98 16.30
N ALA C 182 -20.72 19.52 17.48
CA ALA C 182 -19.98 20.77 17.62
C ALA C 182 -18.52 20.74 17.16
N SER C 183 -17.83 19.64 17.43
CA SER C 183 -16.43 19.49 17.08
C SER C 183 -16.13 19.95 15.65
N CYS C 184 -15.23 20.91 15.53
CA CYS C 184 -14.85 21.45 14.22
C CYS C 184 -14.18 20.42 13.33
N ASN C 185 -13.32 19.59 13.92
CA ASN C 185 -12.61 18.57 13.16
C ASN C 185 -13.25 17.20 13.30
N GLY C 186 -14.49 17.17 13.79
CA GLY C 186 -15.19 15.92 13.97
C GLY C 186 -15.80 15.41 12.68
N ILE C 187 -16.82 14.57 12.79
CA ILE C 187 -17.48 14.02 11.61
C ILE C 187 -18.40 15.02 10.93
N ARG C 188 -18.72 16.12 11.64
CA ARG C 188 -19.59 17.16 11.10
C ARG C 188 -20.87 16.54 10.50
N PRO C 189 -21.74 16.00 11.37
CA PRO C 189 -23.01 15.35 11.04
C PRO C 189 -23.99 16.25 10.28
N ARG C 190 -24.93 15.62 9.58
CA ARG C 190 -25.93 16.34 8.82
C ARG C 190 -27.32 15.94 9.36
N GLY C 191 -28.14 16.93 9.68
CA GLY C 191 -29.47 16.65 10.20
C GLY C 191 -30.33 15.91 9.20
N ASN C 192 -31.29 15.13 9.69
CA ASN C 192 -32.17 14.36 8.81
C ASN C 192 -33.40 15.18 8.39
N VAL C 193 -33.69 16.24 9.13
CA VAL C 193 -34.83 17.11 8.81
C VAL C 193 -34.31 18.23 7.91
N ILE C 194 -33.26 18.91 8.37
CA ILE C 194 -32.65 19.97 7.59
C ILE C 194 -31.14 19.77 7.64
N SER C 195 -30.54 19.70 6.45
CA SER C 195 -29.09 19.56 6.33
C SER C 195 -28.62 20.82 5.60
N TRP C 196 -27.75 21.59 6.25
CA TRP C 196 -27.24 22.82 5.69
C TRP C 196 -26.81 22.73 4.22
N MET C 197 -27.41 23.59 3.40
CA MET C 197 -27.11 23.66 1.97
C MET C 197 -27.57 22.45 1.17
N GLU C 198 -28.32 21.55 1.79
CA GLU C 198 -28.84 20.38 1.07
C GLU C 198 -30.37 20.46 1.01
N ASP C 199 -30.92 21.43 1.73
CA ASP C 199 -32.36 21.66 1.74
C ASP C 199 -32.55 23.11 1.30
N SER C 200 -33.20 23.28 0.15
CA SER C 200 -33.44 24.58 -0.46
C SER C 200 -34.13 25.62 0.43
N PHE C 201 -33.67 26.87 0.30
CA PHE C 201 -34.26 27.96 1.05
C PHE C 201 -34.20 29.24 0.23
N VAL C 202 -35.19 30.10 0.44
CA VAL C 202 -35.23 31.37 -0.25
C VAL C 202 -34.42 32.37 0.57
N ALA C 203 -33.60 33.17 -0.13
CA ALA C 203 -32.77 34.18 0.51
C ALA C 203 -33.39 35.52 0.14
N ASP C 204 -33.62 36.38 1.12
CA ASP C 204 -34.25 37.66 0.80
C ASP C 204 -33.77 38.82 1.66
N ASP C 205 -34.04 40.03 1.17
CA ASP C 205 -33.68 41.26 1.84
C ASP C 205 -32.21 41.47 2.18
N GLY C 206 -31.34 41.20 1.21
CA GLY C 206 -29.92 41.44 1.39
C GLY C 206 -29.05 40.55 2.26
N VAL C 207 -29.36 39.26 2.39
CA VAL C 207 -28.49 38.40 3.18
C VAL C 207 -27.24 38.23 2.33
N ILE C 208 -26.10 38.01 2.99
CA ILE C 208 -24.85 37.85 2.27
C ILE C 208 -24.34 36.42 2.35
N VAL C 209 -24.08 35.83 1.18
CA VAL C 209 -23.58 34.46 1.10
C VAL C 209 -22.04 34.50 1.07
N GLY C 210 -21.42 33.80 2.01
CA GLY C 210 -19.97 33.76 2.07
C GLY C 210 -19.47 32.46 2.69
N ILE C 211 -18.26 32.50 3.23
CA ILE C 211 -17.66 31.33 3.85
C ILE C 211 -17.34 31.56 5.32
N SER C 212 -17.62 30.56 6.14
CA SER C 212 -17.34 30.63 7.57
C SER C 212 -15.93 30.11 7.85
N HIS C 213 -15.17 30.84 8.65
CA HIS C 213 -13.83 30.40 9.00
C HIS C 213 -13.73 30.03 10.48
N MET C 214 -14.84 29.58 11.04
CA MET C 214 -14.86 29.17 12.44
C MET C 214 -14.03 27.91 12.61
N CYS C 215 -14.18 26.99 11.67
CA CYS C 215 -13.47 25.73 11.70
C CYS C 215 -12.25 25.63 10.80
N SER C 216 -12.39 26.00 9.53
CA SER C 216 -11.28 25.95 8.59
C SER C 216 -10.89 27.35 8.14
N LEU C 217 -9.60 27.65 8.21
CA LEU C 217 -9.09 28.95 7.82
C LEU C 217 -8.88 29.02 6.31
N ALA D 1 -19.53 14.99 0.98
CA ALA D 1 -20.59 14.47 0.06
C ALA D 1 -20.87 15.46 -1.06
N VAL D 2 -21.66 16.50 -0.78
CA VAL D 2 -21.97 17.51 -1.79
C VAL D 2 -20.89 18.57 -1.88
N ASP D 3 -20.39 18.79 -3.09
CA ASP D 3 -19.34 19.78 -3.34
C ASP D 3 -19.93 21.18 -3.46
N ILE D 4 -19.22 22.17 -2.92
CA ILE D 4 -19.67 23.54 -2.95
C ILE D 4 -19.84 24.08 -4.40
N ARG D 5 -19.16 23.46 -5.36
CA ARG D 5 -19.25 23.88 -6.75
C ARG D 5 -20.60 23.50 -7.37
N ASP D 6 -21.35 22.64 -6.69
CA ASP D 6 -22.65 22.22 -7.19
C ASP D 6 -23.82 22.97 -6.56
N VAL D 7 -23.52 23.97 -5.73
CA VAL D 7 -24.56 24.79 -5.12
C VAL D 7 -25.17 25.57 -6.29
N LYS D 8 -26.49 25.75 -6.29
CA LYS D 8 -27.12 26.51 -7.37
C LYS D 8 -28.03 27.60 -6.84
N ILE D 9 -28.29 28.58 -7.69
CA ILE D 9 -29.18 29.67 -7.34
C ILE D 9 -30.27 29.71 -8.40
N SER D 10 -31.52 29.77 -7.95
CA SER D 10 -32.64 29.85 -8.88
C SER D 10 -33.15 31.29 -8.90
N PHE D 11 -33.31 31.83 -10.10
CA PHE D 11 -33.84 33.16 -10.31
C PHE D 11 -35.24 32.88 -10.85
N PRO D 12 -36.23 32.84 -9.95
CA PRO D 12 -37.66 32.57 -10.14
C PRO D 12 -38.37 33.23 -11.31
N GLY D 13 -38.22 34.53 -11.43
CA GLY D 13 -38.88 35.27 -12.48
C GLY D 13 -38.94 36.70 -12.01
N THR D 14 -38.85 37.64 -12.94
CA THR D 14 -38.84 39.03 -12.56
C THR D 14 -40.12 39.79 -12.90
N GLN D 15 -40.52 40.65 -11.97
CA GLN D 15 -41.68 41.51 -12.15
C GLN D 15 -41.58 42.68 -11.18
N ASN D 16 -41.31 43.85 -11.74
CA ASN D 16 -41.17 45.08 -10.96
C ASN D 16 -42.23 45.09 -9.86
N PRO D 17 -41.83 45.46 -8.62
CA PRO D 17 -40.48 45.87 -8.22
C PRO D 17 -39.57 44.75 -7.73
N LYS D 18 -39.90 43.50 -8.05
CA LYS D 18 -39.10 42.35 -7.64
C LYS D 18 -38.07 41.97 -8.72
N PHE D 19 -36.80 42.06 -8.39
CA PHE D 19 -35.72 41.72 -9.33
C PHE D 19 -34.74 40.75 -8.68
N PRO D 20 -35.03 39.44 -8.72
CA PRO D 20 -34.09 38.49 -8.11
C PRO D 20 -32.70 38.63 -8.72
N HIS D 21 -31.67 38.71 -7.87
CA HIS D 21 -30.31 38.87 -8.35
C HIS D 21 -29.26 38.65 -7.28
N LEU D 22 -28.01 38.61 -7.73
CA LEU D 22 -26.87 38.47 -6.85
C LEU D 22 -25.97 39.65 -7.17
N ARG D 23 -25.26 40.14 -6.17
CA ARG D 23 -24.32 41.23 -6.38
C ARG D 23 -23.08 40.86 -5.59
N PHE D 24 -21.95 40.71 -6.27
CA PHE D 24 -20.72 40.37 -5.57
C PHE D 24 -20.24 41.54 -4.73
N MET D 25 -19.83 41.22 -3.49
CA MET D 25 -19.36 42.22 -2.52
C MET D 25 -18.09 42.93 -2.92
N GLN D 26 -17.19 42.22 -3.59
CA GLN D 26 -15.92 42.82 -3.98
C GLN D 26 -15.92 43.21 -5.45
N THR D 27 -15.48 44.43 -5.75
CA THR D 27 -15.42 44.85 -7.14
C THR D 27 -14.22 44.19 -7.80
N LEU D 28 -14.27 44.10 -9.12
CA LEU D 28 -13.21 43.46 -9.88
C LEU D 28 -12.01 44.38 -10.07
N PRO D 29 -10.84 43.80 -10.37
CA PRO D 29 -9.64 44.62 -10.58
C PRO D 29 -9.71 45.01 -12.06
N ALA D 30 -8.78 45.84 -12.53
CA ALA D 30 -8.80 46.19 -13.94
C ALA D 30 -8.39 44.94 -14.69
N VAL D 31 -9.00 44.68 -15.84
CA VAL D 31 -8.67 43.50 -16.63
C VAL D 31 -8.62 43.84 -18.12
N ARG D 32 -7.79 43.10 -18.85
CA ARG D 32 -7.66 43.29 -20.29
C ARG D 32 -8.31 42.11 -20.99
N GLN D 33 -8.62 41.08 -20.21
CA GLN D 33 -9.22 39.86 -20.72
C GLN D 33 -10.14 39.27 -19.66
N LEU D 34 -11.13 38.52 -20.09
CA LEU D 34 -12.07 37.92 -19.14
C LEU D 34 -12.73 36.69 -19.73
N THR D 35 -12.82 35.63 -18.92
CA THR D 35 -13.49 34.41 -19.32
C THR D 35 -14.52 34.12 -18.22
N VAL D 36 -15.79 34.04 -18.60
CA VAL D 36 -16.87 33.78 -17.66
C VAL D 36 -17.52 32.45 -18.05
N CYS D 37 -17.41 31.47 -17.16
CA CYS D 37 -17.97 30.14 -17.39
C CYS D 37 -18.98 29.83 -16.28
N GLN D 38 -20.04 29.10 -16.61
CA GLN D 38 -21.02 28.71 -15.61
C GLN D 38 -22.01 27.70 -16.18
N ARG D 39 -22.73 27.03 -15.28
CA ARG D 39 -23.73 26.06 -15.68
C ARG D 39 -25.08 26.76 -15.53
N ILE D 40 -25.91 26.68 -16.57
CA ILE D 40 -27.22 27.32 -16.54
C ILE D 40 -28.35 26.44 -17.05
N LYS D 41 -29.53 26.67 -16.48
CA LYS D 41 -30.76 26.00 -16.86
C LYS D 41 -31.72 27.15 -17.14
N PRO D 42 -31.89 27.53 -18.41
CA PRO D 42 -32.79 28.64 -18.76
C PRO D 42 -34.28 28.33 -18.66
N PHE D 43 -35.05 29.32 -18.22
CA PHE D 43 -36.49 29.17 -18.09
C PHE D 43 -37.26 29.81 -19.25
N HIS D 44 -36.59 30.65 -20.05
CA HIS D 44 -37.29 31.28 -21.18
C HIS D 44 -36.39 31.50 -22.40
N ARG D 45 -37.04 31.57 -23.57
CA ARG D 45 -36.32 31.77 -24.83
C ARG D 45 -35.86 33.19 -25.10
N ASN D 46 -36.63 34.17 -24.64
CA ASN D 46 -36.26 35.57 -24.86
C ASN D 46 -34.96 35.97 -24.20
N THR D 47 -34.33 36.98 -24.77
CA THR D 47 -33.05 37.48 -24.28
C THR D 47 -33.06 37.83 -22.80
N GLY D 48 -31.97 37.44 -22.14
CA GLY D 48 -31.80 37.72 -20.73
C GLY D 48 -30.31 37.95 -20.49
N TYR D 49 -29.97 38.85 -19.59
CA TYR D 49 -28.56 39.10 -19.29
C TYR D 49 -28.16 38.34 -18.03
N ILE D 50 -27.09 37.57 -18.13
CA ILE D 50 -26.61 36.75 -17.04
C ILE D 50 -25.57 37.43 -16.15
N PHE D 51 -24.44 37.78 -16.75
CA PHE D 51 -23.33 38.43 -16.05
C PHE D 51 -23.25 39.90 -16.48
N SER D 52 -23.43 40.80 -15.51
CA SER D 52 -23.38 42.22 -15.78
C SER D 52 -22.33 42.92 -14.91
N CYS D 53 -21.41 43.62 -15.56
CA CYS D 53 -20.35 44.35 -14.86
C CYS D 53 -20.43 45.83 -15.16
N ALA D 54 -20.48 46.65 -14.12
CA ALA D 54 -20.59 48.10 -14.29
C ALA D 54 -19.64 48.92 -13.40
N THR D 55 -19.16 50.03 -13.96
CA THR D 55 -18.30 50.96 -13.23
C THR D 55 -19.09 52.27 -13.15
N SER D 56 -18.62 53.21 -12.33
CA SER D 56 -19.34 54.47 -12.17
C SER D 56 -19.58 55.23 -13.48
N ASN D 57 -18.62 55.18 -14.38
CA ASN D 57 -18.68 55.88 -15.67
C ASN D 57 -19.24 55.03 -16.82
N GLN D 58 -19.41 53.73 -16.59
CA GLN D 58 -19.89 52.84 -17.65
C GLN D 58 -20.65 51.64 -17.08
N ASP D 59 -21.98 51.73 -17.12
CA ASP D 59 -22.81 50.66 -16.60
C ASP D 59 -22.76 49.39 -17.47
N ASN D 60 -22.25 49.52 -18.69
CA ASN D 60 -22.14 48.41 -19.63
C ASN D 60 -20.70 48.00 -19.95
N GLN D 61 -19.88 47.78 -18.93
CA GLN D 61 -18.50 47.38 -19.13
C GLN D 61 -18.37 46.02 -19.80
N PHE D 62 -19.11 45.05 -19.29
CA PHE D 62 -19.06 43.69 -19.82
C PHE D 62 -20.38 43.02 -19.46
N ILE D 63 -21.11 42.56 -20.47
CA ILE D 63 -22.40 41.92 -20.24
C ILE D 63 -22.59 40.70 -21.12
N THR D 64 -22.93 39.57 -20.50
CA THR D 64 -23.18 38.35 -21.24
C THR D 64 -24.69 38.18 -21.30
N SER D 65 -25.16 37.49 -22.34
CA SER D 65 -26.58 37.26 -22.49
C SER D 65 -26.79 36.07 -23.40
N MET D 66 -28.05 35.66 -23.51
CA MET D 66 -28.40 34.53 -24.36
C MET D 66 -29.87 34.63 -24.73
N TYR D 67 -30.25 33.84 -25.73
CA TYR D 67 -31.64 33.75 -26.16
C TYR D 67 -31.70 32.54 -27.07
N VAL D 68 -32.89 31.98 -27.24
CA VAL D 68 -33.06 30.81 -28.08
C VAL D 68 -33.84 31.20 -29.32
N LYS D 69 -33.28 30.89 -30.48
CA LYS D 69 -33.91 31.21 -31.76
C LYS D 69 -35.18 30.38 -31.94
N SER D 70 -35.98 30.76 -32.93
CA SER D 70 -37.23 30.05 -33.20
C SER D 70 -37.02 28.55 -33.42
N ASP D 71 -35.92 28.17 -34.05
CA ASP D 71 -35.68 26.74 -34.29
C ASP D 71 -35.04 26.03 -33.09
N GLY D 72 -34.95 26.71 -31.96
CA GLY D 72 -34.38 26.10 -30.77
C GLY D 72 -32.87 26.27 -30.61
N THR D 73 -32.25 26.96 -31.55
CA THR D 73 -30.80 27.21 -31.55
C THR D 73 -30.37 28.19 -30.47
N LEU D 74 -29.28 27.87 -29.78
CA LEU D 74 -28.75 28.74 -28.74
C LEU D 74 -27.93 29.89 -29.33
N ASN D 75 -28.17 31.09 -28.85
CA ASN D 75 -27.40 32.25 -29.29
C ASN D 75 -26.79 32.89 -28.06
N LEU D 76 -25.48 33.05 -28.08
CA LEU D 76 -24.77 33.65 -26.95
C LEU D 76 -24.26 35.04 -27.32
N GLY D 77 -24.56 36.02 -26.48
CA GLY D 77 -24.14 37.37 -26.77
C GLY D 77 -23.19 37.98 -25.77
N LEU D 78 -22.45 38.97 -26.24
CA LEU D 78 -21.50 39.68 -25.41
C LEU D 78 -21.51 41.15 -25.78
N GLN D 79 -21.39 42.01 -24.78
CA GLN D 79 -21.32 43.44 -25.00
C GLN D 79 -20.17 43.94 -24.13
N VAL D 80 -19.27 44.70 -24.75
CA VAL D 80 -18.11 45.25 -24.05
C VAL D 80 -18.03 46.77 -24.24
N ASN D 81 -17.87 47.49 -23.14
CA ASN D 81 -17.77 48.94 -23.18
C ASN D 81 -18.88 49.59 -23.99
N ALA D 82 -20.12 49.24 -23.66
CA ALA D 82 -21.31 49.79 -24.32
C ALA D 82 -21.38 49.57 -25.82
N SER D 83 -20.69 48.56 -26.33
CA SER D 83 -20.76 48.26 -27.75
C SER D 83 -22.13 47.65 -27.99
N SER D 84 -22.43 47.30 -29.24
CA SER D 84 -23.70 46.65 -29.53
C SER D 84 -23.54 45.21 -29.07
N ASN D 85 -24.64 44.48 -28.90
CA ASN D 85 -24.52 43.09 -28.50
C ASN D 85 -24.05 42.26 -29.67
N LYS D 86 -23.00 41.49 -29.47
CA LYS D 86 -22.44 40.63 -30.51
C LYS D 86 -22.93 39.21 -30.22
N TYR D 87 -23.57 38.59 -31.20
CA TYR D 87 -24.08 37.25 -31.01
C TYR D 87 -23.41 36.19 -31.87
N ILE D 88 -23.22 35.02 -31.27
CA ILE D 88 -22.63 33.87 -31.94
C ILE D 88 -23.58 32.71 -31.70
N SER D 89 -24.02 32.06 -32.77
CA SER D 89 -24.94 30.94 -32.61
C SER D 89 -24.20 29.64 -32.34
N CYS D 90 -24.82 28.79 -31.52
CA CYS D 90 -24.25 27.50 -31.16
C CYS D 90 -25.08 26.38 -31.76
N PRO D 91 -24.42 25.38 -32.36
CA PRO D 91 -25.09 24.24 -32.99
C PRO D 91 -25.66 23.27 -31.96
N ILE D 92 -26.57 23.75 -31.13
CA ILE D 92 -27.17 22.91 -30.11
C ILE D 92 -28.60 23.37 -29.86
N GLU D 93 -29.53 22.41 -29.84
CA GLU D 93 -30.93 22.72 -29.60
C GLU D 93 -31.17 22.86 -28.09
N ILE D 94 -31.73 23.99 -27.69
CA ILE D 94 -31.98 24.23 -26.28
C ILE D 94 -33.37 23.80 -25.83
N GLU D 95 -33.41 23.05 -24.74
CA GLU D 95 -34.67 22.63 -24.14
C GLU D 95 -34.74 23.38 -22.83
N LEU D 96 -35.68 24.32 -22.73
CA LEU D 96 -35.83 25.08 -21.49
C LEU D 96 -35.99 24.08 -20.35
N GLY D 97 -35.31 24.34 -19.23
CA GLY D 97 -35.41 23.43 -18.10
C GLY D 97 -34.27 22.43 -18.03
N GLN D 98 -33.44 22.38 -19.06
CA GLN D 98 -32.30 21.48 -19.08
C GLN D 98 -31.00 22.25 -18.83
N TRP D 99 -29.98 21.54 -18.30
CA TRP D 99 -28.69 22.15 -17.98
C TRP D 99 -27.73 22.22 -19.18
N TYR D 100 -26.96 23.29 -19.24
CA TYR D 100 -25.98 23.49 -20.30
C TYR D 100 -24.80 24.21 -19.68
N HIS D 101 -23.59 23.95 -20.19
CA HIS D 101 -22.44 24.66 -19.69
C HIS D 101 -22.17 25.73 -20.73
N VAL D 102 -22.08 26.98 -20.29
CA VAL D 102 -21.85 28.07 -21.19
C VAL D 102 -20.63 28.87 -20.76
N CYS D 103 -19.82 29.30 -21.72
CA CYS D 103 -18.66 30.11 -21.38
C CYS D 103 -18.42 31.19 -22.44
N HIS D 104 -18.08 32.38 -21.96
CA HIS D 104 -17.78 33.52 -22.84
C HIS D 104 -16.30 33.85 -22.64
N VAL D 105 -15.55 33.88 -23.73
CA VAL D 105 -14.14 34.23 -23.66
C VAL D 105 -13.91 35.54 -24.40
N TRP D 106 -13.34 36.52 -23.70
CA TRP D 106 -13.08 37.82 -24.29
C TRP D 106 -11.66 38.28 -24.07
N SER D 107 -11.06 38.84 -25.12
CA SER D 107 -9.71 39.36 -25.04
C SER D 107 -9.65 40.75 -25.65
N GLY D 108 -9.40 41.75 -24.80
CA GLY D 108 -9.29 43.10 -25.29
C GLY D 108 -7.95 43.34 -25.96
N VAL D 109 -7.01 42.42 -25.74
CA VAL D 109 -5.69 42.56 -26.35
C VAL D 109 -5.80 42.48 -27.87
N ASP D 110 -6.55 41.51 -28.37
CA ASP D 110 -6.73 41.37 -29.82
C ASP D 110 -8.17 41.61 -30.26
N GLY D 111 -9.06 41.87 -29.31
CA GLY D 111 -10.45 42.13 -29.63
C GLY D 111 -11.23 40.91 -30.08
N ARG D 112 -10.77 39.73 -29.68
CA ARG D 112 -11.46 38.51 -30.08
C ARG D 112 -12.44 37.99 -29.03
N MET D 113 -13.60 37.57 -29.51
CA MET D 113 -14.67 37.02 -28.68
C MET D 113 -14.91 35.59 -29.11
N ALA D 114 -15.11 34.69 -28.14
CA ALA D 114 -15.38 33.29 -28.46
C ALA D 114 -16.35 32.76 -27.41
N VAL D 115 -17.29 31.93 -27.84
CA VAL D 115 -18.25 31.35 -26.91
C VAL D 115 -18.26 29.84 -27.06
N TYR D 116 -18.61 29.16 -25.97
CA TYR D 116 -18.62 27.72 -25.95
C TYR D 116 -19.89 27.17 -25.28
N ALA D 117 -20.42 26.08 -25.84
CA ALA D 117 -21.60 25.43 -25.31
C ALA D 117 -21.19 23.99 -24.98
N ASN D 118 -21.41 23.59 -23.73
CA ASN D 118 -21.06 22.25 -23.26
C ASN D 118 -19.62 21.87 -23.57
N GLY D 119 -18.72 22.85 -23.43
CA GLY D 119 -17.31 22.59 -23.65
C GLY D 119 -16.83 22.60 -25.08
N SER D 120 -17.72 22.88 -26.04
CA SER D 120 -17.32 22.91 -27.44
C SER D 120 -17.45 24.31 -28.02
N PRO D 121 -16.49 24.69 -28.89
CA PRO D 121 -16.47 26.01 -29.52
C PRO D 121 -17.65 26.22 -30.47
N CYS D 122 -18.32 27.36 -30.35
CA CYS D 122 -19.46 27.67 -31.22
C CYS D 122 -18.99 28.59 -32.34
N GLY D 123 -17.89 29.29 -32.11
CA GLY D 123 -17.37 30.20 -33.12
C GLY D 123 -16.74 31.41 -32.46
N THR D 124 -16.20 32.32 -33.28
CA THR D 124 -15.55 33.51 -32.77
C THR D 124 -15.98 34.75 -33.52
N MET D 125 -15.65 35.91 -32.97
CA MET D 125 -15.96 37.17 -33.60
C MET D 125 -14.83 38.16 -33.32
N GLU D 126 -14.47 38.94 -34.35
CA GLU D 126 -13.40 39.91 -34.22
C GLU D 126 -13.92 41.29 -33.85
N ASN D 127 -13.00 42.18 -33.49
CA ASN D 127 -13.30 43.55 -33.15
C ASN D 127 -14.35 43.76 -32.07
N VAL D 128 -14.20 43.05 -30.96
CA VAL D 128 -15.10 43.19 -29.84
C VAL D 128 -14.29 43.77 -28.69
N GLY D 129 -14.47 45.06 -28.44
CA GLY D 129 -13.75 45.72 -27.37
C GLY D 129 -12.24 45.68 -27.60
N LYS D 130 -11.84 45.75 -28.86
CA LYS D 130 -10.42 45.71 -29.18
C LYS D 130 -9.70 46.92 -28.61
N GLY D 131 -8.63 46.66 -27.86
CA GLY D 131 -7.86 47.73 -27.26
C GLY D 131 -8.52 48.25 -25.99
N HIS D 132 -9.67 47.71 -25.63
CA HIS D 132 -10.34 48.17 -24.43
C HIS D 132 -9.89 47.42 -23.18
N GLN D 133 -9.74 48.18 -22.09
CA GLN D 133 -9.36 47.63 -20.81
C GLN D 133 -10.45 48.03 -19.82
N ILE D 134 -11.08 47.05 -19.21
CA ILE D 134 -12.12 47.33 -18.24
C ILE D 134 -11.48 48.01 -17.03
N SER D 135 -11.90 49.23 -16.75
CA SER D 135 -11.33 49.97 -15.62
C SER D 135 -11.62 49.27 -14.29
N ALA D 136 -10.71 49.46 -13.34
CA ALA D 136 -10.81 48.85 -12.02
C ALA D 136 -12.05 49.28 -11.26
N GLY D 137 -12.55 48.40 -10.40
CA GLY D 137 -13.71 48.73 -9.58
C GLY D 137 -15.05 48.32 -10.14
N GLY D 138 -15.08 47.38 -11.08
CA GLY D 138 -16.33 46.95 -11.65
C GLY D 138 -17.18 46.13 -10.69
N THR D 139 -18.47 46.47 -10.61
CA THR D 139 -19.40 45.75 -9.75
C THR D 139 -20.12 44.71 -10.58
N VAL D 140 -20.16 43.49 -10.08
CA VAL D 140 -20.80 42.40 -10.79
C VAL D 140 -22.16 41.99 -10.24
N VAL D 141 -23.15 41.96 -11.13
CA VAL D 141 -24.50 41.55 -10.77
C VAL D 141 -24.88 40.36 -11.65
N ILE D 142 -25.55 39.38 -11.07
CA ILE D 142 -25.97 38.19 -11.81
C ILE D 142 -27.50 38.16 -11.91
N GLY D 143 -28.02 37.90 -13.12
CA GLY D 143 -29.46 37.80 -13.29
C GLY D 143 -30.21 39.05 -13.70
N GLN D 144 -29.54 40.19 -13.63
CA GLN D 144 -30.15 41.47 -14.00
C GLN D 144 -29.11 42.31 -14.75
N GLU D 145 -29.58 43.28 -15.52
CA GLU D 145 -28.69 44.16 -16.28
C GLU D 145 -28.64 45.50 -15.53
N GLN D 146 -27.44 45.94 -15.15
CA GLN D 146 -27.28 47.21 -14.42
C GLN D 146 -27.30 48.46 -15.32
N ASP D 147 -28.02 49.48 -14.89
CA ASP D 147 -28.04 50.75 -15.61
C ASP D 147 -27.42 51.76 -14.64
N LYS D 148 -27.11 51.24 -13.47
CA LYS D 148 -26.50 51.99 -12.37
C LYS D 148 -25.79 50.93 -11.51
N ILE D 149 -24.77 51.31 -10.76
CA ILE D 149 -24.06 50.35 -9.93
C ILE D 149 -25.01 49.61 -9.00
N GLY D 150 -25.14 48.30 -9.20
CA GLY D 150 -26.03 47.50 -8.36
C GLY D 150 -27.52 47.76 -8.49
N GLY D 151 -27.93 48.45 -9.55
CA GLY D 151 -29.35 48.73 -9.71
C GLY D 151 -29.80 49.17 -11.09
N GLY D 152 -30.94 49.85 -11.14
CA GLY D 152 -31.49 50.32 -12.40
C GLY D 152 -31.88 49.14 -13.28
N PHE D 153 -32.37 48.07 -12.65
CA PHE D 153 -32.76 46.86 -13.37
C PHE D 153 -34.03 47.03 -14.20
N GLU D 154 -34.14 46.25 -15.26
CA GLU D 154 -35.29 46.28 -16.17
C GLU D 154 -35.77 44.85 -16.38
N GLU D 155 -37.06 44.62 -16.14
CA GLU D 155 -37.63 43.29 -16.28
C GLU D 155 -37.43 42.61 -17.63
N GLN D 156 -37.45 43.39 -18.70
CA GLN D 156 -37.27 42.86 -20.05
C GLN D 156 -35.83 42.39 -20.33
N GLU D 157 -34.90 42.72 -19.43
CA GLU D 157 -33.51 42.32 -19.61
C GLU D 157 -33.04 41.32 -18.57
N SER D 158 -33.95 40.89 -17.70
CA SER D 158 -33.63 39.93 -16.65
C SER D 158 -33.48 38.52 -17.20
N TRP D 159 -32.80 37.66 -16.44
CA TRP D 159 -32.62 36.28 -16.86
C TRP D 159 -33.15 35.38 -15.75
N SER D 160 -34.09 34.51 -16.10
CA SER D 160 -34.65 33.58 -15.13
C SER D 160 -34.20 32.17 -15.44
N GLY D 161 -33.94 31.40 -14.38
CA GLY D 161 -33.49 30.03 -14.56
C GLY D 161 -32.62 29.66 -13.38
N GLU D 162 -31.85 28.59 -13.51
CA GLU D 162 -30.97 28.17 -12.44
C GLU D 162 -29.53 28.32 -12.88
N LEU D 163 -28.65 28.72 -11.95
CA LEU D 163 -27.25 28.92 -12.26
C LEU D 163 -26.36 28.29 -11.20
N SER D 164 -25.22 27.76 -11.65
CA SER D 164 -24.29 27.10 -10.74
C SER D 164 -22.87 27.08 -11.31
N ASP D 165 -21.89 26.86 -10.43
CA ASP D 165 -20.48 26.74 -10.85
C ASP D 165 -19.97 27.94 -11.66
N LEU D 166 -20.22 29.16 -11.20
CA LEU D 166 -19.75 30.35 -11.89
C LEU D 166 -18.25 30.52 -11.63
N GLN D 167 -17.46 30.51 -12.70
CA GLN D 167 -16.00 30.66 -12.57
C GLN D 167 -15.53 31.73 -13.55
N VAL D 168 -14.80 32.72 -13.02
CA VAL D 168 -14.29 33.83 -13.83
C VAL D 168 -12.77 34.00 -13.69
N TRP D 169 -12.10 34.12 -14.83
CA TRP D 169 -10.64 34.31 -14.89
C TRP D 169 -10.37 35.61 -15.64
N ASP D 170 -9.25 36.27 -15.32
CA ASP D 170 -8.91 37.51 -16.00
C ASP D 170 -7.95 37.21 -17.15
N GLU D 171 -8.18 36.08 -17.79
CA GLU D 171 -7.37 35.63 -18.92
C GLU D 171 -8.34 35.11 -19.98
N ALA D 172 -7.86 34.94 -21.21
CA ALA D 172 -8.70 34.43 -22.28
C ALA D 172 -8.35 32.96 -22.49
N LEU D 173 -9.08 32.09 -21.80
CA LEU D 173 -8.87 30.65 -21.88
C LEU D 173 -8.92 30.10 -23.30
N THR D 174 -8.12 29.07 -23.55
CA THR D 174 -8.06 28.44 -24.87
C THR D 174 -9.23 27.49 -25.05
N THR D 175 -9.45 27.06 -26.29
CA THR D 175 -10.52 26.14 -26.61
C THR D 175 -10.37 24.86 -25.79
N HIS D 176 -9.14 24.35 -25.69
CA HIS D 176 -8.90 23.13 -24.93
C HIS D 176 -9.17 23.34 -23.44
N GLN D 177 -8.77 24.48 -22.91
CA GLN D 177 -9.00 24.75 -21.50
C GLN D 177 -10.49 24.84 -21.15
N VAL D 178 -11.28 25.44 -22.02
CA VAL D 178 -12.72 25.54 -21.77
C VAL D 178 -13.34 24.14 -21.69
N SER D 179 -12.87 23.20 -22.51
CA SER D 179 -13.41 21.85 -22.47
C SER D 179 -13.08 21.18 -21.13
N THR D 180 -11.94 21.53 -20.54
CA THR D 180 -11.60 20.92 -19.25
C THR D 180 -12.43 21.57 -18.13
N VAL D 181 -12.92 22.80 -18.38
CA VAL D 181 -13.75 23.48 -17.40
C VAL D 181 -15.17 22.88 -17.40
N ALA D 182 -15.70 22.64 -18.60
CA ALA D 182 -17.06 22.12 -18.75
C ALA D 182 -17.28 20.69 -18.25
N SER D 183 -16.28 19.82 -18.43
CA SER D 183 -16.39 18.42 -18.02
C SER D 183 -16.93 18.25 -16.61
N CYS D 184 -18.05 17.54 -16.51
CA CYS D 184 -18.67 17.29 -15.22
C CYS D 184 -17.77 16.51 -14.26
N ASN D 185 -17.08 15.51 -14.79
CA ASN D 185 -16.20 14.68 -13.96
C ASN D 185 -14.74 15.07 -14.11
N GLY D 186 -14.51 16.27 -14.62
CA GLY D 186 -13.15 16.73 -14.80
C GLY D 186 -12.60 17.31 -13.51
N ILE D 187 -11.59 18.17 -13.62
CA ILE D 187 -10.98 18.77 -12.44
C ILE D 187 -11.84 19.89 -11.84
N ARG D 188 -12.85 20.34 -12.58
CA ARG D 188 -13.74 21.40 -12.10
C ARG D 188 -12.93 22.58 -11.53
N PRO D 189 -12.23 23.31 -12.42
CA PRO D 189 -11.40 24.46 -12.07
C PRO D 189 -12.15 25.61 -11.40
N ARG D 190 -11.40 26.45 -10.69
CA ARG D 190 -11.97 27.59 -10.00
C ARG D 190 -11.32 28.87 -10.56
N GLY D 191 -12.16 29.84 -10.95
CA GLY D 191 -11.64 31.07 -11.50
C GLY D 191 -10.81 31.85 -10.49
N ASN D 192 -9.85 32.64 -10.97
CA ASN D 192 -9.00 33.43 -10.08
C ASN D 192 -9.63 34.78 -9.74
N VAL D 193 -10.60 35.22 -10.54
CA VAL D 193 -11.27 36.49 -10.28
C VAL D 193 -12.49 36.20 -9.42
N ILE D 194 -13.31 35.25 -9.87
CA ILE D 194 -14.48 34.85 -9.10
C ILE D 194 -14.52 33.33 -9.08
N SER D 195 -14.59 32.76 -7.89
CA SER D 195 -14.68 31.32 -7.71
C SER D 195 -16.03 31.08 -7.02
N TRP D 196 -16.90 30.31 -7.66
CA TRP D 196 -18.23 30.03 -7.11
C TRP D 196 -18.24 29.66 -5.63
N MET D 197 -19.02 30.41 -4.86
CA MET D 197 -19.16 30.19 -3.43
C MET D 197 -17.91 30.48 -2.60
N GLU D 198 -16.88 31.05 -3.23
CA GLU D 198 -15.68 31.39 -2.47
C GLU D 198 -15.52 32.92 -2.48
N ASP D 199 -16.35 33.60 -3.24
CA ASP D 199 -16.35 35.06 -3.31
C ASP D 199 -17.76 35.48 -2.91
N SER D 200 -17.85 36.20 -1.80
CA SER D 200 -19.14 36.60 -1.26
C SER D 200 -20.01 37.46 -2.18
N PHE D 201 -21.31 37.23 -2.07
CA PHE D 201 -22.28 37.97 -2.87
C PHE D 201 -23.57 38.15 -2.10
N VAL D 202 -24.25 39.26 -2.38
CA VAL D 202 -25.53 39.57 -1.76
C VAL D 202 -26.61 38.84 -2.56
N ALA D 203 -27.55 38.22 -1.86
CA ALA D 203 -28.65 37.52 -2.51
C ALA D 203 -29.88 38.36 -2.19
N ASP D 204 -30.68 38.69 -3.20
CA ASP D 204 -31.85 39.53 -2.94
C ASP D 204 -33.05 39.21 -3.83
N ASP D 205 -34.20 39.70 -3.37
CA ASP D 205 -35.47 39.53 -4.05
C ASP D 205 -35.91 38.11 -4.38
N GLY D 206 -35.79 37.25 -3.38
CA GLY D 206 -36.25 35.87 -3.53
C GLY D 206 -35.50 34.85 -4.35
N VAL D 207 -34.17 34.92 -4.43
CA VAL D 207 -33.46 33.89 -5.18
C VAL D 207 -33.52 32.66 -4.28
N ILE D 208 -33.47 31.48 -4.89
CA ILE D 208 -33.53 30.24 -4.13
C ILE D 208 -32.20 29.51 -4.14
N VAL D 209 -31.70 29.19 -2.95
CA VAL D 209 -30.42 28.48 -2.80
C VAL D 209 -30.72 26.98 -2.73
N GLY D 210 -30.09 26.22 -3.62
CA GLY D 210 -30.29 24.79 -3.65
C GLY D 210 -29.08 24.06 -4.22
N ILE D 211 -29.31 22.86 -4.73
CA ILE D 211 -28.24 22.04 -5.29
C ILE D 211 -28.48 21.71 -6.74
N SER D 212 -27.42 21.80 -7.54
CA SER D 212 -27.52 21.48 -8.94
C SER D 212 -27.21 20.01 -9.16
N HIS D 213 -28.03 19.34 -9.97
CA HIS D 213 -27.80 17.94 -10.28
C HIS D 213 -27.42 17.72 -11.73
N MET D 214 -26.78 18.73 -12.33
CA MET D 214 -26.33 18.61 -13.72
C MET D 214 -25.22 17.58 -13.80
N CYS D 215 -24.31 17.63 -12.83
CA CYS D 215 -23.16 16.74 -12.81
C CYS D 215 -23.28 15.53 -11.86
N SER D 216 -23.68 15.78 -10.61
CA SER D 216 -23.84 14.71 -9.63
C SER D 216 -25.30 14.58 -9.21
N LEU D 217 -25.81 13.36 -9.26
CA LEU D 217 -27.18 13.07 -8.88
C LEU D 217 -27.32 12.93 -7.37
N ALA E 1 9.07 21.95 -5.24
CA ALA E 1 10.19 22.25 -4.29
C ALA E 1 9.85 23.47 -3.44
N VAL E 2 10.04 24.67 -4.01
CA VAL E 2 9.77 25.90 -3.27
C VAL E 2 8.30 26.27 -3.36
N ASP E 3 7.66 26.48 -2.22
CA ASP E 3 6.25 26.84 -2.19
C ASP E 3 6.07 28.34 -2.38
N ILE E 4 5.00 28.71 -3.07
CA ILE E 4 4.68 30.09 -3.35
C ILE E 4 4.49 30.94 -2.09
N ARG E 5 4.14 30.30 -0.98
CA ARG E 5 3.94 31.00 0.28
C ARG E 5 5.26 31.50 0.87
N ASP E 6 6.37 30.98 0.37
CA ASP E 6 7.67 31.39 0.88
C ASP E 6 8.35 32.47 0.02
N VAL E 7 7.65 32.96 -1.00
CA VAL E 7 8.20 34.04 -1.82
C VAL E 7 8.27 35.26 -0.90
N LYS E 8 9.31 36.06 -1.02
CA LYS E 8 9.41 37.24 -0.17
C LYS E 8 9.68 38.49 -1.00
N ILE E 9 9.36 39.64 -0.41
CA ILE E 9 9.60 40.92 -1.06
C ILE E 9 10.48 41.73 -0.10
N SER E 10 11.55 42.30 -0.63
CA SER E 10 12.45 43.13 0.18
C SER E 10 12.17 44.60 -0.14
N PHE E 11 11.98 45.38 0.92
CA PHE E 11 11.74 46.81 0.80
C PHE E 11 13.08 47.39 1.30
N PRO E 12 14.01 47.64 0.37
CA PRO E 12 15.37 48.17 0.52
C PRO E 12 15.60 49.34 1.48
N GLY E 13 14.81 50.39 1.31
CA GLY E 13 14.96 51.57 2.13
C GLY E 13 14.31 52.69 1.34
N THR E 14 13.73 53.65 2.04
CA THR E 14 13.05 54.73 1.36
C THR E 14 13.75 56.07 1.43
N GLN E 15 13.74 56.78 0.31
CA GLN E 15 14.32 58.11 0.21
C GLN E 15 13.70 58.84 -0.98
N ASN E 16 12.86 59.82 -0.67
CA ASN E 16 12.19 60.62 -1.69
C ASN E 16 13.17 60.87 -2.84
N PRO E 17 12.73 60.70 -4.09
CA PRO E 17 11.39 60.32 -4.55
C PRO E 17 11.16 58.81 -4.69
N LYS E 18 12.05 58.00 -4.12
CA LYS E 18 11.90 56.55 -4.22
C LYS E 18 11.18 55.96 -3.01
N PHE E 19 10.03 55.33 -3.28
CA PHE E 19 9.23 54.71 -2.22
C PHE E 19 8.89 53.26 -2.57
N PRO E 20 9.79 52.32 -2.24
CA PRO E 20 9.48 50.92 -2.56
C PRO E 20 8.16 50.48 -1.92
N HIS E 21 7.29 49.88 -2.72
CA HIS E 21 6.00 49.45 -2.21
C HIS E 21 5.27 48.48 -3.13
N LEU E 22 4.18 47.93 -2.61
CA LEU E 22 3.31 47.04 -3.35
C LEU E 22 1.93 47.65 -3.26
N ARG E 23 1.13 47.49 -4.31
CA ARG E 23 -0.24 47.99 -4.30
C ARG E 23 -1.10 46.89 -4.91
N PHE E 24 -2.04 46.37 -4.15
CA PHE E 24 -2.90 45.32 -4.67
C PHE E 24 -3.85 45.85 -5.74
N MET E 25 -3.94 45.11 -6.84
CA MET E 25 -4.78 45.48 -7.98
C MET E 25 -6.26 45.54 -7.68
N GLN E 26 -6.75 44.64 -6.82
CA GLN E 26 -8.16 44.59 -6.49
C GLN E 26 -8.44 45.25 -5.15
N THR E 27 -9.45 46.13 -5.11
CA THR E 27 -9.81 46.80 -3.87
C THR E 27 -10.55 45.79 -2.99
N LEU E 28 -10.55 46.03 -1.69
CA LEU E 28 -11.20 45.14 -0.75
C LEU E 28 -12.70 45.36 -0.70
N PRO E 29 -13.44 44.36 -0.21
CA PRO E 29 -14.90 44.47 -0.10
C PRO E 29 -15.11 45.19 1.23
N ALA E 30 -16.36 45.52 1.57
CA ALA E 30 -16.63 46.15 2.85
C ALA E 30 -16.39 45.05 3.89
N VAL E 31 -15.81 45.41 5.03
CA VAL E 31 -15.57 44.44 6.09
C VAL E 31 -15.85 45.04 7.45
N ARG E 32 -16.28 44.20 8.39
CA ARG E 32 -16.50 44.69 9.73
C ARG E 32 -15.47 44.08 10.67
N GLN E 33 -14.63 43.21 10.11
CA GLN E 33 -13.55 42.55 10.85
C GLN E 33 -12.38 42.30 9.91
N LEU E 34 -11.17 42.26 10.45
CA LEU E 34 -10.01 42.01 9.61
C LEU E 34 -8.86 41.43 10.39
N THR E 35 -8.21 40.41 9.82
CA THR E 35 -7.06 39.81 10.45
C THR E 35 -5.95 39.83 9.41
N VAL E 36 -4.84 40.48 9.71
CA VAL E 36 -3.71 40.56 8.81
C VAL E 36 -2.52 39.87 9.44
N CYS E 37 -2.07 38.80 8.80
CA CYS E 37 -0.94 38.02 9.29
C CYS E 37 0.16 38.00 8.22
N GLN E 38 1.43 38.00 8.65
CA GLN E 38 2.54 37.93 7.71
C GLN E 38 3.87 37.70 8.41
N ARG E 39 4.87 37.29 7.66
CA ARG E 39 6.21 37.07 8.20
C ARG E 39 7.04 38.29 7.83
N ILE E 40 7.72 38.87 8.82
CA ILE E 40 8.53 40.05 8.56
C ILE E 40 9.92 40.00 9.17
N LYS E 41 10.85 40.63 8.49
CA LYS E 41 12.24 40.76 8.93
C LYS E 41 12.48 42.28 8.89
N PRO E 42 12.37 42.95 10.04
CA PRO E 42 12.57 44.41 10.08
C PRO E 42 14.02 44.86 9.95
N PHE E 43 14.23 45.98 9.25
CA PHE E 43 15.57 46.55 9.08
C PHE E 43 15.83 47.73 10.02
N HIS E 44 14.79 48.28 10.64
CA HIS E 44 14.98 49.41 11.56
C HIS E 44 14.03 49.42 12.76
N ARG E 45 14.48 50.04 13.84
CA ARG E 45 13.70 50.14 15.06
C ARG E 45 12.59 51.18 15.04
N ASN E 46 12.79 52.26 14.30
CA ASN E 46 11.76 53.31 14.27
C ASN E 46 10.48 52.87 13.59
N THR E 47 9.40 53.54 13.95
CA THR E 47 8.08 53.24 13.43
C THR E 47 7.98 53.18 11.91
N GLY E 48 7.27 52.17 11.43
CA GLY E 48 7.07 51.99 10.01
C GLY E 48 5.70 51.37 9.81
N TYR E 49 5.00 51.78 8.74
CA TYR E 49 3.68 51.22 8.47
C TYR E 49 3.79 50.10 7.45
N ILE E 50 3.25 48.94 7.80
CA ILE E 50 3.31 47.77 6.94
C ILE E 50 2.13 47.62 5.99
N PHE E 51 0.94 47.51 6.57
CA PHE E 51 -0.29 47.35 5.80
C PHE E 51 -1.13 48.62 5.88
N SER E 52 -1.38 49.23 4.74
CA SER E 52 -2.14 50.47 4.66
C SER E 52 -3.35 50.33 3.73
N CYS E 53 -4.54 50.62 4.27
CA CYS E 53 -5.77 50.55 3.49
C CYS E 53 -6.45 51.91 3.44
N ALA E 54 -6.76 52.37 2.23
CA ALA E 54 -7.38 53.68 2.07
C ALA E 54 -8.54 53.71 1.07
N THR E 55 -9.54 54.52 1.39
CA THR E 55 -10.70 54.71 0.52
C THR E 55 -10.67 56.18 0.10
N SER E 56 -11.50 56.54 -0.88
CA SER E 56 -11.53 57.92 -1.38
C SER E 56 -11.73 58.98 -0.29
N ASN E 57 -12.62 58.69 0.66
CA ASN E 57 -12.87 59.66 1.73
C ASN E 57 -12.10 59.42 3.03
N GLN E 58 -11.30 58.36 3.07
CA GLN E 58 -10.53 58.06 4.29
C GLN E 58 -9.23 57.33 3.95
N ASP E 59 -8.13 58.07 3.92
CA ASP E 59 -6.84 57.47 3.61
C ASP E 59 -6.31 56.57 4.73
N ASN E 60 -6.91 56.69 5.91
CA ASN E 60 -6.48 55.90 7.07
C ASN E 60 -7.56 54.94 7.57
N GLN E 61 -8.10 54.11 6.68
CA GLN E 61 -9.13 53.15 7.06
C GLN E 61 -8.61 52.08 8.02
N PHE E 62 -7.45 51.53 7.70
CA PHE E 62 -6.86 50.47 8.52
C PHE E 62 -5.36 50.50 8.25
N ILE E 63 -4.56 50.67 9.29
CA ILE E 63 -3.12 50.74 9.12
C ILE E 63 -2.37 50.02 10.24
N THR E 64 -1.50 49.08 9.87
CA THR E 64 -0.72 48.36 10.85
C THR E 64 0.67 48.97 10.87
N SER E 65 1.35 48.86 12.02
CA SER E 65 2.68 49.42 12.16
C SER E 65 3.42 48.72 13.28
N MET E 66 4.70 49.03 13.41
CA MET E 66 5.52 48.45 14.46
C MET E 66 6.71 49.35 14.71
N TYR E 67 7.36 49.11 15.84
CA TYR E 67 8.58 49.81 16.19
C TYR E 67 9.16 49.03 17.34
N VAL E 68 10.46 49.18 17.55
CA VAL E 68 11.15 48.48 18.62
C VAL E 68 11.51 49.48 19.70
N LYS E 69 11.13 49.18 20.93
CA LYS E 69 11.44 50.06 22.05
C LYS E 69 12.94 50.02 22.36
N SER E 70 13.40 50.97 23.18
CA SER E 70 14.81 51.05 23.55
C SER E 70 15.37 49.75 24.11
N ASP E 71 14.56 49.02 24.86
CA ASP E 71 15.00 47.75 25.45
C ASP E 71 14.90 46.57 24.49
N GLY E 72 14.56 46.85 23.23
CA GLY E 72 14.46 45.79 22.24
C GLY E 72 13.08 45.14 22.15
N THR E 73 12.13 45.63 22.94
CA THR E 73 10.77 45.08 22.95
C THR E 73 9.97 45.48 21.72
N LEU E 74 9.23 44.52 21.18
CA LEU E 74 8.40 44.75 20.00
C LEU E 74 7.09 45.43 20.36
N ASN E 75 6.74 46.46 19.61
CA ASN E 75 5.47 47.16 19.82
C ASN E 75 4.70 47.11 18.52
N LEU E 76 3.48 46.60 18.58
CA LEU E 76 2.63 46.50 17.39
C LEU E 76 1.50 47.49 17.48
N GLY E 77 1.33 48.28 16.42
CA GLY E 77 0.26 49.27 16.42
C GLY E 77 -0.80 49.08 15.36
N LEU E 78 -1.98 49.64 15.65
CA LEU E 78 -3.09 49.57 14.72
C LEU E 78 -3.85 50.89 14.75
N GLN E 79 -4.29 51.33 13.59
CA GLN E 79 -5.09 52.54 13.47
C GLN E 79 -6.29 52.19 12.59
N VAL E 80 -7.48 52.52 13.06
CA VAL E 80 -8.70 52.25 12.31
C VAL E 80 -9.52 53.53 12.18
N ASN E 81 -9.97 53.82 10.97
CA ASN E 81 -10.79 55.00 10.68
C ASN E 81 -10.18 56.28 11.25
N ALA E 82 -8.91 56.53 10.95
CA ALA E 82 -8.21 57.72 11.39
C ALA E 82 -8.12 57.91 12.90
N SER E 83 -8.22 56.82 13.66
CA SER E 83 -8.11 56.93 15.11
C SER E 83 -6.63 57.16 15.40
N SER E 84 -6.27 57.32 16.66
CA SER E 84 -4.87 57.48 17.00
C SER E 84 -4.29 56.06 16.93
N ASN E 85 -2.97 55.96 16.87
CA ASN E 85 -2.35 54.64 16.81
C ASN E 85 -2.44 53.96 18.16
N LYS E 86 -2.94 52.73 18.17
CA LYS E 86 -3.06 51.98 19.41
C LYS E 86 -1.93 50.96 19.41
N TYR E 87 -1.12 50.98 20.47
CA TYR E 87 0.00 50.07 20.58
C TYR E 87 -0.12 49.03 21.68
N ILE E 88 0.34 47.82 21.38
CA ILE E 88 0.36 46.73 22.34
C ILE E 88 1.76 46.15 22.29
N SER E 89 2.40 46.08 23.45
CA SER E 89 3.75 45.57 23.55
C SER E 89 3.79 44.05 23.56
N CYS E 90 4.81 43.47 22.93
CA CYS E 90 4.97 42.03 22.89
C CYS E 90 6.20 41.63 23.68
N PRO E 91 6.07 40.59 24.52
CA PRO E 91 7.17 40.11 25.36
C PRO E 91 8.23 39.34 24.55
N ILE E 92 8.82 40.00 23.57
CA ILE E 92 9.85 39.38 22.76
C ILE E 92 10.87 40.42 22.32
N GLU E 93 12.15 40.09 22.45
CA GLU E 93 13.21 41.00 22.05
C GLU E 93 13.43 40.87 20.56
N ILE E 94 13.39 42.00 19.86
CA ILE E 94 13.57 42.02 18.42
C ILE E 94 15.01 42.25 18.00
N GLU E 95 15.50 41.38 17.12
CA GLU E 95 16.84 41.50 16.58
C GLU E 95 16.63 41.88 15.10
N LEU E 96 16.97 43.11 14.74
CA LEU E 96 16.81 43.54 13.35
C LEU E 96 17.52 42.55 12.44
N GLY E 97 16.86 42.18 11.34
CA GLY E 97 17.44 41.22 10.43
C GLY E 97 16.98 39.79 10.66
N GLN E 98 16.20 39.57 11.73
CA GLN E 98 15.67 38.25 12.04
C GLN E 98 14.18 38.17 11.68
N TRP E 99 13.69 36.97 11.38
CA TRP E 99 12.28 36.77 11.03
C TRP E 99 11.36 36.62 12.24
N TYR E 100 10.15 37.15 12.12
CA TYR E 100 9.14 37.03 13.16
C TYR E 100 7.78 36.93 12.46
N HIS E 101 6.85 36.23 13.07
CA HIS E 101 5.52 36.16 12.51
C HIS E 101 4.69 37.14 13.30
N VAL E 102 4.02 38.04 12.60
CA VAL E 102 3.20 39.05 13.25
C VAL E 102 1.80 39.01 12.69
N CYS E 103 0.82 39.22 13.57
CA CYS E 103 -0.56 39.23 13.16
C CYS E 103 -1.37 40.26 13.94
N HIS E 104 -2.24 40.98 13.23
CA HIS E 104 -3.12 41.97 13.83
C HIS E 104 -4.55 41.47 13.67
N VAL E 105 -5.28 41.38 14.76
CA VAL E 105 -6.67 40.94 14.71
C VAL E 105 -7.57 42.12 15.13
N TRP E 106 -8.49 42.49 14.26
CA TRP E 106 -9.40 43.59 14.54
C TRP E 106 -10.85 43.22 14.32
N SER E 107 -11.71 43.61 15.26
CA SER E 107 -13.13 43.36 15.14
C SER E 107 -13.90 44.65 15.41
N GLY E 108 -14.57 45.16 14.38
CA GLY E 108 -15.35 46.36 14.55
C GLY E 108 -16.67 46.06 15.23
N VAL E 109 -17.03 44.77 15.28
CA VAL E 109 -18.27 44.36 15.92
C VAL E 109 -18.25 44.70 17.41
N ASP E 110 -17.14 44.38 18.07
CA ASP E 110 -17.01 44.67 19.50
C ASP E 110 -15.91 45.69 19.79
N GLY E 111 -15.19 46.12 18.75
CA GLY E 111 -14.13 47.11 18.93
C GLY E 111 -12.89 46.57 19.62
N ARG E 112 -12.67 45.27 19.49
CA ARG E 112 -11.52 44.61 20.12
C ARG E 112 -10.34 44.45 19.17
N MET E 113 -9.16 44.79 19.66
CA MET E 113 -7.92 44.69 18.90
C MET E 113 -7.02 43.71 19.63
N ALA E 114 -6.34 42.84 18.89
CA ALA E 114 -5.43 41.87 19.49
C ALA E 114 -4.26 41.65 18.54
N VAL E 115 -3.06 41.53 19.08
CA VAL E 115 -1.88 41.32 18.25
C VAL E 115 -1.14 40.09 18.74
N TYR E 116 -0.43 39.44 17.81
CA TYR E 116 0.32 38.23 18.10
C TYR E 116 1.72 38.25 17.52
N ALA E 117 2.67 37.71 18.27
CA ALA E 117 4.06 37.64 17.81
C ALA E 117 4.45 36.16 17.85
N ASN E 118 4.91 35.64 16.72
CA ASN E 118 5.29 34.24 16.61
C ASN E 118 4.20 33.29 17.07
N GLY E 119 2.96 33.63 16.76
CA GLY E 119 1.85 32.77 17.12
C GLY E 119 1.34 32.87 18.54
N SER E 120 1.91 33.74 19.35
CA SER E 120 1.46 33.90 20.73
C SER E 120 0.84 35.25 20.98
N PRO E 121 -0.23 35.30 21.78
CA PRO E 121 -0.94 36.54 22.11
C PRO E 121 -0.08 37.52 22.91
N CYS E 122 -0.08 38.78 22.49
CA CYS E 122 0.71 39.80 23.20
C CYS E 122 -0.21 40.59 24.12
N GLY E 123 -1.50 40.58 23.80
CA GLY E 123 -2.47 41.31 24.60
C GLY E 123 -3.58 41.86 23.72
N THR E 124 -4.54 42.54 24.35
CA THR E 124 -5.67 43.11 23.63
C THR E 124 -5.95 44.54 24.06
N MET E 125 -6.78 45.22 23.28
CA MET E 125 -7.16 46.58 23.57
C MET E 125 -8.60 46.79 23.15
N GLU E 126 -9.36 47.48 23.99
CA GLU E 126 -10.77 47.74 23.71
C GLU E 126 -10.98 49.08 23.01
N ASN E 127 -12.19 49.29 22.53
CA ASN E 127 -12.58 50.52 21.87
C ASN E 127 -11.70 50.97 20.70
N VAL E 128 -11.42 50.04 19.79
CA VAL E 128 -10.63 50.37 18.61
C VAL E 128 -11.56 50.17 17.42
N GLY E 129 -12.02 51.28 16.85
CA GLY E 129 -12.92 51.22 15.71
C GLY E 129 -14.21 50.51 16.03
N LYS E 130 -14.67 50.64 17.27
CA LYS E 130 -15.90 49.98 17.66
C LYS E 130 -17.09 50.51 16.88
N GLY E 131 -17.84 49.60 16.29
CA GLY E 131 -19.00 49.98 15.50
C GLY E 131 -18.62 50.45 14.12
N HIS E 132 -17.33 50.49 13.82
CA HIS E 132 -16.88 50.92 12.51
C HIS E 132 -16.85 49.80 11.49
N GLN E 133 -17.26 50.13 10.27
CA GLN E 133 -17.26 49.19 9.18
C GLN E 133 -16.45 49.84 8.06
N ILE E 134 -15.38 49.19 7.64
CA ILE E 134 -14.56 49.75 6.57
C ILE E 134 -15.38 49.71 5.29
N SER E 135 -15.60 50.88 4.70
CA SER E 135 -16.39 50.96 3.47
C SER E 135 -15.72 50.21 2.33
N ALA E 136 -16.54 49.70 1.42
CA ALA E 136 -16.04 48.94 0.27
C ALA E 136 -15.15 49.75 -0.64
N GLY E 137 -14.23 49.06 -1.32
CA GLY E 137 -13.35 49.74 -2.25
C GLY E 137 -12.01 50.19 -1.70
N GLY E 138 -11.59 49.63 -0.57
CA GLY E 138 -10.32 50.01 0.01
C GLY E 138 -9.12 49.54 -0.79
N THR E 139 -8.17 50.43 -1.02
CA THR E 139 -6.95 50.10 -1.76
C THR E 139 -5.85 49.78 -0.75
N VAL E 140 -5.19 48.64 -0.96
CA VAL E 140 -4.14 48.20 -0.04
C VAL E 140 -2.73 48.43 -0.58
N VAL E 141 -1.90 49.09 0.24
CA VAL E 141 -0.50 49.35 -0.12
C VAL E 141 0.35 48.74 0.99
N ILE E 142 1.46 48.11 0.61
CA ILE E 142 2.37 47.49 1.56
C ILE E 142 3.71 48.22 1.59
N GLY E 143 4.19 48.55 2.79
CA GLY E 143 5.49 49.21 2.91
C GLY E 143 5.49 50.72 2.99
N GLN E 144 4.34 51.34 2.70
CA GLN E 144 4.23 52.79 2.74
C GLN E 144 2.86 53.15 3.32
N GLU E 145 2.75 54.38 3.84
CA GLU E 145 1.50 54.86 4.42
C GLU E 145 0.83 55.78 3.38
N GLN E 146 -0.40 55.47 2.99
CA GLN E 146 -1.13 56.27 2.02
C GLN E 146 -1.79 57.54 2.60
N ASP E 147 -1.64 58.66 1.90
CA ASP E 147 -2.29 59.91 2.29
C ASP E 147 -3.27 60.22 1.16
N LYS E 148 -3.22 59.37 0.14
CA LYS E 148 -4.10 59.43 -1.02
C LYS E 148 -4.09 58.01 -1.59
N ILE E 149 -5.12 57.65 -2.34
CA ILE E 149 -5.20 56.30 -2.91
C ILE E 149 -3.93 55.95 -3.69
N GLY E 150 -3.17 54.97 -3.20
CA GLY E 150 -1.97 54.54 -3.89
C GLY E 150 -0.81 55.52 -3.91
N GLY E 151 -0.86 56.55 -3.06
CA GLY E 151 0.21 57.52 -3.05
C GLY E 151 0.29 58.43 -1.83
N GLY E 152 0.94 59.56 -2.00
CA GLY E 152 1.11 60.52 -0.92
C GLY E 152 1.97 59.92 0.18
N PHE E 153 2.96 59.12 -0.21
CA PHE E 153 3.86 58.46 0.73
C PHE E 153 4.83 59.43 1.42
N GLU E 154 5.24 59.07 2.64
CA GLU E 154 6.18 59.86 3.43
C GLU E 154 7.29 58.96 3.95
N GLU E 155 8.52 59.34 3.69
CA GLU E 155 9.70 58.58 4.08
C GLU E 155 9.75 58.19 5.55
N GLN E 156 9.32 59.08 6.43
CA GLN E 156 9.36 58.80 7.86
C GLN E 156 8.30 57.80 8.33
N GLU E 157 7.40 57.41 7.44
CA GLU E 157 6.35 56.44 7.80
C GLU E 157 6.51 55.12 7.02
N SER E 158 7.57 55.03 6.21
CA SER E 158 7.80 53.82 5.43
C SER E 158 8.34 52.69 6.29
N TRP E 159 8.24 51.47 5.78
CA TRP E 159 8.74 50.32 6.51
C TRP E 159 9.71 49.57 5.61
N SER E 160 10.94 49.39 6.09
CA SER E 160 11.95 48.67 5.32
C SER E 160 12.24 47.32 5.97
N GLY E 161 12.47 46.32 5.14
CA GLY E 161 12.75 44.98 5.64
C GLY E 161 12.25 43.98 4.62
N GLU E 162 12.11 42.73 5.04
CA GLU E 162 11.63 41.68 4.15
C GLU E 162 10.26 41.19 4.64
N LEU E 163 9.37 40.89 3.69
CA LEU E 163 8.03 40.44 4.03
C LEU E 163 7.63 39.23 3.20
N SER E 164 6.89 38.31 3.82
CA SER E 164 6.47 37.11 3.13
C SER E 164 5.22 36.52 3.77
N ASP E 165 4.53 35.64 3.03
CA ASP E 165 3.36 34.95 3.55
C ASP E 165 2.26 35.87 4.10
N LEU E 166 1.90 36.91 3.35
CA LEU E 166 0.85 37.83 3.79
C LEU E 166 -0.51 37.17 3.58
N GLN E 167 -1.25 37.00 4.66
CA GLN E 167 -2.58 36.39 4.59
C GLN E 167 -3.58 37.29 5.33
N VAL E 168 -4.68 37.62 4.66
CA VAL E 168 -5.72 38.48 5.23
C VAL E 168 -7.11 37.85 5.15
N TRP E 169 -7.83 37.87 6.27
CA TRP E 169 -9.19 37.32 6.37
C TRP E 169 -10.12 38.44 6.80
N ASP E 170 -11.39 38.37 6.41
CA ASP E 170 -12.33 39.41 6.82
C ASP E 170 -13.10 38.92 8.05
N GLU E 171 -12.38 38.23 8.92
CA GLU E 171 -12.93 37.72 10.18
C GLU E 171 -11.89 37.99 11.26
N ALA E 172 -12.30 37.89 12.51
CA ALA E 172 -11.38 38.13 13.62
C ALA E 172 -10.97 36.77 14.18
N LEU E 173 -9.87 36.24 13.66
CA LEU E 173 -9.35 34.94 14.08
C LEU E 173 -9.12 34.84 15.58
N THR E 174 -9.33 33.64 16.11
CA THR E 174 -9.14 33.39 17.54
C THR E 174 -7.66 33.20 17.85
N THR E 175 -7.34 33.23 19.14
CA THR E 175 -5.98 33.05 19.61
C THR E 175 -5.43 31.72 19.09
N HIS E 176 -6.23 30.66 19.19
CA HIS E 176 -5.81 29.35 18.73
C HIS E 176 -5.55 29.32 17.23
N GLN E 177 -6.43 29.96 16.46
CA GLN E 177 -6.27 29.97 15.02
C GLN E 177 -5.00 30.71 14.59
N VAL E 178 -4.66 31.80 15.27
CA VAL E 178 -3.46 32.54 14.92
C VAL E 178 -2.22 31.66 15.11
N SER E 179 -2.22 30.82 16.14
CA SER E 179 -1.08 29.95 16.37
C SER E 179 -0.95 28.92 15.25
N THR E 180 -2.07 28.52 14.65
CA THR E 180 -2.00 27.55 13.55
C THR E 180 -1.53 28.26 12.27
N VAL E 181 -1.72 29.57 12.21
CA VAL E 181 -1.29 30.35 11.05
C VAL E 181 0.23 30.54 11.11
N ALA E 182 0.75 30.91 12.27
CA ALA E 182 2.19 31.16 12.45
C ALA E 182 3.11 29.94 12.29
N SER E 183 2.66 28.78 12.74
CA SER E 183 3.48 27.57 12.67
C SER E 183 4.10 27.37 11.30
N CYS E 184 5.43 27.29 11.27
CA CYS E 184 6.17 27.11 10.02
C CYS E 184 5.86 25.79 9.33
N ASN E 185 5.71 24.73 10.12
CA ASN E 185 5.43 23.41 9.56
C ASN E 185 3.95 23.04 9.70
N GLY E 186 3.11 24.04 9.94
CA GLY E 186 1.69 23.80 10.08
C GLY E 186 1.00 23.72 8.73
N ILE E 187 -0.29 23.98 8.70
CA ILE E 187 -1.06 23.92 7.47
C ILE E 187 -0.80 25.12 6.56
N ARG E 188 -0.22 26.17 7.13
CA ARG E 188 0.07 27.39 6.38
C ARG E 188 -1.18 27.85 5.60
N PRO E 189 -2.21 28.31 6.32
CA PRO E 189 -3.49 28.79 5.79
C PRO E 189 -3.36 29.98 4.84
N ARG E 190 -4.37 30.15 4.00
CA ARG E 190 -4.42 31.24 3.03
C ARG E 190 -5.64 32.12 3.33
N GLY E 191 -5.41 33.43 3.44
CA GLY E 191 -6.51 34.34 3.72
C GLY E 191 -7.55 34.34 2.62
N ASN E 192 -8.80 34.65 2.98
CA ASN E 192 -9.88 34.67 1.98
C ASN E 192 -9.99 36.04 1.32
N VAL E 193 -9.42 37.08 1.93
CA VAL E 193 -9.44 38.42 1.35
C VAL E 193 -8.18 38.58 0.49
N ILE E 194 -7.03 38.32 1.10
CA ILE E 194 -5.77 38.38 0.37
C ILE E 194 -4.97 37.12 0.70
N SER E 195 -4.57 36.39 -0.34
CA SER E 195 -3.77 35.19 -0.19
C SER E 195 -2.45 35.51 -0.89
N TRP E 196 -1.35 35.45 -0.15
CA TRP E 196 -0.02 35.76 -0.69
C TRP E 196 0.27 35.11 -2.05
N MET E 197 0.61 35.95 -3.01
CA MET E 197 0.95 35.52 -4.37
C MET E 197 -0.23 34.95 -5.16
N GLU E 198 -1.44 35.05 -4.63
CA GLU E 198 -2.62 34.57 -5.34
C GLU E 198 -3.51 35.77 -5.70
N ASP E 199 -3.16 36.93 -5.16
CA ASP E 199 -3.87 38.17 -5.42
C ASP E 199 -2.85 39.14 -5.98
N SER E 200 -3.05 39.52 -7.23
CA SER E 200 -2.16 40.42 -7.95
C SER E 200 -1.85 41.75 -7.28
N PHE E 201 -0.61 42.18 -7.41
CA PHE E 201 -0.20 43.45 -6.86
C PHE E 201 0.90 44.08 -7.71
N VAL E 202 0.92 45.40 -7.74
CA VAL E 202 1.92 46.13 -8.50
C VAL E 202 3.16 46.26 -7.61
N ALA E 203 4.33 46.05 -8.20
CA ALA E 203 5.60 46.16 -7.48
C ALA E 203 6.26 47.41 -8.05
N ASP E 204 6.73 48.30 -7.19
CA ASP E 204 7.32 49.53 -7.71
C ASP E 204 8.46 50.08 -6.85
N ASP E 205 9.27 50.93 -7.47
CA ASP E 205 10.40 51.58 -6.82
C ASP E 205 11.47 50.66 -6.22
N GLY E 206 11.87 49.66 -7.00
CA GLY E 206 12.93 48.78 -6.57
C GLY E 206 12.74 47.71 -5.49
N VAL E 207 11.55 47.16 -5.34
CA VAL E 207 11.38 46.10 -4.35
C VAL E 207 12.09 44.89 -4.94
N ILE E 208 12.59 44.01 -4.08
CA ILE E 208 13.30 42.84 -4.56
C ILE E 208 12.51 41.57 -4.29
N VAL E 209 12.31 40.78 -5.36
CA VAL E 209 11.58 39.53 -5.25
C VAL E 209 12.58 38.40 -5.02
N GLY E 210 12.35 37.64 -3.95
CA GLY E 210 13.23 36.54 -3.61
C GLY E 210 12.51 35.45 -2.83
N ILE E 211 13.27 34.68 -2.08
CA ILE E 211 12.72 33.58 -1.28
C ILE E 211 13.01 33.76 0.22
N SER E 212 12.00 33.49 1.03
CA SER E 212 12.15 33.58 2.48
C SER E 212 12.61 32.24 3.04
N HIS E 213 13.60 32.28 3.92
CA HIS E 213 14.08 31.06 4.53
C HIS E 213 13.76 31.01 6.02
N MET E 214 12.66 31.66 6.40
CA MET E 214 12.24 31.66 7.80
C MET E 214 11.80 30.27 8.19
N CYS E 215 11.06 29.63 7.30
CA CYS E 215 10.52 28.30 7.54
C CYS E 215 11.29 27.16 6.89
N SER E 216 11.56 27.27 5.59
CA SER E 216 12.29 26.24 4.87
C SER E 216 13.65 26.76 4.42
N LEU E 217 14.69 25.98 4.69
CA LEU E 217 16.05 26.35 4.30
C LEU E 217 16.33 25.96 2.86
N ALA F 1 -0.74 24.10 -3.33
CA ALA F 1 -1.74 24.36 -4.41
C ALA F 1 -1.07 24.99 -5.62
N VAL F 2 -0.81 26.30 -5.54
CA VAL F 2 -0.18 27.01 -6.64
C VAL F 2 1.35 26.87 -6.60
N ASP F 3 1.91 26.42 -7.72
CA ASP F 3 3.36 26.23 -7.80
C ASP F 3 4.06 27.55 -8.15
N ILE F 4 5.23 27.75 -7.57
CA ILE F 4 6.00 28.96 -7.78
C ILE F 4 6.39 29.17 -9.26
N ARG F 5 6.43 28.09 -10.03
CA ARG F 5 6.78 28.16 -11.44
C ARG F 5 5.67 28.83 -12.26
N ASP F 6 4.48 28.94 -11.68
CA ASP F 6 3.37 29.57 -12.38
C ASP F 6 3.15 31.04 -12.03
N VAL F 7 4.05 31.61 -11.22
CA VAL F 7 3.94 33.02 -10.88
C VAL F 7 4.25 33.76 -12.18
N LYS F 8 3.55 34.85 -12.43
CA LYS F 8 3.78 35.60 -13.66
C LYS F 8 4.02 37.08 -13.37
N ILE F 9 4.65 37.74 -14.32
CA ILE F 9 4.91 39.17 -14.21
C ILE F 9 4.30 39.83 -15.45
N SER F 10 3.53 40.88 -15.23
CA SER F 10 2.91 41.60 -16.32
C SER F 10 3.70 42.89 -16.56
N PHE F 11 4.09 43.12 -17.81
CA PHE F 11 4.79 44.34 -18.19
C PHE F 11 3.71 45.10 -18.97
N PRO F 12 2.96 45.98 -18.25
CA PRO F 12 1.85 46.83 -18.68
C PRO F 12 1.98 47.58 -20.01
N GLY F 13 3.09 48.28 -20.17
CA GLY F 13 3.30 49.07 -21.39
C GLY F 13 4.34 50.11 -21.03
N THR F 14 5.17 50.47 -21.99
CA THR F 14 6.22 51.43 -21.71
C THR F 14 6.00 52.81 -22.31
N GLN F 15 6.36 53.83 -21.54
CA GLN F 15 6.27 55.21 -21.97
C GLN F 15 7.16 56.06 -21.07
N ASN F 16 8.26 56.53 -21.66
CA ASN F 16 9.23 57.38 -20.98
C ASN F 16 8.46 58.34 -20.07
N PRO F 17 8.91 58.49 -18.80
CA PRO F 17 10.07 57.86 -18.16
C PRO F 17 9.77 56.53 -17.45
N LYS F 18 8.63 55.92 -17.74
CA LYS F 18 8.28 54.66 -17.11
C LYS F 18 8.68 53.45 -17.97
N PHE F 19 9.56 52.62 -17.43
CA PHE F 19 10.03 51.43 -18.13
C PHE F 19 9.88 50.17 -17.27
N PRO F 20 8.69 49.55 -17.26
CA PRO F 20 8.54 48.34 -16.44
C PRO F 20 9.58 47.30 -16.80
N HIS F 21 10.25 46.76 -15.77
CA HIS F 21 11.28 45.75 -16.01
C HIS F 21 11.71 45.01 -14.76
N LEU F 22 12.50 43.97 -14.96
CA LEU F 22 13.05 43.19 -13.87
C LEU F 22 14.56 43.22 -14.10
N ARG F 23 15.33 43.19 -13.02
CA ARG F 23 16.78 43.16 -13.10
C ARG F 23 17.25 42.13 -12.08
N PHE F 24 17.91 41.07 -12.54
CA PHE F 24 18.39 40.06 -11.62
C PHE F 24 19.53 40.59 -10.77
N MET F 25 19.44 40.33 -9.47
CA MET F 25 20.43 40.77 -8.49
C MET F 25 21.83 40.21 -8.68
N GLN F 26 21.92 38.96 -9.13
CA GLN F 26 23.22 38.32 -9.31
C GLN F 26 23.62 38.31 -10.79
N THR F 27 24.85 38.71 -11.08
CA THR F 27 25.34 38.71 -12.45
C THR F 27 25.63 37.27 -12.86
N LEU F 28 25.61 37.01 -14.16
CA LEU F 28 25.85 35.67 -14.67
C LEU F 28 27.33 35.32 -14.70
N PRO F 29 27.65 34.02 -14.73
CA PRO F 29 29.05 33.60 -14.78
C PRO F 29 29.40 33.64 -16.26
N ALA F 30 30.67 33.39 -16.60
CA ALA F 30 31.06 33.36 -18.01
C ALA F 30 30.38 32.13 -18.61
N VAL F 31 29.88 32.23 -19.83
CA VAL F 31 29.23 31.08 -20.47
C VAL F 31 29.62 31.00 -21.94
N ARG F 32 29.66 29.77 -22.47
CA ARG F 32 29.99 29.55 -23.87
C ARG F 32 28.71 29.13 -24.59
N GLN F 33 27.68 28.83 -23.81
CA GLN F 33 26.40 28.41 -24.34
C GLN F 33 25.29 28.92 -23.44
N LEU F 34 24.09 29.10 -23.99
CA LEU F 34 22.97 29.58 -23.20
C LEU F 34 21.64 29.17 -23.81
N THR F 35 20.73 28.71 -22.96
CA THR F 35 19.39 28.33 -23.39
C THR F 35 18.43 29.12 -22.50
N VAL F 36 17.59 29.94 -23.11
CA VAL F 36 16.63 30.75 -22.37
C VAL F 36 15.23 30.31 -22.77
N CYS F 37 14.49 29.77 -21.82
CA CYS F 37 13.13 29.30 -22.07
C CYS F 37 12.17 30.05 -21.13
N GLN F 38 10.95 30.31 -21.60
CA GLN F 38 9.95 30.96 -20.77
C GLN F 38 8.58 30.98 -21.44
N ARG F 39 7.55 31.23 -20.65
CA ARG F 39 6.19 31.31 -21.16
C ARG F 39 5.85 32.77 -21.30
N ILE F 40 5.34 33.15 -22.47
CA ILE F 40 4.99 34.54 -22.73
C ILE F 40 3.63 34.74 -23.39
N LYS F 41 3.01 35.87 -23.06
CA LYS F 41 1.73 36.27 -23.61
C LYS F 41 2.02 37.69 -24.12
N PRO F 42 2.28 37.83 -25.43
CA PRO F 42 2.58 39.14 -26.01
C PRO F 42 1.37 40.08 -26.16
N PHE F 43 1.61 41.38 -25.93
CA PHE F 43 0.56 42.39 -26.06
C PHE F 43 0.66 43.16 -27.38
N HIS F 44 1.78 43.05 -28.08
CA HIS F 44 1.92 43.76 -29.36
C HIS F 44 2.72 43.01 -30.42
N ARG F 45 2.45 43.32 -31.68
CA ARG F 45 3.12 42.68 -32.81
C ARG F 45 4.52 43.20 -33.08
N ASN F 46 4.76 44.49 -32.81
CA ASN F 46 6.06 45.06 -33.08
C ASN F 46 7.16 44.49 -32.21
N THR F 47 8.38 44.55 -32.73
CA THR F 47 9.56 44.03 -32.05
C THR F 47 9.75 44.51 -30.62
N GLY F 48 10.08 43.57 -29.74
CA GLY F 48 10.32 43.87 -28.35
C GLY F 48 11.42 42.94 -27.85
N TYR F 49 12.26 43.42 -26.95
CA TYR F 49 13.33 42.59 -26.42
C TYR F 49 12.93 42.05 -25.06
N ILE F 50 13.01 40.73 -24.93
CA ILE F 50 12.61 40.05 -23.71
C ILE F 50 13.73 39.86 -22.70
N PHE F 51 14.77 39.14 -23.11
CA PHE F 51 15.91 38.86 -22.25
C PHE F 51 17.14 39.65 -22.74
N SER F 52 17.65 40.52 -21.89
CA SER F 52 18.79 41.37 -22.22
C SER F 52 19.93 41.18 -21.23
N CYS F 53 21.10 40.85 -21.75
CA CYS F 53 22.29 40.63 -20.93
C CYS F 53 23.40 41.60 -21.33
N ALA F 54 23.93 42.34 -20.36
CA ALA F 54 24.97 43.30 -20.66
C ALA F 54 26.14 43.30 -19.67
N THR F 55 27.34 43.55 -20.18
CA THR F 55 28.54 43.66 -19.36
C THR F 55 29.04 45.10 -19.52
N SER F 56 30.00 45.50 -18.69
CA SER F 56 30.53 46.86 -18.73
C SER F 56 31.01 47.31 -20.12
N ASN F 57 31.67 46.41 -20.83
CA ASN F 57 32.21 46.69 -22.15
C ASN F 57 31.30 46.33 -23.32
N GLN F 58 30.18 45.67 -23.04
CA GLN F 58 29.27 45.23 -24.09
C GLN F 58 27.82 45.16 -23.61
N ASP F 59 27.04 46.19 -23.91
CA ASP F 59 25.66 46.23 -23.50
C ASP F 59 24.79 45.21 -24.24
N ASN F 60 25.30 44.69 -25.35
CA ASN F 60 24.57 43.73 -26.16
C ASN F 60 25.21 42.33 -26.21
N GLN F 61 25.49 41.76 -25.04
CA GLN F 61 26.10 40.44 -24.98
C GLN F 61 25.18 39.34 -25.51
N PHE F 62 23.92 39.38 -25.08
CA PHE F 62 22.95 38.38 -25.49
C PHE F 62 21.57 39.00 -25.35
N ILE F 63 20.83 39.05 -26.44
CA ILE F 63 19.50 39.63 -26.40
C ILE F 63 18.50 38.85 -27.23
N THR F 64 17.38 38.49 -26.60
CA THR F 64 16.32 37.76 -27.29
C THR F 64 15.22 38.75 -27.63
N SER F 65 14.47 38.47 -28.68
CA SER F 65 13.41 39.36 -29.10
C SER F 65 12.41 38.58 -29.94
N MET F 66 11.30 39.25 -30.26
CA MET F 66 10.26 38.64 -31.08
C MET F 66 9.44 39.74 -31.72
N TYR F 67 8.66 39.34 -32.72
CA TYR F 67 7.74 40.23 -33.38
C TYR F 67 6.85 39.33 -34.22
N VAL F 68 5.66 39.83 -34.56
CA VAL F 68 4.73 39.06 -35.34
C VAL F 68 4.63 39.67 -36.73
N LYS F 69 4.81 38.83 -37.75
CA LYS F 69 4.74 39.29 -39.12
C LYS F 69 3.30 39.65 -39.49
N SER F 70 3.13 40.31 -40.64
CA SER F 70 1.81 40.73 -41.10
C SER F 70 0.81 39.59 -41.18
N ASP F 71 1.27 38.40 -41.55
CA ASP F 71 0.39 37.24 -41.65
C ASP F 71 0.15 36.54 -40.31
N GLY F 72 0.65 37.12 -39.23
CA GLY F 72 0.45 36.53 -37.92
C GLY F 72 1.52 35.54 -37.50
N THR F 73 2.52 35.35 -38.35
CA THR F 73 3.62 34.41 -38.08
C THR F 73 4.59 34.93 -37.03
N LEU F 74 4.99 34.05 -36.13
CA LEU F 74 5.93 34.39 -35.06
C LEU F 74 7.37 34.40 -35.57
N ASN F 75 8.10 35.45 -35.22
CA ASN F 75 9.50 35.57 -35.60
C ASN F 75 10.31 35.73 -34.33
N LEU F 76 11.28 34.84 -34.11
CA LEU F 76 12.10 34.91 -32.92
C LEU F 76 13.51 35.34 -33.28
N GLY F 77 14.01 36.35 -32.57
CA GLY F 77 15.34 36.85 -32.86
C GLY F 77 16.34 36.71 -31.74
N LEU F 78 17.61 36.71 -32.13
CA LEU F 78 18.70 36.60 -31.18
C LEU F 78 19.86 37.47 -31.65
N GLN F 79 20.51 38.13 -30.69
CA GLN F 79 21.67 38.95 -30.96
C GLN F 79 22.72 38.55 -29.96
N VAL F 80 23.93 38.30 -30.44
CA VAL F 80 25.04 37.89 -29.58
C VAL F 80 26.25 38.78 -29.85
N ASN F 81 26.86 39.29 -28.79
CA ASN F 81 28.02 40.17 -28.90
C ASN F 81 27.86 41.27 -29.94
N ALA F 82 26.77 42.02 -29.82
CA ALA F 82 26.47 43.14 -30.71
C ALA F 82 26.36 42.79 -32.20
N SER F 83 26.03 41.53 -32.49
CA SER F 83 25.86 41.10 -33.87
C SER F 83 24.54 41.72 -34.34
N SER F 84 24.18 41.50 -35.59
CA SER F 84 22.90 42.00 -36.08
C SER F 84 21.88 41.01 -35.52
N ASN F 85 20.60 41.39 -35.50
CA ASN F 85 19.56 40.49 -35.00
C ASN F 85 19.33 39.37 -36.00
N LYS F 86 19.40 38.13 -35.53
CA LYS F 86 19.18 36.96 -36.38
C LYS F 86 17.76 36.48 -36.11
N TYR F 87 16.96 36.38 -37.16
CA TYR F 87 15.58 35.95 -37.02
C TYR F 87 15.26 34.61 -37.64
N ILE F 88 14.45 33.82 -36.94
CA ILE F 88 14.00 32.52 -37.42
C ILE F 88 12.48 32.53 -37.27
N SER F 89 11.78 32.25 -38.36
CA SER F 89 10.32 32.25 -38.31
C SER F 89 9.79 30.92 -37.81
N CYS F 90 8.68 30.99 -37.08
CA CYS F 90 8.03 29.82 -36.53
C CYS F 90 6.69 29.59 -37.21
N PRO F 91 6.40 28.34 -37.60
CA PRO F 91 5.14 28.00 -38.27
C PRO F 91 3.95 27.99 -37.31
N ILE F 92 3.68 29.13 -36.68
CA ILE F 92 2.56 29.22 -35.77
C ILE F 92 1.98 30.63 -35.80
N GLU F 93 0.67 30.72 -35.87
CA GLU F 93 -0.01 32.00 -35.92
C GLU F 93 -0.16 32.54 -34.50
N ILE F 94 0.32 33.76 -34.27
CA ILE F 94 0.25 34.36 -32.96
C ILE F 94 -0.99 35.20 -32.73
N GLU F 95 -1.67 34.95 -31.62
CA GLU F 95 -2.84 35.72 -31.26
C GLU F 95 -2.42 36.48 -30.02
N LEU F 96 -2.32 37.80 -30.14
CA LEU F 96 -1.91 38.62 -29.01
C LEU F 96 -2.85 38.32 -27.85
N GLY F 97 -2.29 38.18 -26.66
CA GLY F 97 -3.11 37.89 -25.49
C GLY F 97 -3.17 36.42 -25.15
N GLN F 98 -2.59 35.58 -26.01
CA GLN F 98 -2.56 34.14 -25.76
C GLN F 98 -1.16 33.70 -25.32
N TRP F 99 -1.08 32.59 -24.58
CA TRP F 99 0.18 32.07 -24.07
C TRP F 99 0.91 31.18 -25.08
N TYR F 100 2.24 31.27 -25.06
CA TYR F 100 3.09 30.47 -25.94
C TYR F 100 4.37 30.17 -25.17
N HIS F 101 4.96 29.01 -25.43
CA HIS F 101 6.23 28.72 -24.78
C HIS F 101 7.29 29.00 -25.82
N VAL F 102 8.27 29.81 -25.44
CA VAL F 102 9.33 30.16 -26.37
C VAL F 102 10.69 29.86 -25.76
N CYS F 103 11.60 29.37 -26.59
CA CYS F 103 12.94 29.08 -26.10
C CYS F 103 13.98 29.40 -27.16
N HIS F 104 15.08 29.99 -26.70
CA HIS F 104 16.20 30.35 -27.57
C HIS F 104 17.38 29.50 -27.14
N VAL F 105 17.96 28.75 -28.07
CA VAL F 105 19.14 27.92 -27.77
C VAL F 105 20.33 28.48 -28.54
N TRP F 106 21.40 28.80 -27.80
CA TRP F 106 22.61 29.34 -28.42
C TRP F 106 23.86 28.61 -27.97
N SER F 107 24.74 28.34 -28.93
CA SER F 107 26.00 27.67 -28.64
C SER F 107 27.13 28.42 -29.31
N GLY F 108 28.01 29.01 -28.50
CA GLY F 108 29.14 29.72 -29.04
C GLY F 108 30.23 28.75 -29.46
N VAL F 109 30.12 27.50 -29.02
CA VAL F 109 31.11 26.50 -29.38
C VAL F 109 31.09 26.26 -30.89
N ASP F 110 29.90 26.10 -31.46
CA ASP F 110 29.78 25.88 -32.91
C ASP F 110 29.08 27.04 -33.62
N GLY F 111 28.64 28.03 -32.86
CA GLY F 111 27.97 29.18 -33.46
C GLY F 111 26.56 28.88 -33.96
N ARG F 112 25.91 27.87 -33.41
CA ARG F 112 24.58 27.53 -33.83
C ARG F 112 23.49 28.12 -32.95
N MET F 113 22.44 28.62 -33.60
CA MET F 113 21.28 29.20 -32.93
C MET F 113 20.05 28.38 -33.32
N ALA F 114 19.18 28.14 -32.36
CA ALA F 114 17.96 27.38 -32.63
C ALA F 114 16.86 27.93 -31.73
N VAL F 115 15.66 28.05 -32.26
CA VAL F 115 14.54 28.56 -31.47
C VAL F 115 13.39 27.58 -31.54
N TYR F 116 12.56 27.58 -30.49
CA TYR F 116 11.43 26.68 -30.41
C TYR F 116 10.18 27.40 -29.95
N ALA F 117 9.04 26.99 -30.52
CA ALA F 117 7.73 27.55 -30.17
C ALA F 117 6.87 26.39 -29.68
N ASN F 118 6.33 26.52 -28.47
CA ASN F 118 5.52 25.49 -27.86
C ASN F 118 6.18 24.11 -27.87
N GLY F 119 7.49 24.10 -27.64
CA GLY F 119 8.22 22.84 -27.58
C GLY F 119 8.64 22.23 -28.91
N SER F 120 8.34 22.89 -30.01
CA SER F 120 8.69 22.37 -31.33
C SER F 120 9.75 23.24 -32.01
N PRO F 121 10.71 22.62 -32.70
CA PRO F 121 11.78 23.35 -33.40
C PRO F 121 11.24 24.18 -34.57
N CYS F 122 11.68 25.44 -34.65
CA CYS F 122 11.25 26.32 -35.73
C CYS F 122 12.32 26.35 -36.81
N GLY F 123 13.54 26.01 -36.42
CA GLY F 123 14.65 26.03 -37.36
C GLY F 123 15.95 26.45 -36.69
N THR F 124 17.04 26.47 -37.44
CA THR F 124 18.33 26.86 -36.90
C THR F 124 19.05 27.84 -37.81
N MET F 125 20.10 28.46 -37.29
CA MET F 125 20.92 29.38 -38.05
C MET F 125 22.37 29.24 -37.63
N GLU F 126 23.27 29.27 -38.61
CA GLU F 126 24.69 29.12 -38.33
C GLU F 126 25.38 30.47 -38.17
N ASN F 127 26.63 30.41 -37.72
CA ASN F 127 27.44 31.61 -37.54
C ASN F 127 26.84 32.71 -36.68
N VAL F 128 26.34 32.33 -35.51
CA VAL F 128 25.79 33.31 -34.58
C VAL F 128 26.68 33.25 -33.34
N GLY F 129 27.52 34.28 -33.19
CA GLY F 129 28.41 34.34 -32.05
C GLY F 129 29.37 33.16 -32.00
N LYS F 130 29.76 32.68 -33.18
CA LYS F 130 30.68 31.54 -33.25
C LYS F 130 32.02 31.88 -32.62
N GLY F 131 32.45 31.04 -31.68
CA GLY F 131 33.72 31.27 -31.00
C GLY F 131 33.62 32.31 -29.92
N HIS F 132 32.43 32.89 -29.73
CA HIS F 132 32.25 33.90 -28.71
C HIS F 132 31.90 33.32 -27.35
N GLN F 133 32.50 33.89 -26.31
CA GLN F 133 32.22 33.48 -24.95
C GLN F 133 31.77 34.73 -24.21
N ILE F 134 30.57 34.68 -23.65
CA ILE F 134 30.06 35.84 -22.92
C ILE F 134 30.91 36.00 -21.66
N SER F 135 31.56 37.15 -21.52
CA SER F 135 32.41 37.38 -20.36
C SER F 135 31.61 37.40 -19.07
N ALA F 136 32.27 37.01 -17.99
CA ALA F 136 31.67 36.95 -16.67
C ALA F 136 31.14 38.28 -16.18
N GLY F 137 30.09 38.24 -15.36
CA GLY F 137 29.53 39.46 -14.81
C GLY F 137 28.40 40.11 -15.57
N GLY F 138 27.73 39.34 -16.43
CA GLY F 138 26.62 39.90 -17.20
C GLY F 138 25.39 40.19 -16.36
N THR F 139 24.82 41.38 -16.54
CA THR F 139 23.61 41.77 -15.81
C THR F 139 22.40 41.49 -16.70
N VAL F 140 21.41 40.80 -16.14
CA VAL F 140 20.22 40.45 -16.90
C VAL F 140 19.00 41.32 -16.57
N VAL F 141 18.40 41.88 -17.61
CA VAL F 141 17.20 42.70 -17.48
C VAL F 141 16.12 42.06 -18.33
N ILE F 142 14.90 42.03 -17.83
CA ILE F 142 13.77 41.46 -18.57
C ILE F 142 12.76 42.55 -18.93
N GLY F 143 12.31 42.55 -20.18
CA GLY F 143 11.32 43.52 -20.63
C GLY F 143 11.83 44.79 -21.26
N GLN F 144 13.13 45.05 -21.14
CA GLN F 144 13.74 46.25 -21.71
C GLN F 144 15.11 45.89 -22.29
N GLU F 145 15.61 46.72 -23.20
CA GLU F 145 16.91 46.50 -23.84
C GLU F 145 17.91 47.45 -23.17
N GLN F 146 18.99 46.90 -22.61
CA GLN F 146 20.00 47.72 -21.94
C GLN F 146 21.01 48.37 -22.91
N ASP F 147 21.30 49.66 -22.69
CA ASP F 147 22.31 50.36 -23.47
C ASP F 147 23.40 50.73 -22.47
N LYS F 148 23.13 50.36 -21.22
CA LYS F 148 24.01 50.59 -20.09
C LYS F 148 23.59 49.54 -19.05
N ILE F 149 24.50 49.15 -18.14
CA ILE F 149 24.15 48.16 -17.14
C ILE F 149 22.89 48.57 -16.35
N GLY F 150 21.83 47.79 -16.50
CA GLY F 150 20.59 48.07 -15.78
C GLY F 150 19.84 49.33 -16.20
N GLY F 151 20.18 49.88 -17.37
CA GLY F 151 19.50 51.10 -17.80
C GLY F 151 19.65 51.47 -19.26
N GLY F 152 19.44 52.74 -19.56
CA GLY F 152 19.53 53.24 -20.93
C GLY F 152 18.45 52.60 -21.77
N PHE F 153 17.26 52.40 -21.19
CA PHE F 153 16.15 51.79 -21.88
C PHE F 153 15.52 52.69 -22.93
N GLU F 154 14.92 52.08 -23.95
CA GLU F 154 14.26 52.80 -25.04
C GLU F 154 12.88 52.20 -25.27
N GLU F 155 11.85 53.04 -25.24
CA GLU F 155 10.47 52.62 -25.44
C GLU F 155 10.21 51.74 -26.65
N GLN F 156 10.84 52.08 -27.77
CA GLN F 156 10.62 51.32 -29.00
C GLN F 156 11.25 49.93 -29.00
N GLU F 157 12.02 49.61 -27.96
CA GLU F 157 12.65 48.30 -27.86
C GLU F 157 12.11 47.49 -26.67
N SER F 158 11.13 48.05 -25.97
CA SER F 158 10.54 47.39 -24.81
C SER F 158 9.60 46.26 -25.23
N TRP F 159 9.33 45.35 -24.31
CA TRP F 159 8.42 44.25 -24.60
C TRP F 159 7.31 44.27 -23.55
N SER F 160 6.06 44.35 -24.01
CA SER F 160 4.94 44.36 -23.09
C SER F 160 4.15 43.06 -23.24
N GLY F 161 3.66 42.57 -22.11
CA GLY F 161 2.91 41.32 -22.10
C GLY F 161 3.10 40.66 -20.75
N GLU F 162 2.79 39.37 -20.69
CA GLU F 162 2.93 38.62 -19.45
C GLU F 162 4.01 37.56 -19.62
N LEU F 163 4.80 37.34 -18.57
CA LEU F 163 5.89 36.37 -18.63
C LEU F 163 5.92 35.49 -17.39
N SER F 164 6.27 34.23 -17.58
CA SER F 164 6.30 33.28 -16.48
C SER F 164 7.22 32.10 -16.79
N ASP F 165 7.61 31.38 -15.74
CA ASP F 165 8.45 30.19 -15.88
C ASP F 165 9.76 30.43 -16.67
N LEU F 166 10.51 31.47 -16.31
CA LEU F 166 11.78 31.75 -16.99
C LEU F 166 12.84 30.79 -16.47
N GLN F 167 13.41 30.00 -17.37
CA GLN F 167 14.44 29.04 -17.00
C GLN F 167 15.64 29.21 -17.93
N VAL F 168 16.82 29.37 -17.36
CA VAL F 168 18.04 29.55 -18.13
C VAL F 168 19.14 28.56 -17.73
N TRP F 169 19.75 27.93 -18.73
CA TRP F 169 20.84 26.96 -18.53
C TRP F 169 22.07 27.47 -19.29
N ASP F 170 23.26 27.13 -18.81
CA ASP F 170 24.46 27.55 -19.52
C ASP F 170 24.94 26.41 -20.43
N GLU F 171 23.97 25.73 -21.04
CA GLU F 171 24.21 24.64 -21.97
C GLU F 171 23.28 24.83 -23.15
N ALA F 172 23.55 24.15 -24.26
CA ALA F 172 22.70 24.25 -25.42
C ALA F 172 21.80 23.02 -25.49
N LEU F 173 20.61 23.14 -24.89
CA LEU F 173 19.66 22.04 -24.84
C LEU F 173 19.31 21.47 -26.21
N THR F 174 19.07 20.16 -26.24
CA THR F 174 18.71 19.48 -27.49
C THR F 174 17.23 19.71 -27.81
N THR F 175 16.85 19.38 -29.03
CA THR F 175 15.47 19.52 -29.49
C THR F 175 14.55 18.73 -28.56
N HIS F 176 14.94 17.51 -28.22
CA HIS F 176 14.13 16.67 -27.34
C HIS F 176 13.98 17.29 -25.95
N GLN F 177 15.07 17.82 -25.42
CA GLN F 177 15.04 18.42 -24.09
C GLN F 177 14.12 19.64 -24.03
N VAL F 178 14.13 20.46 -25.07
CA VAL F 178 13.26 21.64 -25.08
C VAL F 178 11.79 21.21 -25.04
N SER F 179 11.45 20.11 -25.70
CA SER F 179 10.06 19.66 -25.67
C SER F 179 9.66 19.22 -24.26
N THR F 180 10.61 18.72 -23.47
CA THR F 180 10.28 18.31 -22.10
C THR F 180 10.18 19.54 -21.22
N VAL F 181 10.80 20.64 -21.64
CA VAL F 181 10.73 21.89 -20.87
C VAL F 181 9.37 22.55 -21.09
N ALA F 182 8.93 22.59 -22.34
CA ALA F 182 7.66 23.23 -22.70
C ALA F 182 6.40 22.57 -22.16
N SER F 183 6.37 21.23 -22.12
CA SER F 183 5.20 20.51 -21.65
C SER F 183 4.64 21.06 -20.34
N CYS F 184 3.37 21.45 -20.38
CA CYS F 184 2.71 21.99 -19.20
C CYS F 184 2.61 20.98 -18.06
N ASN F 185 2.31 19.72 -18.39
CA ASN F 185 2.18 18.69 -17.37
C ASN F 185 3.44 17.83 -17.27
N GLY F 186 4.54 18.33 -17.81
CA GLY F 186 5.78 17.58 -17.76
C GLY F 186 6.49 17.78 -16.43
N ILE F 187 7.80 17.56 -16.42
CA ILE F 187 8.57 17.70 -15.19
C ILE F 187 8.83 19.16 -14.83
N ARG F 188 8.59 20.07 -15.77
CA ARG F 188 8.79 21.50 -15.55
C ARG F 188 10.16 21.76 -14.89
N PRO F 189 11.24 21.55 -15.66
CA PRO F 189 12.64 21.71 -15.26
C PRO F 189 12.98 23.14 -14.81
N ARG F 190 14.05 23.25 -14.03
CA ARG F 190 14.53 24.54 -13.54
C ARG F 190 15.95 24.77 -14.05
N GLY F 191 16.17 25.94 -14.65
CA GLY F 191 17.48 26.25 -15.19
C GLY F 191 18.54 26.32 -14.09
N ASN F 192 19.78 26.01 -14.44
CA ASN F 192 20.88 26.03 -13.47
C ASN F 192 21.50 27.43 -13.32
N VAL F 193 21.27 28.30 -14.32
CA VAL F 193 21.79 29.66 -14.27
C VAL F 193 20.72 30.54 -13.62
N ILE F 194 19.51 30.47 -14.15
CA ILE F 194 18.37 31.21 -13.59
C ILE F 194 17.19 30.28 -13.48
N SER F 195 16.64 30.18 -12.28
CA SER F 195 15.46 29.37 -12.02
C SER F 195 14.38 30.33 -11.58
N TRP F 196 13.27 30.38 -12.32
CA TRP F 196 12.16 31.29 -12.01
C TRP F 196 11.78 31.33 -10.53
N MET F 197 11.80 32.53 -9.98
CA MET F 197 11.44 32.77 -8.58
C MET F 197 12.40 32.16 -7.55
N GLU F 198 13.54 31.65 -8.02
CA GLU F 198 14.53 31.07 -7.11
C GLU F 198 15.80 31.95 -7.15
N ASP F 199 15.82 32.87 -8.10
CA ASP F 199 16.94 33.80 -8.25
C ASP F 199 16.35 35.20 -8.15
N SER F 200 16.75 35.92 -7.13
CA SER F 200 16.26 37.26 -6.85
C SER F 200 16.37 38.28 -7.98
N PHE F 201 15.36 39.12 -8.09
CA PHE F 201 15.36 40.16 -9.09
C PHE F 201 14.62 41.38 -8.58
N VAL F 202 15.04 42.55 -9.05
CA VAL F 202 14.41 43.79 -8.67
C VAL F 202 13.23 44.02 -9.63
N ALA F 203 12.09 44.43 -9.07
CA ALA F 203 10.89 44.71 -9.86
C ALA F 203 10.74 46.22 -9.84
N ASP F 204 10.53 46.84 -11.00
CA ASP F 204 10.43 48.29 -11.01
C ASP F 204 9.48 48.83 -12.08
N ASP F 205 9.06 50.07 -11.87
CA ASP F 205 8.17 50.79 -12.78
C ASP F 205 6.83 50.14 -13.08
N GLY F 206 6.16 49.70 -12.02
CA GLY F 206 4.82 49.13 -12.16
C GLY F 206 4.58 47.75 -12.75
N VAL F 207 5.51 46.81 -12.61
CA VAL F 207 5.22 45.48 -13.14
C VAL F 207 4.19 44.88 -12.19
N ILE F 208 3.38 43.97 -12.71
CA ILE F 208 2.33 43.36 -11.89
C ILE F 208 2.64 41.90 -11.60
N VAL F 209 2.63 41.55 -10.33
CA VAL F 209 2.88 40.17 -9.90
C VAL F 209 1.54 39.44 -9.79
N GLY F 210 1.42 38.32 -10.50
CA GLY F 210 0.20 37.54 -10.46
C GLY F 210 0.46 36.07 -10.75
N ILE F 211 -0.58 35.37 -11.20
CA ILE F 211 -0.46 33.95 -11.51
C ILE F 211 -0.78 33.66 -12.98
N SER F 212 0.01 32.79 -13.57
CA SER F 212 -0.19 32.39 -14.96
C SER F 212 -1.12 31.19 -15.02
N HIS F 213 -2.09 31.24 -15.92
CA HIS F 213 -3.01 30.12 -16.09
C HIS F 213 -2.81 29.41 -17.43
N MET F 214 -1.60 29.47 -17.95
CA MET F 214 -1.31 28.81 -19.22
C MET F 214 -1.38 27.30 -19.04
N CYS F 215 -0.84 26.84 -17.91
CA CYS F 215 -0.79 25.42 -17.62
C CYS F 215 -1.85 24.91 -16.64
N SER F 216 -1.99 25.58 -15.51
CA SER F 216 -2.96 25.20 -14.50
C SER F 216 -4.03 26.27 -14.36
N LEU F 217 -5.30 25.86 -14.42
CA LEU F 217 -6.42 26.78 -14.28
C LEU F 217 -6.75 27.04 -12.81
N ALA G 1 23.20 6.11 -4.97
CA ALA G 1 24.06 5.62 -3.85
C ALA G 1 24.73 6.79 -3.14
N VAL G 2 25.80 7.31 -3.73
CA VAL G 2 26.53 8.43 -3.13
C VAL G 2 25.89 9.77 -3.49
N ASP G 3 25.55 10.57 -2.48
CA ASP G 3 24.94 11.86 -2.76
C ASP G 3 26.00 12.93 -3.05
N ILE G 4 25.65 13.84 -3.94
CA ILE G 4 26.54 14.91 -4.33
C ILE G 4 26.98 15.81 -3.16
N ARG G 5 26.18 15.86 -2.11
CA ARG G 5 26.52 16.68 -0.96
C ARG G 5 27.68 16.11 -0.15
N ASP G 6 28.04 14.86 -0.43
CA ASP G 6 29.14 14.22 0.27
C ASP G 6 30.45 14.23 -0.50
N VAL G 7 30.47 14.91 -1.65
CA VAL G 7 31.70 15.04 -2.43
C VAL G 7 32.61 15.93 -1.58
N LYS G 8 33.90 15.63 -1.55
CA LYS G 8 34.82 16.44 -0.77
C LYS G 8 36.01 16.90 -1.60
N ILE G 9 36.64 17.97 -1.14
CA ILE G 9 37.82 18.52 -1.79
C ILE G 9 38.94 18.54 -0.75
N SER G 10 40.10 18.00 -1.11
CA SER G 10 41.24 17.99 -0.21
C SER G 10 42.23 19.07 -0.64
N PHE G 11 42.62 19.91 0.32
CA PHE G 11 43.59 20.96 0.07
C PHE G 11 44.85 20.41 0.77
N PRO G 12 45.70 19.71 0.01
CA PRO G 12 46.96 19.05 0.37
C PRO G 12 47.93 19.79 1.29
N GLY G 13 48.25 21.03 0.92
CA GLY G 13 49.19 21.82 1.69
C GLY G 13 49.70 22.87 0.74
N THR G 14 49.99 24.05 1.26
CA THR G 14 50.46 25.13 0.41
C THR G 14 51.94 25.45 0.53
N GLN G 15 52.55 25.75 -0.60
CA GLN G 15 53.95 26.11 -0.67
C GLN G 15 54.20 26.84 -1.98
N ASN G 16 54.40 28.15 -1.89
CA ASN G 16 54.66 29.00 -3.05
C ASN G 16 55.57 28.23 -4.03
N PRO G 17 55.24 28.24 -5.33
CA PRO G 17 54.12 28.91 -5.98
C PRO G 17 52.82 28.09 -6.08
N LYS G 18 52.72 27.00 -5.33
CA LYS G 18 51.52 26.17 -5.37
C LYS G 18 50.53 26.54 -4.27
N PHE G 19 49.33 26.97 -4.70
CA PHE G 19 48.28 27.35 -3.76
C PHE G 19 46.97 26.63 -4.08
N PRO G 20 46.79 25.40 -3.57
CA PRO G 20 45.53 24.70 -3.87
C PRO G 20 44.33 25.53 -3.44
N HIS G 21 43.36 25.67 -4.35
CA HIS G 21 42.18 26.45 -4.04
C HIS G 21 41.04 26.23 -5.03
N LEU G 22 39.88 26.78 -4.67
CA LEU G 22 38.70 26.72 -5.52
C LEU G 22 38.29 28.17 -5.71
N ARG G 23 37.74 28.49 -6.87
CA ARG G 23 37.24 29.84 -7.13
C ARG G 23 35.91 29.67 -7.82
N PHE G 24 34.84 30.17 -7.21
CA PHE G 24 33.53 30.05 -7.82
C PHE G 24 33.42 30.93 -9.06
N MET G 25 32.84 30.36 -10.12
CA MET G 25 32.68 31.03 -11.40
C MET G 25 31.77 32.24 -11.39
N GLN G 26 30.72 32.17 -10.57
CA GLN G 26 29.75 33.27 -10.51
C GLN G 26 29.98 34.13 -9.28
N THR G 27 30.01 35.45 -9.46
CA THR G 27 30.19 36.35 -8.34
C THR G 27 28.90 36.42 -7.55
N LEU G 28 29.01 36.78 -6.28
CA LEU G 28 27.83 36.88 -5.42
C LEU G 28 27.04 38.15 -5.65
N PRO G 29 25.76 38.15 -5.24
CA PRO G 29 24.93 39.34 -5.40
C PRO G 29 25.23 40.19 -4.17
N ALA G 30 24.67 41.40 -4.10
CA ALA G 30 24.89 42.22 -2.92
C ALA G 30 24.13 41.53 -1.79
N VAL G 31 24.69 41.52 -0.59
CA VAL G 31 24.02 40.89 0.54
C VAL G 31 24.20 41.71 1.80
N ARG G 32 23.23 41.64 2.70
CA ARG G 32 23.37 42.36 3.95
C ARG G 32 23.50 41.37 5.08
N GLN G 33 23.40 40.09 4.74
CA GLN G 33 23.52 38.99 5.70
C GLN G 33 24.14 37.80 4.98
N LEU G 34 24.83 36.95 5.73
CA LEU G 34 25.44 35.77 5.12
C LEU G 34 25.67 34.66 6.14
N THR G 35 25.35 33.44 5.75
CA THR G 35 25.57 32.28 6.60
C THR G 35 26.36 31.29 5.76
N VAL G 36 27.54 30.91 6.25
CA VAL G 36 28.40 29.98 5.55
C VAL G 36 28.57 28.74 6.42
N CYS G 37 28.06 27.61 5.93
CA CYS G 37 28.15 26.35 6.66
C CYS G 37 28.92 25.33 5.81
N GLN G 38 29.68 24.45 6.44
CA GLN G 38 30.42 23.42 5.72
C GLN G 38 31.02 22.40 6.67
N ARG G 39 31.40 21.25 6.13
CA ARG G 39 32.03 20.20 6.90
C ARG G 39 33.53 20.28 6.62
N ILE G 40 34.34 20.32 7.67
CA ILE G 40 35.79 20.40 7.50
C ILE G 40 36.58 19.45 8.37
N LYS G 41 37.72 19.02 7.84
CA LYS G 41 38.66 18.14 8.53
C LYS G 41 39.98 18.90 8.43
N PRO G 42 40.36 19.64 9.48
CA PRO G 42 41.61 20.40 9.47
C PRO G 42 42.89 19.58 9.57
N PHE G 43 43.92 20.00 8.85
CA PHE G 43 45.21 19.33 8.89
C PHE G 43 46.22 20.05 9.80
N HIS G 44 45.93 21.29 10.20
CA HIS G 44 46.86 22.01 11.08
C HIS G 44 46.19 22.94 12.09
N ARG G 45 46.88 23.19 13.19
CA ARG G 45 46.36 24.07 14.26
C ARG G 45 46.46 25.55 13.97
N ASN G 46 47.49 25.97 13.24
CA ASN G 46 47.65 27.39 12.94
C ASN G 46 46.53 27.96 12.08
N THR G 47 46.32 29.26 12.21
CA THR G 47 45.28 29.95 11.48
C THR G 47 45.28 29.74 9.98
N GLY G 48 44.09 29.54 9.44
CA GLY G 48 43.92 29.34 8.01
C GLY G 48 42.60 29.95 7.61
N TYR G 49 42.54 30.55 6.42
CA TYR G 49 41.30 31.14 5.96
C TYR G 49 40.58 30.17 5.02
N ILE G 50 39.31 29.90 5.32
CA ILE G 50 38.52 28.95 4.55
C ILE G 50 37.74 29.59 3.41
N PHE G 51 36.84 30.51 3.78
CA PHE G 51 35.98 31.21 2.83
C PHE G 51 36.43 32.67 2.69
N SER G 52 36.84 33.03 1.48
CA SER G 52 37.30 34.39 1.22
C SER G 52 36.51 35.04 0.09
N CYS G 53 35.93 36.21 0.38
CA CYS G 53 35.14 36.95 -0.60
C CYS G 53 35.76 38.33 -0.84
N ALA G 54 36.01 38.65 -2.11
CA ALA G 54 36.62 39.92 -2.44
C ALA G 54 35.98 40.64 -3.63
N THR G 55 35.94 41.97 -3.56
CA THR G 55 35.44 42.80 -4.64
C THR G 55 36.61 43.64 -5.11
N SER G 56 36.42 44.33 -6.24
CA SER G 56 37.48 45.16 -6.81
C SER G 56 38.10 46.17 -5.83
N ASN G 57 37.25 46.81 -5.04
CA ASN G 57 37.72 47.81 -4.09
C ASN G 57 37.94 47.30 -2.67
N GLN G 58 37.64 46.03 -2.41
CA GLN G 58 37.82 45.47 -1.07
C GLN G 58 38.10 43.96 -1.12
N ASP G 59 39.38 43.60 -1.02
CA ASP G 59 39.77 42.20 -1.06
C ASP G 59 39.33 41.43 0.19
N ASN G 60 38.96 42.15 1.24
CA ASN G 60 38.54 41.53 2.49
C ASN G 60 37.07 41.81 2.86
N GLN G 61 36.16 41.53 1.93
CA GLN G 61 34.74 41.76 2.18
C GLN G 61 34.18 40.85 3.26
N PHE G 62 34.51 39.57 3.17
CA PHE G 62 34.02 38.58 4.13
C PHE G 62 35.02 37.43 4.15
N ILE G 63 35.58 37.14 5.31
CA ILE G 63 36.56 36.05 5.40
C ILE G 63 36.39 35.24 6.67
N THR G 64 36.26 33.93 6.51
CA THR G 64 36.13 33.05 7.67
C THR G 64 37.48 32.39 7.91
N SER G 65 37.75 32.01 9.14
CA SER G 65 39.01 31.38 9.48
C SER G 65 38.86 30.58 10.75
N MET G 66 39.89 29.83 11.08
CA MET G 66 39.89 29.03 12.29
C MET G 66 41.33 28.73 12.71
N TYR G 67 41.47 28.26 13.93
CA TYR G 67 42.76 27.85 14.45
C TYR G 67 42.45 27.13 15.75
N VAL G 68 43.39 26.28 16.18
CA VAL G 68 43.21 25.51 17.40
C VAL G 68 44.14 26.07 18.46
N LYS G 69 43.57 26.39 19.62
CA LYS G 69 44.37 26.92 20.71
C LYS G 69 45.25 25.82 21.30
N SER G 70 46.21 26.22 22.15
CA SER G 70 47.15 25.29 22.77
C SER G 70 46.46 24.11 23.48
N ASP G 71 45.33 24.39 24.12
CA ASP G 71 44.59 23.35 24.83
C ASP G 71 43.69 22.51 23.93
N GLY G 72 43.78 22.73 22.62
CA GLY G 72 42.98 21.95 21.68
C GLY G 72 41.61 22.55 21.38
N THR G 73 41.32 23.70 21.97
CA THR G 73 40.04 24.38 21.76
C THR G 73 39.92 25.03 20.38
N LEU G 74 38.76 24.88 19.78
CA LEU G 74 38.49 25.45 18.46
C LEU G 74 38.15 26.94 18.56
N ASN G 75 38.76 27.72 17.68
CA ASN G 75 38.50 29.16 17.64
C ASN G 75 38.06 29.50 16.22
N LEU G 76 36.88 30.10 16.09
CA LEU G 76 36.36 30.46 14.78
C LEU G 76 36.39 31.96 14.60
N GLY G 77 36.96 32.40 13.49
CA GLY G 77 37.05 33.83 13.25
C GLY G 77 36.29 34.33 12.04
N LEU G 78 35.98 35.61 12.07
CA LEU G 78 35.27 36.25 10.97
C LEU G 78 35.81 37.67 10.79
N GLN G 79 35.93 38.09 9.54
CA GLN G 79 36.37 39.44 9.24
C GLN G 79 35.42 39.97 8.18
N VAL G 80 34.87 41.16 8.41
CA VAL G 80 33.95 41.79 7.48
C VAL G 80 34.42 43.19 7.12
N ASN G 81 34.44 43.49 5.83
CA ASN G 81 34.85 44.80 5.34
C ASN G 81 36.18 45.25 5.94
N ALA G 82 37.20 44.40 5.83
CA ALA G 82 38.53 44.68 6.33
C ALA G 82 38.62 45.04 7.82
N SER G 83 37.67 44.56 8.61
CA SER G 83 37.72 44.82 10.04
C SER G 83 38.81 43.89 10.58
N SER G 84 39.03 43.92 11.88
CA SER G 84 40.00 43.03 12.50
C SER G 84 39.32 41.67 12.55
N ASN G 85 40.09 40.60 12.73
CA ASN G 85 39.49 39.28 12.82
C ASN G 85 38.82 39.15 14.20
N LYS G 86 37.55 38.75 14.20
CA LYS G 86 36.81 38.58 15.43
C LYS G 86 36.75 37.08 15.71
N TYR G 87 37.19 36.68 16.88
CA TYR G 87 37.20 35.27 17.23
C TYR G 87 36.25 34.88 18.36
N ILE G 88 35.63 33.72 18.20
CA ILE G 88 34.72 33.18 19.20
C ILE G 88 35.19 31.75 19.44
N SER G 89 35.44 31.42 20.70
CA SER G 89 35.91 30.09 21.08
C SER G 89 34.76 29.10 21.18
N CYS G 90 35.01 27.86 20.78
CA CYS G 90 34.00 26.81 20.83
C CYS G 90 34.43 25.76 21.87
N PRO G 91 33.49 25.35 22.73
CA PRO G 91 33.79 24.34 23.77
C PRO G 91 33.90 22.93 23.20
N ILE G 92 34.87 22.73 22.32
CA ILE G 92 35.08 21.43 21.70
C ILE G 92 36.56 21.24 21.41
N GLU G 93 37.10 20.08 21.79
CA GLU G 93 38.51 19.80 21.54
C GLU G 93 38.67 19.30 20.12
N ILE G 94 39.56 19.94 19.37
CA ILE G 94 39.79 19.56 17.99
C ILE G 94 40.91 18.56 17.82
N GLU G 95 40.62 17.50 17.07
CA GLU G 95 41.62 16.50 16.77
C GLU G 95 41.86 16.63 15.28
N LEU G 96 43.06 17.07 14.91
CA LEU G 96 43.37 17.23 13.50
C LEU G 96 43.11 15.90 12.80
N GLY G 97 42.49 15.97 11.62
CA GLY G 97 42.20 14.75 10.89
C GLY G 97 40.79 14.24 11.11
N GLN G 98 40.04 14.88 12.02
CA GLN G 98 38.66 14.48 12.28
C GLN G 98 37.70 15.51 11.68
N TRP G 99 36.48 15.06 11.36
CA TRP G 99 35.46 15.93 10.78
C TRP G 99 34.68 16.72 11.81
N TYR G 100 34.31 17.94 11.42
CA TYR G 100 33.53 18.84 12.28
C TYR G 100 32.63 19.66 11.38
N HIS G 101 31.44 20.02 11.85
CA HIS G 101 30.59 20.87 11.04
C HIS G 101 30.76 22.26 11.63
N VAL G 102 31.07 23.21 10.77
CA VAL G 102 31.30 24.58 11.19
C VAL G 102 30.41 25.53 10.42
N CYS G 103 29.87 26.52 11.12
CA CYS G 103 29.05 27.50 10.44
C CYS G 103 29.28 28.89 11.02
N HIS G 104 29.33 29.88 10.13
CA HIS G 104 29.50 31.27 10.50
C HIS G 104 28.21 32.02 10.11
N VAL G 105 27.60 32.70 11.07
CA VAL G 105 26.39 33.45 10.79
C VAL G 105 26.67 34.93 10.98
N TRP G 106 26.43 35.73 9.94
CA TRP G 106 26.68 37.16 10.01
C TRP G 106 25.49 37.98 9.54
N SER G 107 25.19 39.03 10.28
CA SER G 107 24.10 39.93 9.94
C SER G 107 24.58 41.38 9.98
N GLY G 108 24.61 42.03 8.83
CA GLY G 108 25.03 43.41 8.77
C GLY G 108 23.91 44.32 9.23
N VAL G 109 22.69 43.78 9.29
CA VAL G 109 21.55 44.57 9.72
C VAL G 109 21.72 45.00 11.19
N ASP G 110 22.12 44.07 12.05
CA ASP G 110 22.32 44.41 13.47
C ASP G 110 23.79 44.28 13.89
N GLY G 111 24.66 43.85 12.97
CA GLY G 111 26.07 43.71 13.27
C GLY G 111 26.40 42.55 14.19
N ARG G 112 25.53 41.53 14.19
CA ARG G 112 25.71 40.36 15.04
C ARG G 112 26.43 39.22 14.31
N MET G 113 27.40 38.63 15.01
CA MET G 113 28.17 37.50 14.49
C MET G 113 27.93 36.31 15.43
N ALA G 114 27.74 35.12 14.85
CA ALA G 114 27.54 33.93 15.67
C ALA G 114 28.16 32.75 14.95
N VAL G 115 28.80 31.86 15.71
CA VAL G 115 29.43 30.70 15.10
C VAL G 115 28.94 29.43 15.79
N TYR G 116 28.95 28.34 15.04
CA TYR G 116 28.48 27.05 15.55
C TYR G 116 29.43 25.91 15.20
N ALA G 117 29.57 24.98 16.13
CA ALA G 117 30.42 23.81 15.95
C ALA G 117 29.53 22.59 16.13
N ASN G 118 29.52 21.71 15.12
CA ASN G 118 28.70 20.51 15.16
C ASN G 118 27.22 20.81 15.47
N GLY G 119 26.72 21.91 14.93
CA GLY G 119 25.33 22.27 15.13
C GLY G 119 24.96 22.96 16.43
N SER G 120 25.95 23.22 17.27
CA SER G 120 25.70 23.88 18.55
C SER G 120 26.32 25.26 18.61
N PRO G 121 25.61 26.23 19.19
CA PRO G 121 26.09 27.61 19.31
C PRO G 121 27.33 27.72 20.21
N CYS G 122 28.34 28.44 19.75
CA CYS G 122 29.57 28.63 20.51
C CYS G 122 29.51 29.99 21.21
N GLY G 123 28.72 30.90 20.66
CA GLY G 123 28.61 32.23 21.24
C GLY G 123 28.40 33.27 20.15
N THR G 124 28.26 34.53 20.56
CA THR G 124 28.02 35.61 19.61
C THR G 124 28.92 36.80 19.91
N MET G 125 28.97 37.73 18.96
CA MET G 125 29.78 38.92 19.08
C MET G 125 29.03 40.08 18.42
N GLU G 126 29.02 41.23 19.07
CA GLU G 126 28.34 42.41 18.54
C GLU G 126 29.29 43.30 17.74
N ASN G 127 28.72 44.27 17.04
CA ASN G 127 29.50 45.22 16.26
C ASN G 127 30.45 44.65 15.23
N VAL G 128 29.98 43.68 14.46
CA VAL G 128 30.80 43.09 13.41
C VAL G 128 30.16 43.47 12.08
N GLY G 129 30.77 44.42 11.38
CA GLY G 129 30.24 44.88 10.10
C GLY G 129 28.84 45.45 10.23
N LYS G 130 28.57 46.10 11.36
CA LYS G 130 27.25 46.69 11.59
C LYS G 130 26.95 47.77 10.56
N GLY G 131 25.81 47.65 9.90
CA GLY G 131 25.43 48.62 8.89
C GLY G 131 26.13 48.39 7.58
N HIS G 132 27.00 47.39 7.51
CA HIS G 132 27.72 47.11 6.27
C HIS G 132 26.95 46.19 5.34
N GLN G 133 27.00 46.51 4.06
CA GLN G 133 26.37 45.73 3.02
C GLN G 133 27.47 45.35 2.04
N ILE G 134 27.70 44.05 1.85
CA ILE G 134 28.71 43.59 0.92
C ILE G 134 28.26 43.97 -0.48
N SER G 135 29.05 44.79 -1.17
CA SER G 135 28.69 45.21 -2.52
C SER G 135 28.64 44.04 -3.49
N ALA G 136 27.79 44.17 -4.50
CA ALA G 136 27.59 43.12 -5.51
C ALA G 136 28.86 42.80 -6.29
N GLY G 137 28.96 41.56 -6.76
CA GLY G 137 30.11 41.15 -7.55
C GLY G 137 31.27 40.54 -6.79
N GLY G 138 31.02 40.04 -5.57
CA GLY G 138 32.08 39.44 -4.80
C GLY G 138 32.54 38.09 -5.34
N THR G 139 33.85 37.92 -5.46
CA THR G 139 34.43 36.67 -5.94
C THR G 139 34.79 35.80 -4.75
N VAL G 140 34.35 34.55 -4.76
CA VAL G 140 34.63 33.63 -3.66
C VAL G 140 35.73 32.62 -3.94
N VAL G 141 36.71 32.55 -3.04
CA VAL G 141 37.81 31.61 -3.15
C VAL G 141 37.80 30.77 -1.87
N ILE G 142 38.06 29.47 -2.02
CA ILE G 142 38.09 28.55 -0.88
C ILE G 142 39.51 28.03 -0.64
N GLY G 143 39.98 28.07 0.60
CA GLY G 143 41.30 27.56 0.91
C GLY G 143 42.46 28.53 0.89
N GLN G 144 42.22 29.73 0.35
CA GLN G 144 43.26 30.75 0.27
C GLN G 144 42.64 32.10 0.61
N GLU G 145 43.46 33.05 1.03
CA GLU G 145 42.97 34.38 1.36
C GLU G 145 43.35 35.32 0.19
N GLN G 146 42.36 35.98 -0.40
CA GLN G 146 42.61 36.87 -1.54
C GLN G 146 43.11 38.27 -1.16
N ASP G 147 44.11 38.76 -1.88
CA ASP G 147 44.61 40.12 -1.67
C ASP G 147 44.32 40.84 -2.97
N LYS G 148 43.75 40.09 -3.89
CA LYS G 148 43.38 40.57 -5.22
C LYS G 148 42.31 39.58 -5.70
N ILE G 149 41.43 40.00 -6.61
CA ILE G 149 40.38 39.11 -7.09
C ILE G 149 40.98 37.79 -7.62
N GLY G 150 40.65 36.68 -6.95
CA GLY G 150 41.14 35.39 -7.38
C GLY G 150 42.63 35.15 -7.26
N GLY G 151 43.34 35.98 -6.49
CA GLY G 151 44.77 35.79 -6.35
C GLY G 151 45.42 36.51 -5.19
N GLY G 152 46.73 36.73 -5.30
CA GLY G 152 47.48 37.39 -4.25
C GLY G 152 47.49 36.55 -3.00
N PHE G 153 47.54 35.23 -3.16
CA PHE G 153 47.54 34.30 -2.05
C PHE G 153 48.85 34.31 -1.24
N GLU G 154 48.74 33.95 0.04
CA GLU G 154 49.88 33.90 0.95
C GLU G 154 49.86 32.58 1.70
N GLU G 155 50.96 31.85 1.65
CA GLU G 155 51.07 30.54 2.30
C GLU G 155 50.69 30.52 3.78
N GLN G 156 51.07 31.56 4.50
CA GLN G 156 50.79 31.63 5.93
C GLN G 156 49.31 31.83 6.26
N GLU G 157 48.50 32.13 5.24
CA GLU G 157 47.06 32.33 5.44
C GLU G 157 46.21 31.24 4.81
N SER G 158 46.85 30.25 4.20
CA SER G 158 46.13 29.18 3.54
C SER G 158 45.55 28.18 4.54
N TRP G 159 44.56 27.42 4.10
CA TRP G 159 43.94 26.43 4.96
C TRP G 159 44.06 25.07 4.29
N SER G 160 44.66 24.11 4.99
CA SER G 160 44.81 22.76 4.45
C SER G 160 43.92 21.80 5.22
N GLY G 161 43.36 20.85 4.50
CA GLY G 161 42.47 19.87 5.11
C GLY G 161 41.45 19.43 4.08
N GLU G 162 40.36 18.82 4.55
CA GLU G 162 39.33 18.36 3.63
C GLU G 162 38.05 19.17 3.89
N LEU G 163 37.33 19.47 2.82
CA LEU G 163 36.10 20.25 2.93
C LEU G 163 34.96 19.62 2.11
N SER G 164 33.75 19.73 2.63
CA SER G 164 32.59 19.15 1.97
C SER G 164 31.30 19.82 2.41
N ASP G 165 30.25 19.66 1.61
CA ASP G 165 28.93 20.19 1.93
C ASP G 165 28.91 21.69 2.25
N LEU G 166 29.53 22.49 1.39
CA LEU G 166 29.54 23.94 1.58
C LEU G 166 28.17 24.51 1.17
N GLN G 167 27.50 25.16 2.11
CA GLN G 167 26.19 25.74 1.85
C GLN G 167 26.18 27.20 2.34
N VAL G 168 25.79 28.11 1.46
CA VAL G 168 25.75 29.54 1.79
C VAL G 168 24.39 30.16 1.49
N TRP G 169 23.88 30.92 2.45
CA TRP G 169 22.59 31.61 2.34
C TRP G 169 22.83 33.11 2.53
N ASP G 170 21.99 33.95 1.94
CA ASP G 170 22.15 35.37 2.12
C ASP G 170 21.21 35.85 3.22
N GLU G 171 21.08 35.02 4.25
CA GLU G 171 20.24 35.30 5.40
C GLU G 171 21.02 34.90 6.64
N ALA G 172 20.61 35.38 7.80
CA ALA G 172 21.28 35.02 9.05
C ALA G 172 20.45 33.94 9.75
N LEU G 173 20.79 32.69 9.46
CA LEU G 173 20.08 31.53 10.02
C LEU G 173 20.04 31.56 11.55
N THR G 174 18.95 31.05 12.11
CA THR G 174 18.77 30.99 13.55
C THR G 174 19.56 29.80 14.13
N THR G 175 19.70 29.80 15.46
CA THR G 175 20.39 28.74 16.15
C THR G 175 19.75 27.39 15.83
N HIS G 176 18.42 27.35 15.85
CA HIS G 176 17.74 26.10 15.56
C HIS G 176 17.96 25.63 14.12
N GLN G 177 17.94 26.57 13.17
CA GLN G 177 18.16 26.20 11.78
C GLN G 177 19.55 25.66 11.54
N VAL G 178 20.56 26.22 12.20
CA VAL G 178 21.93 25.73 12.03
C VAL G 178 22.02 24.27 12.49
N SER G 179 21.29 23.92 13.55
CA SER G 179 21.35 22.55 14.03
C SER G 179 20.73 21.59 13.00
N THR G 180 19.74 22.06 12.24
CA THR G 180 19.13 21.21 11.23
C THR G 180 20.06 21.09 10.02
N VAL G 181 20.95 22.06 9.85
CA VAL G 181 21.90 22.02 8.75
C VAL G 181 23.02 21.02 9.06
N ALA G 182 23.52 21.06 10.30
CA ALA G 182 24.61 20.18 10.72
C ALA G 182 24.28 18.68 10.77
N SER G 183 23.08 18.34 11.20
CA SER G 183 22.67 16.94 11.31
C SER G 183 23.03 16.11 10.10
N CYS G 184 23.81 15.06 10.32
CA CYS G 184 24.23 14.16 9.25
C CYS G 184 23.06 13.46 8.58
N ASN G 185 22.09 13.02 9.37
CA ASN G 185 20.94 12.32 8.82
C ASN G 185 19.71 13.21 8.74
N GLY G 186 19.93 14.52 8.77
CA GLY G 186 18.84 15.46 8.68
C GLY G 186 18.45 15.70 7.24
N ILE G 187 17.80 16.82 6.96
CA ILE G 187 17.37 17.13 5.61
C ILE G 187 18.51 17.57 4.71
N ARG G 188 19.65 17.88 5.31
CA ARG G 188 20.83 18.32 4.54
C ARG G 188 20.46 19.41 3.54
N PRO G 189 20.10 20.61 4.05
CA PRO G 189 19.71 21.79 3.29
C PRO G 189 20.76 22.28 2.29
N ARG G 190 20.30 23.02 1.28
CA ARG G 190 21.16 23.58 0.25
C ARG G 190 21.06 25.11 0.28
N GLY G 191 22.20 25.79 0.38
CA GLY G 191 22.18 27.24 0.40
C GLY G 191 21.61 27.85 -0.87
N ASN G 192 21.00 29.03 -0.77
CA ASN G 192 20.43 29.70 -1.95
C ASN G 192 21.47 30.54 -2.69
N VAL G 193 22.58 30.86 -2.04
CA VAL G 193 23.63 31.63 -2.69
C VAL G 193 24.63 30.64 -3.31
N ILE G 194 25.09 29.71 -2.50
CA ILE G 194 26.00 28.67 -2.98
C ILE G 194 25.51 27.33 -2.44
N SER G 195 25.29 26.39 -3.36
CA SER G 195 24.87 25.05 -3.00
C SER G 195 26.00 24.13 -3.47
N TRP G 196 26.60 23.40 -2.54
CA TRP G 196 27.71 22.51 -2.86
C TRP G 196 27.50 21.65 -4.11
N MET G 197 28.44 21.75 -5.04
CA MET G 197 28.42 21.00 -6.30
C MET G 197 27.28 21.38 -7.26
N GLU G 198 26.56 22.46 -6.96
CA GLU G 198 25.50 22.90 -7.86
C GLU G 198 25.86 24.28 -8.41
N ASP G 199 26.94 24.85 -7.89
CA ASP G 199 27.44 26.15 -8.33
C ASP G 199 28.89 25.88 -8.75
N SER G 200 29.15 26.06 -10.04
CA SER G 200 30.46 25.78 -10.60
C SER G 200 31.63 26.56 -10.00
N PHE G 201 32.76 25.87 -9.93
CA PHE G 201 33.97 26.48 -9.39
C PHE G 201 35.20 25.90 -10.07
N VAL G 202 36.24 26.73 -10.15
CA VAL G 202 37.51 26.34 -10.75
C VAL G 202 38.32 25.62 -9.68
N ALA G 203 38.93 24.50 -10.04
CA ALA G 203 39.77 23.74 -9.12
C ALA G 203 41.19 23.93 -9.62
N ASP G 204 42.12 24.30 -8.75
CA ASP G 204 43.48 24.53 -9.22
C ASP G 204 44.55 24.16 -8.20
N ASP G 205 45.77 24.01 -8.70
CA ASP G 205 46.95 23.69 -7.89
C ASP G 205 46.88 22.41 -7.08
N GLY G 206 46.42 21.35 -7.72
CA GLY G 206 46.37 20.05 -7.07
C GLY G 206 45.38 19.71 -5.98
N VAL G 207 44.16 20.27 -6.02
CA VAL G 207 43.18 19.88 -5.01
C VAL G 207 42.76 18.47 -5.40
N ILE G 208 42.33 17.69 -4.41
CA ILE G 208 41.92 16.32 -4.66
C ILE G 208 40.42 16.15 -4.49
N VAL G 209 39.77 15.63 -5.54
CA VAL G 209 38.33 15.40 -5.50
C VAL G 209 38.07 13.97 -5.01
N GLY G 210 37.26 13.85 -3.96
CA GLY G 210 36.94 12.55 -3.40
C GLY G 210 35.59 12.52 -2.71
N ILE G 211 35.42 11.59 -1.79
CA ILE G 211 34.17 11.45 -1.06
C ILE G 211 34.37 11.58 0.45
N SER G 212 33.48 12.32 1.09
CA SER G 212 33.54 12.52 2.52
C SER G 212 32.77 11.41 3.23
N HIS G 213 33.35 10.85 4.27
CA HIS G 213 32.69 9.81 5.04
C HIS G 213 32.32 10.28 6.45
N MET G 214 32.12 11.59 6.59
CA MET G 214 31.75 12.14 7.89
C MET G 214 30.36 11.66 8.27
N CYS G 215 29.47 11.66 7.29
CA CYS G 215 28.09 11.27 7.50
C CYS G 215 27.73 9.85 7.06
N SER G 216 28.09 9.49 5.83
CA SER G 216 27.81 8.16 5.32
C SER G 216 29.10 7.38 5.08
N LEU G 217 29.15 6.16 5.59
CA LEU G 217 30.31 5.30 5.43
C LEU G 217 30.30 4.57 4.10
N ALA H 1 18.55 15.10 -4.99
CA ALA H 1 18.21 15.86 -6.22
C ALA H 1 19.21 15.56 -7.33
N VAL H 2 20.38 16.19 -7.28
CA VAL H 2 21.39 15.97 -8.31
C VAL H 2 22.26 14.76 -7.99
N ASP H 3 22.35 13.84 -8.93
CA ASP H 3 23.15 12.64 -8.72
C ASP H 3 24.62 12.90 -9.03
N ILE H 4 25.48 12.24 -8.26
CA ILE H 4 26.91 12.38 -8.40
C ILE H 4 27.43 11.97 -9.78
N ARG H 5 26.69 11.12 -10.49
CA ARG H 5 27.07 10.66 -11.81
C ARG H 5 26.93 11.77 -12.85
N ASP H 6 26.23 12.84 -12.49
CA ASP H 6 26.03 13.97 -13.42
C ASP H 6 27.00 15.11 -13.20
N VAL H 7 27.95 14.94 -12.28
CA VAL H 7 28.96 15.98 -12.05
C VAL H 7 29.80 16.01 -13.31
N LYS H 8 30.22 17.19 -13.74
CA LYS H 8 31.04 17.26 -14.93
C LYS H 8 32.29 18.09 -14.68
N ILE H 9 33.30 17.88 -15.53
CA ILE H 9 34.54 18.62 -15.45
C ILE H 9 34.75 19.27 -16.81
N SER H 10 35.05 20.57 -16.81
CA SER H 10 35.30 21.28 -18.04
C SER H 10 36.81 21.49 -18.20
N PHE H 11 37.33 21.13 -19.37
CA PHE H 11 38.74 21.32 -19.70
C PHE H 11 38.70 22.50 -20.67
N PRO H 12 38.83 23.72 -20.14
CA PRO H 12 38.82 25.02 -20.83
C PRO H 12 39.58 25.18 -22.13
N GLY H 13 40.83 24.76 -22.14
CA GLY H 13 41.66 24.89 -23.33
C GLY H 13 43.08 24.82 -22.84
N THR H 14 43.98 24.30 -23.67
CA THR H 14 45.35 24.14 -23.27
C THR H 14 46.32 25.08 -23.96
N GLN H 15 47.28 25.60 -23.20
CA GLN H 15 48.32 26.46 -23.73
C GLN H 15 49.47 26.51 -22.73
N ASN H 16 50.57 25.86 -23.12
CA ASN H 16 51.75 25.79 -22.27
C ASN H 16 51.97 27.14 -21.60
N PRO H 17 52.30 27.14 -20.30
CA PRO H 17 52.49 25.98 -19.42
C PRO H 17 51.23 25.46 -18.71
N LYS H 18 50.06 25.87 -19.19
CA LYS H 18 48.81 25.46 -18.56
C LYS H 18 48.19 24.24 -19.25
N PHE H 19 48.08 23.13 -18.52
CA PHE H 19 47.50 21.90 -19.06
C PHE H 19 46.38 21.37 -18.16
N PRO H 20 45.15 21.86 -18.33
CA PRO H 20 44.07 21.35 -17.48
C PRO H 20 43.94 19.83 -17.58
N HIS H 21 43.88 19.16 -16.43
CA HIS H 21 43.77 17.71 -16.43
C HIS H 21 43.37 17.13 -15.09
N LEU H 22 43.12 15.84 -15.10
CA LEU H 22 42.78 15.11 -13.88
C LEU H 22 43.77 13.96 -13.84
N ARG H 23 44.14 13.54 -12.63
CA ARG H 23 45.04 12.41 -12.47
C ARG H 23 44.49 11.59 -11.32
N PHE H 24 44.14 10.35 -11.60
CA PHE H 24 43.60 9.50 -10.55
C PHE H 24 44.67 9.12 -9.53
N MET H 25 44.30 9.23 -8.26
CA MET H 25 45.20 8.93 -7.15
C MET H 25 45.67 7.51 -7.07
N GLN H 26 44.81 6.57 -7.42
CA GLN H 26 45.15 5.17 -7.34
C GLN H 26 45.49 4.59 -8.71
N THR H 27 46.60 3.87 -8.79
CA THR H 27 47.03 3.26 -10.04
C THR H 27 46.12 2.06 -10.32
N LEU H 28 46.02 1.69 -11.59
CA LEU H 28 45.17 0.56 -11.96
C LEU H 28 45.84 -0.78 -11.71
N PRO H 29 45.05 -1.85 -11.62
CA PRO H 29 45.60 -3.19 -11.40
C PRO H 29 45.99 -3.68 -12.80
N ALA H 30 46.62 -4.83 -12.89
CA ALA H 30 46.96 -5.37 -14.20
C ALA H 30 45.63 -5.77 -14.83
N VAL H 31 45.48 -5.55 -16.13
CA VAL H 31 44.23 -5.91 -16.79
C VAL H 31 44.51 -6.50 -18.17
N ARG H 32 43.66 -7.40 -18.62
CA ARG H 32 43.85 -7.94 -19.96
C ARG H 32 42.72 -7.47 -20.85
N GLN H 33 41.79 -6.73 -20.26
CA GLN H 33 40.65 -6.16 -20.99
C GLN H 33 40.28 -4.82 -20.33
N LEU H 34 39.70 -3.91 -21.10
CA LEU H 34 39.30 -2.64 -20.54
C LEU H 34 38.20 -1.98 -21.35
N THR H 35 37.20 -1.44 -20.65
CA THR H 35 36.09 -0.75 -21.30
C THR H 35 36.03 0.62 -20.63
N VAL H 36 36.17 1.68 -21.43
CA VAL H 36 36.12 3.04 -20.92
C VAL H 36 34.92 3.74 -21.54
N CYS H 37 33.96 4.12 -20.71
CA CYS H 37 32.76 4.81 -21.16
C CYS H 37 32.65 6.17 -20.46
N GLN H 38 32.12 7.17 -21.16
CA GLN H 38 31.91 8.48 -20.55
C GLN H 38 31.10 9.39 -21.46
N ARG H 39 30.57 10.47 -20.88
CA ARG H 39 29.80 11.43 -21.63
C ARG H 39 30.73 12.61 -21.92
N ILE H 40 30.79 13.03 -23.19
CA ILE H 40 31.66 14.13 -23.57
C ILE H 40 31.00 15.17 -24.47
N LYS H 41 31.45 16.41 -24.31
CA LYS H 41 30.99 17.54 -25.11
C LYS H 41 32.29 18.14 -25.63
N PRO H 42 32.66 17.81 -26.88
CA PRO H 42 33.89 18.32 -27.49
C PRO H 42 33.88 19.79 -27.88
N PHE H 43 35.01 20.47 -27.70
CA PHE H 43 35.12 21.88 -28.06
C PHE H 43 35.88 22.08 -29.37
N HIS H 44 36.55 21.04 -29.86
CA HIS H 44 37.28 21.17 -31.13
C HIS H 44 37.29 19.91 -31.98
N ARG H 45 37.44 20.10 -33.28
CA ARG H 45 37.48 18.99 -34.23
C ARG H 45 38.79 18.23 -34.28
N ASN H 46 39.91 18.92 -34.04
CA ASN H 46 41.21 18.25 -34.11
C ASN H 46 41.39 17.21 -33.02
N THR H 47 42.26 16.24 -33.31
CA THR H 47 42.54 15.15 -32.40
C THR H 47 42.92 15.57 -31.00
N GLY H 48 42.35 14.85 -30.03
CA GLY H 48 42.63 15.11 -28.63
C GLY H 48 42.57 13.79 -27.90
N TYR H 49 43.42 13.61 -26.91
CA TYR H 49 43.42 12.36 -26.14
C TYR H 49 42.65 12.56 -24.86
N ILE H 50 41.68 11.68 -24.63
CA ILE H 50 40.82 11.77 -23.46
C ILE H 50 41.30 10.96 -22.25
N PHE H 51 41.45 9.65 -22.44
CA PHE H 51 41.90 8.74 -21.39
C PHE H 51 43.32 8.27 -21.68
N SER H 52 44.25 8.60 -20.79
CA SER H 52 45.65 8.23 -20.96
C SER H 52 46.16 7.41 -19.78
N CYS H 53 46.68 6.21 -20.07
CA CYS H 53 47.21 5.34 -19.03
C CYS H 53 48.68 5.05 -19.28
N ALA H 54 49.52 5.29 -18.27
CA ALA H 54 50.95 5.06 -18.41
C ALA H 54 51.61 4.36 -17.23
N THR H 55 52.61 3.54 -17.55
CA THR H 55 53.37 2.84 -16.52
C THR H 55 54.82 3.33 -16.67
N SER H 56 55.67 3.01 -15.70
CA SER H 56 57.07 3.47 -15.73
C SER H 56 57.81 3.16 -17.03
N ASN H 57 57.59 1.97 -17.57
CA ASN H 57 58.26 1.55 -18.79
C ASN H 57 57.48 1.78 -20.07
N GLN H 58 56.24 2.24 -19.96
CA GLN H 58 55.41 2.47 -21.14
C GLN H 58 54.39 3.58 -20.93
N ASP H 59 54.72 4.78 -21.41
CA ASP H 59 53.83 5.93 -21.24
C ASP H 59 52.56 5.81 -22.08
N ASN H 60 52.56 4.88 -23.05
CA ASN H 60 51.41 4.68 -23.93
C ASN H 60 50.75 3.31 -23.78
N GLN H 61 50.42 2.93 -22.55
CA GLN H 61 49.79 1.63 -22.32
C GLN H 61 48.38 1.54 -22.93
N PHE H 62 47.59 2.59 -22.75
CA PHE H 62 46.22 2.60 -23.26
C PHE H 62 45.82 4.06 -23.39
N ILE H 63 45.46 4.46 -24.61
CA ILE H 63 45.07 5.85 -24.85
C ILE H 63 43.89 5.96 -25.79
N THR H 64 42.86 6.67 -25.36
CA THR H 64 41.67 6.88 -26.18
C THR H 64 41.76 8.28 -26.77
N SER H 65 41.15 8.48 -27.93
CA SER H 65 41.18 9.78 -28.57
C SER H 65 40.03 9.90 -29.55
N MET H 66 39.84 11.10 -30.08
CA MET H 66 38.79 11.36 -31.04
C MET H 66 39.14 12.56 -31.88
N TYR H 67 38.42 12.71 -32.98
CA TYR H 67 38.57 13.86 -33.86
C TYR H 67 37.37 13.82 -34.78
N VAL H 68 37.03 14.97 -35.35
CA VAL H 68 35.89 15.04 -36.25
C VAL H 68 36.40 15.27 -37.66
N LYS H 69 35.95 14.43 -38.59
CA LYS H 69 36.37 14.55 -39.97
C LYS H 69 35.76 15.78 -40.61
N SER H 70 36.25 16.13 -41.80
CA SER H 70 35.77 17.31 -42.52
C SER H 70 34.26 17.34 -42.71
N ASP H 71 33.68 16.17 -42.93
CA ASP H 71 32.23 16.08 -43.14
C ASP H 71 31.43 16.04 -41.82
N GLY H 72 32.11 16.21 -40.70
CA GLY H 72 31.44 16.21 -39.41
C GLY H 72 31.33 14.84 -38.75
N THR H 73 31.88 13.82 -39.40
CA THR H 73 31.84 12.45 -38.90
C THR H 73 32.77 12.24 -37.71
N LEU H 74 32.28 11.52 -36.70
CA LEU H 74 33.07 11.23 -35.51
C LEU H 74 34.02 10.06 -35.74
N ASN H 75 35.27 10.24 -35.32
CA ASN H 75 36.26 9.17 -35.42
C ASN H 75 36.82 8.89 -34.05
N LEU H 76 36.73 7.64 -33.61
CA LEU H 76 37.22 7.26 -32.30
C LEU H 76 38.48 6.42 -32.44
N GLY H 77 39.51 6.81 -31.71
CA GLY H 77 40.76 6.09 -31.79
C GLY H 77 41.20 5.43 -30.50
N LEU H 78 42.04 4.41 -30.66
CA LEU H 78 42.58 3.69 -29.52
C LEU H 78 44.02 3.30 -29.82
N GLN H 79 44.87 3.38 -28.79
CA GLN H 79 46.26 2.99 -28.91
C GLN H 79 46.57 2.12 -27.71
N VAL H 80 47.14 0.96 -27.95
CA VAL H 80 47.50 0.03 -26.87
C VAL H 80 48.96 -0.38 -26.98
N ASN H 81 49.67 -0.31 -25.86
CA ASN H 81 51.08 -0.66 -25.80
C ASN H 81 51.90 -0.01 -26.92
N ALA H 82 51.79 1.31 -27.03
CA ALA H 82 52.53 2.09 -28.03
C ALA H 82 52.28 1.69 -29.49
N SER H 83 51.14 1.08 -29.77
CA SER H 83 50.82 0.71 -31.14
C SER H 83 50.48 2.02 -31.85
N SER H 84 50.16 1.95 -33.13
CA SER H 84 49.77 3.14 -33.86
C SER H 84 48.32 3.37 -33.45
N ASN H 85 47.80 4.58 -33.66
CA ASN H 85 46.42 4.85 -33.30
C ASN H 85 45.48 4.14 -34.28
N LYS H 86 44.53 3.39 -33.75
CA LYS H 86 43.56 2.67 -34.57
C LYS H 86 42.26 3.48 -34.53
N TYR H 87 41.76 3.83 -35.71
CA TYR H 87 40.54 4.62 -35.77
C TYR H 87 39.35 3.89 -36.38
N ILE H 88 38.19 4.13 -35.80
CA ILE H 88 36.93 3.56 -36.27
C ILE H 88 35.95 4.73 -36.40
N SER H 89 35.39 4.89 -37.58
CA SER H 89 34.44 5.97 -37.86
C SER H 89 33.04 5.63 -37.36
N CYS H 90 32.35 6.63 -36.83
CA CYS H 90 30.99 6.45 -36.33
C CYS H 90 30.02 7.21 -37.22
N PRO H 91 28.90 6.57 -37.60
CA PRO H 91 27.89 7.19 -38.46
C PRO H 91 27.05 8.23 -37.73
N ILE H 92 27.72 9.26 -37.23
CA ILE H 92 27.02 10.33 -36.51
C ILE H 92 27.73 11.64 -36.74
N GLU H 93 26.96 12.69 -37.04
CA GLU H 93 27.53 14.00 -37.28
C GLU H 93 27.73 14.69 -35.94
N ILE H 94 28.95 15.15 -35.69
CA ILE H 94 29.27 15.81 -34.44
C ILE H 94 29.12 17.32 -34.50
N GLU H 95 28.40 17.86 -33.51
CA GLU H 95 28.20 19.30 -33.40
C GLU H 95 29.00 19.68 -32.16
N LEU H 96 30.08 20.43 -32.33
CA LEU H 96 30.88 20.84 -31.19
C LEU H 96 29.96 21.55 -30.21
N GLY H 97 30.13 21.25 -28.92
CA GLY H 97 29.28 21.88 -27.92
C GLY H 97 28.09 21.03 -27.50
N GLN H 98 27.86 19.93 -28.20
CA GLN H 98 26.76 19.02 -27.87
C GLN H 98 27.29 17.78 -27.15
N TRP H 99 26.44 17.13 -26.35
CA TRP H 99 26.82 15.93 -25.60
C TRP H 99 26.68 14.65 -26.42
N TYR H 100 27.60 13.71 -26.17
CA TYR H 100 27.60 12.43 -26.84
C TYR H 100 28.11 11.39 -25.86
N HIS H 101 27.61 10.16 -25.93
CA HIS H 101 28.12 9.13 -25.05
C HIS H 101 29.09 8.34 -25.90
N VAL H 102 30.31 8.19 -25.41
CA VAL H 102 31.33 7.46 -26.15
C VAL H 102 31.91 6.35 -25.28
N CYS H 103 32.16 5.20 -25.90
CA CYS H 103 32.75 4.11 -25.16
C CYS H 103 33.75 3.33 -26.02
N HIS H 104 34.88 2.97 -25.42
CA HIS H 104 35.92 2.20 -26.09
C HIS H 104 36.00 0.84 -25.40
N VAL H 105 35.86 -0.23 -26.18
CA VAL H 105 35.94 -1.58 -25.63
C VAL H 105 37.18 -2.27 -26.19
N TRP H 106 38.05 -2.72 -25.30
CA TRP H 106 39.27 -3.39 -25.72
C TRP H 106 39.47 -4.73 -25.02
N SER H 107 39.89 -5.72 -25.80
CA SER H 107 40.14 -7.05 -25.27
C SER H 107 41.50 -7.54 -25.74
N GLY H 108 42.44 -7.68 -24.81
CA GLY H 108 43.76 -8.17 -25.17
C GLY H 108 43.74 -9.68 -25.35
N VAL H 109 42.67 -10.31 -24.88
CA VAL H 109 42.54 -11.76 -24.99
C VAL H 109 42.47 -12.15 -26.46
N ASP H 110 41.64 -11.47 -27.24
CA ASP H 110 41.50 -11.77 -28.66
C ASP H 110 41.99 -10.62 -29.55
N GLY H 111 42.41 -9.52 -28.94
CA GLY H 111 42.91 -8.38 -29.69
C GLY H 111 41.84 -7.60 -30.43
N ARG H 112 40.61 -7.67 -29.95
CA ARG H 112 39.51 -6.97 -30.59
C ARG H 112 39.21 -5.61 -29.95
N MET H 113 38.98 -4.63 -30.81
CA MET H 113 38.67 -3.26 -30.41
C MET H 113 37.29 -2.92 -30.96
N ALA H 114 36.48 -2.26 -30.16
CA ALA H 114 35.14 -1.86 -30.59
C ALA H 114 34.80 -0.54 -29.95
N VAL H 115 34.17 0.35 -30.70
CA VAL H 115 33.78 1.65 -30.17
C VAL H 115 32.29 1.88 -30.37
N TYR H 116 31.71 2.69 -29.49
CA TYR H 116 30.28 2.97 -29.52
C TYR H 116 30.01 4.46 -29.35
N ALA H 117 29.00 4.95 -30.09
CA ALA H 117 28.60 6.34 -30.00
C ALA H 117 27.12 6.34 -29.63
N ASN H 118 26.79 7.02 -28.54
CA ASN H 118 25.41 7.10 -28.05
C ASN H 118 24.78 5.72 -27.87
N GLY H 119 25.58 4.76 -27.38
CA GLY H 119 25.07 3.43 -27.13
C GLY H 119 24.95 2.51 -28.33
N SER H 120 25.38 2.96 -29.50
CA SER H 120 25.30 2.14 -30.70
C SER H 120 26.68 1.79 -31.23
N PRO H 121 26.87 0.55 -31.70
CA PRO H 121 28.16 0.08 -32.23
C PRO H 121 28.55 0.80 -33.52
N CYS H 122 29.80 1.25 -33.59
CA CYS H 122 30.30 1.96 -34.76
C CYS H 122 31.08 0.99 -35.64
N GLY H 123 31.58 -0.07 -35.02
CA GLY H 123 32.35 -1.06 -35.75
C GLY H 123 33.45 -1.63 -34.89
N THR H 124 34.21 -2.57 -35.44
CA THR H 124 35.29 -3.22 -34.70
C THR H 124 36.57 -3.28 -35.51
N MET H 125 37.66 -3.60 -34.83
CA MET H 125 38.95 -3.74 -35.48
C MET H 125 39.73 -4.86 -34.80
N GLU H 126 40.38 -5.69 -35.61
CA GLU H 126 41.15 -6.81 -35.08
C GLU H 126 42.62 -6.44 -34.87
N ASN H 127 43.35 -7.33 -34.21
CA ASN H 127 44.77 -7.16 -33.95
C ASN H 127 45.17 -5.87 -33.25
N VAL H 128 44.46 -5.52 -32.18
CA VAL H 128 44.80 -4.34 -31.42
C VAL H 128 45.24 -4.81 -30.04
N GLY H 129 46.54 -4.76 -29.79
CA GLY H 129 47.07 -5.19 -28.52
C GLY H 129 46.77 -6.66 -28.24
N LYS H 130 46.73 -7.47 -29.30
CA LYS H 130 46.45 -8.89 -29.14
C LYS H 130 47.50 -9.58 -28.30
N GLY H 131 47.06 -10.27 -27.26
CA GLY H 131 47.99 -10.97 -26.38
C GLY H 131 48.66 -10.04 -25.39
N HIS H 132 48.33 -8.75 -25.45
CA HIS H 132 48.94 -7.80 -24.53
C HIS H 132 48.16 -7.67 -23.23
N GLN H 133 48.91 -7.58 -22.14
CA GLN H 133 48.32 -7.40 -20.82
C GLN H 133 48.93 -6.14 -20.23
N ILE H 134 48.09 -5.16 -19.90
CA ILE H 134 48.57 -3.92 -19.32
C ILE H 134 49.16 -4.24 -17.95
N SER H 135 50.46 -3.98 -17.77
CA SER H 135 51.09 -4.25 -16.49
C SER H 135 50.49 -3.43 -15.36
N ALA H 136 50.54 -3.97 -14.15
CA ALA H 136 49.97 -3.32 -12.98
C ALA H 136 50.64 -1.99 -12.65
N GLY H 137 49.88 -1.09 -12.04
CA GLY H 137 50.43 0.20 -11.65
C GLY H 137 50.26 1.33 -12.64
N GLY H 138 49.32 1.20 -13.56
CA GLY H 138 49.10 2.25 -14.55
C GLY H 138 48.48 3.50 -13.96
N THR H 139 49.05 4.65 -14.31
CA THR H 139 48.54 5.94 -13.83
C THR H 139 47.63 6.51 -14.89
N VAL H 140 46.41 6.91 -14.49
CA VAL H 140 45.46 7.46 -15.44
C VAL H 140 45.34 8.99 -15.37
N VAL H 141 45.44 9.62 -16.54
CA VAL H 141 45.30 11.06 -16.66
C VAL H 141 44.19 11.33 -17.67
N ILE H 142 43.35 12.32 -17.38
CA ILE H 142 42.26 12.66 -18.28
C ILE H 142 42.47 14.05 -18.88
N GLY H 143 42.29 14.16 -20.19
CA GLY H 143 42.43 15.45 -20.86
C GLY H 143 43.79 15.78 -21.45
N GLN H 144 44.80 14.99 -21.11
CA GLN H 144 46.14 15.19 -21.62
C GLN H 144 46.78 13.83 -21.93
N GLU H 145 47.81 13.85 -22.78
CA GLU H 145 48.50 12.63 -23.16
C GLU H 145 49.83 12.58 -22.39
N GLN H 146 50.06 11.52 -21.62
CA GLN H 146 51.29 11.41 -20.83
C GLN H 146 52.48 10.89 -21.62
N ASP H 147 53.63 11.51 -21.41
CA ASP H 147 54.87 11.07 -22.04
C ASP H 147 55.78 10.68 -20.88
N LYS H 148 55.22 10.84 -19.69
CA LYS H 148 55.89 10.51 -18.43
C LYS H 148 54.74 10.34 -17.43
N ILE H 149 54.95 9.57 -16.36
CA ILE H 149 53.89 9.37 -15.38
C ILE H 149 53.35 10.71 -14.86
N GLY H 150 52.08 10.99 -15.14
CA GLY H 150 51.46 12.22 -14.67
C GLY H 150 52.00 13.51 -15.28
N GLY H 151 52.71 13.42 -16.40
CA GLY H 151 53.25 14.63 -17.01
C GLY H 151 53.73 14.50 -18.44
N GLY H 152 54.60 15.43 -18.84
CA GLY H 152 55.13 15.43 -20.20
C GLY H 152 54.03 15.71 -21.20
N PHE H 153 53.08 16.55 -20.81
CA PHE H 153 51.93 16.88 -21.66
C PHE H 153 52.32 17.75 -22.85
N GLU H 154 51.55 17.64 -23.94
CA GLU H 154 51.77 18.40 -25.16
C GLU H 154 50.44 19.02 -25.59
N GLU H 155 50.44 20.33 -25.80
CA GLU H 155 49.24 21.06 -26.19
C GLU H 155 48.51 20.52 -27.42
N GLN H 156 49.26 20.04 -28.41
CA GLN H 156 48.61 19.53 -29.62
C GLN H 156 47.93 18.18 -29.43
N GLU H 157 48.10 17.56 -28.26
CA GLU H 157 47.49 16.27 -27.99
C GLU H 157 46.43 16.36 -26.87
N SER H 158 46.19 17.57 -26.38
CA SER H 158 45.22 17.81 -25.33
C SER H 158 43.79 17.71 -25.85
N TRP H 159 42.84 17.49 -24.94
CA TRP H 159 41.44 17.43 -25.34
C TRP H 159 40.67 18.44 -24.50
N SER H 160 39.97 19.35 -25.17
CA SER H 160 39.19 20.37 -24.47
C SER H 160 37.71 20.10 -24.66
N GLY H 161 36.93 20.37 -23.62
CA GLY H 161 35.51 20.14 -23.69
C GLY H 161 35.01 19.80 -22.30
N GLU H 162 33.82 19.23 -22.21
CA GLU H 162 33.27 18.86 -20.91
C GLU H 162 33.15 17.33 -20.85
N LEU H 163 33.40 16.78 -19.66
CA LEU H 163 33.35 15.33 -19.48
C LEU H 163 32.57 14.96 -18.20
N SER H 164 31.84 13.87 -18.27
CA SER H 164 31.05 13.42 -17.13
C SER H 164 30.76 11.93 -17.20
N ASP H 165 30.38 11.35 -16.05
CA ASP H 165 30.01 9.93 -15.98
C ASP H 165 31.07 8.97 -16.54
N LEU H 166 32.33 9.14 -16.13
CA LEU H 166 33.39 8.26 -16.58
C LEU H 166 33.30 6.94 -15.81
N GLN H 167 33.11 5.85 -16.55
CA GLN H 167 33.01 4.53 -15.93
C GLN H 167 33.97 3.57 -16.65
N VAL H 168 34.80 2.88 -15.88
CA VAL H 168 35.77 1.94 -16.45
C VAL H 168 35.68 0.55 -15.80
N TRP H 169 35.66 -0.48 -16.64
CA TRP H 169 35.59 -1.88 -16.21
C TRP H 169 36.82 -2.62 -16.75
N ASP H 170 37.27 -3.66 -16.05
CA ASP H 170 38.41 -4.41 -16.55
C ASP H 170 37.90 -5.64 -17.31
N GLU H 171 36.81 -5.44 -18.04
CA GLU H 171 36.20 -6.47 -18.85
C GLU H 171 35.84 -5.85 -20.19
N ALA H 172 35.56 -6.69 -21.19
CA ALA H 172 35.18 -6.18 -22.50
C ALA H 172 33.67 -6.29 -22.64
N LEU H 173 32.97 -5.23 -22.27
CA LEU H 173 31.50 -5.19 -22.33
C LEU H 173 30.96 -5.54 -23.71
N THR H 174 29.80 -6.19 -23.73
CA THR H 174 29.14 -6.56 -24.98
C THR H 174 28.42 -5.37 -25.58
N THR H 175 28.00 -5.52 -26.82
CA THR H 175 27.28 -4.46 -27.51
C THR H 175 26.00 -4.11 -26.75
N HIS H 176 25.28 -5.12 -26.27
CA HIS H 176 24.06 -4.85 -25.52
C HIS H 176 24.34 -4.14 -24.21
N GLN H 177 25.40 -4.54 -23.51
CA GLN H 177 25.73 -3.90 -22.25
C GLN H 177 26.10 -2.42 -22.43
N VAL H 178 26.81 -2.10 -23.49
CA VAL H 178 27.18 -0.71 -23.74
C VAL H 178 25.92 0.15 -23.92
N SER H 179 24.90 -0.41 -24.56
CA SER H 179 23.67 0.36 -24.75
C SER H 179 22.97 0.63 -23.42
N THR H 180 23.13 -0.29 -22.45
CA THR H 180 22.50 -0.09 -21.14
C THR H 180 23.31 0.95 -20.35
N VAL H 181 24.58 1.10 -20.70
CA VAL H 181 25.42 2.08 -20.03
C VAL H 181 25.09 3.49 -20.53
N ALA H 182 24.95 3.63 -21.84
CA ALA H 182 24.67 4.94 -22.45
C ALA H 182 23.31 5.56 -22.12
N SER H 183 22.28 4.72 -22.02
CA SER H 183 20.93 5.18 -21.71
C SER H 183 20.89 6.20 -20.57
N CYS H 184 20.39 7.40 -20.86
CA CYS H 184 20.29 8.45 -19.85
C CYS H 184 19.37 8.09 -18.69
N ASN H 185 18.25 7.46 -18.99
CA ASN H 185 17.32 7.07 -17.95
C ASN H 185 17.41 5.60 -17.60
N GLY H 186 18.54 5.00 -17.95
CA GLY H 186 18.75 3.59 -17.64
C GLY H 186 19.25 3.41 -16.22
N ILE H 187 19.92 2.29 -15.96
CA ILE H 187 20.44 2.01 -14.62
C ILE H 187 21.69 2.82 -14.29
N ARG H 188 22.30 3.41 -15.31
CA ARG H 188 23.52 4.21 -15.12
C ARG H 188 24.54 3.46 -14.26
N PRO H 189 25.12 2.39 -14.82
CA PRO H 189 26.11 1.52 -14.18
C PRO H 189 27.39 2.23 -13.75
N ARG H 190 28.09 1.63 -12.80
CA ARG H 190 29.34 2.18 -12.29
C ARG H 190 30.47 1.18 -12.56
N GLY H 191 31.55 1.65 -13.17
CA GLY H 191 32.67 0.77 -13.48
C GLY H 191 33.29 0.20 -12.21
N ASN H 192 33.88 -0.99 -12.32
CA ASN H 192 34.52 -1.63 -11.17
C ASN H 192 35.98 -1.18 -11.01
N VAL H 193 36.58 -0.62 -12.06
CA VAL H 193 37.96 -0.13 -11.99
C VAL H 193 37.90 1.34 -11.58
N ILE H 194 37.13 2.12 -12.32
CA ILE H 194 36.94 3.54 -12.01
C ILE H 194 35.46 3.84 -12.07
N SER H 195 34.94 4.41 -10.99
CA SER H 195 33.54 4.80 -10.92
C SER H 195 33.55 6.32 -10.70
N TRP H 196 32.95 7.05 -11.63
CA TRP H 196 32.92 8.50 -11.58
C TRP H 196 32.60 9.08 -10.20
N MET H 197 33.49 9.94 -9.71
CA MET H 197 33.34 10.60 -8.42
C MET H 197 33.42 9.67 -7.21
N GLU H 198 33.78 8.41 -7.43
CA GLU H 198 33.91 7.48 -6.31
C GLU H 198 35.38 7.05 -6.19
N ASP H 199 36.18 7.46 -7.15
CA ASP H 199 37.60 7.17 -7.17
C ASP H 199 38.30 8.53 -7.25
N SER H 200 39.05 8.86 -6.20
CA SER H 200 39.75 10.13 -6.08
C SER H 200 40.67 10.50 -7.23
N PHE H 201 40.69 11.78 -7.57
CA PHE H 201 41.56 12.27 -8.62
C PHE H 201 41.98 13.70 -8.33
N VAL H 202 43.19 14.05 -8.78
CA VAL H 202 43.74 15.37 -8.61
C VAL H 202 43.22 16.23 -9.74
N ALA H 203 42.78 17.45 -9.43
CA ALA H 203 42.28 18.38 -10.44
C ALA H 203 43.33 19.48 -10.51
N ASP H 204 43.79 19.82 -11.71
CA ASP H 204 44.82 20.84 -11.82
C ASP H 204 44.72 21.70 -13.07
N ASP H 205 45.39 22.85 -13.01
CA ASP H 205 45.43 23.79 -14.12
C ASP H 205 44.10 24.35 -14.60
N GLY H 206 43.26 24.74 -13.65
CA GLY H 206 41.99 25.37 -13.99
C GLY H 206 40.82 24.58 -14.55
N VAL H 207 40.67 23.30 -14.19
CA VAL H 207 39.50 22.59 -14.70
C VAL H 207 38.32 23.15 -13.92
N ILE H 208 37.13 23.09 -14.51
CA ILE H 208 35.94 23.62 -13.88
C ILE H 208 34.98 22.52 -13.47
N VAL H 209 34.62 22.51 -12.19
CA VAL H 209 33.69 21.52 -11.65
C VAL H 209 32.27 22.07 -11.74
N GLY H 210 31.39 21.32 -12.38
CA GLY H 210 30.02 21.75 -12.53
C GLY H 210 29.07 20.58 -12.69
N ILE H 211 27.92 20.84 -13.30
CA ILE H 211 26.92 19.81 -13.50
C ILE H 211 26.58 19.60 -14.97
N SER H 212 26.47 18.33 -15.36
CA SER H 212 26.14 17.98 -16.73
C SER H 212 24.64 17.91 -16.89
N HIS H 213 24.12 18.51 -17.96
CA HIS H 213 22.69 18.48 -18.22
C HIS H 213 22.36 17.64 -19.46
N MET H 214 23.22 16.67 -19.77
CA MET H 214 23.00 15.81 -20.92
C MET H 214 21.78 14.95 -20.70
N CYS H 215 21.68 14.42 -19.49
CA CYS H 215 20.60 13.53 -19.09
C CYS H 215 19.46 14.18 -18.29
N SER H 216 19.81 14.91 -17.24
CA SER H 216 18.82 15.57 -16.40
C SER H 216 18.95 17.09 -16.52
N LEU H 217 17.82 17.75 -16.77
CA LEU H 217 17.80 19.21 -16.90
C LEU H 217 17.74 19.87 -15.52
N ALA I 1 19.76 -14.38 -0.96
CA ALA I 1 19.87 -15.16 0.31
C ALA I 1 21.15 -14.79 1.05
N VAL I 2 22.27 -15.38 0.64
CA VAL I 2 23.56 -15.13 1.27
C VAL I 2 24.21 -13.86 0.72
N ASP I 3 24.55 -12.94 1.62
CA ASP I 3 25.17 -11.68 1.22
C ASP I 3 26.67 -11.87 1.02
N ILE I 4 27.21 -11.17 0.03
CA ILE I 4 28.63 -11.25 -0.30
C ILE I 4 29.54 -10.81 0.86
N ARG I 5 29.00 -9.99 1.75
CA ARG I 5 29.77 -9.51 2.89
C ARG I 5 30.01 -10.62 3.92
N ASP I 6 29.28 -11.71 3.80
CA ASP I 6 29.45 -12.83 4.74
C ASP I 6 30.34 -13.94 4.21
N VAL I 7 30.94 -13.74 3.04
CA VAL I 7 31.86 -14.73 2.49
C VAL I 7 33.06 -14.71 3.43
N LYS I 8 33.66 -15.87 3.70
CA LYS I 8 34.82 -15.88 4.58
C LYS I 8 35.96 -16.65 3.96
N ILE I 9 37.17 -16.39 4.45
CA ILE I 9 38.35 -17.07 3.98
C ILE I 9 39.00 -17.71 5.21
N SER I 10 39.35 -18.99 5.10
CA SER I 10 40.00 -19.70 6.19
C SER I 10 41.49 -19.82 5.87
N PHE I 11 42.33 -19.43 6.84
CA PHE I 11 43.77 -19.54 6.71
C PHE I 11 44.09 -20.71 7.65
N PRO I 12 44.13 -21.93 7.09
CA PRO I 12 44.39 -23.23 7.72
C PRO I 12 45.52 -23.32 8.74
N GLY I 13 46.69 -22.86 8.35
CA GLY I 13 47.85 -22.95 9.23
C GLY I 13 49.05 -22.82 8.33
N THR I 14 50.12 -22.24 8.83
CA THR I 14 51.31 -22.03 8.03
C THR I 14 52.49 -22.93 8.39
N GLN I 15 53.18 -23.41 7.35
CA GLN I 15 54.37 -24.23 7.52
C GLN I 15 55.15 -24.20 6.22
N ASN I 16 56.29 -23.52 6.26
CA ASN I 16 57.17 -23.39 5.10
C ASN I 16 57.21 -24.74 4.38
N PRO I 17 57.10 -24.73 3.05
CA PRO I 17 56.96 -23.59 2.14
C PRO I 17 55.52 -23.13 1.87
N LYS I 18 54.57 -23.59 2.66
CA LYS I 18 53.17 -23.22 2.47
C LYS I 18 52.76 -22.02 3.33
N PHE I 19 52.36 -20.95 2.68
CA PHE I 19 51.94 -19.73 3.36
C PHE I 19 50.57 -19.25 2.87
N PRO I 20 49.48 -19.81 3.41
CA PRO I 20 48.17 -19.34 2.94
C PRO I 20 48.01 -17.83 3.09
N HIS I 21 47.57 -17.17 2.02
CA HIS I 21 47.40 -15.73 2.06
C HIS I 21 46.57 -15.18 0.91
N LEU I 22 46.26 -13.90 1.01
CA LEU I 22 45.52 -13.20 -0.02
C LEU I 22 46.40 -12.01 -0.38
N ARG I 23 46.38 -11.60 -1.63
CA ARG I 23 47.14 -10.43 -2.07
C ARG I 23 46.21 -9.63 -2.98
N PHE I 24 45.90 -8.40 -2.59
CA PHE I 24 45.02 -7.59 -3.42
C PHE I 24 45.70 -7.17 -4.72
N MET I 25 44.97 -7.32 -5.82
CA MET I 25 45.48 -7.01 -7.14
C MET I 25 45.83 -5.54 -7.37
N GLN I 26 45.07 -4.64 -6.77
CA GLN I 26 45.32 -3.21 -6.95
C GLN I 26 46.03 -2.62 -5.74
N THR I 27 47.09 -1.85 -6.01
CA THR I 27 47.82 -1.21 -4.91
C THR I 27 47.00 -0.04 -4.38
N LEU I 28 47.26 0.34 -3.14
CA LEU I 28 46.54 1.44 -2.51
C LEU I 28 47.05 2.80 -2.97
N PRO I 29 46.21 3.83 -2.80
CA PRO I 29 46.64 5.18 -3.18
C PRO I 29 47.39 5.70 -1.96
N ALA I 30 47.97 6.88 -2.05
CA ALA I 30 48.67 7.46 -0.91
C ALA I 30 47.58 7.80 0.10
N VAL I 31 47.84 7.57 1.38
CA VAL I 31 46.85 7.88 2.41
C VAL I 31 47.51 8.51 3.63
N ARG I 32 46.79 9.37 4.33
CA ARG I 32 47.35 9.94 5.54
C ARG I 32 46.58 9.41 6.75
N GLN I 33 45.56 8.61 6.47
CA GLN I 33 44.74 7.99 7.50
C GLN I 33 44.25 6.65 6.98
N LEU I 34 43.97 5.72 7.90
CA LEU I 34 43.49 4.42 7.48
C LEU I 34 42.71 3.72 8.58
N THR I 35 41.57 3.14 8.23
CA THR I 35 40.76 2.40 9.18
C THR I 35 40.55 1.02 8.57
N VAL I 36 40.98 -0.02 9.28
CA VAL I 36 40.83 -1.39 8.80
C VAL I 36 39.91 -2.15 9.76
N CYS I 37 38.77 -2.58 9.25
CA CYS I 37 37.80 -3.32 10.05
C CYS I 37 37.55 -4.69 9.41
N GLN I 38 37.30 -5.70 10.24
CA GLN I 38 37.00 -7.03 9.72
C GLN I 38 36.54 -7.96 10.82
N ARG I 39 35.92 -9.06 10.43
CA ARG I 39 35.46 -10.06 11.37
C ARG I 39 36.49 -11.20 11.36
N ILE I 40 36.96 -11.59 12.54
CA ILE I 40 37.95 -12.65 12.63
C ILE I 40 37.64 -13.71 13.68
N LYS I 41 38.07 -14.93 13.39
CA LYS I 41 37.93 -16.08 14.28
C LYS I 41 39.36 -16.61 14.37
N PRO I 42 40.09 -16.25 15.44
CA PRO I 42 41.47 -16.69 15.62
C PRO I 42 41.63 -18.16 16.01
N PHE I 43 42.68 -18.81 15.47
CA PHE I 43 42.96 -20.20 15.78
C PHE I 43 44.11 -20.36 16.80
N HIS I 44 44.85 -19.28 17.05
CA HIS I 44 45.95 -19.37 18.02
C HIS I 44 46.16 -18.09 18.84
N ARG I 45 46.74 -18.27 20.03
CA ARG I 45 47.00 -17.15 20.94
C ARG I 45 48.23 -16.33 20.57
N ASN I 46 49.23 -16.98 20.00
CA ASN I 46 50.45 -16.25 19.66
C ASN I 46 50.25 -15.19 18.57
N THR I 47 51.14 -14.20 18.58
CA THR I 47 51.08 -13.10 17.64
C THR I 47 51.00 -13.52 16.19
N GLY I 48 50.14 -12.84 15.45
CA GLY I 48 49.97 -13.09 14.03
C GLY I 48 49.64 -11.78 13.36
N TYR I 49 50.13 -11.57 12.14
CA TYR I 49 49.81 -10.33 11.44
C TYR I 49 48.69 -10.57 10.44
N ILE I 50 47.65 -9.74 10.54
CA ILE I 50 46.47 -9.87 9.68
C ILE I 50 46.54 -9.06 8.40
N PHE I 51 46.67 -7.75 8.55
CA PHE I 51 46.73 -6.82 7.40
C PHE I 51 48.15 -6.27 7.25
N SER I 52 48.77 -6.56 6.11
CA SER I 52 50.13 -6.12 5.85
C SER I 52 50.22 -5.29 4.56
N CYS I 53 50.73 -4.07 4.68
CA CYS I 53 50.88 -3.19 3.52
C CYS I 53 52.35 -2.83 3.31
N ALA I 54 52.83 -3.06 2.10
CA ALA I 54 54.23 -2.78 1.80
C ALA I 54 54.46 -2.05 0.48
N THR I 55 55.47 -1.18 0.47
CA THR I 55 55.85 -0.45 -0.74
C THR I 55 57.29 -0.88 -1.05
N SER I 56 57.77 -0.53 -2.23
CA SER I 56 59.12 -0.90 -2.65
C SER I 56 60.22 -0.56 -1.64
N ASN I 57 60.14 0.64 -1.06
CA ASN I 57 61.14 1.08 -0.10
C ASN I 57 60.80 0.83 1.37
N GLN I 58 59.61 0.30 1.64
CA GLN I 58 59.19 0.06 3.01
C GLN I 58 58.22 -1.10 3.12
N ASP I 59 58.73 -2.27 3.47
CA ASP I 59 57.89 -3.47 3.58
C ASP I 59 56.94 -3.40 4.78
N ASN I 60 57.20 -2.47 5.71
CA ASN I 60 56.36 -2.33 6.90
C ASN I 60 55.63 -0.99 6.97
N GLN I 61 54.92 -0.62 5.91
CA GLN I 61 54.19 0.64 5.89
C GLN I 61 53.05 0.68 6.91
N PHE I 62 52.28 -0.40 6.97
CA PHE I 62 51.14 -0.47 7.87
C PHE I 62 50.86 -1.95 8.13
N ILE I 63 50.93 -2.36 9.40
CA ILE I 63 50.69 -3.76 9.73
C ILE I 63 49.86 -3.92 10.99
N THR I 64 48.78 -4.69 10.90
CA THR I 64 47.94 -4.93 12.06
C THR I 64 48.26 -6.32 12.57
N SER I 65 48.05 -6.54 13.86
CA SER I 65 48.32 -7.85 14.45
C SER I 65 47.53 -8.00 15.73
N MET I 66 47.59 -9.19 16.31
CA MET I 66 46.88 -9.47 17.54
C MET I 66 47.54 -10.66 18.22
N TYR I 67 47.21 -10.84 19.49
CA TYR I 67 47.69 -11.96 20.26
C TYR I 67 46.82 -11.98 21.51
N VAL I 68 46.73 -13.14 22.15
CA VAL I 68 45.94 -13.28 23.34
C VAL I 68 46.87 -13.44 24.53
N LYS I 69 46.68 -12.61 25.55
CA LYS I 69 47.50 -12.68 26.77
C LYS I 69 47.18 -13.95 27.54
N SER I 70 48.04 -14.28 28.51
CA SER I 70 47.86 -15.48 29.32
C SER I 70 46.50 -15.55 29.99
N ASP I 71 45.95 -14.41 30.38
CA ASP I 71 44.64 -14.40 31.04
C ASP I 71 43.47 -14.40 30.05
N GLY I 72 43.78 -14.56 28.76
CA GLY I 72 42.73 -14.59 27.75
C GLY I 72 42.36 -13.24 27.17
N THR I 73 43.02 -12.18 27.62
CA THR I 73 42.76 -10.84 27.15
C THR I 73 43.28 -10.57 25.74
N LEU I 74 42.47 -9.89 24.93
CA LEU I 74 42.84 -9.57 23.56
C LEU I 74 43.76 -8.36 23.50
N ASN I 75 44.82 -8.49 22.70
CA ASN I 75 45.76 -7.40 22.51
C ASN I 75 45.84 -7.11 21.02
N LEU I 76 45.57 -5.86 20.65
CA LEU I 76 45.61 -5.49 19.24
C LEU I 76 46.81 -4.57 18.98
N GLY I 77 47.59 -4.92 17.97
CA GLY I 77 48.75 -4.13 17.67
C GLY I 77 48.75 -3.47 16.31
N LEU I 78 49.53 -2.41 16.20
CA LEU I 78 49.68 -1.67 14.95
C LEU I 78 51.12 -1.22 14.79
N GLN I 79 51.60 -1.27 13.56
CA GLN I 79 52.94 -0.81 13.25
C GLN I 79 52.82 0.06 12.01
N VAL I 80 53.39 1.25 12.06
CA VAL I 80 53.35 2.16 10.94
C VAL I 80 54.76 2.64 10.59
N ASN I 81 55.07 2.60 9.30
CA ASN I 81 56.38 3.03 8.83
C ASN I 81 57.54 2.41 9.62
N ALA I 82 57.52 1.09 9.75
CA ALA I 82 58.56 0.36 10.46
C ALA I 82 58.77 0.77 11.92
N SER I 83 57.75 1.33 12.56
CA SER I 83 57.90 1.70 13.96
C SER I 83 57.82 0.38 14.74
N SER I 84 57.92 0.46 16.06
CA SER I 84 57.81 -0.76 16.85
C SER I 84 56.31 -1.06 16.91
N ASN I 85 55.94 -2.29 17.26
CA ASN I 85 54.53 -2.61 17.34
C ASN I 85 53.93 -1.95 18.59
N LYS I 86 52.82 -1.24 18.38
CA LYS I 86 52.13 -0.57 19.47
C LYS I 86 50.92 -1.42 19.82
N TYR I 87 50.81 -1.80 21.09
CA TYR I 87 49.70 -2.64 21.53
C TYR I 87 48.72 -1.96 22.47
N ILE I 88 47.45 -2.27 22.29
CA ILE I 88 46.38 -1.75 23.13
C ILE I 88 45.55 -2.96 23.54
N SER I 89 45.39 -3.13 24.84
CA SER I 89 44.64 -4.24 25.41
C SER I 89 43.13 -3.97 25.35
N CYS I 90 42.36 -5.02 25.06
CA CYS I 90 40.91 -4.90 25.00
C CYS I 90 40.29 -5.70 26.14
N PRO I 91 39.32 -5.11 26.85
CA PRO I 91 38.65 -5.75 27.98
C PRO I 91 37.68 -6.84 27.54
N ILE I 92 38.19 -7.86 26.85
CA ILE I 92 37.36 -8.95 26.37
C ILE I 92 38.17 -10.24 26.37
N GLU I 93 37.58 -11.31 26.91
CA GLU I 93 38.26 -12.58 26.94
C GLU I 93 38.07 -13.29 25.61
N ILE I 94 39.18 -13.69 24.99
CA ILE I 94 39.12 -14.35 23.70
C ILE I 94 39.06 -15.87 23.78
N GLU I 95 38.11 -16.45 23.08
CA GLU I 95 37.97 -17.88 23.01
C GLU I 95 38.33 -18.26 21.59
N LEU I 96 39.45 -18.94 21.41
CA LEU I 96 39.87 -19.32 20.08
C LEU I 96 38.73 -20.09 19.42
N GLY I 97 38.46 -19.79 18.16
CA GLY I 97 37.39 -20.47 17.46
C GLY I 97 36.09 -19.69 17.45
N GLN I 98 36.04 -18.57 18.16
CA GLN I 98 34.86 -17.72 18.22
C GLN I 98 35.09 -16.46 17.39
N TRP I 99 33.99 -15.87 16.89
CA TRP I 99 34.04 -14.65 16.06
C TRP I 99 34.11 -13.37 16.89
N TYR I 100 34.85 -12.39 16.37
CA TYR I 100 34.98 -11.09 17.02
C TYR I 100 35.12 -10.06 15.92
N HIS I 101 34.63 -8.86 16.16
CA HIS I 101 34.79 -7.81 15.16
C HIS I 101 35.95 -6.97 15.67
N VAL I 102 36.93 -6.74 14.82
CA VAL I 102 38.10 -5.96 15.21
C VAL I 102 38.33 -4.85 14.22
N CYS I 103 38.73 -3.69 14.73
CA CYS I 103 39.02 -2.58 13.85
C CYS I 103 40.20 -1.76 14.37
N HIS I 104 41.05 -1.34 13.46
CA HIS I 104 42.20 -0.52 13.78
C HIS I 104 41.99 0.83 13.11
N VAL I 105 42.06 1.91 13.89
CA VAL I 105 41.91 3.25 13.35
C VAL I 105 43.23 3.99 13.50
N TRP I 106 43.74 4.49 12.38
CA TRP I 106 45.01 5.21 12.40
C TRP I 106 44.94 6.54 11.68
N SER I 107 45.53 7.57 12.28
CA SER I 107 45.55 8.88 11.69
C SER I 107 46.95 9.45 11.75
N GLY I 108 47.57 9.64 10.58
CA GLY I 108 48.90 10.19 10.54
C GLY I 108 48.86 11.70 10.71
N VAL I 109 47.67 12.28 10.60
CA VAL I 109 47.52 13.71 10.76
C VAL I 109 47.88 14.13 12.18
N ASP I 110 47.37 13.40 13.18
CA ASP I 110 47.67 13.72 14.56
C ASP I 110 48.47 12.60 15.26
N GLY I 111 48.72 11.51 14.53
CA GLY I 111 49.48 10.41 15.08
C GLY I 111 48.73 9.59 16.12
N ARG I 112 47.40 9.59 16.04
CA ARG I 112 46.60 8.83 16.99
C ARG I 112 46.19 7.47 16.46
N MET I 113 46.29 6.48 17.35
CA MET I 113 45.91 5.11 17.06
C MET I 113 44.79 4.71 18.01
N ALA I 114 43.79 4.00 17.49
CA ALA I 114 42.68 3.55 18.31
C ALA I 114 42.21 2.20 17.79
N VAL I 115 41.88 1.29 18.70
CA VAL I 115 41.41 -0.03 18.29
C VAL I 115 40.08 -0.33 18.95
N TYR I 116 39.28 -1.17 18.29
CA TYR I 116 37.96 -1.53 18.80
C TYR I 116 37.70 -3.02 18.71
N ALA I 117 37.01 -3.55 19.70
CA ALA I 117 36.66 -4.95 19.74
C ALA I 117 35.14 -5.02 19.85
N ASN I 118 34.51 -5.74 18.91
CA ASN I 118 33.07 -5.87 18.87
C ASN I 118 32.34 -4.52 18.90
N GLY I 119 32.91 -3.54 18.20
CA GLY I 119 32.29 -2.23 18.12
C GLY I 119 32.52 -1.29 19.29
N SER I 120 33.28 -1.71 20.29
CA SER I 120 33.54 -0.85 21.43
C SER I 120 35.00 -0.46 21.52
N PRO I 121 35.27 0.79 21.91
CA PRO I 121 36.64 1.30 22.04
C PRO I 121 37.45 0.61 23.13
N CYS I 122 38.68 0.21 22.82
CA CYS I 122 39.55 -0.47 23.77
C CYS I 122 40.52 0.55 24.37
N GLY I 123 40.75 1.64 23.64
CA GLY I 123 41.66 2.67 24.09
C GLY I 123 42.40 3.27 22.93
N THR I 124 43.26 4.25 23.21
CA THR I 124 44.03 4.92 22.17
C THR I 124 45.48 5.07 22.55
N MET I 125 46.31 5.44 21.57
CA MET I 125 47.72 5.65 21.80
C MET I 125 48.20 6.79 20.92
N GLU I 126 49.05 7.64 21.49
CA GLU I 126 49.59 8.79 20.76
C GLU I 126 50.92 8.48 20.10
N ASN I 127 51.35 9.41 19.24
CA ASN I 127 52.61 9.29 18.54
C ASN I 127 52.84 8.01 17.75
N VAL I 128 51.85 7.63 16.95
CA VAL I 128 51.97 6.44 16.12
C VAL I 128 51.95 6.94 14.68
N GLY I 129 53.13 6.95 14.05
CA GLY I 129 53.22 7.41 12.67
C GLY I 129 52.78 8.85 12.51
N LYS I 130 53.03 9.67 13.52
CA LYS I 130 52.66 11.07 13.48
C LYS I 130 53.37 11.80 12.35
N GLY I 131 52.59 12.46 11.49
CA GLY I 131 53.17 13.19 10.38
C GLY I 131 53.52 12.29 9.21
N HIS I 132 53.31 10.98 9.39
CA HIS I 132 53.63 10.04 8.32
C HIS I 132 52.50 9.86 7.32
N GLN I 133 52.86 9.80 6.05
CA GLN I 133 51.89 9.58 4.99
C GLN I 133 52.37 8.36 4.22
N ILE I 134 51.52 7.34 4.16
CA ILE I 134 51.85 6.11 3.44
C ILE I 134 51.96 6.45 1.97
N SER I 135 53.14 6.24 1.39
CA SER I 135 53.35 6.54 -0.02
C SER I 135 52.46 5.67 -0.90
N ALA I 136 52.11 6.21 -2.06
CA ALA I 136 51.25 5.55 -3.03
C ALA I 136 51.83 4.23 -3.54
N GLY I 137 50.97 3.30 -3.90
CA GLY I 137 51.43 2.03 -4.44
C GLY I 137 51.63 0.89 -3.45
N GLY I 138 51.01 0.99 -2.28
CA GLY I 138 51.16 -0.06 -1.28
C GLY I 138 50.44 -1.35 -1.66
N THR I 139 51.14 -2.48 -1.52
CA THR I 139 50.56 -3.79 -1.83
C THR I 139 50.05 -4.39 -0.53
N VAL I 140 48.80 -4.85 -0.54
CA VAL I 140 48.20 -5.43 0.65
C VAL I 140 48.13 -6.96 0.62
N VAL I 141 48.63 -7.58 1.69
CA VAL I 141 48.60 -9.03 1.84
C VAL I 141 47.87 -9.33 3.14
N ILE I 142 47.03 -10.36 3.13
CA ILE I 142 46.28 -10.75 4.31
C ILE I 142 46.73 -12.11 4.82
N GLY I 143 46.97 -12.22 6.13
CA GLY I 143 47.38 -13.49 6.71
C GLY I 143 48.86 -13.76 6.85
N GLN I 144 49.68 -12.92 6.21
CA GLN I 144 51.13 -13.07 6.26
C GLN I 144 51.77 -11.68 6.38
N GLU I 145 53.00 -11.64 6.87
CA GLU I 145 53.74 -10.39 7.03
C GLU I 145 54.74 -10.29 5.89
N GLN I 146 54.67 -9.22 5.09
CA GLN I 146 55.58 -9.06 3.96
C GLN I 146 56.95 -8.48 4.33
N ASP I 147 58.01 -9.07 3.77
CA ASP I 147 59.37 -8.55 3.98
C ASP I 147 59.83 -8.12 2.61
N LYS I 148 58.96 -8.32 1.63
CA LYS I 148 59.17 -7.98 0.24
C LYS I 148 57.77 -7.86 -0.35
N ILE I 149 57.60 -7.10 -1.42
CA ILE I 149 56.28 -6.96 -2.02
C ILE I 149 55.67 -8.32 -2.37
N GLY I 150 54.58 -8.66 -1.71
CA GLY I 150 53.89 -9.93 -1.96
C GLY I 150 54.64 -11.19 -1.55
N GLY I 151 55.67 -11.06 -0.71
CA GLY I 151 56.42 -12.22 -0.30
C GLY I 151 57.32 -12.05 0.91
N GLY I 152 58.32 -12.93 1.01
CA GLY I 152 59.23 -12.89 2.13
C GLY I 152 58.50 -13.21 3.43
N PHE I 153 57.53 -14.12 3.34
CA PHE I 153 56.73 -14.50 4.51
C PHE I 153 57.50 -15.34 5.52
N GLU I 154 57.09 -15.25 6.79
CA GLU I 154 57.71 -15.98 7.88
C GLU I 154 56.62 -16.66 8.69
N GLU I 155 56.74 -17.98 8.88
CA GLU I 155 55.72 -18.72 9.60
C GLU I 155 55.41 -18.23 11.02
N GLN I 156 56.40 -17.71 11.74
CA GLN I 156 56.15 -17.23 13.09
C GLN I 156 55.37 -15.91 13.12
N GLU I 157 55.16 -15.29 11.96
CA GLU I 157 54.41 -14.04 11.91
C GLU I 157 53.08 -14.18 11.17
N SER I 158 52.75 -15.41 10.77
CA SER I 158 51.51 -15.66 10.06
C SER I 158 50.31 -15.67 10.99
N TRP I 159 49.13 -15.48 10.43
CA TRP I 159 47.91 -15.49 11.23
C TRP I 159 46.98 -16.54 10.68
N SER I 160 46.56 -17.48 11.54
CA SER I 160 45.65 -18.53 11.10
C SER I 160 44.30 -18.33 11.76
N GLY I 161 43.24 -18.63 11.01
CA GLY I 161 41.90 -18.47 11.51
C GLY I 161 40.98 -18.16 10.35
N GLU I 162 39.78 -17.66 10.64
CA GLU I 162 38.84 -17.32 9.58
C GLU I 162 38.64 -15.81 9.57
N LEU I 163 38.50 -15.25 8.37
CA LEU I 163 38.32 -13.81 8.21
C LEU I 163 37.20 -13.49 7.24
N SER I 164 36.48 -12.42 7.52
CA SER I 164 35.35 -12.03 6.68
C SER I 164 35.01 -10.54 6.86
N ASP I 165 34.27 -10.00 5.89
CA ASP I 165 33.82 -8.61 5.95
C ASP I 165 34.95 -7.59 6.16
N LEU I 166 36.02 -7.71 5.37
CA LEU I 166 37.13 -6.78 5.47
C LEU I 166 36.75 -5.46 4.79
N GLN I 167 36.75 -4.37 5.54
CA GLN I 167 36.41 -3.06 5.01
C GLN I 167 37.48 -2.04 5.41
N VAL I 168 38.01 -1.33 4.42
CA VAL I 168 39.07 -0.35 4.66
C VAL I 168 38.72 1.03 4.07
N TRP I 169 38.91 2.07 4.88
CA TRP I 169 38.65 3.45 4.49
C TRP I 169 39.94 4.25 4.65
N ASP I 170 40.12 5.29 3.84
CA ASP I 170 41.31 6.11 3.97
C ASP I 170 41.01 7.33 4.83
N GLU I 171 40.22 7.08 5.88
CA GLU I 171 39.82 8.10 6.84
C GLU I 171 39.92 7.48 8.23
N ALA I 172 39.94 8.30 9.27
CA ALA I 172 40.01 7.80 10.64
C ALA I 172 38.61 7.84 11.24
N LEU I 173 37.88 6.74 11.10
CA LEU I 173 36.52 6.64 11.61
C LEU I 173 36.40 6.97 13.09
N THR I 174 35.27 7.56 13.47
CA THR I 174 35.02 7.93 14.86
C THR I 174 34.57 6.70 15.65
N THR I 175 34.54 6.84 16.97
CA THR I 175 34.12 5.77 17.85
C THR I 175 32.70 5.34 17.49
N HIS I 176 31.82 6.31 17.27
CA HIS I 176 30.44 6.02 16.92
C HIS I 176 30.33 5.28 15.59
N GLN I 177 31.12 5.71 14.61
CA GLN I 177 31.08 5.08 13.30
C GLN I 177 31.54 3.62 13.35
N VAL I 178 32.55 3.33 14.15
CA VAL I 178 33.04 1.96 14.25
C VAL I 178 31.94 1.06 14.82
N SER I 179 31.13 1.58 15.74
CA SER I 179 30.06 0.77 16.31
C SER I 179 29.01 0.46 15.26
N THR I 180 28.80 1.36 14.30
CA THR I 180 27.83 1.09 13.25
C THR I 180 28.41 0.10 12.22
N VAL I 181 29.73 0.02 12.17
CA VAL I 181 30.37 -0.93 11.25
C VAL I 181 30.27 -2.34 11.82
N ALA I 182 30.54 -2.48 13.12
CA ALA I 182 30.52 -3.79 13.78
C ALA I 182 29.15 -4.48 13.88
N SER I 183 28.10 -3.70 14.11
CA SER I 183 26.74 -4.25 14.24
C SER I 183 26.41 -5.25 13.15
N CYS I 184 26.08 -6.47 13.57
CA CYS I 184 25.74 -7.54 12.64
C CYS I 184 24.49 -7.23 11.84
N ASN I 185 23.49 -6.62 12.48
CA ASN I 185 22.24 -6.30 11.81
C ASN I 185 22.17 -4.82 11.42
N GLY I 186 23.32 -4.16 11.41
CA GLY I 186 23.36 -2.76 11.05
C GLY I 186 23.38 -2.57 9.55
N ILE I 187 23.88 -1.43 9.10
CA ILE I 187 23.95 -1.13 7.67
C ILE I 187 25.06 -1.89 6.96
N ARG I 188 25.99 -2.45 7.73
CA ARG I 188 27.13 -3.20 7.18
C ARG I 188 27.79 -2.40 6.06
N PRO I 189 28.47 -1.29 6.42
CA PRO I 189 29.17 -0.38 5.51
C PRO I 189 30.27 -1.05 4.69
N ARG I 190 30.62 -0.43 3.57
CA ARG I 190 31.67 -0.93 2.70
C ARG I 190 32.79 0.13 2.60
N GLY I 191 34.02 -0.28 2.86
CA GLY I 191 35.14 0.65 2.79
C GLY I 191 35.32 1.25 1.40
N ASN I 192 35.85 2.46 1.33
CA ASN I 192 36.08 3.11 0.03
C ASN I 192 37.43 2.72 -0.58
N VAL I 193 38.34 2.21 0.24
CA VAL I 193 39.66 1.78 -0.24
C VAL I 193 39.55 0.31 -0.62
N ILE I 194 39.07 -0.50 0.32
CA ILE I 194 38.87 -1.93 0.06
C ILE I 194 37.49 -2.31 0.58
N SER I 195 36.69 -2.89 -0.29
CA SER I 195 35.36 -3.36 0.06
C SER I 195 35.38 -4.87 -0.14
N TRP I 196 35.13 -5.63 0.93
CA TRP I 196 35.16 -7.08 0.88
C TRP I 196 34.45 -7.69 -0.33
N MET I 197 35.19 -8.49 -1.09
CA MET I 197 34.66 -9.17 -2.27
C MET I 197 34.32 -8.25 -3.45
N GLU I 198 34.66 -6.97 -3.35
CA GLU I 198 34.41 -6.05 -4.46
C GLU I 198 35.74 -5.55 -5.02
N ASP I 199 36.83 -5.92 -4.34
CA ASP I 199 38.17 -5.57 -4.78
C ASP I 199 38.93 -6.89 -4.92
N SER I 200 39.30 -7.21 -6.15
CA SER I 200 39.96 -8.48 -6.43
C SER I 200 41.24 -8.75 -5.68
N PHE I 201 41.44 -10.03 -5.37
CA PHE I 201 42.63 -10.47 -4.66
C PHE I 201 43.01 -11.88 -5.07
N VAL I 202 44.30 -12.17 -5.00
CA VAL I 202 44.82 -13.48 -5.36
C VAL I 202 44.72 -14.34 -4.10
N ALA I 203 44.25 -15.57 -4.28
CA ALA I 203 44.14 -16.53 -3.18
C ALA I 203 45.22 -17.56 -3.44
N ASP I 204 46.03 -17.88 -2.43
CA ASP I 204 47.10 -18.84 -2.64
C ASP I 204 47.41 -19.71 -1.44
N ASP I 205 48.10 -20.82 -1.71
CA ASP I 205 48.53 -21.77 -0.69
C ASP I 205 47.43 -22.38 0.18
N GLY I 206 46.37 -22.82 -0.46
CA GLY I 206 45.29 -23.49 0.25
C GLY I 206 44.32 -22.74 1.15
N VAL I 207 44.01 -21.49 0.86
CA VAL I 207 43.02 -20.80 1.69
C VAL I 207 41.67 -21.43 1.33
N ILE I 208 40.75 -21.43 2.28
CA ILE I 208 39.44 -22.02 2.03
C ILE I 208 38.35 -20.95 1.94
N VAL I 209 37.61 -20.98 0.84
CA VAL I 209 36.52 -20.03 0.63
C VAL I 209 35.22 -20.66 1.14
N GLY I 210 34.55 -19.95 2.04
CA GLY I 210 33.30 -20.44 2.60
C GLY I 210 32.40 -19.30 3.05
N ILE I 211 31.51 -19.60 4.00
CA ILE I 211 30.57 -18.60 4.50
C ILE I 211 30.72 -18.41 6.01
N SER I 212 30.68 -17.15 6.43
CA SER I 212 30.77 -16.82 7.84
C SER I 212 29.38 -16.80 8.46
N HIS I 213 29.24 -17.42 9.63
CA HIS I 213 27.95 -17.44 10.31
C HIS I 213 28.00 -16.63 11.60
N MET I 214 28.86 -15.62 11.62
CA MET I 214 28.97 -14.76 12.80
C MET I 214 27.70 -13.95 12.96
N CYS I 215 27.20 -13.45 11.83
CA CYS I 215 26.01 -12.60 11.83
C CYS I 215 24.72 -13.31 11.41
N SER I 216 24.76 -14.03 10.29
CA SER I 216 23.59 -14.74 9.82
C SER I 216 23.81 -16.25 9.85
N LEU I 217 22.86 -16.97 10.44
CA LEU I 217 22.93 -18.42 10.56
C LEU I 217 22.47 -19.10 9.27
N ALA J 1 23.87 -5.00 -2.54
CA ALA J 1 24.33 -4.49 -3.87
C ALA J 1 24.80 -5.65 -4.76
N VAL J 2 26.03 -6.11 -4.53
CA VAL J 2 26.59 -7.21 -5.32
C VAL J 2 26.14 -8.56 -4.78
N ASP J 3 25.56 -9.37 -5.66
CA ASP J 3 25.07 -10.69 -5.29
C ASP J 3 26.21 -11.72 -5.31
N ILE J 4 26.19 -12.63 -4.35
CA ILE J 4 27.21 -13.65 -4.22
C ILE J 4 27.32 -14.55 -5.46
N ARG J 5 26.23 -14.64 -6.22
CA ARG J 5 26.22 -15.45 -7.43
C ARG J 5 27.06 -14.84 -8.55
N ASP J 6 27.44 -13.58 -8.40
CA ASP J 6 28.26 -12.92 -9.41
C ASP J 6 29.75 -12.88 -9.08
N VAL J 7 30.13 -13.54 -7.98
CA VAL J 7 31.55 -13.60 -7.62
C VAL J 7 32.18 -14.47 -8.71
N LYS J 8 33.39 -14.12 -9.13
CA LYS J 8 34.05 -14.91 -10.16
C LYS J 8 35.45 -15.31 -9.74
N ILE J 9 35.96 -16.36 -10.38
CA ILE J 9 37.30 -16.82 -10.12
C ILE J 9 38.05 -16.81 -11.45
N SER J 10 39.24 -16.22 -11.47
CA SER J 10 40.05 -16.19 -12.67
C SER J 10 41.16 -17.23 -12.57
N PHE J 11 41.28 -18.05 -13.61
CA PHE J 11 42.32 -19.08 -13.68
C PHE J 11 43.28 -18.47 -14.71
N PRO J 12 44.29 -17.71 -14.24
CA PRO J 12 45.32 -17.01 -15.00
C PRO J 12 46.02 -17.72 -16.15
N GLY J 13 46.48 -18.94 -15.89
CA GLY J 13 47.18 -19.70 -16.91
C GLY J 13 47.99 -20.74 -16.18
N THR J 14 48.17 -21.91 -16.79
CA THR J 14 48.91 -22.96 -16.13
C THR J 14 50.29 -23.22 -16.69
N GLN J 15 51.23 -23.49 -15.80
CA GLN J 15 52.61 -23.78 -16.16
C GLN J 15 53.27 -24.51 -15.00
N ASN J 16 53.48 -25.82 -15.16
CA ASN J 16 54.10 -26.61 -14.11
C ASN J 16 55.26 -25.82 -13.48
N PRO J 17 55.36 -25.83 -12.14
CA PRO J 17 54.51 -26.54 -11.18
C PRO J 17 53.28 -25.78 -10.69
N LYS J 18 52.91 -24.70 -11.37
CA LYS J 18 51.75 -23.92 -10.97
C LYS J 18 50.47 -24.34 -11.70
N PHE J 19 49.49 -24.81 -10.93
CA PHE J 19 48.22 -25.24 -11.50
C PHE J 19 47.03 -24.58 -10.78
N PRO J 20 46.64 -23.38 -11.22
CA PRO J 20 45.51 -22.68 -10.59
C PRO J 20 44.29 -23.60 -10.57
N HIS J 21 43.65 -23.74 -9.42
CA HIS J 21 42.46 -24.59 -9.35
C HIS J 21 41.67 -24.40 -8.07
N LEU J 22 40.48 -25.01 -8.05
CA LEU J 22 39.62 -24.98 -6.89
C LEU J 22 39.34 -26.45 -6.59
N ARG J 23 39.18 -26.79 -5.31
CA ARG J 23 38.84 -28.14 -4.94
C ARG J 23 37.77 -28.04 -3.85
N PHE J 24 36.60 -28.59 -4.12
CA PHE J 24 35.53 -28.51 -3.12
C PHE J 24 35.84 -29.39 -1.92
N MET J 25 35.61 -28.82 -0.74
CA MET J 25 35.86 -29.48 0.54
C MET J 25 35.05 -30.73 0.79
N GLN J 26 33.79 -30.72 0.35
CA GLN J 26 32.92 -31.86 0.56
C GLN J 26 32.78 -32.71 -0.69
N THR J 27 32.93 -34.02 -0.53
CA THR J 27 32.79 -34.92 -1.66
C THR J 27 31.31 -35.05 -2.02
N LEU J 28 31.03 -35.43 -3.26
CA LEU J 28 29.66 -35.57 -3.71
C LEU J 28 29.02 -36.88 -3.26
N PRO J 29 27.69 -36.93 -3.26
CA PRO J 29 27.00 -38.17 -2.85
C PRO J 29 26.94 -39.00 -4.13
N ALA J 30 26.43 -40.22 -4.04
CA ALA J 30 26.32 -41.04 -5.23
C ALA J 30 25.22 -40.39 -6.07
N VAL J 31 25.39 -40.34 -7.39
CA VAL J 31 24.37 -39.75 -8.24
C VAL J 31 24.19 -40.58 -9.51
N ARG J 32 22.98 -40.57 -10.06
CA ARG J 32 22.76 -41.29 -11.29
C ARG J 32 22.49 -40.31 -12.41
N GLN J 33 22.45 -39.02 -12.05
CA GLN J 33 22.24 -37.93 -12.99
C GLN J 33 23.01 -36.70 -12.49
N LEU J 34 23.39 -35.83 -13.41
CA LEU J 34 24.11 -34.63 -13.00
C LEU J 34 23.97 -33.53 -14.04
N THR J 35 23.72 -32.32 -13.57
CA THR J 35 23.61 -31.15 -14.43
C THR J 35 24.60 -30.12 -13.87
N VAL J 36 25.56 -29.71 -14.70
CA VAL J 36 26.56 -28.72 -14.28
C VAL J 36 26.40 -27.49 -15.15
N CYS J 37 26.03 -26.37 -14.53
CA CYS J 37 25.84 -25.11 -15.24
C CYS J 37 26.78 -24.05 -14.65
N GLN J 38 27.28 -23.15 -15.48
CA GLN J 38 28.15 -22.08 -15.01
C GLN J 38 28.40 -21.04 -16.11
N ARG J 39 28.89 -19.88 -15.70
CA ARG J 39 29.21 -18.81 -16.63
C ARG J 39 30.72 -18.84 -16.82
N ILE J 40 31.17 -18.83 -18.07
CA ILE J 40 32.60 -18.87 -18.34
C ILE J 40 33.05 -17.88 -19.40
N LYS J 41 34.28 -17.42 -19.24
CA LYS J 41 34.94 -16.50 -20.16
C LYS J 41 36.26 -17.21 -20.49
N PRO J 42 36.31 -17.92 -21.63
CA PRO J 42 37.52 -18.66 -22.03
C PRO J 42 38.67 -17.79 -22.50
N PHE J 43 39.89 -18.20 -22.16
CA PHE J 43 41.09 -17.47 -22.58
C PHE J 43 41.80 -18.13 -23.75
N HIS J 44 41.46 -19.38 -24.05
CA HIS J 44 42.09 -20.07 -25.18
C HIS J 44 41.18 -21.02 -25.93
N ARG J 45 41.52 -21.27 -27.19
CA ARG J 45 40.73 -22.15 -28.04
C ARG J 45 40.97 -23.64 -27.81
N ASN J 46 42.18 -24.01 -27.41
CA ASN J 46 42.48 -25.42 -27.20
C ASN J 46 41.71 -26.02 -26.04
N THR J 47 41.52 -27.33 -26.11
CA THR J 47 40.79 -28.09 -25.10
C THR J 47 41.25 -27.85 -23.68
N GLY J 48 40.27 -27.69 -22.80
CA GLY J 48 40.55 -27.49 -21.39
C GLY J 48 39.43 -28.16 -20.60
N TYR J 49 39.76 -28.72 -19.44
CA TYR J 49 38.74 -29.36 -18.62
C TYR J 49 38.31 -28.42 -17.51
N ILE J 50 37.01 -28.20 -17.41
CA ILE J 50 36.45 -27.28 -16.44
C ILE J 50 36.06 -27.93 -15.12
N PHE J 51 35.14 -28.89 -15.20
CA PHE J 51 34.66 -29.60 -14.01
C PHE J 51 35.17 -31.05 -14.04
N SER J 52 35.96 -31.40 -13.02
CA SER J 52 36.54 -32.74 -12.90
C SER J 52 36.14 -33.42 -11.61
N CYS J 53 35.55 -34.61 -11.71
CA CYS J 53 35.13 -35.37 -10.53
C CYS J 53 35.85 -36.72 -10.50
N ALA J 54 36.50 -37.02 -9.38
CA ALA J 54 37.24 -38.27 -9.25
C ALA J 54 37.02 -39.01 -7.93
N THR J 55 37.02 -40.33 -8.01
CA THR J 55 36.88 -41.19 -6.84
C THR J 55 38.18 -41.99 -6.74
N SER J 56 38.40 -42.66 -5.61
CA SER J 56 39.63 -43.43 -5.41
C SER J 56 39.93 -44.43 -6.52
N ASN J 57 38.91 -45.11 -7.02
CA ASN J 57 39.09 -46.09 -8.07
C ASN J 57 38.86 -45.58 -9.50
N GLN J 58 38.45 -44.34 -9.64
CA GLN J 58 38.18 -43.78 -10.97
C GLN J 58 38.40 -42.27 -11.00
N ASP J 59 39.57 -41.84 -11.48
CA ASP J 59 39.87 -40.42 -11.53
C ASP J 59 39.05 -39.68 -12.59
N ASN J 60 38.41 -40.43 -13.49
CA ASN J 60 37.61 -39.84 -14.55
C ASN J 60 36.12 -40.18 -14.46
N GLN J 61 35.52 -39.95 -13.29
CA GLN J 61 34.10 -40.22 -13.08
C GLN J 61 33.21 -39.34 -13.94
N PHE J 62 33.48 -38.04 -13.95
CA PHE J 62 32.68 -37.08 -14.71
C PHE J 62 33.57 -35.88 -15.02
N ILE J 63 33.76 -35.59 -16.30
CA ILE J 63 34.62 -34.46 -16.67
C ILE J 63 34.03 -33.66 -17.82
N THR J 64 33.91 -32.35 -17.62
CA THR J 64 33.38 -31.46 -18.67
C THR J 64 34.57 -30.75 -19.30
N SER J 65 34.43 -30.39 -20.58
CA SER J 65 35.50 -29.72 -21.28
C SER J 65 34.93 -28.93 -22.44
N MET J 66 35.79 -28.14 -23.08
CA MET J 66 35.39 -27.35 -24.23
C MET J 66 36.61 -27.03 -25.06
N TYR J 67 36.36 -26.59 -26.28
CA TYR J 67 37.41 -26.15 -27.19
C TYR J 67 36.69 -25.41 -28.31
N VAL J 68 37.41 -24.54 -28.99
CA VAL J 68 36.84 -23.76 -30.07
C VAL J 68 37.41 -24.26 -31.39
N LYS J 69 36.54 -24.62 -32.32
CA LYS J 69 36.96 -25.11 -33.62
C LYS J 69 37.61 -23.99 -34.43
N SER J 70 38.27 -24.36 -35.52
CA SER J 70 38.94 -23.39 -36.38
C SER J 70 38.02 -22.25 -36.85
N ASP J 71 36.76 -22.58 -37.10
CA ASP J 71 35.80 -21.57 -37.56
C ASP J 71 35.18 -20.75 -36.42
N GLY J 72 35.67 -20.96 -35.20
CA GLY J 72 35.16 -20.22 -34.06
C GLY J 72 33.98 -20.87 -33.35
N THR J 73 33.57 -22.04 -33.84
CA THR J 73 32.44 -22.78 -33.26
C THR J 73 32.77 -23.42 -31.92
N LEU J 74 31.84 -23.31 -30.98
CA LEU J 74 32.01 -23.88 -29.65
C LEU J 74 31.72 -25.38 -29.63
N ASN J 75 32.61 -26.14 -29.00
CA ASN J 75 32.39 -27.58 -28.87
C ASN J 75 32.46 -27.93 -27.40
N LEU J 76 31.40 -28.56 -26.91
CA LEU J 76 31.32 -28.94 -25.51
C LEU J 76 31.46 -30.45 -25.36
N GLY J 77 32.37 -30.86 -24.48
CA GLY J 77 32.58 -32.28 -24.30
C GLY J 77 32.25 -32.79 -22.91
N LEU J 78 32.00 -34.09 -22.84
CA LEU J 78 31.70 -34.75 -21.59
C LEU J 78 32.32 -36.15 -21.60
N GLN J 79 32.83 -36.55 -20.44
CA GLN J 79 33.41 -37.86 -20.29
C GLN J 79 32.83 -38.43 -19.00
N VAL J 80 32.31 -39.64 -19.07
CA VAL J 80 31.73 -40.30 -17.90
C VAL J 80 32.36 -41.68 -17.71
N ASN J 81 32.76 -41.97 -16.49
CA ASN J 81 33.39 -43.23 -16.14
C ASN J 81 34.46 -43.66 -17.14
N ALA J 82 35.43 -42.79 -17.35
CA ALA J 82 36.55 -43.04 -18.24
C ALA J 82 36.21 -43.35 -19.68
N SER J 83 35.04 -42.91 -20.13
CA SER J 83 34.64 -43.14 -21.51
C SER J 83 35.49 -42.19 -22.34
N SER J 84 35.33 -42.23 -23.65
CA SER J 84 36.06 -41.31 -24.51
C SER J 84 35.30 -39.99 -24.38
N ASN J 85 35.93 -38.89 -24.77
CA ASN J 85 35.26 -37.60 -24.70
C ASN J 85 34.19 -37.50 -25.78
N LYS J 86 32.97 -37.15 -25.38
CA LYS J 86 31.85 -37.02 -26.31
C LYS J 86 31.66 -35.53 -26.56
N TYR J 87 31.71 -35.13 -27.82
CA TYR J 87 31.56 -33.72 -28.16
C TYR J 87 30.29 -33.39 -28.93
N ILE J 88 29.71 -32.25 -28.59
CA ILE J 88 28.52 -31.75 -29.25
C ILE J 88 28.82 -30.30 -29.61
N SER J 89 28.70 -29.96 -30.88
CA SER J 89 28.99 -28.60 -31.32
C SER J 89 27.79 -27.68 -31.10
N CYS J 90 28.09 -26.43 -30.78
CA CYS J 90 27.06 -25.43 -30.53
C CYS J 90 27.11 -24.37 -31.63
N PRO J 91 25.94 -23.98 -32.16
CA PRO J 91 25.85 -22.97 -33.24
C PRO J 91 26.10 -21.56 -32.73
N ILE J 92 27.28 -21.33 -32.18
CA ILE J 92 27.62 -20.01 -31.66
C ILE J 92 29.11 -19.77 -31.83
N GLU J 93 29.47 -18.59 -32.35
CA GLU J 93 30.86 -18.25 -32.55
C GLU J 93 31.43 -17.73 -31.23
N ILE J 94 32.53 -18.33 -30.80
CA ILE J 94 33.17 -17.95 -29.55
C ILE J 94 34.24 -16.88 -29.73
N GLU J 95 34.15 -15.83 -28.91
CA GLU J 95 35.14 -14.76 -28.93
C GLU J 95 35.84 -14.90 -27.59
N LEU J 96 37.11 -15.30 -27.61
CA LEU J 96 37.85 -15.46 -26.37
C LEU J 96 37.78 -14.13 -25.60
N GLY J 97 37.55 -14.21 -24.29
CA GLY J 97 37.45 -13.01 -23.49
C GLY J 97 36.02 -12.55 -23.26
N GLN J 98 35.06 -13.20 -23.92
CA GLN J 98 33.63 -12.88 -23.74
C GLN J 98 32.96 -13.94 -22.87
N TRP J 99 31.87 -13.53 -22.22
CA TRP J 99 31.10 -14.41 -21.34
C TRP J 99 30.07 -15.27 -22.08
N TYR J 100 29.90 -16.50 -21.63
CA TYR J 100 28.91 -17.41 -22.20
C TYR J 100 28.39 -18.29 -21.06
N HIS J 101 27.13 -18.70 -21.16
CA HIS J 101 26.60 -19.58 -20.13
C HIS J 101 26.65 -20.97 -20.75
N VAL J 102 27.25 -21.90 -20.04
CA VAL J 102 27.36 -23.26 -20.54
C VAL J 102 26.80 -24.23 -19.52
N CYS J 103 26.12 -25.26 -20.01
CA CYS J 103 25.57 -26.25 -19.12
C CYS J 103 25.66 -27.66 -19.74
N HIS J 104 26.03 -28.63 -18.91
CA HIS J 104 26.13 -30.01 -19.35
C HIS J 104 25.08 -30.81 -18.58
N VAL J 105 24.23 -31.52 -19.30
CA VAL J 105 23.19 -32.32 -18.68
C VAL J 105 23.46 -33.79 -18.97
N TRP J 106 23.59 -34.58 -17.90
CA TRP J 106 23.84 -36.01 -18.05
C TRP J 106 22.88 -36.87 -17.25
N SER J 107 22.41 -37.94 -17.88
CA SER J 107 21.53 -38.88 -17.20
C SER J 107 22.03 -40.29 -17.42
N GLY J 108 22.45 -40.94 -16.33
CA GLY J 108 22.92 -42.31 -16.42
C GLY J 108 21.74 -43.25 -16.51
N VAL J 109 20.55 -42.76 -16.19
CA VAL J 109 19.36 -43.60 -16.25
C VAL J 109 19.09 -44.05 -17.68
N ASP J 110 19.19 -43.12 -18.63
CA ASP J 110 18.94 -43.45 -20.04
C ASP J 110 20.20 -43.27 -20.89
N GLY J 111 21.27 -42.79 -20.28
CA GLY J 111 22.52 -42.60 -21.00
C GLY J 111 22.50 -41.42 -21.96
N ARG J 112 21.64 -40.44 -21.71
CA ARG J 112 21.57 -39.28 -22.58
C ARG J 112 22.38 -38.09 -22.09
N MET J 113 23.07 -37.45 -23.03
CA MET J 113 23.89 -36.28 -22.76
C MET J 113 23.33 -35.13 -23.57
N ALA J 114 23.28 -33.95 -22.97
CA ALA J 114 22.79 -32.76 -23.67
C ALA J 114 23.56 -31.55 -23.17
N VAL J 115 23.91 -30.65 -24.08
CA VAL J 115 24.64 -29.45 -23.70
C VAL J 115 23.92 -28.22 -24.18
N TYR J 116 24.11 -27.13 -23.46
CA TYR J 116 23.45 -25.87 -23.79
C TYR J 116 24.40 -24.67 -23.75
N ALA J 117 24.22 -23.75 -24.68
CA ALA J 117 25.05 -22.55 -24.75
C ALA J 117 24.09 -21.37 -24.65
N ASN J 118 24.34 -20.49 -23.69
CA ASN J 118 23.51 -19.32 -23.45
C ASN J 118 22.03 -19.68 -23.30
N GLY J 119 21.76 -20.79 -22.63
CA GLY J 119 20.39 -21.21 -22.40
C GLY J 119 19.68 -21.91 -23.55
N SER J 120 20.38 -22.15 -24.66
CA SER J 120 19.77 -22.82 -25.80
C SER J 120 20.39 -24.19 -26.04
N PRO J 121 19.57 -25.18 -26.40
CA PRO J 121 20.04 -26.54 -26.66
C PRO J 121 20.95 -26.61 -27.90
N CYS J 122 22.08 -27.29 -27.76
CA CYS J 122 23.02 -27.44 -28.88
C CYS J 122 22.83 -28.79 -29.53
N GLY J 123 22.26 -29.72 -28.77
CA GLY J 123 22.04 -31.07 -29.30
C GLY J 123 22.22 -32.10 -28.20
N THR J 124 22.01 -33.36 -28.55
CA THR J 124 22.13 -34.44 -27.57
C THR J 124 22.92 -35.60 -28.15
N MET J 125 23.31 -36.52 -27.27
CA MET J 125 24.05 -37.71 -27.68
C MET J 125 23.62 -38.87 -26.80
N GLU J 126 23.46 -40.04 -27.42
CA GLU J 126 23.03 -41.23 -26.71
C GLU J 126 24.22 -42.08 -26.24
N ASN J 127 23.92 -43.06 -25.40
CA ASN J 127 24.92 -43.99 -24.89
C ASN J 127 26.14 -43.35 -24.22
N VAL J 128 25.89 -42.42 -23.32
CA VAL J 128 26.96 -41.77 -22.58
C VAL J 128 26.79 -42.17 -21.11
N GLY J 129 27.62 -43.09 -20.65
CA GLY J 129 27.53 -43.55 -19.27
C GLY J 129 26.18 -44.18 -18.97
N LYS J 130 25.60 -44.86 -19.96
CA LYS J 130 24.31 -45.50 -19.78
C LYS J 130 24.38 -46.58 -18.71
N GLY J 131 23.49 -46.50 -17.72
CA GLY J 131 23.47 -47.47 -16.66
C GLY J 131 24.54 -47.21 -15.62
N HIS J 132 25.33 -46.17 -15.82
CA HIS J 132 26.38 -45.85 -14.88
C HIS J 132 25.91 -44.98 -13.73
N GLN J 133 26.39 -45.28 -12.54
CA GLN J 133 26.04 -44.50 -11.36
C GLN J 133 27.37 -44.08 -10.75
N ILE J 134 27.59 -42.77 -10.63
CA ILE J 134 28.82 -42.27 -10.05
C ILE J 134 28.84 -42.66 -8.57
N SER J 135 29.83 -43.44 -8.17
CA SER J 135 29.93 -43.86 -6.79
C SER J 135 30.12 -42.69 -5.84
N ALA J 136 29.64 -42.86 -4.61
CA ALA J 136 29.72 -41.84 -3.59
C ALA J 136 31.16 -41.44 -3.23
N GLY J 137 31.34 -40.19 -2.83
CA GLY J 137 32.66 -39.74 -2.43
C GLY J 137 33.50 -39.06 -3.50
N GLY J 138 32.87 -38.61 -4.57
CA GLY J 138 33.62 -37.95 -5.63
C GLY J 138 34.17 -36.59 -5.23
N THR J 139 35.44 -36.36 -5.52
CA THR J 139 36.08 -35.09 -5.24
C THR J 139 36.03 -34.22 -6.49
N VAL J 140 35.56 -32.99 -6.34
CA VAL J 140 35.44 -32.07 -7.46
C VAL J 140 36.55 -31.02 -7.51
N VAL J 141 37.19 -30.91 -8.67
CA VAL J 141 38.24 -29.93 -8.90
C VAL J 141 37.82 -29.09 -10.11
N ILE J 142 38.04 -27.79 -10.05
CA ILE J 142 37.68 -26.89 -11.13
C ILE J 142 38.93 -26.30 -11.77
N GLY J 143 39.01 -26.34 -13.10
CA GLY J 143 40.15 -25.75 -13.79
C GLY J 143 41.29 -26.68 -14.16
N GLN J 144 41.30 -27.87 -13.58
CA GLN J 144 42.34 -28.85 -13.87
C GLN J 144 41.69 -30.24 -13.98
N GLU J 145 42.39 -31.17 -14.61
CA GLU J 145 41.90 -32.54 -14.80
C GLU J 145 42.64 -33.43 -13.80
N GLN J 146 41.91 -34.13 -12.93
CA GLN J 146 42.53 -34.99 -11.94
C GLN J 146 42.93 -36.38 -12.45
N ASP J 147 44.14 -36.81 -12.07
CA ASP J 147 44.63 -38.14 -12.44
C ASP J 147 44.76 -38.88 -11.12
N LYS J 148 44.50 -38.14 -10.05
CA LYS J 148 44.55 -38.63 -8.68
C LYS J 148 43.62 -37.69 -7.91
N ILE J 149 43.07 -38.14 -6.78
CA ILE J 149 42.19 -37.26 -6.02
C ILE J 149 42.86 -35.95 -5.64
N GLY J 150 42.32 -34.85 -6.19
CA GLY J 150 42.86 -33.53 -5.90
C GLY J 150 44.23 -33.23 -6.48
N GLY J 151 44.69 -34.03 -7.44
CA GLY J 151 46.00 -33.79 -8.02
C GLY J 151 46.31 -34.50 -9.33
N GLY J 152 47.60 -34.65 -9.61
CA GLY J 152 48.02 -35.30 -10.84
C GLY J 152 47.60 -34.46 -12.05
N PHE J 153 47.65 -33.14 -11.89
CA PHE J 153 47.27 -32.21 -12.96
C PHE J 153 48.26 -32.18 -14.11
N GLU J 154 47.74 -31.84 -15.29
CA GLU J 154 48.56 -31.75 -16.50
C GLU J 154 48.24 -30.44 -17.22
N GLU J 155 49.29 -29.67 -17.49
CA GLU J 155 49.18 -28.37 -18.15
C GLU J 155 48.35 -28.35 -19.44
N GLN J 156 48.51 -29.38 -20.26
CA GLN J 156 47.79 -29.46 -21.52
C GLN J 156 46.29 -29.75 -21.37
N GLU J 157 45.85 -30.05 -20.16
CA GLU J 157 44.44 -30.34 -19.91
C GLU J 157 43.79 -29.29 -19.03
N SER J 158 44.54 -28.26 -18.65
CA SER J 158 44.01 -27.20 -17.80
C SER J 158 43.11 -26.25 -18.58
N TRP J 159 42.26 -25.51 -17.86
CA TRP J 159 41.38 -24.54 -18.47
C TRP J 159 41.65 -23.17 -17.86
N SER J 160 41.96 -22.20 -18.72
CA SER J 160 42.23 -20.85 -18.23
C SER J 160 41.09 -19.94 -18.68
N GLY J 161 40.75 -18.99 -17.81
CA GLY J 161 39.67 -18.07 -18.12
C GLY J 161 39.00 -17.67 -16.81
N GLU J 162 37.80 -17.10 -16.92
CA GLU J 162 37.06 -16.67 -15.74
C GLU J 162 35.81 -17.52 -15.60
N LEU J 163 35.45 -17.84 -14.36
CA LEU J 163 34.29 -18.67 -14.10
C LEU J 163 33.44 -18.11 -12.96
N SER J 164 32.13 -18.26 -13.09
CA SER J 164 31.22 -17.73 -12.08
C SER J 164 29.86 -18.45 -12.12
N ASP J 165 29.11 -18.33 -11.03
CA ASP J 165 27.77 -18.89 -10.95
C ASP J 165 27.71 -20.40 -11.24
N LEU J 166 28.60 -21.18 -10.63
CA LEU J 166 28.61 -22.62 -10.82
C LEU J 166 27.48 -23.24 -10.02
N GLN J 167 26.55 -23.92 -10.69
CA GLN J 167 25.42 -24.57 -10.05
C GLN J 167 25.32 -26.01 -10.52
N VAL J 168 25.26 -26.94 -9.57
CA VAL J 168 25.18 -28.36 -9.88
C VAL J 168 24.00 -29.05 -9.18
N TRP J 169 23.23 -29.82 -9.96
CA TRP J 169 22.06 -30.56 -9.48
C TRP J 169 22.30 -32.04 -9.75
N ASP J 170 21.73 -32.92 -8.91
CA ASP J 170 21.90 -34.35 -9.14
C ASP J 170 20.68 -34.88 -9.90
N GLU J 171 20.20 -34.05 -10.83
CA GLU J 171 19.06 -34.38 -11.67
C GLU J 171 19.40 -33.95 -13.09
N ALA J 172 18.66 -34.45 -14.08
CA ALA J 172 18.89 -34.08 -15.48
C ALA J 172 17.87 -33.03 -15.88
N LEU J 173 18.24 -31.76 -15.70
CA LEU J 173 17.36 -30.64 -16.03
C LEU J 173 16.85 -30.68 -17.47
N THR J 174 15.61 -30.22 -17.65
CA THR J 174 15.01 -30.18 -18.97
C THR J 174 15.50 -28.97 -19.75
N THR J 175 15.23 -28.97 -21.04
CA THR J 175 15.61 -27.89 -21.93
C THR J 175 15.07 -26.56 -21.41
N HIS J 176 13.79 -26.56 -21.02
CA HIS J 176 13.18 -25.35 -20.50
C HIS J 176 13.84 -24.88 -19.21
N GLN J 177 14.14 -25.80 -18.32
CA GLN J 177 14.77 -25.42 -17.05
C GLN J 177 16.15 -24.81 -17.25
N VAL J 178 16.93 -25.34 -18.19
CA VAL J 178 18.25 -24.79 -18.44
C VAL J 178 18.14 -23.33 -18.89
N SER J 179 17.11 -23.01 -19.67
CA SER J 179 16.95 -21.63 -20.13
C SER J 179 16.63 -20.70 -18.96
N THR J 180 15.95 -21.21 -17.94
CA THR J 180 15.63 -20.39 -16.78
C THR J 180 16.89 -20.21 -15.92
N VAL J 181 17.83 -21.14 -16.05
CA VAL J 181 19.08 -21.06 -15.29
C VAL J 181 20.01 -20.01 -15.92
N ALA J 182 20.11 -20.05 -17.25
CA ALA J 182 20.97 -19.14 -17.99
C ALA J 182 20.60 -17.65 -17.94
N SER J 183 19.30 -17.36 -17.97
CA SER J 183 18.80 -15.99 -17.95
C SER J 183 19.48 -15.12 -16.89
N CYS J 184 20.13 -14.05 -17.33
CA CYS J 184 20.82 -13.14 -16.42
C CYS J 184 19.88 -12.46 -15.43
N ASN J 185 18.71 -12.06 -15.90
CA ASN J 185 17.73 -11.39 -15.05
C ASN J 185 16.63 -12.34 -14.57
N GLY J 186 16.89 -13.63 -14.68
CA GLY J 186 15.92 -14.61 -14.25
C GLY J 186 15.99 -14.85 -12.75
N ILE J 187 15.51 -16.01 -12.31
CA ILE J 187 15.53 -16.35 -10.89
C ILE J 187 16.92 -16.73 -10.38
N ARG J 188 17.83 -17.00 -11.30
CA ARG J 188 19.21 -17.39 -10.95
C ARG J 188 19.20 -18.48 -9.87
N PRO J 189 18.75 -19.70 -10.26
CA PRO J 189 18.64 -20.89 -9.41
C PRO J 189 19.97 -21.32 -8.80
N ARG J 190 19.88 -22.07 -7.70
CA ARG J 190 21.05 -22.58 -7.00
C ARG J 190 20.99 -24.10 -6.99
N GLY J 191 22.08 -24.75 -7.42
CA GLY J 191 22.12 -26.20 -7.46
C GLY J 191 21.98 -26.81 -6.07
N ASN J 192 21.44 -28.03 -6.00
CA ASN J 192 21.26 -28.71 -4.73
C ASN J 192 22.50 -29.50 -4.33
N VAL J 193 23.38 -29.79 -5.28
CA VAL J 193 24.61 -30.52 -4.99
C VAL J 193 25.70 -29.48 -4.69
N ILE J 194 25.86 -28.53 -5.60
CA ILE J 194 26.83 -27.46 -5.41
C ILE J 194 26.15 -26.15 -5.76
N SER J 195 26.19 -25.19 -4.82
CA SER J 195 25.63 -23.88 -5.04
C SER J 195 26.80 -22.91 -4.91
N TRP J 196 27.05 -22.17 -5.98
CA TRP J 196 28.17 -21.22 -6.02
C TRP J 196 28.32 -20.37 -4.77
N MET J 197 29.50 -20.42 -4.16
CA MET J 197 29.81 -19.65 -2.96
C MET J 197 29.06 -20.09 -1.71
N GLU J 198 28.32 -21.20 -1.77
CA GLU J 198 27.60 -21.68 -0.60
C GLU J 198 28.18 -23.04 -0.19
N ASP J 199 29.08 -23.56 -1.02
CA ASP J 199 29.76 -24.82 -0.76
C ASP J 199 31.25 -24.52 -0.79
N SER J 200 31.89 -24.70 0.35
CA SER J 200 33.31 -24.41 0.53
C SER J 200 34.26 -25.10 -0.45
N PHE J 201 35.30 -24.37 -0.85
CA PHE J 201 36.29 -24.90 -1.75
C PHE J 201 37.65 -24.28 -1.47
N VAL J 202 38.70 -25.06 -1.72
CA VAL J 202 40.06 -24.59 -1.53
C VAL J 202 40.47 -23.87 -2.80
N ALA J 203 41.12 -22.72 -2.64
CA ALA J 203 41.61 -21.94 -3.77
C ALA J 203 43.14 -22.08 -3.72
N ASP J 204 43.76 -22.43 -4.84
CA ASP J 204 45.22 -22.61 -4.81
C ASP J 204 45.89 -22.20 -6.11
N ASP J 205 47.21 -21.99 -6.00
CA ASP J 205 48.06 -21.60 -7.11
C ASP J 205 47.69 -20.34 -7.87
N GLY J 206 47.41 -19.28 -7.13
CA GLY J 206 47.12 -18.00 -7.75
C GLY J 206 45.81 -17.69 -8.45
N VAL J 207 44.71 -18.32 -8.05
CA VAL J 207 43.44 -17.98 -8.69
C VAL J 207 43.09 -16.58 -8.18
N ILE J 208 42.35 -15.83 -8.99
CA ILE J 208 41.99 -14.47 -8.61
C ILE J 208 40.51 -14.36 -8.32
N VAL J 209 40.18 -13.86 -7.12
CA VAL J 209 38.79 -13.70 -6.72
C VAL J 209 38.34 -12.28 -7.08
N GLY J 210 37.25 -12.19 -7.85
CA GLY J 210 36.73 -10.91 -8.27
C GLY J 210 35.23 -10.94 -8.51
N ILE J 211 34.75 -10.02 -9.34
CA ILE J 211 33.33 -9.95 -9.66
C ILE J 211 33.08 -10.08 -11.15
N SER J 212 32.05 -10.85 -11.49
CA SER J 212 31.68 -11.06 -12.88
C SER J 212 30.67 -10.00 -13.30
N HIS J 213 30.90 -9.41 -14.47
CA HIS J 213 29.98 -8.40 -14.98
C HIS J 213 29.24 -8.89 -16.21
N MET J 214 29.03 -10.20 -16.30
CA MET J 214 28.31 -10.78 -17.43
C MET J 214 26.86 -10.36 -17.37
N CYS J 215 26.31 -10.40 -16.16
CA CYS J 215 24.92 -10.06 -15.93
C CYS J 215 24.65 -8.66 -15.39
N SER J 216 25.35 -8.27 -14.33
CA SER J 216 25.18 -6.94 -13.74
C SER J 216 26.45 -6.12 -13.91
N LEU J 217 26.30 -4.91 -14.42
CA LEU J 217 27.44 -4.02 -14.62
C LEU J 217 27.80 -3.30 -13.33
N ALA K 1 1.31 -24.06 3.61
CA ALA K 1 0.71 -24.42 4.93
C ALA K 1 1.76 -25.04 5.86
N VAL K 2 2.04 -26.33 5.66
CA VAL K 2 3.02 -27.04 6.48
C VAL K 2 4.45 -26.81 5.98
N ASP K 3 5.31 -26.33 6.86
CA ASP K 3 6.71 -26.07 6.51
C ASP K 3 7.53 -27.36 6.57
N ILE K 4 8.46 -27.49 5.64
CA ILE K 4 9.31 -28.67 5.56
C ILE K 4 10.16 -28.89 6.83
N ARG K 5 10.40 -27.81 7.56
CA ARG K 5 11.18 -27.88 8.79
C ARG K 5 10.44 -28.60 9.90
N ASP K 6 9.13 -28.78 9.74
CA ASP K 6 8.33 -29.46 10.75
C ASP K 6 8.06 -30.92 10.44
N VAL K 7 8.67 -31.43 9.37
CA VAL K 7 8.52 -32.84 9.05
C VAL K 7 9.25 -33.58 10.17
N LYS K 8 8.71 -34.71 10.61
CA LYS K 8 9.38 -35.46 11.67
C LYS K 8 9.56 -36.93 11.29
N ILE K 9 10.50 -37.58 11.95
CA ILE K 9 10.75 -39.00 11.73
C ILE K 9 10.60 -39.68 13.08
N SER K 10 9.85 -40.77 13.11
CA SER K 10 9.65 -41.53 14.34
C SER K 10 10.50 -42.79 14.28
N PHE K 11 11.28 -43.01 15.34
CA PHE K 11 12.12 -44.18 15.46
C PHE K 11 11.37 -45.02 16.51
N PRO K 12 10.50 -45.92 16.05
CA PRO K 12 9.62 -46.84 16.78
C PRO K 12 10.19 -47.58 17.98
N GLY K 13 11.32 -48.24 17.77
CA GLY K 13 11.93 -49.02 18.82
C GLY K 13 12.84 -50.00 18.13
N THR K 14 13.96 -50.33 18.76
CA THR K 14 14.92 -51.23 18.16
C THR K 14 14.94 -52.64 18.76
N GLN K 15 15.08 -53.62 17.88
CA GLN K 15 15.13 -55.03 18.28
C GLN K 15 15.78 -55.82 17.14
N ASN K 16 17.02 -56.23 17.34
CA ASN K 16 17.75 -57.00 16.34
C ASN K 16 16.80 -58.01 15.71
N PRO K 17 16.84 -58.14 14.37
CA PRO K 17 17.70 -57.44 13.41
C PRO K 17 17.13 -56.12 12.86
N LYS K 18 16.13 -55.58 13.52
CA LYS K 18 15.50 -54.34 13.06
C LYS K 18 16.10 -53.11 13.78
N PHE K 19 16.74 -52.23 13.00
CA PHE K 19 17.36 -51.02 13.55
C PHE K 19 16.88 -49.77 12.80
N PRO K 20 15.73 -49.21 13.19
CA PRO K 20 15.28 -48.01 12.47
C PRO K 20 16.35 -46.91 12.50
N HIS K 21 16.63 -46.32 11.34
CA HIS K 21 17.63 -45.27 11.28
C HIS K 21 17.60 -44.50 9.97
N LEU K 22 18.39 -43.43 9.94
CA LEU K 22 18.53 -42.60 8.76
C LEU K 22 20.03 -42.55 8.49
N ARG K 23 20.41 -42.48 7.22
CA ARG K 23 21.82 -42.37 6.87
C ARG K 23 21.89 -41.34 5.76
N PHE K 24 22.63 -40.26 6.00
CA PHE K 24 22.74 -39.22 4.99
C PHE K 24 23.57 -39.70 3.81
N MET K 25 23.07 -39.41 2.61
CA MET K 25 23.71 -39.81 1.36
C MET K 25 25.07 -39.17 1.13
N GLN K 26 25.24 -37.92 1.54
CA GLN K 26 26.51 -37.25 1.33
C GLN K 26 27.35 -37.21 2.59
N THR K 27 28.62 -37.55 2.47
CA THR K 27 29.51 -37.52 3.63
C THR K 27 29.86 -36.08 3.96
N LEU K 28 30.26 -35.83 5.20
CA LEU K 28 30.61 -34.49 5.63
C LEU K 28 32.00 -34.07 5.18
N PRO K 29 32.26 -32.76 5.16
CA PRO K 29 33.59 -32.30 4.76
C PRO K 29 34.39 -32.33 6.05
N ALA K 30 35.68 -32.02 5.98
CA ALA K 30 36.48 -32.00 7.21
C ALA K 30 36.00 -30.79 7.99
N VAL K 31 35.92 -30.92 9.32
CA VAL K 31 35.48 -29.81 10.16
C VAL K 31 36.31 -29.71 11.42
N ARG K 32 36.45 -28.50 11.93
CA ARG K 32 37.19 -28.24 13.16
C ARG K 32 36.20 -27.91 14.27
N GLN K 33 34.95 -27.65 13.87
CA GLN K 33 33.90 -27.30 14.80
C GLN K 33 32.58 -27.85 14.28
N LEU K 34 31.63 -28.09 15.17
CA LEU K 34 30.34 -28.61 14.75
C LEU K 34 29.25 -28.30 15.77
N THR K 35 28.10 -27.87 15.27
CA THR K 35 26.95 -27.58 16.12
C THR K 35 25.80 -28.39 15.55
N VAL K 36 25.23 -29.25 16.37
CA VAL K 36 24.12 -30.10 15.97
C VAL K 36 22.90 -29.75 16.81
N CYS K 37 21.88 -29.22 16.15
CA CYS K 37 20.64 -28.83 16.83
C CYS K 37 19.46 -29.61 16.23
N GLN K 38 18.47 -29.94 17.06
CA GLN K 38 17.28 -30.63 16.57
C GLN K 38 16.20 -30.70 17.64
N ARG K 39 14.99 -31.01 17.21
CA ARG K 39 13.87 -31.13 18.13
C ARG K 39 13.64 -32.62 18.34
N ILE K 40 13.55 -33.05 19.61
CA ILE K 40 13.34 -34.45 19.90
C ILE K 40 12.27 -34.71 20.95
N LYS K 41 11.63 -35.86 20.80
CA LYS K 41 10.60 -36.34 21.72
C LYS K 41 11.10 -37.73 22.09
N PRO K 42 11.78 -37.87 23.24
CA PRO K 42 12.30 -39.17 23.68
C PRO K 42 11.24 -40.17 24.16
N PHE K 43 11.45 -41.45 23.85
CA PHE K 43 10.52 -42.49 24.29
C PHE K 43 11.07 -43.28 25.50
N HIS K 44 12.35 -43.13 25.82
CA HIS K 44 12.91 -43.83 26.97
C HIS K 44 13.99 -43.06 27.72
N ARG K 45 14.15 -43.39 28.99
CA ARG K 45 15.13 -42.74 29.86
C ARG K 45 16.56 -43.21 29.66
N ASN K 46 16.75 -44.48 29.29
CA ASN K 46 18.10 -45.00 29.12
C ASN K 46 18.83 -44.37 27.97
N THR K 47 20.17 -44.39 28.05
CA THR K 47 21.04 -43.80 27.06
C THR K 47 20.75 -44.25 25.63
N GLY K 48 20.78 -43.27 24.72
CA GLY K 48 20.55 -43.55 23.31
C GLY K 48 21.39 -42.57 22.52
N TYR K 49 21.94 -43.02 21.39
CA TYR K 49 22.76 -42.13 20.57
C TYR K 49 21.92 -41.59 19.42
N ILE K 50 21.90 -40.27 19.31
CA ILE K 50 21.10 -39.59 18.28
C ILE K 50 21.84 -39.35 16.98
N PHE K 51 22.93 -38.59 17.06
CA PHE K 51 23.75 -38.23 15.91
C PHE K 51 25.09 -38.99 15.96
N SER K 52 25.33 -39.83 14.97
CA SER K 52 26.55 -40.63 14.89
C SER K 52 27.31 -40.38 13.59
N CYS K 53 28.58 -39.98 13.71
CA CYS K 53 29.42 -39.71 12.55
C CYS K 53 30.64 -40.63 12.56
N ALA K 54 30.86 -41.33 11.46
CA ALA K 54 31.97 -42.26 11.37
C ALA K 54 32.76 -42.21 10.07
N THR K 55 34.08 -42.40 10.18
CA THR K 55 34.95 -42.43 9.01
C THR K 55 35.54 -43.84 8.97
N SER K 56 36.21 -44.17 7.87
CA SER K 56 36.79 -45.50 7.71
C SER K 56 37.70 -45.94 8.86
N ASN K 57 38.52 -45.03 9.35
CA ASN K 57 39.45 -45.34 10.43
C ASN K 57 38.94 -45.00 11.83
N GLN K 58 37.78 -44.38 11.93
CA GLN K 58 37.24 -43.98 13.23
C GLN K 58 35.71 -43.98 13.24
N ASP K 59 35.11 -45.05 13.74
CA ASP K 59 33.65 -45.14 13.77
C ASP K 59 33.02 -44.20 14.79
N ASN K 60 33.84 -43.65 15.70
CA ASN K 60 33.35 -42.73 16.72
C ASN K 60 33.92 -41.31 16.60
N GLN K 61 33.81 -40.72 15.41
CA GLN K 61 34.32 -39.37 15.18
C GLN K 61 33.57 -38.32 16.00
N PHE K 62 32.25 -38.41 16.00
CA PHE K 62 31.42 -37.45 16.72
C PHE K 62 30.09 -38.14 17.02
N ILE K 63 29.73 -38.24 18.30
CA ILE K 63 28.48 -38.89 18.66
C ILE K 63 27.77 -38.17 19.79
N THR K 64 26.50 -37.85 19.56
CA THR K 64 25.69 -37.18 20.57
C THR K 64 24.79 -38.23 21.22
N SER K 65 24.41 -37.99 22.46
CA SER K 65 23.56 -38.92 23.16
C SER K 65 22.86 -38.21 24.31
N MET K 66 21.92 -38.92 24.93
CA MET K 66 21.17 -38.37 26.04
C MET K 66 20.63 -39.51 26.89
N TYR K 67 20.23 -39.16 28.10
CA TYR K 67 19.61 -40.10 29.02
C TYR K 67 18.98 -39.25 30.09
N VAL K 68 17.99 -39.81 30.77
CA VAL K 68 17.28 -39.11 31.83
C VAL K 68 17.68 -39.73 33.17
N LYS K 69 18.14 -38.88 34.09
CA LYS K 69 18.53 -39.37 35.42
C LYS K 69 17.30 -39.80 36.20
N SER K 70 17.53 -40.47 37.32
CA SER K 70 16.45 -40.96 38.17
C SER K 70 15.47 -39.86 38.59
N ASP K 71 15.99 -38.66 38.83
CA ASP K 71 15.12 -37.55 39.25
C ASP K 71 14.45 -36.84 38.07
N GLY K 72 14.61 -37.39 36.87
CA GLY K 72 13.98 -36.79 35.70
C GLY K 72 14.83 -35.75 34.99
N THR K 73 16.03 -35.51 35.49
CA THR K 73 16.96 -34.54 34.92
C THR K 73 17.54 -34.99 33.59
N LEU K 74 17.60 -34.08 32.62
CA LEU K 74 18.16 -34.41 31.31
C LEU K 74 19.69 -34.32 31.33
N ASN K 75 20.33 -35.32 30.74
CA ASN K 75 21.78 -35.34 30.63
C ASN K 75 22.15 -35.49 29.17
N LEU K 76 22.95 -34.54 28.68
CA LEU K 76 23.36 -34.57 27.28
C LEU K 76 24.82 -34.94 27.16
N GLY K 77 25.11 -35.92 26.32
CA GLY K 77 26.48 -36.36 26.16
C GLY K 77 27.08 -36.16 24.79
N LEU K 78 28.41 -36.11 24.75
CA LEU K 78 29.13 -35.93 23.52
C LEU K 78 30.41 -36.75 23.56
N GLN K 79 30.74 -37.36 22.44
CA GLN K 79 31.97 -38.13 22.32
C GLN K 79 32.63 -37.69 21.03
N VAL K 80 33.92 -37.35 21.11
CA VAL K 80 34.68 -36.91 19.94
C VAL K 80 35.95 -37.74 19.79
N ASN K 81 36.18 -38.23 18.58
CA ASN K 81 37.37 -39.03 18.28
C ASN K 81 37.59 -40.15 19.31
N ALA K 82 36.56 -40.96 19.51
CA ALA K 82 36.60 -42.09 20.44
C ALA K 82 36.97 -41.75 21.88
N SER K 83 36.72 -40.52 22.30
CA SER K 83 37.02 -40.17 23.68
C SER K 83 35.91 -40.80 24.52
N SER K 84 35.96 -40.61 25.83
CA SER K 84 34.93 -41.14 26.71
C SER K 84 33.73 -40.22 26.52
N ASN K 85 32.53 -40.68 26.88
CA ASN K 85 31.37 -39.81 26.76
C ASN K 85 31.43 -38.72 27.82
N LYS K 86 31.27 -37.46 27.38
CA LYS K 86 31.26 -36.32 28.29
C LYS K 86 29.82 -35.91 28.48
N TYR K 87 29.37 -35.85 29.74
CA TYR K 87 27.99 -35.49 30.02
C TYR K 87 27.84 -34.19 30.78
N ILE K 88 26.82 -33.43 30.39
CA ILE K 88 26.49 -32.18 31.04
C ILE K 88 25.00 -32.24 31.37
N SER K 89 24.69 -32.00 32.62
CA SER K 89 23.32 -32.04 33.11
C SER K 89 22.56 -30.75 32.79
N CYS K 90 21.29 -30.88 32.44
CA CYS K 90 20.46 -29.72 32.13
C CYS K 90 19.38 -29.56 33.20
N PRO K 91 19.18 -28.34 33.72
CA PRO K 91 18.18 -28.06 34.75
C PRO K 91 16.75 -28.08 34.23
N ILE K 92 16.34 -29.23 33.68
CA ILE K 92 14.99 -29.38 33.14
C ILE K 92 14.52 -30.80 33.35
N GLU K 93 13.30 -30.96 33.85
CA GLU K 93 12.77 -32.29 34.05
C GLU K 93 12.17 -32.80 32.75
N ILE K 94 12.59 -33.99 32.34
CA ILE K 94 12.12 -34.58 31.10
C ILE K 94 10.91 -35.48 31.27
N GLU K 95 9.90 -35.24 30.44
CA GLU K 95 8.69 -36.06 30.45
C GLU K 95 8.74 -36.81 29.13
N LEU K 96 8.93 -38.11 29.19
CA LEU K 96 8.99 -38.91 27.96
C LEU K 96 7.72 -38.63 27.16
N GLY K 97 7.87 -38.44 25.86
CA GLY K 97 6.70 -38.19 25.03
C GLY K 97 6.48 -36.71 24.75
N GLN K 98 7.26 -35.85 25.40
CA GLN K 98 7.14 -34.41 25.18
C GLN K 98 8.31 -33.91 24.33
N TRP K 99 8.12 -32.79 23.63
CA TRP K 99 9.14 -32.21 22.77
C TRP K 99 10.12 -31.30 23.52
N TYR K 100 11.37 -31.32 23.08
CA TYR K 100 12.43 -30.51 23.66
C TYR K 100 13.37 -30.13 22.53
N HIS K 101 13.97 -28.95 22.61
CA HIS K 101 14.94 -28.58 21.59
C HIS K 101 16.29 -28.83 22.25
N VAL K 102 17.14 -29.58 21.56
CA VAL K 102 18.45 -29.89 22.08
C VAL K 102 19.53 -29.51 21.08
N CYS K 103 20.63 -28.98 21.59
CA CYS K 103 21.73 -28.61 20.72
C CYS K 103 23.07 -28.92 21.37
N HIS K 104 24.00 -29.44 20.58
CA HIS K 104 25.34 -29.75 21.04
C HIS K 104 26.29 -28.85 20.27
N VAL K 105 27.11 -28.09 20.99
CA VAL K 105 28.08 -27.20 20.37
C VAL K 105 29.49 -27.71 20.68
N TRP K 106 30.28 -27.97 19.64
CA TRP K 106 31.64 -28.45 19.83
C TRP K 106 32.66 -27.66 19.03
N SER K 107 33.77 -27.35 19.67
CA SER K 107 34.85 -26.62 19.03
C SER K 107 36.17 -27.33 19.26
N GLY K 108 36.76 -27.87 18.20
CA GLY K 108 38.04 -28.53 18.34
C GLY K 108 39.17 -27.52 18.42
N VAL K 109 38.87 -26.28 18.07
CA VAL K 109 39.86 -25.21 18.13
C VAL K 109 40.34 -24.99 19.56
N ASP K 110 39.38 -24.91 20.49
CA ASP K 110 39.74 -24.71 21.90
C ASP K 110 39.33 -25.90 22.77
N GLY K 111 38.70 -26.91 22.17
CA GLY K 111 38.29 -28.10 22.91
C GLY K 111 37.12 -27.87 23.84
N ARG K 112 36.29 -26.88 23.55
CA ARG K 112 35.13 -26.60 24.39
C ARG K 112 33.85 -27.24 23.88
N MET K 113 33.10 -27.80 24.82
CA MET K 113 31.83 -28.44 24.56
C MET K 113 30.76 -27.68 25.33
N ALA K 114 29.61 -27.47 24.70
CA ALA K 114 28.50 -26.77 25.33
C ALA K 114 27.19 -27.37 24.84
N VAL K 115 26.24 -27.54 25.75
CA VAL K 115 24.95 -28.11 25.36
C VAL K 115 23.83 -27.18 25.79
N TYR K 116 22.73 -27.24 25.06
CA TYR K 116 21.59 -26.38 25.33
C TYR K 116 20.27 -27.14 25.30
N ALA K 117 19.36 -26.77 26.20
CA ALA K 117 18.05 -27.41 26.24
C ALA K 117 17.03 -26.28 26.10
N ASN K 118 16.13 -26.43 25.13
CA ASN K 118 15.11 -25.42 24.86
C ASN K 118 15.71 -24.02 24.69
N GLY K 119 16.86 -23.94 24.03
CA GLY K 119 17.47 -22.65 23.78
C GLY K 119 18.27 -22.03 24.92
N SER K 120 18.37 -22.72 26.05
CA SER K 120 19.12 -22.19 27.18
C SER K 120 20.36 -23.02 27.48
N PRO K 121 21.46 -22.36 27.84
CA PRO K 121 22.71 -23.05 28.15
C PRO K 121 22.62 -23.91 29.40
N CYS K 122 23.11 -25.15 29.31
CA CYS K 122 23.09 -26.07 30.45
C CYS K 122 24.45 -26.07 31.13
N GLY K 123 25.47 -25.68 30.37
CA GLY K 123 26.81 -25.65 30.93
C GLY K 123 27.83 -26.00 29.87
N THR K 124 29.10 -25.99 30.24
CA THR K 124 30.17 -26.30 29.30
C THR K 124 31.20 -27.24 29.90
N MET K 125 32.06 -27.79 29.05
CA MET K 125 33.11 -28.68 29.51
C MET K 125 34.34 -28.46 28.64
N GLU K 126 35.51 -28.46 29.28
CA GLU K 126 36.76 -28.25 28.57
C GLU K 126 37.42 -29.56 28.18
N ASN K 127 38.47 -29.44 27.37
CA ASN K 127 39.24 -30.59 26.90
C ASN K 127 38.45 -31.70 26.23
N VAL K 128 37.57 -31.34 25.30
CA VAL K 128 36.79 -32.31 24.56
C VAL K 128 37.23 -32.22 23.12
N GLY K 129 38.02 -33.19 22.68
CA GLY K 129 38.52 -33.21 21.32
C GLY K 129 39.37 -31.98 21.00
N LYS K 130 40.09 -31.50 22.00
CA LYS K 130 40.92 -30.31 21.80
C LYS K 130 42.01 -30.57 20.78
N GLY K 131 42.08 -29.71 19.77
CA GLY K 131 43.08 -29.87 18.73
C GLY K 131 42.68 -30.91 17.69
N HIS K 132 41.53 -31.55 17.89
CA HIS K 132 41.10 -32.56 16.93
C HIS K 132 40.29 -31.98 15.79
N GLN K 133 40.53 -32.50 14.60
CA GLN K 133 39.81 -32.10 13.40
C GLN K 133 39.21 -33.37 12.80
N ILE K 134 37.89 -33.38 12.67
CA ILE K 134 37.20 -34.53 12.11
C ILE K 134 37.62 -34.64 10.64
N SER K 135 38.24 -35.75 10.29
CA SER K 135 38.69 -35.96 8.91
C SER K 135 37.52 -36.00 7.94
N ALA K 136 37.78 -35.57 6.71
CA ALA K 136 36.79 -35.52 5.65
C ALA K 136 36.18 -36.88 5.32
N GLY K 137 34.93 -36.87 4.87
CA GLY K 137 34.28 -38.11 4.49
C GLY K 137 33.47 -38.82 5.57
N GLY K 138 33.08 -38.10 6.61
CA GLY K 138 32.30 -38.71 7.67
C GLY K 138 30.88 -39.04 7.26
N THR K 139 30.44 -40.26 7.57
CA THR K 139 29.09 -40.71 7.25
C THR K 139 28.21 -40.50 8.49
N VAL K 140 27.08 -39.85 8.29
CA VAL K 140 26.17 -39.58 9.41
C VAL K 140 24.95 -40.50 9.45
N VAL K 141 24.73 -41.10 10.62
CA VAL K 141 23.58 -41.96 10.85
C VAL K 141 22.80 -41.37 12.03
N ILE K 142 21.48 -41.41 11.94
CA ILE K 142 20.62 -40.88 13.00
C ILE K 142 19.83 -42.02 13.65
N GLY K 143 19.83 -42.06 14.98
CA GLY K 143 19.08 -43.07 15.70
C GLY K 143 19.80 -44.34 16.09
N GLN K 144 21.01 -44.53 15.56
CA GLN K 144 21.80 -45.71 15.87
C GLN K 144 23.26 -45.29 16.00
N GLU K 145 24.06 -46.11 16.70
CA GLU K 145 25.48 -45.82 16.87
C GLU K 145 26.26 -46.71 15.91
N GLN K 146 27.08 -46.13 15.05
CA GLN K 146 27.87 -46.89 14.08
C GLN K 146 29.16 -47.49 14.66
N ASP K 147 29.41 -48.76 14.31
CA ASP K 147 30.65 -49.43 14.72
C ASP K 147 31.37 -49.73 13.42
N LYS K 148 30.70 -49.37 12.33
CA LYS K 148 31.19 -49.54 10.98
C LYS K 148 30.42 -48.50 10.16
N ILE K 149 30.98 -48.07 9.02
CA ILE K 149 30.30 -47.09 8.17
C ILE K 149 28.87 -47.55 7.83
N GLY K 150 27.88 -46.82 8.33
CA GLY K 150 26.49 -47.15 8.04
C GLY K 150 25.96 -48.45 8.64
N GLY K 151 26.66 -49.00 9.63
CA GLY K 151 26.21 -50.24 10.23
C GLY K 151 26.83 -50.62 11.56
N GLY K 152 26.78 -51.91 11.88
CA GLY K 152 27.33 -52.39 13.14
C GLY K 152 26.55 -51.82 14.31
N PHE K 153 25.23 -51.68 14.12
CA PHE K 153 24.36 -51.13 15.15
C PHE K 153 24.14 -52.07 16.33
N GLU K 154 23.88 -51.49 17.50
CA GLU K 154 23.64 -52.27 18.72
C GLU K 154 22.37 -51.72 19.38
N GLU K 155 21.42 -52.61 19.66
CA GLU K 155 20.16 -52.20 20.26
C GLU K 155 20.26 -51.42 21.55
N GLN K 156 21.24 -51.73 22.39
CA GLN K 156 21.39 -51.02 23.66
C GLN K 156 21.90 -49.58 23.48
N GLU K 157 22.29 -49.21 22.28
CA GLU K 157 22.79 -47.86 22.03
C GLU K 157 21.87 -47.07 21.08
N SER K 158 20.75 -47.67 20.70
CA SER K 158 19.81 -47.01 19.81
C SER K 158 19.00 -45.95 20.54
N TRP K 159 18.41 -45.03 19.77
CA TRP K 159 17.58 -43.98 20.35
C TRP K 159 16.21 -44.05 19.73
N SER K 160 15.18 -44.19 20.55
CA SER K 160 13.81 -44.26 20.06
C SER K 160 13.07 -42.99 20.45
N GLY K 161 12.22 -42.52 19.55
CA GLY K 161 11.47 -41.30 19.82
C GLY K 161 11.19 -40.61 18.50
N GLU K 162 10.81 -39.34 18.55
CA GLU K 162 10.52 -38.58 17.34
C GLU K 162 11.56 -37.48 17.20
N LEU K 163 11.95 -37.20 15.96
CA LEU K 163 12.96 -36.17 15.71
C LEU K 163 12.57 -35.29 14.53
N SER K 164 12.89 -34.00 14.62
CA SER K 164 12.61 -33.09 13.53
C SER K 164 13.49 -31.85 13.61
N ASP K 165 13.50 -31.09 12.52
CA ASP K 165 14.27 -29.86 12.42
C ASP K 165 15.76 -30.03 12.76
N LEU K 166 16.40 -31.05 12.18
CA LEU K 166 17.84 -31.28 12.40
C LEU K 166 18.64 -30.27 11.59
N GLN K 167 19.42 -29.45 12.27
CA GLN K 167 20.25 -28.44 11.61
C GLN K 167 21.68 -28.56 12.11
N VAL K 168 22.63 -28.65 11.18
CA VAL K 168 24.05 -28.80 11.52
C VAL K 168 24.92 -27.76 10.82
N TRP K 169 25.79 -27.10 11.59
CA TRP K 169 26.71 -26.08 11.10
C TRP K 169 28.15 -26.53 11.41
N ASP K 170 29.10 -26.12 10.58
CA ASP K 170 30.48 -26.49 10.85
C ASP K 170 31.18 -25.35 11.60
N GLU K 171 30.42 -24.72 12.49
CA GLU K 171 30.91 -23.63 13.33
C GLU K 171 30.39 -23.88 14.73
N ALA K 172 30.99 -23.21 15.71
CA ALA K 172 30.56 -23.35 17.10
C ALA K 172 29.68 -22.16 17.45
N LEU K 173 28.37 -22.33 17.26
CA LEU K 173 27.40 -21.27 17.54
C LEU K 173 27.47 -20.73 18.97
N THR K 174 27.21 -19.44 19.11
CA THR K 174 27.22 -18.79 20.42
C THR K 174 25.94 -19.09 21.19
N THR K 175 25.96 -18.79 22.48
CA THR K 175 24.82 -18.99 23.36
C THR K 175 23.61 -18.26 22.79
N HIS K 176 23.81 -17.01 22.37
CA HIS K 176 22.72 -16.22 21.81
C HIS K 176 22.17 -16.83 20.53
N GLN K 177 23.05 -17.28 19.65
CA GLN K 177 22.61 -17.88 18.40
C GLN K 177 21.79 -19.15 18.60
N VAL K 178 22.17 -19.97 19.58
CA VAL K 178 21.41 -21.18 19.82
C VAL K 178 19.98 -20.84 20.26
N SER K 179 19.82 -19.75 21.01
CA SER K 179 18.48 -19.36 21.45
C SER K 179 17.62 -18.94 20.24
N THR K 180 18.25 -18.37 19.21
CA THR K 180 17.49 -17.97 18.03
C THR K 180 17.16 -19.21 17.19
N VAL K 181 17.93 -20.27 17.35
CA VAL K 181 17.67 -21.51 16.62
C VAL K 181 16.48 -22.24 17.26
N ALA K 182 16.47 -22.31 18.58
CA ALA K 182 15.41 -23.02 19.32
C ALA K 182 14.01 -22.41 19.22
N SER K 183 13.93 -21.09 19.22
CA SER K 183 12.65 -20.39 19.16
C SER K 183 11.72 -20.95 18.09
N CYS K 184 10.55 -21.42 18.52
CA CYS K 184 9.56 -21.98 17.60
C CYS K 184 9.04 -20.97 16.58
N ASN K 185 8.85 -19.73 17.02
CA ASN K 185 8.34 -18.67 16.14
C ASN K 185 9.46 -17.77 15.64
N GLY K 186 10.70 -18.22 15.79
CA GLY K 186 11.83 -17.42 15.35
C GLY K 186 12.08 -17.57 13.87
N ILE K 187 13.30 -17.28 13.45
CA ILE K 187 13.66 -17.38 12.04
C ILE K 187 13.82 -18.82 11.57
N ARG K 188 13.93 -19.75 12.52
CA ARG K 188 14.10 -21.17 12.21
C ARG K 188 15.22 -21.35 11.15
N PRO K 189 16.48 -21.09 11.56
CA PRO K 189 17.69 -21.20 10.73
C PRO K 189 17.92 -22.59 10.15
N ARG K 190 18.71 -22.64 9.08
CA ARG K 190 19.04 -23.89 8.42
C ARG K 190 20.56 -24.08 8.43
N GLY K 191 21.01 -25.24 8.92
CA GLY K 191 22.44 -25.50 8.98
C GLY K 191 23.09 -25.50 7.61
N ASN K 192 24.38 -25.14 7.56
CA ASN K 192 25.10 -25.10 6.29
C ASN K 192 25.70 -26.47 5.94
N VAL K 193 25.82 -27.35 6.92
CA VAL K 193 26.37 -28.69 6.70
C VAL K 193 25.19 -29.61 6.38
N ILE K 194 24.19 -29.61 7.26
CA ILE K 194 22.99 -30.39 7.04
C ILE K 194 21.79 -29.51 7.38
N SER K 195 20.87 -29.42 6.41
CA SER K 195 19.65 -28.65 6.57
C SER K 195 18.51 -29.67 6.47
N TRP K 196 17.71 -29.79 7.52
CA TRP K 196 16.62 -30.75 7.55
C TRP K 196 15.78 -30.79 6.29
N MET K 197 15.66 -31.99 5.72
CA MET K 197 14.88 -32.23 4.50
C MET K 197 15.44 -31.57 3.24
N GLU K 198 16.65 -31.03 3.31
CA GLU K 198 17.27 -30.41 2.15
C GLU K 198 18.53 -31.19 1.77
N ASP K 199 18.89 -32.13 2.63
CA ASP K 199 20.04 -33.00 2.40
C ASP K 199 19.51 -34.42 2.46
N SER K 200 19.61 -35.12 1.34
CA SER K 200 19.05 -36.47 1.23
C SER K 200 19.60 -37.50 2.21
N PHE K 201 18.71 -38.39 2.62
CA PHE K 201 19.08 -39.45 3.55
C PHE K 201 18.26 -40.69 3.29
N VAL K 202 18.85 -41.83 3.59
CA VAL K 202 18.18 -43.11 3.40
C VAL K 202 17.38 -43.39 4.66
N ALA K 203 16.16 -43.86 4.49
CA ALA K 203 15.29 -44.19 5.61
C ALA K 203 15.18 -45.71 5.60
N ASP K 204 15.40 -46.35 6.74
CA ASP K 204 15.32 -47.80 6.75
C ASP K 204 14.80 -48.39 8.05
N ASP K 205 14.39 -49.65 7.97
CA ASP K 205 13.88 -50.41 9.10
C ASP K 205 12.67 -49.84 9.81
N GLY K 206 11.68 -49.41 9.03
CA GLY K 206 10.44 -48.91 9.59
C GLY K 206 10.34 -47.55 10.27
N VAL K 207 11.13 -46.56 9.86
CA VAL K 207 10.98 -45.26 10.48
C VAL K 207 9.67 -44.71 9.93
N ILE K 208 9.01 -43.85 10.69
CA ILE K 208 7.73 -43.28 10.28
C ILE K 208 7.86 -41.80 9.96
N VAL K 209 7.45 -41.43 8.74
CA VAL K 209 7.51 -40.04 8.32
C VAL K 209 6.18 -39.37 8.63
N GLY K 210 6.25 -38.26 9.36
CA GLY K 210 5.04 -37.54 9.74
C GLY K 210 5.31 -36.07 9.94
N ILE K 211 4.46 -35.42 10.75
CA ILE K 211 4.61 -34.00 11.03
C ILE K 211 4.75 -33.74 12.53
N SER K 212 5.66 -32.84 12.86
CA SER K 212 5.89 -32.46 14.24
C SER K 212 4.99 -31.29 14.62
N HIS K 213 4.34 -31.39 15.79
CA HIS K 213 3.48 -30.31 16.25
C HIS K 213 4.06 -29.62 17.48
N MET K 214 5.38 -29.63 17.59
CA MET K 214 6.04 -28.98 18.71
C MET K 214 5.86 -27.48 18.61
N CYS K 215 5.98 -26.97 17.39
CA CYS K 215 5.88 -25.54 17.12
C CYS K 215 4.55 -25.08 16.55
N SER K 216 4.08 -25.74 15.49
CA SER K 216 2.81 -25.39 14.86
C SER K 216 1.80 -26.51 15.04
N LEU K 217 0.60 -26.15 15.50
CA LEU K 217 -0.48 -27.11 15.71
C LEU K 217 -1.19 -27.42 14.40
N ALA L 1 11.20 -21.54 1.98
CA ALA L 1 11.97 -21.79 0.72
C ALA L 1 11.45 -23.04 0.00
N VAL L 2 11.85 -24.21 0.48
CA VAL L 2 11.42 -25.48 -0.12
C VAL L 2 10.06 -25.91 0.39
N ASP L 3 9.12 -26.14 -0.52
CA ASP L 3 7.77 -26.56 -0.15
C ASP L 3 7.72 -28.07 0.10
N ILE L 4 6.94 -28.46 1.10
CA ILE L 4 6.80 -29.85 1.46
C ILE L 4 6.25 -30.73 0.33
N ARG L 5 5.54 -30.11 -0.62
CA ARG L 5 4.99 -30.84 -1.75
C ARG L 5 6.07 -31.29 -2.73
N ASP L 6 7.26 -30.72 -2.60
CA ASP L 6 8.37 -31.07 -3.48
C ASP L 6 9.32 -32.11 -2.89
N VAL L 7 8.99 -32.63 -1.72
CA VAL L 7 9.81 -33.69 -1.11
C VAL L 7 9.63 -34.90 -2.02
N LYS L 8 10.71 -35.66 -2.25
CA LYS L 8 10.58 -36.85 -3.09
C LYS L 8 11.15 -38.07 -2.39
N ILE L 9 10.73 -39.23 -2.86
CA ILE L 9 11.22 -40.48 -2.33
C ILE L 9 11.75 -41.28 -3.51
N SER L 10 12.97 -41.81 -3.35
CA SER L 10 13.60 -42.60 -4.39
C SER L 10 13.48 -44.07 -4.03
N PHE L 11 13.00 -44.87 -4.98
CA PHE L 11 12.89 -46.31 -4.80
C PHE L 11 14.03 -46.85 -5.68
N PRO L 12 15.22 -47.04 -5.10
CA PRO L 12 16.48 -47.51 -5.68
C PRO L 12 16.44 -48.68 -6.66
N GLY L 13 15.80 -49.75 -6.25
CA GLY L 13 15.73 -50.93 -7.09
C GLY L 13 15.41 -52.08 -6.15
N THR L 14 14.69 -53.06 -6.65
CA THR L 14 14.27 -54.17 -5.82
C THR L 14 14.99 -55.48 -6.11
N GLN L 15 15.32 -56.20 -5.04
CA GLN L 15 15.94 -57.51 -5.14
C GLN L 15 15.78 -58.23 -3.82
N ASN L 16 14.93 -59.25 -3.84
CA ASN L 16 14.65 -60.05 -2.65
C ASN L 16 15.95 -60.28 -1.89
N PRO L 17 15.91 -60.13 -0.55
CA PRO L 17 14.75 -59.79 0.29
C PRO L 17 14.53 -58.29 0.51
N LYS L 18 15.17 -57.44 -0.31
CA LYS L 18 15.02 -56.01 -0.16
C LYS L 18 13.91 -55.45 -1.07
N PHE L 19 12.87 -54.87 -0.47
CA PHE L 19 11.76 -54.28 -1.22
C PHE L 19 11.48 -52.84 -0.77
N PRO L 20 12.18 -51.86 -1.35
CA PRO L 20 11.96 -50.46 -0.97
C PRO L 20 10.48 -50.11 -1.12
N HIS L 21 9.88 -49.52 -0.09
CA HIS L 21 8.47 -49.16 -0.17
C HIS L 21 8.01 -48.22 0.93
N LEU L 22 6.80 -47.72 0.77
CA LEU L 22 6.18 -46.85 1.76
C LEU L 22 4.86 -47.54 2.11
N ARG L 23 4.41 -47.40 3.35
CA ARG L 23 3.13 -47.95 3.76
C ARG L 23 2.47 -46.89 4.61
N PHE L 24 1.31 -46.41 4.20
CA PHE L 24 0.62 -45.39 4.97
C PHE L 24 0.07 -45.97 6.27
N MET L 25 0.27 -45.22 7.34
CA MET L 25 -0.16 -45.63 8.68
C MET L 25 -1.65 -45.75 8.86
N GLN L 26 -2.41 -44.88 8.19
CA GLN L 26 -3.85 -44.91 8.32
C GLN L 26 -4.52 -45.58 7.13
N THR L 27 -5.45 -46.49 7.40
CA THR L 27 -6.14 -47.17 6.33
C THR L 27 -7.17 -46.21 5.72
N LEU L 28 -7.55 -46.45 4.47
CA LEU L 28 -8.51 -45.60 3.79
C LEU L 28 -9.94 -45.87 4.22
N PRO L 29 -10.82 -44.91 3.99
CA PRO L 29 -12.23 -45.09 4.33
C PRO L 29 -12.83 -45.81 3.12
N ALA L 30 -14.10 -46.21 3.21
CA ALA L 30 -14.73 -46.86 2.05
C ALA L 30 -14.87 -45.76 1.00
N VAL L 31 -14.66 -46.10 -0.26
CA VAL L 31 -14.77 -45.12 -1.34
C VAL L 31 -15.47 -45.73 -2.56
N ARG L 32 -16.17 -44.89 -3.31
CA ARG L 32 -16.87 -45.32 -4.52
C ARG L 32 -16.12 -44.77 -5.72
N GLN L 33 -15.20 -43.86 -5.46
CA GLN L 33 -14.41 -43.21 -6.50
C GLN L 33 -13.03 -42.88 -5.93
N LEU L 34 -12.05 -42.79 -6.82
CA LEU L 34 -10.71 -42.47 -6.37
C LEU L 34 -9.87 -41.85 -7.49
N THR L 35 -9.13 -40.80 -7.14
CA THR L 35 -8.25 -40.15 -8.10
C THR L 35 -6.87 -40.11 -7.45
N VAL L 36 -5.89 -40.73 -8.10
CA VAL L 36 -4.53 -40.76 -7.59
C VAL L 36 -3.62 -40.01 -8.55
N CYS L 37 -3.04 -38.92 -8.07
CA CYS L 37 -2.15 -38.10 -8.88
C CYS L 37 -0.77 -38.03 -8.19
N GLN L 38 0.29 -37.97 -8.98
CA GLN L 38 1.64 -37.86 -8.44
C GLN L 38 2.66 -37.57 -9.53
N ARG L 39 3.83 -37.12 -9.12
CA ARG L 39 4.92 -36.83 -10.04
C ARG L 39 5.87 -38.03 -9.95
N ILE L 40 6.25 -38.57 -11.10
CA ILE L 40 7.15 -39.72 -11.13
C ILE L 40 8.27 -39.63 -12.14
N LYS L 41 9.41 -40.22 -11.79
CA LYS L 41 10.58 -40.28 -12.64
C LYS L 41 10.90 -41.78 -12.70
N PRO L 42 10.45 -42.48 -13.75
CA PRO L 42 10.69 -43.92 -13.88
C PRO L 42 12.13 -44.32 -14.19
N PHE L 43 12.59 -45.44 -13.62
CA PHE L 43 13.93 -45.93 -13.87
C PHE L 43 13.95 -47.11 -14.84
N HIS L 44 12.78 -47.69 -15.12
CA HIS L 44 12.74 -48.81 -16.07
C HIS L 44 11.46 -48.88 -16.90
N ARG L 45 11.57 -49.51 -18.07
CA ARG L 45 10.44 -49.63 -18.99
C ARG L 45 9.45 -50.70 -18.62
N ASN L 46 9.92 -51.78 -18.00
CA ASN L 46 9.02 -52.87 -17.65
C ASN L 46 7.97 -52.47 -16.62
N THR L 47 6.85 -53.18 -16.63
CA THR L 47 5.74 -52.94 -15.72
C THR L 47 6.13 -52.88 -14.26
N GLY L 48 5.56 -51.89 -13.57
CA GLY L 48 5.81 -51.72 -12.15
C GLY L 48 4.53 -51.16 -11.53
N TYR L 49 4.22 -51.58 -10.31
CA TYR L 49 3.02 -51.08 -9.64
C TYR L 49 3.41 -49.97 -8.69
N ILE L 50 2.73 -48.82 -8.83
CA ILE L 50 3.02 -47.65 -8.03
C ILE L 50 2.18 -47.53 -6.76
N PHE L 51 0.86 -47.49 -6.93
CA PHE L 51 -0.10 -47.36 -5.84
C PHE L 51 -0.86 -48.68 -5.66
N SER L 52 -0.69 -49.30 -4.49
CA SER L 52 -1.35 -50.56 -4.19
C SER L 52 -2.22 -50.46 -2.94
N CYS L 53 -3.49 -50.81 -3.09
CA CYS L 53 -4.43 -50.78 -1.97
C CYS L 53 -5.01 -52.17 -1.71
N ALA L 54 -4.90 -52.64 -0.47
CA ALA L 54 -5.40 -53.96 -0.15
C ALA L 54 -6.18 -54.03 1.16
N THR L 55 -7.19 -54.90 1.17
CA THR L 55 -8.01 -55.14 2.36
C THR L 55 -7.79 -56.61 2.74
N SER L 56 -8.25 -57.00 3.92
CA SER L 56 -8.06 -58.38 4.38
C SER L 56 -8.55 -59.45 3.40
N ASN L 57 -9.69 -59.19 2.77
CA ASN L 57 -10.29 -60.13 1.85
C ASN L 57 -9.94 -59.90 0.37
N GLN L 58 -9.24 -58.81 0.08
CA GLN L 58 -8.90 -58.49 -1.31
C GLN L 58 -7.59 -57.70 -1.41
N ASP L 59 -6.50 -58.40 -1.70
CA ASP L 59 -5.20 -57.75 -1.79
C ASP L 59 -5.09 -56.85 -3.01
N ASN L 60 -6.01 -57.00 -3.96
CA ASN L 60 -6.00 -56.20 -5.19
C ASN L 60 -7.23 -55.28 -5.32
N GLN L 61 -7.49 -54.47 -4.30
CA GLN L 61 -8.63 -53.54 -4.32
C GLN L 61 -8.48 -52.46 -5.39
N PHE L 62 -7.29 -51.85 -5.44
CA PHE L 62 -7.03 -50.77 -6.39
C PHE L 62 -5.51 -50.73 -6.61
N ILE L 63 -5.08 -50.89 -7.85
CA ILE L 63 -3.65 -50.88 -8.13
C ILE L 63 -3.33 -50.14 -9.42
N THR L 64 -2.41 -49.18 -9.34
CA THR L 64 -2.00 -48.43 -10.50
C THR L 64 -0.65 -48.99 -10.96
N SER L 65 -0.37 -48.86 -12.26
CA SER L 65 0.88 -49.35 -12.79
C SER L 65 1.19 -48.63 -14.09
N MET L 66 2.38 -48.88 -14.61
CA MET L 66 2.79 -48.27 -15.87
C MET L 66 3.89 -49.12 -16.49
N TYR L 67 4.14 -48.86 -17.76
CA TYR L 67 5.21 -49.53 -18.48
C TYR L 67 5.40 -48.72 -19.75
N VAL L 68 6.57 -48.84 -20.36
CA VAL L 68 6.86 -48.09 -21.59
C VAL L 68 6.93 -49.08 -22.73
N LYS L 69 6.17 -48.82 -23.79
CA LYS L 69 6.16 -49.70 -24.94
C LYS L 69 7.47 -49.60 -25.69
N SER L 70 7.69 -50.52 -26.62
CA SER L 70 8.91 -50.55 -27.43
C SER L 70 9.22 -49.23 -28.10
N ASP L 71 8.19 -48.53 -28.57
CA ASP L 71 8.39 -47.25 -29.25
C ASP L 71 8.54 -46.07 -28.29
N GLY L 72 8.61 -46.35 -26.99
CA GLY L 72 8.77 -45.29 -26.01
C GLY L 72 7.47 -44.70 -25.49
N THR L 73 6.35 -45.22 -25.96
CA THR L 73 5.03 -44.73 -25.54
C THR L 73 4.66 -45.16 -24.13
N LEU L 74 4.08 -44.23 -23.37
CA LEU L 74 3.67 -44.49 -22.00
C LEU L 74 2.33 -45.22 -21.95
N ASN L 75 2.26 -46.26 -21.12
CA ASN L 75 1.03 -47.01 -20.95
C ASN L 75 0.70 -47.01 -19.47
N LEU L 76 -0.49 -46.53 -19.13
CA LEU L 76 -0.92 -46.47 -17.74
C LEU L 76 -1.99 -47.50 -17.49
N GLY L 77 -1.80 -48.29 -16.44
CA GLY L 77 -2.76 -49.32 -16.11
C GLY L 77 -3.45 -49.16 -14.78
N LEU L 78 -4.62 -49.78 -14.67
CA LEU L 78 -5.41 -49.77 -13.45
C LEU L 78 -6.07 -51.12 -13.27
N GLN L 79 -6.14 -51.55 -12.02
CA GLN L 79 -6.79 -52.81 -11.68
C GLN L 79 -7.68 -52.50 -10.48
N VAL L 80 -8.93 -52.90 -10.55
CA VAL L 80 -9.88 -52.68 -9.47
C VAL L 80 -10.56 -53.98 -9.08
N ASN L 81 -10.60 -54.27 -7.79
CA ASN L 81 -11.23 -55.49 -7.28
C ASN L 81 -10.78 -56.73 -8.04
N ALA L 82 -9.47 -56.93 -8.12
CA ALA L 82 -8.87 -58.08 -8.77
C ALA L 82 -9.26 -58.29 -10.23
N SER L 83 -9.65 -57.22 -10.91
CA SER L 83 -9.99 -57.34 -12.32
C SER L 83 -8.67 -57.50 -13.05
N SER L 84 -8.72 -57.64 -14.37
CA SER L 84 -7.49 -57.75 -15.14
C SER L 84 -6.96 -56.31 -15.23
N ASN L 85 -5.69 -56.15 -15.56
CA ASN L 85 -5.13 -54.81 -15.69
C ASN L 85 -5.66 -54.14 -16.95
N LYS L 86 -6.21 -52.93 -16.80
CA LYS L 86 -6.73 -52.19 -17.93
C LYS L 86 -5.71 -51.13 -18.29
N TYR L 87 -5.27 -51.13 -19.55
CA TYR L 87 -4.27 -50.18 -19.99
C TYR L 87 -4.76 -49.15 -21.01
N ILE L 88 -4.27 -47.93 -20.83
CA ILE L 88 -4.61 -46.82 -21.73
C ILE L 88 -3.27 -46.20 -22.14
N SER L 89 -3.03 -46.10 -23.44
CA SER L 89 -1.78 -45.53 -23.91
C SER L 89 -1.84 -44.02 -23.96
N CYS L 90 -0.71 -43.39 -23.66
CA CYS L 90 -0.60 -41.93 -23.67
C CYS L 90 0.31 -41.48 -24.80
N PRO L 91 -0.12 -40.46 -25.55
CA PRO L 91 0.65 -39.92 -26.68
C PRO L 91 1.87 -39.12 -26.23
N ILE L 92 2.76 -39.77 -25.49
CA ILE L 92 3.96 -39.09 -25.02
C ILE L 92 5.12 -40.08 -24.93
N GLU L 93 6.28 -39.69 -25.45
CA GLU L 93 7.46 -40.55 -25.42
C GLU L 93 8.12 -40.42 -24.05
N ILE L 94 8.33 -41.55 -23.39
CA ILE L 94 8.95 -41.53 -22.07
C ILE L 94 10.46 -41.69 -22.12
N GLU L 95 11.17 -40.81 -21.42
CA GLU L 95 12.61 -40.88 -21.34
C GLU L 95 12.87 -41.25 -19.88
N LEU L 96 13.38 -42.46 -19.65
CA LEU L 96 13.66 -42.90 -18.29
C LEU L 96 14.57 -41.85 -17.63
N GLY L 97 14.28 -41.51 -16.39
CA GLY L 97 15.09 -40.51 -15.71
C GLY L 97 14.50 -39.11 -15.75
N GLN L 98 13.43 -38.93 -16.52
CA GLN L 98 12.76 -37.63 -16.63
C GLN L 98 11.45 -37.64 -15.82
N TRP L 99 11.03 -36.45 -15.39
CA TRP L 99 9.81 -36.28 -14.61
C TRP L 99 8.56 -36.19 -15.48
N TYR L 100 7.45 -36.76 -14.98
CA TYR L 100 6.16 -36.72 -15.66
C TYR L 100 5.10 -36.67 -14.59
N HIS L 101 3.98 -36.00 -14.88
CA HIS L 101 2.90 -36.00 -13.91
C HIS L 101 1.91 -37.03 -14.42
N VAL L 102 1.53 -37.95 -13.55
CA VAL L 102 0.59 -38.99 -13.93
C VAL L 102 -0.58 -39.02 -12.97
N CYS L 103 -1.77 -39.25 -13.51
CA CYS L 103 -2.95 -39.34 -12.67
C CYS L 103 -3.92 -40.39 -13.17
N HIS L 104 -4.48 -41.16 -12.24
CA HIS L 104 -5.46 -42.18 -12.56
C HIS L 104 -6.79 -41.75 -11.94
N VAL L 105 -7.84 -41.68 -12.74
CA VAL L 105 -9.15 -41.30 -12.25
C VAL L 105 -10.09 -42.49 -12.40
N TRP L 106 -10.68 -42.91 -11.28
CA TRP L 106 -11.59 -44.04 -11.29
C TRP L 106 -12.91 -43.75 -10.61
N SER L 107 -14.00 -44.18 -11.25
CA SER L 107 -15.32 -43.99 -10.68
C SER L 107 -16.08 -45.31 -10.72
N GLY L 108 -16.39 -45.84 -9.55
CA GLY L 108 -17.15 -47.08 -9.47
C GLY L 108 -18.62 -46.83 -9.70
N VAL L 109 -19.03 -45.57 -9.63
CA VAL L 109 -20.42 -45.22 -9.84
C VAL L 109 -20.84 -45.55 -11.27
N ASP L 110 -20.00 -45.20 -12.25
CA ASP L 110 -20.30 -45.48 -13.65
C ASP L 110 -19.32 -46.45 -14.27
N GLY L 111 -18.31 -46.85 -13.50
CA GLY L 111 -17.30 -47.79 -13.99
C GLY L 111 -16.35 -47.20 -15.02
N ARG L 112 -16.17 -45.88 -14.98
CA ARG L 112 -15.29 -45.19 -15.92
C ARG L 112 -13.87 -44.99 -15.38
N MET L 113 -12.89 -45.27 -16.23
CA MET L 113 -11.48 -45.12 -15.89
C MET L 113 -10.89 -44.10 -16.86
N ALA L 114 -10.06 -43.20 -16.35
CA ALA L 114 -9.43 -42.19 -17.20
C ALA L 114 -8.03 -41.91 -16.65
N VAL L 115 -7.06 -41.75 -17.56
CA VAL L 115 -5.69 -41.49 -17.14
C VAL L 115 -5.18 -40.22 -17.81
N TYR L 116 -4.25 -39.54 -17.13
CA TYR L 116 -3.69 -38.30 -17.63
C TYR L 116 -2.17 -38.27 -17.52
N ALA L 117 -1.53 -37.69 -18.53
CA ALA L 117 -0.08 -37.56 -18.52
C ALA L 117 0.22 -36.07 -18.68
N ASN L 118 0.98 -35.53 -17.73
CA ASN L 118 1.33 -34.12 -17.74
C ASN L 118 0.11 -33.21 -17.84
N GLY L 119 -0.95 -33.61 -17.15
CA GLY L 119 -2.16 -32.79 -17.14
C GLY L 119 -3.09 -32.91 -18.33
N SER L 120 -2.76 -33.77 -19.28
CA SER L 120 -3.59 -33.94 -20.47
C SER L 120 -4.20 -35.33 -20.51
N PRO L 121 -5.47 -35.42 -20.93
CA PRO L 121 -6.19 -36.70 -21.02
C PRO L 121 -5.59 -37.63 -22.07
N CYS L 122 -5.40 -38.90 -21.70
CA CYS L 122 -4.84 -39.89 -22.62
C CYS L 122 -5.96 -40.72 -23.21
N GLY L 123 -7.09 -40.76 -22.52
CA GLY L 123 -8.22 -41.54 -22.98
C GLY L 123 -8.98 -42.13 -21.81
N THR L 124 -10.06 -42.86 -22.10
CA THR L 124 -10.88 -43.46 -21.07
C THR L 124 -11.23 -44.90 -21.40
N MET L 125 -11.74 -45.62 -20.41
CA MET L 125 -12.17 -46.99 -20.61
C MET L 125 -13.39 -47.27 -19.74
N GLU L 126 -14.35 -47.99 -20.31
CA GLU L 126 -15.58 -48.31 -19.60
C GLU L 126 -15.49 -49.66 -18.89
N ASN L 127 -16.49 -49.93 -18.06
CA ASN L 127 -16.59 -51.18 -17.32
C ASN L 127 -15.39 -51.56 -16.48
N VAL L 128 -14.89 -50.61 -15.71
CA VAL L 128 -13.76 -50.89 -14.82
C VAL L 128 -14.27 -50.72 -13.40
N GLY L 129 -14.48 -51.86 -12.73
CA GLY L 129 -14.98 -51.84 -11.37
C GLY L 129 -16.33 -51.18 -11.26
N LYS L 130 -17.15 -51.35 -12.29
CA LYS L 130 -18.48 -50.76 -12.32
C LYS L 130 -19.34 -51.32 -11.18
N GLY L 131 -19.91 -50.41 -10.39
CA GLY L 131 -20.75 -50.84 -9.28
C GLY L 131 -19.94 -51.29 -8.08
N HIS L 132 -18.62 -51.28 -8.19
CA HIS L 132 -17.77 -51.70 -7.10
C HIS L 132 -17.46 -50.57 -6.13
N GLN L 133 -17.49 -50.89 -4.84
CA GLN L 133 -17.16 -49.93 -3.80
C GLN L 133 -16.03 -50.56 -2.98
N ILE L 134 -14.90 -49.86 -2.91
CA ILE L 134 -13.77 -50.37 -2.15
C ILE L 134 -14.15 -50.36 -0.67
N SER L 135 -14.12 -51.54 -0.05
CA SER L 135 -14.46 -51.70 1.36
C SER L 135 -13.53 -50.86 2.23
N ALA L 136 -14.05 -50.40 3.36
CA ALA L 136 -13.29 -49.59 4.30
C ALA L 136 -12.11 -50.36 4.89
N GLY L 137 -11.04 -49.63 5.25
CA GLY L 137 -9.88 -50.27 5.86
C GLY L 137 -8.77 -50.67 4.91
N GLY L 138 -8.73 -50.08 3.72
CA GLY L 138 -7.69 -50.43 2.77
C GLY L 138 -6.33 -49.89 3.16
N THR L 139 -5.31 -50.74 3.08
CA THR L 139 -3.95 -50.36 3.41
C THR L 139 -3.22 -49.99 2.12
N VAL L 140 -2.58 -48.83 2.11
CA VAL L 140 -1.88 -48.35 0.93
C VAL L 140 -0.35 -48.53 0.99
N VAL L 141 0.20 -49.14 -0.05
CA VAL L 141 1.64 -49.35 -0.16
C VAL L 141 2.08 -48.71 -1.47
N ILE L 142 3.24 -48.04 -1.44
CA ILE L 142 3.77 -47.39 -2.64
C ILE L 142 5.07 -48.07 -3.08
N GLY L 143 5.17 -48.37 -4.36
CA GLY L 143 6.39 -48.98 -4.88
C GLY L 143 6.43 -50.49 -4.97
N GLN L 144 5.46 -51.15 -4.34
CA GLN L 144 5.40 -52.61 -4.36
C GLN L 144 3.93 -53.03 -4.51
N GLU L 145 3.70 -54.26 -4.95
CA GLU L 145 2.35 -54.77 -5.11
C GLU L 145 2.07 -55.74 -3.96
N GLN L 146 1.01 -55.48 -3.20
CA GLN L 146 0.68 -56.32 -2.05
C GLN L 146 -0.08 -57.61 -2.40
N ASP L 147 0.31 -58.71 -1.78
CA ASP L 147 -0.38 -60.00 -1.97
C ASP L 147 -0.93 -60.33 -0.59
N LYS L 148 -0.61 -59.45 0.35
CA LYS L 148 -1.03 -59.58 1.74
C LYS L 148 -0.95 -58.15 2.28
N ILE L 149 -1.70 -57.83 3.32
CA ILE L 149 -1.67 -56.47 3.87
C ILE L 149 -0.24 -56.07 4.26
N GLY L 150 0.29 -55.06 3.57
CA GLY L 150 1.64 -54.58 3.85
C GLY L 150 2.77 -55.52 3.51
N GLY L 151 2.51 -56.54 2.70
CA GLY L 151 3.58 -57.47 2.35
C GLY L 151 3.31 -58.38 1.16
N GLY L 152 4.02 -59.50 1.11
CA GLY L 152 3.87 -60.43 0.02
C GLY L 152 4.33 -59.80 -1.28
N PHE L 153 5.38 -58.98 -1.20
CA PHE L 153 5.92 -58.29 -2.36
C PHE L 153 6.64 -59.22 -3.35
N GLU L 154 6.64 -58.83 -4.62
CA GLU L 154 7.31 -59.60 -5.68
C GLU L 154 8.18 -58.64 -6.49
N GLU L 155 9.46 -58.97 -6.64
CA GLU L 155 10.37 -58.09 -7.36
C GLU L 155 9.98 -57.76 -8.80
N GLN L 156 9.34 -58.70 -9.49
CA GLN L 156 8.93 -58.44 -10.87
C GLN L 156 7.75 -57.48 -10.98
N GLU L 157 7.15 -57.12 -9.85
CA GLU L 157 6.01 -56.19 -9.86
C GLU L 157 6.33 -54.87 -9.15
N SER L 158 7.58 -54.71 -8.72
CA SER L 158 8.00 -53.50 -8.04
C SER L 158 8.19 -52.33 -9.03
N TRP L 159 8.19 -51.12 -8.50
CA TRP L 159 8.39 -49.94 -9.32
C TRP L 159 9.58 -49.16 -8.77
N SER L 160 10.59 -48.92 -9.60
CA SER L 160 11.76 -48.17 -9.17
C SER L 160 11.77 -46.83 -9.87
N GLY L 161 12.21 -45.80 -9.16
CA GLY L 161 12.26 -44.47 -9.70
C GLY L 161 12.07 -43.48 -8.57
N GLU L 162 11.74 -42.24 -8.91
CA GLU L 162 11.52 -41.21 -7.90
C GLU L 162 10.06 -40.78 -7.94
N LEU L 163 9.50 -40.50 -6.77
CA LEU L 163 8.11 -40.10 -6.67
C LEU L 163 7.93 -38.91 -5.74
N SER L 164 6.99 -38.04 -6.08
CA SER L 164 6.74 -36.84 -5.30
C SER L 164 5.32 -36.30 -5.52
N ASP L 165 4.86 -35.46 -4.61
CA ASP L 165 3.56 -34.81 -4.72
C ASP L 165 2.39 -35.79 -4.91
N LEU L 166 2.33 -36.83 -4.10
CA LEU L 166 1.24 -37.81 -4.18
C LEU L 166 -0.02 -37.19 -3.57
N GLN L 167 -1.07 -37.08 -4.36
CA GLN L 167 -2.34 -36.51 -3.90
C GLN L 167 -3.49 -37.45 -4.27
N VAL L 168 -4.30 -37.82 -3.29
CA VAL L 168 -5.41 -38.73 -3.52
C VAL L 168 -6.76 -38.17 -3.00
N TRP L 169 -7.79 -38.21 -3.85
CA TRP L 169 -9.13 -37.73 -3.52
C TRP L 169 -10.10 -38.89 -3.66
N ASP L 170 -11.18 -38.88 -2.89
CA ASP L 170 -12.17 -39.95 -3.00
C ASP L 170 -13.29 -39.49 -3.93
N GLU L 171 -12.90 -38.78 -4.98
CA GLU L 171 -13.83 -38.29 -5.99
C GLU L 171 -13.17 -38.54 -7.34
N ALA L 172 -13.97 -38.46 -8.40
CA ALA L 172 -13.43 -38.66 -9.75
C ALA L 172 -13.26 -37.30 -10.40
N LEU L 173 -12.07 -36.72 -10.24
CA LEU L 173 -11.76 -35.41 -10.79
C LEU L 173 -12.01 -35.30 -12.29
N THR L 174 -12.43 -34.12 -12.73
CA THR L 174 -12.70 -33.86 -14.14
C THR L 174 -11.40 -33.62 -14.89
N THR L 175 -11.49 -33.64 -16.21
CA THR L 175 -10.33 -33.41 -17.07
C THR L 175 -9.71 -32.04 -16.75
N HIS L 176 -10.56 -31.03 -16.59
CA HIS L 176 -10.07 -29.69 -16.28
C HIS L 176 -9.37 -29.64 -14.92
N GLN L 177 -9.94 -30.32 -13.93
CA GLN L 177 -9.35 -30.32 -12.61
C GLN L 177 -7.97 -31.00 -12.58
N VAL L 178 -7.81 -32.08 -13.33
CA VAL L 178 -6.53 -32.77 -13.38
C VAL L 178 -5.46 -31.84 -13.95
N SER L 179 -5.82 -30.99 -14.91
CA SER L 179 -4.85 -30.07 -15.49
C SER L 179 -4.40 -29.05 -14.45
N THR L 180 -5.30 -28.68 -13.54
CA THR L 180 -4.93 -27.71 -12.50
C THR L 180 -4.06 -28.39 -11.45
N VAL L 181 -4.16 -29.71 -11.34
CA VAL L 181 -3.35 -30.44 -10.38
C VAL L 181 -1.91 -30.59 -10.91
N ALA L 182 -1.79 -30.91 -12.19
CA ALA L 182 -0.48 -31.12 -12.81
C ALA L 182 0.40 -29.87 -12.94
N SER L 183 -0.20 -28.73 -13.21
CA SER L 183 0.57 -27.49 -13.39
C SER L 183 1.58 -27.25 -12.26
N CYS L 184 2.84 -27.14 -12.65
CA CYS L 184 3.92 -26.91 -11.69
C CYS L 184 3.77 -25.60 -10.93
N ASN L 185 3.34 -24.54 -11.63
CA ASN L 185 3.18 -23.23 -10.99
C ASN L 185 1.74 -22.93 -10.66
N GLY L 186 0.91 -23.98 -10.64
CA GLY L 186 -0.49 -23.80 -10.33
C GLY L 186 -0.72 -23.73 -8.83
N ILE L 187 -1.95 -24.06 -8.40
CA ILE L 187 -2.28 -24.01 -6.99
C ILE L 187 -1.72 -25.21 -6.22
N ARG L 188 -1.29 -26.23 -6.95
CA ARG L 188 -0.74 -27.44 -6.32
C ARG L 188 -1.65 -27.93 -5.20
N PRO L 189 -2.85 -28.45 -5.58
CA PRO L 189 -3.88 -28.99 -4.69
C PRO L 189 -3.41 -30.15 -3.82
N ARG L 190 -4.11 -30.35 -2.71
CA ARG L 190 -3.81 -31.44 -1.78
C ARG L 190 -5.02 -32.37 -1.70
N GLY L 191 -4.79 -33.67 -1.90
CA GLY L 191 -5.87 -34.64 -1.84
C GLY L 191 -6.52 -34.68 -0.46
N ASN L 192 -7.80 -35.03 -0.40
CA ASN L 192 -8.51 -35.10 0.88
C ASN L 192 -8.36 -36.47 1.54
N VAL L 193 -7.97 -37.48 0.76
CA VAL L 193 -7.75 -38.81 1.31
C VAL L 193 -6.29 -38.91 1.74
N ILE L 194 -5.39 -38.59 0.81
CA ILE L 194 -3.96 -38.59 1.11
C ILE L 194 -3.36 -37.32 0.56
N SER L 195 -2.68 -36.57 1.43
CA SER L 195 -2.02 -35.34 1.02
C SER L 195 -0.53 -35.59 1.29
N TRP L 196 0.28 -35.49 0.25
CA TRP L 196 1.72 -35.74 0.36
C TRP L 196 2.39 -35.08 1.56
N MET L 197 3.06 -35.90 2.35
CA MET L 197 3.77 -35.44 3.55
C MET L 197 2.87 -34.92 4.67
N GLU L 198 1.56 -35.09 4.54
CA GLU L 198 0.64 -34.66 5.59
C GLU L 198 -0.05 -35.88 6.18
N ASP L 199 0.16 -37.03 5.55
CA ASP L 199 -0.39 -38.30 6.01
C ASP L 199 0.80 -39.23 6.24
N SER L 200 0.99 -39.62 7.48
CA SER L 200 2.10 -40.48 7.89
C SER L 200 2.26 -41.78 7.14
N PHE L 201 3.50 -42.16 6.88
CA PHE L 201 3.79 -43.40 6.20
C PHE L 201 5.12 -43.98 6.69
N VAL L 202 5.20 -45.31 6.67
CA VAL L 202 6.41 -45.99 7.08
C VAL L 202 7.31 -46.07 5.87
N ALA L 203 8.59 -45.80 6.07
CA ALA L 203 9.57 -45.88 4.99
C ALA L 203 10.44 -47.08 5.33
N ASP L 204 10.67 -47.96 4.35
CA ASP L 204 11.46 -49.15 4.64
C ASP L 204 12.28 -49.66 3.46
N ASP L 205 13.28 -50.48 3.77
CA ASP L 205 14.18 -51.08 2.81
C ASP L 205 14.96 -50.13 1.92
N GLY L 206 15.54 -49.11 2.55
CA GLY L 206 16.38 -48.17 1.83
C GLY L 206 15.83 -47.13 0.88
N VAL L 207 14.63 -46.62 1.11
CA VAL L 207 14.12 -45.58 0.21
C VAL L 207 14.93 -44.33 0.57
N ILE L 208 15.10 -43.44 -0.40
CA ILE L 208 15.87 -42.23 -0.17
C ILE L 208 14.99 -41.00 -0.15
N VAL L 209 15.09 -40.22 0.93
CA VAL L 209 14.31 -39.00 1.08
C VAL L 209 15.13 -37.83 0.54
N GLY L 210 14.56 -37.09 -0.40
CA GLY L 210 15.24 -35.95 -0.99
C GLY L 210 14.27 -34.90 -1.51
N ILE L 211 14.73 -34.11 -2.46
CA ILE L 211 13.92 -33.04 -3.03
C ILE L 211 13.73 -33.21 -4.54
N SER L 212 12.51 -32.98 -5.00
CA SER L 212 12.20 -33.08 -6.42
C SER L 212 12.42 -31.73 -7.08
N HIS L 213 13.08 -31.73 -8.23
CA HIS L 213 13.31 -30.50 -8.96
C HIS L 213 12.53 -30.46 -10.27
N MET L 214 11.40 -31.17 -10.31
CA MET L 214 10.58 -31.19 -11.51
C MET L 214 9.96 -29.82 -11.72
N CYS L 215 9.52 -29.21 -10.63
CA CYS L 215 8.86 -27.91 -10.68
C CYS L 215 9.74 -26.73 -10.29
N SER L 216 10.41 -26.81 -9.14
CA SER L 216 11.28 -25.75 -8.67
C SER L 216 12.73 -26.19 -8.66
N LEU L 217 13.60 -25.39 -9.27
CA LEU L 217 15.02 -25.69 -9.32
C LEU L 217 15.72 -25.29 -8.03
N ALA M 1 -17.92 -15.71 5.12
CA ALA M 1 -18.67 -15.23 6.32
C ALA M 1 -18.54 -16.23 7.47
N VAL M 2 -19.35 -17.29 7.42
CA VAL M 2 -19.35 -18.32 8.45
C VAL M 2 -18.25 -19.35 8.21
N ASP M 3 -17.38 -19.54 9.21
CA ASP M 3 -16.29 -20.50 9.09
C ASP M 3 -16.76 -21.92 9.41
N ILE M 4 -16.22 -22.88 8.67
CA ILE M 4 -16.58 -24.28 8.83
C ILE M 4 -16.30 -24.81 10.24
N ARG M 5 -15.37 -24.18 10.95
CA ARG M 5 -15.03 -24.60 12.30
C ARG M 5 -16.13 -24.26 13.29
N ASP M 6 -17.07 -23.41 12.90
CA ASP M 6 -18.16 -23.04 13.78
C ASP M 6 -19.44 -23.81 13.54
N VAL M 7 -19.38 -24.80 12.66
CA VAL M 7 -20.55 -25.65 12.40
C VAL M 7 -20.74 -26.46 13.67
N LYS M 8 -21.97 -26.67 14.09
CA LYS M 8 -22.21 -27.45 15.29
C LYS M 8 -23.21 -28.57 15.05
N ILE M 9 -23.16 -29.57 15.94
CA ILE M 9 -24.07 -30.70 15.86
C ILE M 9 -24.79 -30.77 17.19
N SER M 10 -26.12 -30.87 17.16
CA SER M 10 -26.90 -30.99 18.37
C SER M 10 -27.32 -32.44 18.56
N PHE M 11 -27.09 -32.96 19.75
CA PHE M 11 -27.50 -34.32 20.10
C PHE M 11 -28.67 -34.07 21.05
N PRO M 12 -29.90 -34.07 20.48
CA PRO M 12 -31.21 -33.85 21.11
C PRO M 12 -31.51 -34.52 22.44
N GLY M 13 -31.29 -35.82 22.50
CA GLY M 13 -31.58 -36.58 23.70
C GLY M 13 -31.73 -38.01 23.26
N THR M 14 -31.33 -38.94 24.12
CA THR M 14 -31.39 -40.34 23.75
C THR M 14 -32.48 -41.15 24.45
N GLN M 15 -33.11 -42.02 23.68
CA GLN M 15 -34.15 -42.91 24.19
C GLN M 15 -34.30 -44.08 23.23
N ASN M 16 -33.85 -45.24 23.68
CA ASN M 16 -33.93 -46.46 22.89
C ASN M 16 -35.27 -46.48 22.15
N PRO M 17 -35.26 -46.83 20.86
CA PRO M 17 -34.12 -47.24 20.04
C PRO M 17 -33.42 -46.09 19.31
N LYS M 18 -33.68 -44.84 19.73
CA LYS M 18 -33.05 -43.69 19.09
C LYS M 18 -31.77 -43.25 19.81
N PHE M 19 -30.64 -43.33 19.11
CA PHE M 19 -29.36 -42.93 19.68
C PHE M 19 -28.63 -41.93 18.77
N PRO M 20 -28.94 -40.63 18.89
CA PRO M 20 -28.25 -39.66 18.04
C PRO M 20 -26.74 -39.76 18.19
N HIS M 21 -26.04 -39.81 17.07
CA HIS M 21 -24.58 -39.92 17.10
C HIS M 21 -23.92 -39.67 15.77
N LEU M 22 -22.60 -39.58 15.80
CA LEU M 22 -21.79 -39.40 14.62
C LEU M 22 -20.80 -40.55 14.63
N ARG M 23 -20.42 -41.03 13.46
CA ARG M 23 -19.42 -42.08 13.37
C ARG M 23 -18.49 -41.68 12.22
N PHE M 24 -17.21 -41.51 12.53
CA PHE M 24 -16.27 -41.13 11.49
C PHE M 24 -16.03 -42.28 10.51
N MET M 25 -16.06 -41.94 9.23
CA MET M 25 -15.87 -42.91 8.15
C MET M 25 -14.51 -43.60 8.13
N GLN M 26 -13.46 -42.86 8.48
CA GLN M 26 -12.12 -43.43 8.46
C GLN M 26 -11.64 -43.80 9.86
N THR M 27 -11.10 -45.00 10.01
CA THR M 27 -10.61 -45.44 11.29
C THR M 27 -9.29 -44.74 11.58
N LEU M 28 -8.93 -44.65 12.85
CA LEU M 28 -7.69 -43.98 13.23
C LEU M 28 -6.47 -44.85 13.03
N PRO M 29 -5.30 -44.23 12.97
CA PRO M 29 -4.06 -44.99 12.80
C PRO M 29 -3.66 -45.39 14.23
N ALA M 30 -2.61 -46.18 14.38
CA ALA M 30 -2.16 -46.56 15.71
C ALA M 30 -1.60 -45.28 16.33
N VAL M 31 -1.83 -45.05 17.61
CA VAL M 31 -1.32 -43.86 18.26
C VAL M 31 -0.81 -44.18 19.67
N ARG M 32 0.20 -43.45 20.13
CA ARG M 32 0.67 -43.67 21.47
C ARG M 32 0.34 -42.46 22.34
N GLN M 33 -0.25 -41.46 21.70
CA GLN M 33 -0.67 -40.23 22.37
C GLN M 33 -1.90 -39.69 21.66
N LEU M 34 -2.74 -38.96 22.39
CA LEU M 34 -3.94 -38.40 21.77
C LEU M 34 -4.44 -37.17 22.53
N THR M 35 -4.80 -36.14 21.79
CA THR M 35 -5.35 -34.93 22.38
C THR M 35 -6.67 -34.67 21.67
N VAL M 36 -7.75 -34.63 22.44
CA VAL M 36 -9.08 -34.39 21.88
C VAL M 36 -9.61 -33.09 22.46
N CYS M 37 -9.81 -32.10 21.59
CA CYS M 37 -10.34 -30.81 22.01
C CYS M 37 -11.64 -30.52 21.25
N GLN M 38 -12.58 -29.84 21.89
CA GLN M 38 -13.83 -29.46 21.24
C GLN M 38 -14.63 -28.49 22.11
N ARG M 39 -15.60 -27.83 21.48
CA ARG M 39 -16.47 -26.89 22.17
C ARG M 39 -17.78 -27.63 22.44
N ILE M 40 -18.24 -27.58 23.67
CA ILE M 40 -19.47 -28.26 24.04
C ILE M 40 -20.42 -27.44 24.89
N LYS M 41 -21.71 -27.69 24.69
CA LYS M 41 -22.78 -27.05 25.44
C LYS M 41 -23.59 -28.23 25.99
N PRO M 42 -23.34 -28.62 27.25
CA PRO M 42 -24.05 -29.75 27.87
C PRO M 42 -25.51 -29.49 28.22
N PHE M 43 -26.35 -30.51 28.02
CA PHE M 43 -27.77 -30.40 28.36
C PHE M 43 -28.11 -31.08 29.69
N HIS M 44 -27.21 -31.88 30.24
CA HIS M 44 -27.49 -32.54 31.51
C HIS M 44 -26.26 -32.72 32.40
N ARG M 45 -26.50 -32.80 33.70
CA ARG M 45 -25.44 -32.96 34.69
C ARG M 45 -24.89 -34.39 34.79
N ASN M 46 -25.72 -35.39 34.55
CA ASN M 46 -25.26 -36.77 34.66
C ASN M 46 -24.22 -37.15 33.63
N THR M 47 -23.41 -38.15 33.98
CA THR M 47 -22.35 -38.63 33.12
C THR M 47 -22.78 -38.96 31.70
N GLY M 48 -21.95 -38.54 30.74
CA GLY M 48 -22.21 -38.81 29.35
C GLY M 48 -20.86 -38.98 28.67
N TYR M 49 -20.78 -39.88 27.69
CA TYR M 49 -19.53 -40.08 26.97
C TYR M 49 -19.57 -39.32 25.66
N ILE M 50 -18.55 -38.50 25.44
CA ILE M 50 -18.48 -37.67 24.25
C ILE M 50 -17.72 -38.31 23.08
N PHE M 51 -16.46 -38.65 23.31
CA PHE M 51 -15.59 -39.25 22.29
C PHE M 51 -15.33 -40.71 22.66
N SER M 52 -15.76 -41.62 21.79
CA SER M 52 -15.59 -43.05 22.00
C SER M 52 -14.84 -43.71 20.84
N CYS M 53 -13.75 -44.40 21.18
CA CYS M 53 -12.92 -45.07 20.18
C CYS M 53 -12.87 -46.57 20.48
N ALA M 54 -13.19 -47.38 19.48
CA ALA M 54 -13.19 -48.83 19.69
C ALA M 54 -12.58 -49.62 18.54
N THR M 55 -11.91 -50.71 18.91
CA THR M 55 -11.30 -51.62 17.94
C THR M 55 -12.02 -52.96 18.10
N SER M 56 -11.81 -53.87 17.15
CA SER M 56 -12.48 -55.18 17.20
C SER M 56 -12.31 -55.93 18.53
N ASN M 57 -11.11 -55.87 19.09
CA ASN M 57 -10.80 -56.56 20.33
C ASN M 57 -10.97 -55.72 21.61
N GLN M 58 -11.24 -54.43 21.45
CA GLN M 58 -11.38 -53.55 22.61
C GLN M 58 -12.33 -52.38 22.33
N ASP M 59 -13.57 -52.51 22.77
CA ASP M 59 -14.57 -51.46 22.54
C ASP M 59 -14.29 -50.19 23.36
N ASN M 60 -13.41 -50.30 24.35
CA ASN M 60 -13.08 -49.16 25.21
C ASN M 60 -11.62 -48.73 25.09
N GLN M 61 -11.15 -48.49 23.88
CA GLN M 61 -9.76 -48.07 23.67
C GLN M 61 -9.47 -46.69 24.24
N PHE M 62 -10.37 -45.74 24.00
CA PHE M 62 -10.19 -44.37 24.47
C PHE M 62 -11.59 -43.75 24.56
N ILE M 63 -11.98 -43.32 25.76
CA ILE M 63 -13.30 -42.73 25.93
C ILE M 63 -13.26 -41.51 26.85
N THR M 64 -13.80 -40.40 26.37
CA THR M 64 -13.86 -39.18 27.16
C THR M 64 -15.28 -39.04 27.69
N SER M 65 -15.41 -38.37 28.83
CA SER M 65 -16.72 -38.19 29.43
C SER M 65 -16.69 -37.00 30.37
N MET M 66 -17.87 -36.61 30.86
CA MET M 66 -17.98 -35.50 31.78
C MET M 66 -19.26 -35.64 32.59
N TYR M 67 -19.34 -34.89 33.67
CA TYR M 67 -20.54 -34.83 34.49
C TYR M 67 -20.33 -33.64 35.39
N VAL M 68 -21.43 -33.12 35.93
CA VAL M 68 -21.38 -31.95 36.79
C VAL M 68 -21.69 -32.39 38.21
N LYS M 69 -20.81 -32.04 39.14
CA LYS M 69 -21.03 -32.40 40.54
C LYS M 69 -22.18 -31.59 41.13
N SER M 70 -22.65 -31.99 42.30
CA SER M 70 -23.77 -31.30 42.94
C SER M 70 -23.55 -29.80 43.13
N ASP M 71 -22.32 -29.40 43.37
CA ASP M 71 -22.00 -27.99 43.56
C ASP M 71 -21.83 -27.24 42.24
N GLY M 72 -22.08 -27.92 41.12
CA GLY M 72 -21.94 -27.28 39.82
C GLY M 72 -20.56 -27.39 39.19
N THR M 73 -19.63 -28.04 39.89
CA THR M 73 -18.27 -28.21 39.40
C THR M 73 -18.16 -29.22 38.26
N LEU M 74 -17.34 -28.87 37.27
CA LEU M 74 -17.12 -29.74 36.11
C LEU M 74 -16.13 -30.84 36.42
N ASN M 75 -16.46 -32.06 36.01
CA ASN M 75 -15.61 -33.22 36.21
C ASN M 75 -15.36 -33.84 34.85
N LEU M 76 -14.10 -33.96 34.46
CA LEU M 76 -13.76 -34.53 33.17
C LEU M 76 -13.12 -35.88 33.35
N GLY M 77 -13.64 -36.88 32.65
CA GLY M 77 -13.10 -38.21 32.77
C GLY M 77 -12.48 -38.78 31.51
N LEU M 78 -11.61 -39.75 31.71
CA LEU M 78 -10.94 -40.43 30.62
C LEU M 78 -10.77 -41.90 30.96
N GLN M 79 -10.95 -42.75 29.95
CA GLN M 79 -10.78 -44.18 30.11
C GLN M 79 -9.92 -44.65 28.95
N VAL M 80 -8.87 -45.39 29.25
CA VAL M 80 -7.98 -45.90 28.22
C VAL M 80 -7.80 -47.41 28.37
N ASN M 81 -7.93 -48.13 27.27
CA ASN M 81 -7.78 -49.57 27.27
C ASN M 81 -8.59 -50.25 28.38
N ALA M 82 -9.88 -49.94 28.42
CA ALA M 82 -10.78 -50.53 29.42
C ALA M 82 -10.40 -50.31 30.87
N SER M 83 -9.62 -49.27 31.16
CA SER M 83 -9.26 -48.98 32.55
C SER M 83 -10.51 -48.41 33.20
N SER M 84 -10.43 -48.09 34.49
CA SER M 84 -11.61 -47.50 35.12
C SER M 84 -11.59 -46.04 34.68
N ASN M 85 -12.71 -45.34 34.84
CA ASN M 85 -12.76 -43.94 34.46
C ASN M 85 -11.95 -43.10 35.44
N LYS M 86 -11.04 -42.28 34.91
CA LYS M 86 -10.22 -41.40 35.73
C LYS M 86 -10.82 -40.01 35.62
N TYR M 87 -11.13 -39.42 36.77
CA TYR M 87 -11.73 -38.09 36.79
C TYR M 87 -10.85 -37.01 37.39
N ILE M 88 -10.89 -35.83 36.76
CA ILE M 88 -10.15 -34.67 37.23
C ILE M 88 -11.17 -33.53 37.28
N SER M 89 -11.27 -32.91 38.45
CA SER M 89 -12.21 -31.82 38.66
C SER M 89 -11.66 -30.49 38.13
N CYS M 90 -12.55 -29.68 37.56
CA CYS M 90 -12.15 -28.38 37.03
C CYS M 90 -12.78 -27.27 37.87
N PRO M 91 -11.98 -26.26 38.24
CA PRO M 91 -12.46 -25.13 39.06
C PRO M 91 -13.36 -24.17 38.27
N ILE M 92 -14.46 -24.68 37.75
CA ILE M 92 -15.38 -23.85 37.00
C ILE M 92 -16.80 -24.36 37.18
N GLU M 93 -17.73 -23.44 37.45
CA GLU M 93 -19.12 -23.82 37.64
C GLU M 93 -19.79 -23.96 36.28
N ILE M 94 -20.41 -25.10 36.06
CA ILE M 94 -21.08 -25.36 34.78
C ILE M 94 -22.55 -24.95 34.79
N GLU M 95 -22.95 -24.20 33.78
CA GLU M 95 -24.34 -23.80 33.62
C GLU M 95 -24.81 -24.55 32.38
N LEU M 96 -25.70 -25.52 32.56
CA LEU M 96 -26.19 -26.29 31.42
C LEU M 96 -26.74 -25.31 30.39
N GLY M 97 -26.44 -25.54 29.13
CA GLY M 97 -26.90 -24.64 28.09
C GLY M 97 -25.88 -23.60 27.68
N GLN M 98 -24.75 -23.52 28.40
CA GLN M 98 -23.69 -22.58 28.03
C GLN M 98 -22.51 -23.31 27.39
N TRP M 99 -21.74 -22.58 26.59
CA TRP M 99 -20.59 -23.16 25.91
C TRP M 99 -19.31 -23.18 26.76
N TYR M 100 -18.50 -24.21 26.57
CA TYR M 100 -17.23 -24.38 27.26
C TYR M 100 -16.29 -25.07 26.32
N HIS M 101 -15.00 -24.76 26.43
CA HIS M 101 -14.04 -25.46 25.60
C HIS M 101 -13.43 -26.51 26.50
N VAL M 102 -13.44 -27.75 26.03
CA VAL M 102 -12.90 -28.84 26.82
C VAL M 102 -11.86 -29.61 26.02
N CYS M 103 -10.79 -30.02 26.70
CA CYS M 103 -9.76 -30.79 26.03
C CYS M 103 -9.18 -31.87 26.93
N HIS M 104 -8.96 -33.05 26.35
CA HIS M 104 -8.38 -34.19 27.07
C HIS M 104 -7.02 -34.47 26.43
N VAL M 105 -5.97 -34.46 27.24
CA VAL M 105 -4.63 -34.75 26.75
C VAL M 105 -4.15 -36.07 27.36
N TRP M 106 -3.79 -37.02 26.50
CA TRP M 106 -3.33 -38.31 26.97
C TRP M 106 -2.02 -38.74 26.32
N SER M 107 -1.12 -39.28 27.12
CA SER M 107 0.15 -39.76 26.62
C SER M 107 0.44 -41.14 27.17
N GLY M 108 0.46 -42.13 26.28
CA GLY M 108 0.74 -43.49 26.70
C GLY M 108 2.23 -43.68 26.93
N VAL M 109 3.03 -42.73 26.45
CA VAL M 109 4.46 -42.80 26.61
C VAL M 109 4.84 -42.75 28.09
N ASP M 110 4.24 -41.82 28.83
CA ASP M 110 4.53 -41.68 30.24
C ASP M 110 3.30 -41.98 31.11
N GLY M 111 2.16 -42.25 30.47
CA GLY M 111 0.94 -42.54 31.19
C GLY M 111 0.33 -41.34 31.89
N ARG M 112 0.58 -40.15 31.36
CA ARG M 112 0.05 -38.91 31.94
C ARG M 112 -1.25 -38.46 31.26
N MET M 113 -2.21 -38.06 32.09
CA MET M 113 -3.50 -37.58 31.64
C MET M 113 -3.64 -36.14 32.14
N ALA M 114 -4.17 -35.25 31.29
CA ALA M 114 -4.37 -33.86 31.68
C ALA M 114 -5.61 -33.35 30.98
N VAL M 115 -6.41 -32.57 31.69
CA VAL M 115 -7.62 -32.02 31.10
C VAL M 115 -7.63 -30.50 31.26
N TYR M 116 -8.30 -29.83 30.33
CA TYR M 116 -8.39 -28.39 30.34
C TYR M 116 -9.81 -27.88 30.11
N ALA M 117 -10.17 -26.80 30.80
CA ALA M 117 -11.48 -26.19 30.65
C ALA M 117 -11.25 -24.75 30.24
N ASN M 118 -11.85 -24.35 29.12
CA ASN M 118 -11.70 -23.01 28.58
C ASN M 118 -10.23 -22.58 28.45
N GLY M 119 -9.40 -23.52 28.01
CA GLY M 119 -8.00 -23.24 27.80
C GLY M 119 -7.11 -23.23 29.02
N SER M 120 -7.64 -23.52 30.19
CA SER M 120 -6.85 -23.55 31.42
C SER M 120 -6.73 -24.94 31.99
N PRO M 121 -5.54 -25.30 32.50
CA PRO M 121 -5.29 -26.62 33.09
C PRO M 121 -6.11 -26.86 34.35
N CYS M 122 -6.75 -28.03 34.44
CA CYS M 122 -7.55 -28.37 35.62
C CYS M 122 -6.73 -29.27 36.54
N GLY M 123 -5.73 -29.94 35.98
CA GLY M 123 -4.90 -30.83 36.76
C GLY M 123 -4.46 -32.02 35.93
N THR M 124 -3.68 -32.91 36.53
CA THR M 124 -3.19 -34.09 35.82
C THR M 124 -3.32 -35.34 36.67
N MET M 125 -3.14 -36.49 36.04
CA MET M 125 -3.19 -37.75 36.74
C MET M 125 -2.20 -38.71 36.11
N GLU M 126 -1.52 -39.48 36.96
CA GLU M 126 -0.52 -40.43 36.49
C GLU M 126 -1.10 -41.83 36.30
N ASN M 127 -0.30 -42.69 35.69
CA ASN M 127 -0.67 -44.08 35.46
C ASN M 127 -1.99 -44.29 34.72
N VAL M 128 -2.18 -43.57 33.63
CA VAL M 128 -3.39 -43.73 32.83
C VAL M 128 -2.95 -44.29 31.48
N GLY M 129 -3.18 -45.58 31.28
CA GLY M 129 -2.78 -46.22 30.03
C GLY M 129 -1.29 -46.14 29.79
N LYS M 130 -0.51 -46.20 30.87
CA LYS M 130 0.94 -46.13 30.77
C LYS M 130 1.48 -47.30 29.96
N GLY M 131 2.27 -46.99 28.94
CA GLY M 131 2.83 -48.04 28.11
C GLY M 131 1.85 -48.59 27.09
N HIS M 132 0.63 -48.08 27.10
CA HIS M 132 -0.39 -48.54 26.17
C HIS M 132 -0.35 -47.81 24.84
N GLN M 133 -0.53 -48.55 23.77
CA GLN M 133 -0.57 -47.98 22.42
C GLN M 133 -1.88 -48.44 21.82
N ILE M 134 -2.72 -47.48 21.42
CA ILE M 134 -4.01 -47.80 20.83
C ILE M 134 -3.73 -48.45 19.47
N SER M 135 -4.18 -49.69 19.32
CA SER M 135 -3.95 -50.40 18.06
C SER M 135 -4.66 -49.70 16.90
N ALA M 136 -4.09 -49.87 15.71
CA ALA M 136 -4.61 -49.27 14.49
C ALA M 136 -6.01 -49.75 14.14
N GLY M 137 -6.78 -48.89 13.48
CA GLY M 137 -8.12 -49.25 13.07
C GLY M 137 -9.24 -48.88 14.02
N GLY M 138 -9.00 -47.94 14.93
CA GLY M 138 -10.04 -47.55 15.86
C GLY M 138 -11.16 -46.75 15.21
N THR M 139 -12.40 -47.13 15.53
CA THR M 139 -13.56 -46.44 14.99
C THR M 139 -14.03 -45.43 16.03
N VAL M 140 -14.24 -44.19 15.59
CA VAL M 140 -14.67 -43.12 16.47
C VAL M 140 -16.16 -42.78 16.37
N VAL M 141 -16.83 -42.76 17.51
CA VAL M 141 -18.24 -42.42 17.58
C VAL M 141 -18.37 -41.24 18.55
N ILE M 142 -19.23 -40.29 18.22
CA ILE M 142 -19.43 -39.12 19.07
C ILE M 142 -20.85 -39.11 19.62
N GLY M 143 -20.97 -38.88 20.93
CA GLY M 143 -22.28 -38.80 21.56
C GLY M 143 -22.83 -40.08 22.18
N GLN M 144 -22.18 -41.21 21.87
CA GLN M 144 -22.61 -42.49 22.41
C GLN M 144 -21.37 -43.30 22.79
N GLU M 145 -21.54 -44.29 23.67
CA GLU M 145 -20.43 -45.14 24.10
C GLU M 145 -20.58 -46.47 23.37
N GLN M 146 -19.55 -46.89 22.63
CA GLN M 146 -19.69 -48.15 21.92
C GLN M 146 -19.28 -49.40 22.71
N ASP M 147 -20.08 -50.45 22.54
CA ASP M 147 -19.81 -51.74 23.19
C ASP M 147 -19.51 -52.70 22.07
N LYS M 148 -19.58 -52.16 20.86
CA LYS M 148 -19.34 -52.90 19.63
C LYS M 148 -18.95 -51.82 18.62
N ILE M 149 -18.20 -52.18 17.57
CA ILE M 149 -17.82 -51.18 16.59
C ILE M 149 -19.04 -50.48 15.99
N GLY M 150 -19.15 -49.18 16.24
CA GLY M 150 -20.26 -48.40 15.71
C GLY M 150 -21.63 -48.70 16.29
N GLY M 151 -21.68 -49.39 17.43
CA GLY M 151 -22.98 -49.72 18.02
C GLY M 151 -22.94 -50.19 19.45
N GLY M 152 -24.00 -50.89 19.85
CA GLY M 152 -24.10 -51.38 21.22
C GLY M 152 -24.24 -50.22 22.18
N PHE M 153 -24.93 -49.17 21.76
CA PHE M 153 -25.12 -47.98 22.56
C PHE M 153 -26.08 -48.19 23.75
N GLU M 154 -25.88 -47.40 24.80
CA GLU M 154 -26.71 -47.48 26.00
C GLU M 154 -27.14 -46.07 26.39
N GLU M 155 -28.45 -45.85 26.53
CA GLU M 155 -28.95 -44.52 26.85
C GLU M 155 -28.37 -43.86 28.10
N GLN M 156 -28.05 -44.65 29.11
CA GLN M 156 -27.47 -44.11 30.34
C GLN M 156 -26.03 -43.59 30.16
N GLU M 157 -25.41 -43.89 29.03
CA GLU M 157 -24.05 -43.46 28.77
C GLU M 157 -23.96 -42.43 27.64
N SER M 158 -25.11 -42.05 27.10
CA SER M 158 -25.15 -41.08 26.01
C SER M 158 -24.87 -39.66 26.49
N TRP M 159 -24.49 -38.79 25.57
CA TRP M 159 -24.23 -37.40 25.92
C TRP M 159 -25.10 -36.51 25.05
N SER M 160 -25.92 -35.68 25.66
CA SER M 160 -26.78 -34.77 24.92
C SER M 160 -26.29 -33.35 25.10
N GLY M 161 -26.42 -32.56 24.04
CA GLY M 161 -25.96 -31.18 24.07
C GLY M 161 -25.52 -30.78 22.68
N GLU M 162 -24.76 -29.69 22.59
CA GLU M 162 -24.27 -29.22 21.31
C GLU M 162 -22.75 -29.33 21.27
N LEU M 163 -22.21 -29.71 20.11
CA LEU M 163 -20.77 -29.88 19.96
C LEU M 163 -20.26 -29.21 18.68
N SER M 164 -19.06 -28.65 18.75
CA SER M 164 -18.47 -27.98 17.61
C SER M 164 -16.95 -27.92 17.73
N ASP M 165 -16.29 -27.66 16.60
CA ASP M 165 -14.84 -27.48 16.56
C ASP M 165 -14.06 -28.65 17.17
N LEU M 166 -14.40 -29.88 16.78
CA LEU M 166 -13.70 -31.07 17.29
C LEU M 166 -12.36 -31.18 16.58
N GLN M 167 -11.27 -31.15 17.35
CA GLN M 167 -9.93 -31.25 16.78
C GLN M 167 -9.14 -32.32 17.55
N VAL M 168 -8.57 -33.28 16.81
CA VAL M 168 -7.81 -34.37 17.41
C VAL M 168 -6.40 -34.51 16.82
N TRP M 169 -5.41 -34.60 17.71
CA TRP M 169 -4.00 -34.74 17.32
C TRP M 169 -3.47 -36.03 17.92
N ASP M 170 -2.49 -36.66 17.27
CA ASP M 170 -1.94 -37.89 17.83
C ASP M 170 -0.66 -37.54 18.60
N GLU M 171 -0.72 -36.42 19.30
CA GLU M 171 0.38 -35.95 20.14
C GLU M 171 -0.23 -35.45 21.44
N ALA M 172 0.61 -35.29 22.46
CA ALA M 172 0.14 -34.80 23.75
C ALA M 172 0.48 -33.31 23.86
N LEU M 173 -0.46 -32.48 23.43
CA LEU M 173 -0.29 -31.03 23.46
C LEU M 173 0.08 -30.48 24.83
N THR M 174 0.91 -29.44 24.83
CA THR M 174 1.33 -28.81 26.08
C THR M 174 0.25 -27.88 26.60
N THR M 175 0.41 -27.46 27.85
CA THR M 175 -0.51 -26.55 28.49
C THR M 175 -0.67 -25.28 27.67
N HIS M 176 0.45 -24.74 27.21
CA HIS M 176 0.42 -23.52 26.42
C HIS M 176 -0.32 -23.73 25.09
N GLN M 177 -0.06 -24.85 24.44
CA GLN M 177 -0.71 -25.13 23.17
C GLN M 177 -2.23 -25.26 23.31
N VAL M 178 -2.70 -25.88 24.38
CA VAL M 178 -4.13 -26.03 24.59
C VAL M 178 -4.79 -24.65 24.72
N SER M 179 -4.09 -23.70 25.34
CA SER M 179 -4.66 -22.36 25.48
C SER M 179 -4.80 -21.68 24.12
N THR M 180 -3.89 -21.98 23.20
CA THR M 180 -3.98 -21.38 21.87
C THR M 180 -5.10 -22.06 21.07
N VAL M 181 -5.45 -23.28 21.45
CA VAL M 181 -6.52 -24.00 20.77
C VAL M 181 -7.88 -23.46 21.20
N ALA M 182 -8.04 -23.24 22.50
CA ALA M 182 -9.31 -22.76 23.05
C ALA M 182 -9.70 -21.32 22.66
N SER M 183 -8.72 -20.44 22.56
CA SER M 183 -8.97 -19.04 22.23
C SER M 183 -9.93 -18.88 21.04
N CYS M 184 -11.05 -18.21 21.28
CA CYS M 184 -12.04 -18.00 20.24
C CYS M 184 -11.52 -17.17 19.07
N ASN M 185 -10.72 -16.15 19.38
CA ASN M 185 -10.17 -15.28 18.35
C ASN M 185 -8.73 -15.64 18.01
N GLY M 186 -8.31 -16.82 18.42
CA GLY M 186 -6.95 -17.25 18.15
C GLY M 186 -6.80 -17.82 16.75
N ILE M 187 -5.79 -18.65 16.55
CA ILE M 187 -5.54 -19.24 15.24
C ILE M 187 -6.52 -20.36 14.91
N ARG M 188 -7.23 -20.86 15.92
CA ARG M 188 -8.20 -21.93 15.73
C ARG M 188 -7.58 -23.08 14.91
N PRO M 189 -6.63 -23.79 15.52
CA PRO M 189 -5.89 -24.93 14.96
C PRO M 189 -6.77 -26.09 14.52
N ARG M 190 -6.25 -26.90 13.60
CA ARG M 190 -6.96 -28.07 13.10
C ARG M 190 -6.15 -29.32 13.44
N GLY M 191 -6.80 -30.31 14.07
CA GLY M 191 -6.10 -31.54 14.43
C GLY M 191 -5.60 -32.29 13.20
N ASN M 192 -4.51 -33.04 13.36
CA ASN M 192 -3.95 -33.80 12.25
C ASN M 192 -4.61 -35.17 12.11
N VAL M 193 -5.26 -35.64 13.16
CA VAL M 193 -5.95 -36.94 13.11
C VAL M 193 -7.38 -36.68 12.64
N ILE M 194 -8.06 -35.77 13.33
CA ILE M 194 -9.42 -35.39 12.96
C ILE M 194 -9.51 -33.88 12.99
N SER M 195 -9.97 -33.31 11.87
CA SER M 195 -10.15 -31.88 11.76
C SER M 195 -11.64 -31.69 11.50
N TRP M 196 -12.31 -30.96 12.39
CA TRP M 196 -13.75 -30.73 12.29
C TRP M 196 -14.22 -30.35 10.90
N MET M 197 -15.17 -31.11 10.39
CA MET M 197 -15.77 -30.90 9.07
C MET M 197 -14.82 -31.15 7.90
N GLU M 198 -13.63 -31.69 8.15
CA GLU M 198 -12.70 -31.99 7.06
C GLU M 198 -12.48 -33.51 7.00
N ASP M 199 -13.04 -34.21 7.98
CA ASP M 199 -12.97 -35.67 8.05
C ASP M 199 -14.42 -36.13 8.09
N SER M 200 -14.83 -36.86 7.06
CA SER M 200 -16.21 -37.29 6.94
C SER M 200 -16.73 -38.18 8.07
N PHE M 201 -18.01 -38.00 8.38
CA PHE M 201 -18.65 -38.77 9.42
C PHE M 201 -20.12 -39.00 9.09
N VAL M 202 -20.65 -40.13 9.56
CA VAL M 202 -22.04 -40.45 9.34
C VAL M 202 -22.85 -39.78 10.44
N ALA M 203 -23.97 -39.18 10.08
CA ALA M 203 -24.85 -38.52 11.05
C ALA M 203 -26.09 -39.40 11.11
N ASP M 204 -26.53 -39.76 12.32
CA ASP M 204 -27.70 -40.63 12.41
C ASP M 204 -28.57 -40.37 13.64
N ASP M 205 -29.79 -40.87 13.56
CA ASP M 205 -30.78 -40.74 14.62
C ASP M 205 -31.16 -39.32 15.06
N GLY M 206 -31.39 -38.46 14.08
CA GLY M 206 -31.81 -37.11 14.37
C GLY M 206 -30.88 -36.05 14.92
N VAL M 207 -29.58 -36.10 14.62
CA VAL M 207 -28.72 -35.04 15.10
C VAL M 207 -29.08 -33.80 14.27
N ILE M 208 -28.87 -32.62 14.85
CA ILE M 208 -29.20 -31.40 14.16
C ILE M 208 -27.95 -30.63 13.76
N VAL M 209 -27.86 -30.30 12.47
CA VAL M 209 -26.72 -29.56 11.95
C VAL M 209 -27.05 -28.07 11.98
N GLY M 210 -26.20 -27.28 12.64
CA GLY M 210 -26.43 -25.85 12.73
C GLY M 210 -25.13 -25.08 12.89
N ILE M 211 -25.22 -23.88 13.46
CA ILE M 211 -24.06 -23.03 13.68
C ILE M 211 -23.85 -22.70 15.15
N SER M 212 -22.60 -22.77 15.59
CA SER M 212 -22.27 -22.44 16.97
C SER M 212 -21.97 -20.96 17.08
N HIS M 213 -22.51 -20.31 18.11
CA HIS M 213 -22.24 -18.90 18.33
C HIS M 213 -21.44 -18.68 19.61
N MET M 214 -20.61 -19.65 19.96
CA MET M 214 -19.77 -19.53 21.14
C MET M 214 -18.72 -18.46 20.91
N CYS M 215 -18.15 -18.47 19.70
CA CYS M 215 -17.10 -17.55 19.32
C CYS M 215 -17.55 -16.35 18.48
N SER M 216 -18.28 -16.62 17.41
CA SER M 216 -18.77 -15.56 16.53
C SER M 216 -20.29 -15.46 16.59
N LEU M 217 -20.79 -14.25 16.80
CA LEU M 217 -22.23 -14.00 16.87
C LEU M 217 -22.82 -13.89 15.47
N ALA N 1 -9.68 -21.76 5.25
CA ALA N 1 -9.32 -22.73 4.18
C ALA N 1 -10.56 -23.23 3.46
N VAL N 2 -11.25 -24.21 4.07
CA VAL N 2 -12.45 -24.78 3.48
C VAL N 2 -13.68 -23.93 3.78
N ASP N 3 -14.39 -23.53 2.73
CA ASP N 3 -15.58 -22.71 2.87
C ASP N 3 -16.80 -23.59 3.21
N ILE N 4 -17.66 -23.07 4.07
CA ILE N 4 -18.86 -23.79 4.49
C ILE N 4 -19.81 -24.11 3.32
N ARG N 5 -19.70 -23.36 2.22
CA ARG N 5 -20.54 -23.60 1.05
C ARG N 5 -20.14 -24.87 0.32
N ASP N 6 -18.96 -25.41 0.64
CA ASP N 6 -18.47 -26.63 0.00
C ASP N 6 -18.73 -27.89 0.81
N VAL N 7 -19.40 -27.75 1.96
CA VAL N 7 -19.73 -28.93 2.75
C VAL N 7 -20.74 -29.71 1.92
N LYS N 8 -20.63 -31.04 1.93
CA LYS N 8 -21.56 -31.86 1.16
C LYS N 8 -22.20 -32.93 2.01
N ILE N 9 -23.33 -33.43 1.55
CA ILE N 9 -24.05 -34.49 2.24
C ILE N 9 -24.22 -35.61 1.24
N SER N 10 -23.88 -36.83 1.65
CA SER N 10 -24.02 -38.00 0.79
C SER N 10 -25.26 -38.78 1.22
N PHE N 11 -26.12 -39.10 0.26
CA PHE N 11 -27.32 -39.89 0.51
C PHE N 11 -26.94 -41.22 -0.13
N PRO N 12 -26.40 -42.14 0.68
CA PRO N 12 -25.93 -43.50 0.37
C PRO N 12 -26.80 -44.38 -0.51
N GLY N 13 -28.07 -44.49 -0.17
CA GLY N 13 -28.97 -45.35 -0.92
C GLY N 13 -30.12 -45.66 0.01
N THR N 14 -31.31 -45.80 -0.55
CA THR N 14 -32.48 -46.05 0.25
C THR N 14 -33.01 -47.48 0.19
N GLN N 15 -33.41 -47.99 1.35
CA GLN N 15 -33.99 -49.31 1.46
C GLN N 15 -34.78 -49.40 2.76
N ASN N 16 -36.11 -49.39 2.64
CA ASN N 16 -37.00 -49.48 3.78
C ASN N 16 -36.41 -50.46 4.80
N PRO N 17 -36.41 -50.09 6.10
CA PRO N 17 -36.93 -48.85 6.68
C PRO N 17 -35.92 -47.70 6.77
N LYS N 18 -34.81 -47.79 6.05
CA LYS N 18 -33.80 -46.73 6.07
C LYS N 18 -34.00 -45.72 4.94
N PHE N 19 -34.24 -44.46 5.31
CA PHE N 19 -34.45 -43.39 4.32
C PHE N 19 -33.54 -42.19 4.61
N PRO N 20 -32.30 -42.23 4.13
CA PRO N 20 -31.39 -41.10 4.36
C PRO N 20 -32.03 -39.78 3.90
N HIS N 21 -32.03 -38.77 4.76
CA HIS N 21 -32.62 -37.49 4.41
C HIS N 21 -32.26 -36.36 5.35
N LEU N 22 -32.64 -35.16 4.95
CA LEU N 22 -32.43 -33.96 5.74
C LEU N 22 -33.80 -33.33 5.88
N ARG N 23 -34.06 -32.68 7.00
CA ARG N 23 -35.32 -31.99 7.19
C ARG N 23 -34.98 -30.67 7.87
N PHE N 24 -35.31 -29.56 7.20
CA PHE N 24 -35.01 -28.26 7.77
C PHE N 24 -35.89 -27.97 8.98
N MET N 25 -35.26 -27.44 10.03
CA MET N 25 -35.93 -27.14 11.27
C MET N 25 -36.98 -26.05 11.19
N GLN N 26 -36.74 -25.06 10.34
CA GLN N 26 -37.67 -23.96 10.22
C GLN N 26 -38.53 -24.10 8.96
N THR N 27 -39.84 -23.92 9.12
CA THR N 27 -40.74 -24.02 7.97
C THR N 27 -40.59 -22.75 7.13
N LEU N 28 -40.93 -22.85 5.86
CA LEU N 28 -40.81 -21.70 4.96
C LEU N 28 -41.97 -20.72 5.13
N PRO N 29 -41.77 -19.48 4.69
CA PRO N 29 -42.85 -18.49 4.78
C PRO N 29 -43.69 -18.71 3.53
N ALA N 30 -44.79 -17.98 3.40
CA ALA N 30 -45.60 -18.12 2.20
C ALA N 30 -44.78 -17.51 1.07
N VAL N 31 -44.82 -18.11 -0.12
CA VAL N 31 -44.07 -17.58 -1.25
C VAL N 31 -44.89 -17.68 -2.54
N ARG N 32 -44.64 -16.75 -3.45
CA ARG N 32 -45.31 -16.73 -4.74
C ARG N 32 -44.35 -17.17 -5.83
N GLN N 33 -43.07 -17.23 -5.45
CA GLN N 33 -42.00 -17.60 -6.38
C GLN N 33 -40.92 -18.34 -5.59
N LEU N 34 -40.17 -19.18 -6.27
CA LEU N 34 -39.11 -19.92 -5.61
C LEU N 34 -38.04 -20.37 -6.60
N THR N 35 -36.78 -20.21 -6.19
CA THR N 35 -35.66 -20.63 -7.00
C THR N 35 -34.81 -21.53 -6.10
N VAL N 36 -34.62 -22.77 -6.53
CA VAL N 36 -33.83 -23.74 -5.77
C VAL N 36 -32.62 -24.12 -6.60
N CYS N 37 -31.43 -23.78 -6.11
CA CYS N 37 -30.19 -24.10 -6.80
C CYS N 37 -29.31 -24.96 -5.87
N GLN N 38 -28.54 -25.88 -6.45
CA GLN N 38 -27.63 -26.71 -5.67
C GLN N 38 -26.69 -27.51 -6.57
N ARG N 39 -25.63 -28.03 -5.98
CA ARG N 39 -24.67 -28.84 -6.71
C ARG N 39 -25.00 -30.30 -6.37
N ILE N 40 -25.11 -31.13 -7.40
CA ILE N 40 -25.42 -32.54 -7.18
C ILE N 40 -24.56 -33.52 -7.98
N LYS N 41 -24.34 -34.67 -7.38
CA LYS N 41 -23.58 -35.77 -7.98
C LYS N 41 -24.54 -36.96 -7.89
N PRO N 42 -25.28 -37.25 -8.96
CA PRO N 42 -26.24 -38.36 -8.95
C PRO N 42 -25.62 -39.76 -8.98
N PHE N 43 -26.22 -40.69 -8.25
CA PHE N 43 -25.73 -42.07 -8.22
C PHE N 43 -26.59 -43.00 -9.11
N HIS N 44 -27.76 -42.54 -9.55
CA HIS N 44 -28.59 -43.39 -10.40
C HIS N 44 -29.38 -42.62 -11.45
N ARG N 45 -29.70 -43.31 -12.54
CA ARG N 45 -30.45 -42.72 -13.66
C ARG N 45 -31.95 -42.57 -13.41
N ASN N 46 -32.53 -43.49 -12.65
CA ASN N 46 -33.97 -43.43 -12.39
C ASN N 46 -34.39 -42.21 -11.58
N THR N 47 -35.64 -41.81 -11.77
CA THR N 47 -36.20 -40.64 -11.09
C THR N 47 -36.00 -40.63 -9.59
N GLY N 48 -35.65 -39.45 -9.08
CA GLY N 48 -35.44 -39.27 -7.66
C GLY N 48 -35.88 -37.85 -7.32
N TYR N 49 -36.48 -37.65 -6.15
CA TYR N 49 -36.90 -36.32 -5.76
C TYR N 49 -35.85 -35.72 -4.82
N ILE N 50 -35.39 -34.53 -5.17
CA ILE N 50 -34.35 -33.84 -4.40
C ILE N 50 -34.90 -32.91 -3.31
N PHE N 51 -35.66 -31.92 -3.74
CA PHE N 51 -36.25 -30.91 -2.85
C PHE N 51 -37.76 -31.16 -2.72
N SER N 52 -38.21 -31.46 -1.50
CA SER N 52 -39.62 -31.72 -1.24
C SER N 52 -40.18 -30.77 -0.18
N CYS N 53 -41.24 -30.04 -0.53
CA CYS N 53 -41.88 -29.10 0.40
C CYS N 53 -43.33 -29.50 0.63
N ALA N 54 -43.72 -29.65 1.89
CA ALA N 54 -45.08 -30.05 2.21
C ALA N 54 -45.71 -29.27 3.36
N THR N 55 -47.02 -29.04 3.24
CA THR N 55 -47.78 -28.36 4.28
C THR N 55 -48.82 -29.37 4.77
N SER N 56 -49.49 -29.07 5.87
CA SER N 56 -50.48 -29.98 6.44
C SER N 56 -51.55 -30.45 5.46
N ASN N 57 -52.04 -29.55 4.61
CA ASN N 57 -53.08 -29.90 3.65
C ASN N 57 -52.58 -30.26 2.26
N GLN N 58 -51.27 -30.17 2.03
CA GLN N 58 -50.70 -30.45 0.72
C GLN N 58 -49.26 -30.97 0.82
N ASP N 59 -49.09 -32.29 0.78
CA ASP N 59 -47.76 -32.87 0.87
C ASP N 59 -46.91 -32.60 -0.37
N ASN N 60 -47.54 -32.17 -1.44
CA ASN N 60 -46.85 -31.90 -2.70
C ASN N 60 -46.89 -30.42 -3.12
N GLN N 61 -46.51 -29.53 -2.22
CA GLN N 61 -46.49 -28.09 -2.52
C GLN N 61 -45.49 -27.73 -3.60
N PHE N 62 -44.27 -28.25 -3.47
CA PHE N 62 -43.21 -27.94 -4.43
C PHE N 62 -42.23 -29.10 -4.35
N ILE N 63 -41.98 -29.75 -5.49
CA ILE N 63 -41.07 -30.88 -5.51
C ILE N 63 -40.21 -30.89 -6.76
N THR N 64 -38.89 -30.96 -6.57
CA THR N 64 -37.97 -31.00 -7.70
C THR N 64 -37.51 -32.44 -7.85
N SER N 65 -37.16 -32.82 -9.09
CA SER N 65 -36.70 -34.17 -9.35
C SER N 65 -35.86 -34.18 -10.61
N MET N 66 -35.26 -35.34 -10.88
CA MET N 66 -34.43 -35.49 -12.06
C MET N 66 -34.35 -36.97 -12.42
N TYR N 67 -33.90 -37.24 -13.63
CA TYR N 67 -33.69 -38.60 -14.09
C TYR N 67 -32.89 -38.46 -15.37
N VAL N 68 -32.18 -39.52 -15.74
CA VAL N 68 -31.36 -39.50 -16.94
C VAL N 68 -32.01 -40.38 -18.00
N LYS N 69 -32.21 -39.83 -19.19
CA LYS N 69 -32.82 -40.59 -20.28
C LYS N 69 -31.86 -41.65 -20.78
N SER N 70 -32.38 -42.57 -21.60
CA SER N 70 -31.58 -43.66 -22.16
C SER N 70 -30.31 -43.19 -22.86
N ASP N 71 -30.40 -42.05 -23.54
CA ASP N 71 -29.24 -41.50 -24.25
C ASP N 71 -28.29 -40.71 -23.36
N GLY N 72 -28.55 -40.69 -22.06
CA GLY N 72 -27.70 -39.97 -21.13
C GLY N 72 -28.10 -38.53 -20.89
N THR N 73 -29.18 -38.10 -21.52
CA THR N 73 -29.67 -36.72 -21.39
C THR N 73 -30.31 -36.46 -20.03
N LEU N 74 -30.02 -35.28 -19.47
CA LEU N 74 -30.57 -34.89 -18.18
C LEU N 74 -31.98 -34.35 -18.33
N ASN N 75 -32.88 -34.80 -17.45
CA ASN N 75 -34.25 -34.36 -17.46
C ASN N 75 -34.57 -33.80 -16.07
N LEU N 76 -34.98 -32.53 -16.01
CA LEU N 76 -35.29 -31.90 -14.73
C LEU N 76 -36.78 -31.69 -14.59
N GLY N 77 -37.32 -32.16 -13.48
CA GLY N 77 -38.75 -32.03 -13.27
C GLY N 77 -39.16 -31.15 -12.09
N LEU N 78 -40.38 -30.65 -12.18
CA LEU N 78 -40.94 -29.81 -11.12
C LEU N 78 -42.43 -30.12 -10.97
N GLN N 79 -42.89 -30.14 -9.73
CA GLN N 79 -44.29 -30.36 -9.44
C GLN N 79 -44.68 -29.29 -8.44
N VAL N 80 -45.78 -28.60 -8.72
CA VAL N 80 -46.29 -27.54 -7.86
C VAL N 80 -47.74 -27.79 -7.52
N ASN N 81 -48.08 -27.70 -6.23
CA ASN N 81 -49.45 -27.90 -5.78
C ASN N 81 -50.08 -29.17 -6.34
N ALA N 82 -49.40 -30.30 -6.17
CA ALA N 82 -49.86 -31.60 -6.63
C ALA N 82 -50.18 -31.70 -8.13
N SER N 83 -49.56 -30.86 -8.94
CA SER N 83 -49.77 -30.92 -10.37
C SER N 83 -49.02 -32.16 -10.85
N SER N 84 -49.08 -32.43 -12.14
CA SER N 84 -48.34 -33.56 -12.71
C SER N 84 -46.89 -33.08 -12.76
N ASN N 85 -45.94 -34.00 -12.89
CA ASN N 85 -44.54 -33.60 -12.97
C ASN N 85 -44.28 -32.99 -14.34
N LYS N 86 -43.67 -31.81 -14.35
CA LYS N 86 -43.35 -31.12 -15.59
C LYS N 86 -41.86 -31.32 -15.83
N TYR N 87 -41.50 -31.88 -16.98
CA TYR N 87 -40.09 -32.12 -17.29
C TYR N 87 -39.55 -31.29 -18.44
N ILE N 88 -38.31 -30.84 -18.28
CA ILE N 88 -37.61 -30.07 -19.30
C ILE N 88 -36.26 -30.75 -19.46
N SER N 89 -35.93 -31.11 -20.69
CA SER N 89 -34.67 -31.79 -20.95
C SER N 89 -33.52 -30.79 -21.13
N CYS N 90 -32.35 -31.19 -20.67
CA CYS N 90 -31.16 -30.36 -20.76
C CYS N 90 -30.17 -30.97 -21.74
N PRO N 91 -29.59 -30.14 -22.63
CA PRO N 91 -28.63 -30.61 -23.62
C PRO N 91 -27.26 -30.93 -23.02
N ILE N 92 -27.23 -31.88 -22.09
CA ILE N 92 -25.99 -32.27 -21.45
C ILE N 92 -26.03 -33.74 -21.07
N GLU N 93 -24.97 -34.46 -21.41
CA GLU N 93 -24.92 -35.88 -21.08
C GLU N 93 -24.47 -36.06 -19.63
N ILE N 94 -25.25 -36.82 -18.88
CA ILE N 94 -24.95 -37.04 -17.48
C ILE N 94 -24.12 -38.30 -17.24
N GLU N 95 -23.05 -38.14 -16.47
CA GLU N 95 -22.19 -39.26 -16.11
C GLU N 95 -22.40 -39.43 -14.62
N LEU N 96 -23.04 -40.53 -14.22
CA LEU N 96 -23.28 -40.76 -12.80
C LEU N 96 -21.95 -40.67 -12.06
N GLY N 97 -21.96 -39.99 -10.92
CA GLY N 97 -20.73 -39.86 -10.16
C GLY N 97 -20.01 -38.54 -10.40
N GLN N 98 -20.49 -37.75 -11.36
CA GLN N 98 -19.89 -36.47 -11.68
C GLN N 98 -20.77 -35.34 -11.13
N TRP N 99 -20.16 -34.18 -10.86
CA TRP N 99 -20.86 -33.02 -10.33
C TRP N 99 -21.51 -32.16 -11.41
N TYR N 100 -22.68 -31.62 -11.09
CA TYR N 100 -23.42 -30.73 -11.99
C TYR N 100 -24.12 -29.70 -11.13
N HIS N 101 -24.29 -28.49 -11.67
CA HIS N 101 -25.03 -27.49 -10.92
C HIS N 101 -26.41 -27.48 -11.53
N VAL N 102 -27.42 -27.62 -10.69
CA VAL N 102 -28.80 -27.64 -11.16
C VAL N 102 -29.61 -26.58 -10.44
N CYS N 103 -30.51 -25.95 -11.17
CA CYS N 103 -31.36 -24.94 -10.58
C CYS N 103 -32.76 -24.97 -11.18
N HIS N 104 -33.76 -24.85 -10.31
CA HIS N 104 -35.16 -24.82 -10.72
C HIS N 104 -35.69 -23.44 -10.39
N VAL N 105 -36.25 -22.75 -11.39
CA VAL N 105 -36.83 -21.43 -11.18
C VAL N 105 -38.34 -21.51 -11.40
N TRP N 106 -39.11 -21.11 -10.40
CA TRP N 106 -40.56 -21.14 -10.51
C TRP N 106 -41.20 -19.83 -10.10
N SER N 107 -42.18 -19.40 -10.89
CA SER N 107 -42.91 -18.18 -10.60
C SER N 107 -44.41 -18.43 -10.69
N GLY N 108 -45.09 -18.33 -9.56
CA GLY N 108 -46.52 -18.54 -9.55
C GLY N 108 -47.24 -17.30 -10.05
N VAL N 109 -46.51 -16.19 -10.16
CA VAL N 109 -47.11 -14.96 -10.63
C VAL N 109 -47.53 -15.11 -12.09
N ASP N 110 -46.66 -15.68 -12.92
CA ASP N 110 -47.01 -15.89 -14.33
C ASP N 110 -47.08 -17.37 -14.69
N GLY N 111 -46.80 -18.24 -13.72
CA GLY N 111 -46.85 -19.68 -13.96
C GLY N 111 -45.73 -20.21 -14.84
N ARG N 112 -44.60 -19.52 -14.84
CA ARG N 112 -43.48 -19.95 -15.66
C ARG N 112 -42.45 -20.76 -14.88
N MET N 113 -41.99 -21.84 -15.50
CA MET N 113 -40.99 -22.72 -14.93
C MET N 113 -39.77 -22.71 -15.84
N ALA N 114 -38.59 -22.69 -15.24
CA ALA N 114 -37.35 -22.68 -16.01
C ALA N 114 -36.31 -23.48 -15.25
N VAL N 115 -35.51 -24.27 -15.97
CA VAL N 115 -34.47 -25.06 -15.31
C VAL N 115 -33.13 -24.76 -15.96
N TYR N 116 -32.07 -24.91 -15.17
CA TYR N 116 -30.72 -24.65 -15.64
C TYR N 116 -29.75 -25.74 -15.26
N ALA N 117 -28.82 -26.05 -16.16
CA ALA N 117 -27.81 -27.07 -15.89
C ALA N 117 -26.45 -26.38 -16.09
N ASN N 118 -25.61 -26.45 -15.07
CA ASN N 118 -24.29 -25.82 -15.10
C ASN N 118 -24.36 -24.35 -15.46
N GLY N 119 -25.38 -23.66 -14.96
CA GLY N 119 -25.51 -22.23 -15.21
C GLY N 119 -26.10 -21.82 -16.56
N SER N 120 -26.50 -22.80 -17.37
CA SER N 120 -27.09 -22.50 -18.68
C SER N 120 -28.54 -22.91 -18.75
N PRO N 121 -29.38 -22.08 -19.39
CA PRO N 121 -30.81 -22.36 -19.53
C PRO N 121 -31.10 -23.59 -20.39
N CYS N 122 -31.97 -24.48 -19.91
CA CYS N 122 -32.32 -25.69 -20.65
C CYS N 122 -33.63 -25.47 -21.37
N GLY N 123 -34.42 -24.51 -20.89
CA GLY N 123 -35.70 -24.23 -21.49
C GLY N 123 -36.72 -23.82 -20.45
N THR N 124 -37.93 -23.53 -20.90
CA THR N 124 -38.99 -23.10 -20.00
C THR N 124 -40.31 -23.81 -20.30
N MET N 125 -41.25 -23.70 -19.37
CA MET N 125 -42.56 -24.27 -19.56
C MET N 125 -43.60 -23.36 -18.92
N GLU N 126 -44.73 -23.20 -19.60
CA GLU N 126 -45.80 -22.35 -19.10
C GLU N 126 -46.84 -23.12 -18.30
N ASN N 127 -47.73 -22.38 -17.66
CA ASN N 127 -48.82 -22.96 -16.88
C ASN N 127 -48.41 -23.96 -15.80
N VAL N 128 -47.40 -23.60 -15.01
CA VAL N 128 -46.95 -24.45 -13.93
C VAL N 128 -47.26 -23.70 -12.64
N GLY N 129 -48.31 -24.15 -11.94
CA GLY N 129 -48.71 -23.50 -10.70
C GLY N 129 -49.08 -22.05 -10.89
N LYS N 130 -49.65 -21.73 -12.05
CA LYS N 130 -50.03 -20.35 -12.34
C LYS N 130 -51.06 -19.84 -11.36
N GLY N 131 -50.78 -18.71 -10.74
CA GLY N 131 -51.71 -18.15 -9.77
C GLY N 131 -51.63 -18.82 -8.42
N HIS N 132 -50.78 -19.83 -8.30
CA HIS N 132 -50.65 -20.53 -7.03
C HIS N 132 -49.64 -19.89 -6.08
N GLN N 133 -50.00 -19.85 -4.81
CA GLN N 133 -49.13 -19.29 -3.79
C GLN N 133 -48.95 -20.39 -2.75
N ILE N 134 -47.70 -20.78 -2.52
CA ILE N 134 -47.41 -21.82 -1.54
C ILE N 134 -47.75 -21.26 -0.17
N SER N 135 -48.70 -21.90 0.52
CA SER N 135 -49.11 -21.45 1.84
C SER N 135 -47.97 -21.52 2.85
N ALA N 136 -47.99 -20.62 3.82
CA ALA N 136 -46.96 -20.54 4.84
C ALA N 136 -46.86 -21.81 5.68
N GLY N 137 -45.66 -22.07 6.18
CA GLY N 137 -45.45 -23.24 7.03
C GLY N 137 -44.99 -24.50 6.34
N GLY N 138 -44.44 -24.37 5.13
CA GLY N 138 -43.97 -25.54 4.41
C GLY N 138 -42.73 -26.18 5.02
N THR N 139 -42.75 -27.49 5.17
CA THR N 139 -41.61 -28.24 5.73
C THR N 139 -40.78 -28.78 4.57
N VAL N 140 -39.48 -28.52 4.60
CA VAL N 140 -38.61 -28.98 3.53
C VAL N 140 -37.77 -30.22 3.89
N VAL N 141 -37.83 -31.21 3.02
CA VAL N 141 -37.05 -32.43 3.19
C VAL N 141 -36.21 -32.61 1.95
N ILE N 142 -34.97 -33.06 2.15
CA ILE N 142 -34.03 -33.28 1.04
C ILE N 142 -33.73 -34.77 0.87
N GLY N 143 -33.80 -35.26 -0.36
CA GLY N 143 -33.48 -36.65 -0.61
C GLY N 143 -34.61 -37.66 -0.58
N GLN N 144 -35.78 -37.23 -0.09
CA GLN N 144 -36.94 -38.11 -0.02
C GLN N 144 -38.18 -37.29 -0.40
N GLU N 145 -39.24 -37.98 -0.80
CA GLU N 145 -40.48 -37.31 -1.20
C GLU N 145 -41.47 -37.49 -0.06
N GLN N 146 -41.99 -36.40 0.50
CA GLN N 146 -42.92 -36.56 1.60
C GLN N 146 -44.38 -36.75 1.22
N ASP N 147 -45.04 -37.66 1.93
CA ASP N 147 -46.46 -37.94 1.71
C ASP N 147 -47.16 -37.51 2.99
N LYS N 148 -46.35 -37.03 3.93
CA LYS N 148 -46.80 -36.56 5.23
C LYS N 148 -45.68 -35.61 5.67
N ILE N 149 -45.98 -34.64 6.53
CA ILE N 149 -44.93 -33.73 6.96
C ILE N 149 -43.75 -34.47 7.59
N GLY N 150 -42.59 -34.36 6.95
CA GLY N 150 -41.39 -35.00 7.46
C GLY N 150 -41.38 -36.52 7.38
N GLY N 151 -42.28 -37.11 6.60
CA GLY N 151 -42.31 -38.56 6.52
C GLY N 151 -43.11 -39.15 5.36
N GLY N 152 -43.50 -40.41 5.52
CA GLY N 152 -44.25 -41.08 4.48
C GLY N 152 -43.38 -41.27 3.24
N PHE N 153 -42.09 -41.52 3.45
CA PHE N 153 -41.15 -41.70 2.36
C PHE N 153 -41.33 -43.02 1.61
N GLU N 154 -40.97 -43.02 0.33
CA GLU N 154 -41.06 -44.20 -0.54
C GLU N 154 -39.72 -44.41 -1.24
N GLU N 155 -39.15 -45.60 -1.12
CA GLU N 155 -37.86 -45.89 -1.73
C GLU N 155 -37.75 -45.62 -3.22
N GLN N 156 -38.82 -45.85 -3.96
CA GLN N 156 -38.77 -45.62 -5.41
C GLN N 156 -38.78 -44.15 -5.79
N GLU N 157 -38.95 -43.27 -4.81
CA GLU N 157 -38.95 -41.83 -5.09
C GLU N 157 -37.77 -41.11 -4.43
N SER N 158 -36.91 -41.88 -3.78
CA SER N 158 -35.74 -41.32 -3.11
C SER N 158 -34.65 -40.90 -4.10
N TRP N 159 -33.74 -40.04 -3.66
CA TRP N 159 -32.65 -39.61 -4.52
C TRP N 159 -31.34 -39.90 -3.80
N SER N 160 -30.47 -40.68 -4.44
CA SER N 160 -29.18 -41.00 -3.87
C SER N 160 -28.08 -40.28 -4.64
N GLY N 161 -27.06 -39.85 -3.90
CA GLY N 161 -25.95 -39.14 -4.51
C GLY N 161 -25.39 -38.16 -3.52
N GLU N 162 -24.61 -37.20 -4.01
CA GLU N 162 -24.02 -36.20 -3.14
C GLU N 162 -24.62 -34.82 -3.44
N LEU N 163 -24.84 -34.02 -2.41
CA LEU N 163 -25.42 -32.70 -2.61
C LEU N 163 -24.67 -31.63 -1.80
N SER N 164 -24.57 -30.43 -2.37
CA SER N 164 -23.86 -29.35 -1.73
C SER N 164 -24.32 -27.99 -2.23
N ASP N 165 -24.00 -26.95 -1.47
CA ASP N 165 -24.32 -25.58 -1.85
C ASP N 165 -25.80 -25.34 -2.21
N LEU N 166 -26.71 -25.81 -1.36
CA LEU N 166 -28.15 -25.60 -1.60
C LEU N 166 -28.50 -24.15 -1.25
N GLN N 167 -29.01 -23.43 -2.24
CA GLN N 167 -29.40 -22.03 -2.04
C GLN N 167 -30.83 -21.83 -2.55
N VAL N 168 -31.68 -21.27 -1.71
CA VAL N 168 -33.08 -21.04 -2.08
C VAL N 168 -33.51 -19.59 -1.85
N TRP N 169 -34.15 -19.00 -2.87
CA TRP N 169 -34.64 -17.62 -2.83
C TRP N 169 -36.14 -17.65 -3.07
N ASP N 170 -36.87 -16.67 -2.50
CA ASP N 170 -38.31 -16.63 -2.73
C ASP N 170 -38.60 -15.67 -3.88
N GLU N 171 -37.74 -15.69 -4.88
CA GLU N 171 -37.89 -14.88 -6.08
C GLU N 171 -37.56 -15.76 -7.27
N ALA N 172 -37.93 -15.33 -8.47
CA ALA N 172 -37.65 -16.09 -9.67
C ALA N 172 -36.44 -15.47 -10.36
N LEU N 173 -35.26 -15.99 -10.04
CA LEU N 173 -34.01 -15.48 -10.59
C LEU N 173 -33.98 -15.48 -12.12
N THR N 174 -33.29 -14.50 -12.70
CA THR N 174 -33.19 -14.42 -14.15
C THR N 174 -32.12 -15.37 -14.67
N THR N 175 -32.10 -15.56 -15.98
CA THR N 175 -31.14 -16.43 -16.64
C THR N 175 -29.71 -15.98 -16.29
N HIS N 176 -29.48 -14.67 -16.34
CA HIS N 176 -28.16 -14.14 -16.03
C HIS N 176 -27.78 -14.40 -14.57
N GLN N 177 -28.71 -14.20 -13.65
CA GLN N 177 -28.42 -14.43 -12.24
C GLN N 177 -28.09 -15.89 -11.94
N VAL N 178 -28.78 -16.83 -12.58
CA VAL N 178 -28.49 -18.23 -12.34
C VAL N 178 -27.06 -18.56 -12.76
N SER N 179 -26.58 -17.94 -13.84
CA SER N 179 -25.21 -18.20 -14.28
C SER N 179 -24.21 -17.69 -13.24
N THR N 180 -24.55 -16.61 -12.54
CA THR N 180 -23.65 -16.09 -11.50
C THR N 180 -23.70 -16.99 -10.27
N VAL N 181 -24.79 -17.72 -10.09
CA VAL N 181 -24.91 -18.64 -8.96
C VAL N 181 -24.08 -19.90 -9.21
N ALA N 182 -24.16 -20.43 -10.42
CA ALA N 182 -23.43 -21.65 -10.79
C ALA N 182 -21.91 -21.57 -10.80
N SER N 183 -21.38 -20.44 -11.27
CA SER N 183 -19.94 -20.24 -11.35
C SER N 183 -19.20 -20.67 -10.09
N CYS N 184 -18.29 -21.62 -10.25
CA CYS N 184 -17.52 -22.12 -9.13
C CYS N 184 -16.63 -21.05 -8.50
N ASN N 185 -16.04 -20.19 -9.32
CA ASN N 185 -15.16 -19.13 -8.82
C ASN N 185 -15.87 -17.79 -8.78
N GLY N 186 -17.19 -17.82 -8.84
CA GLY N 186 -17.96 -16.59 -8.80
C GLY N 186 -18.17 -16.11 -7.39
N ILE N 187 -19.20 -15.30 -7.17
CA ILE N 187 -19.49 -14.76 -5.85
C ILE N 187 -20.11 -15.80 -4.92
N ARG N 188 -20.57 -16.90 -5.49
CA ARG N 188 -21.20 -17.98 -4.70
C ARG N 188 -22.24 -17.39 -3.75
N PRO N 189 -23.37 -16.90 -4.31
CA PRO N 189 -24.50 -16.29 -3.58
C PRO N 189 -25.15 -17.21 -2.56
N ARG N 190 -25.84 -16.60 -1.59
CA ARG N 190 -26.54 -17.35 -0.56
C ARG N 190 -28.03 -17.01 -0.61
N GLY N 191 -28.88 -18.03 -0.71
CA GLY N 191 -30.31 -17.81 -0.78
C GLY N 191 -30.86 -17.11 0.46
N ASN N 192 -31.93 -16.34 0.30
CA ASN N 192 -32.52 -15.62 1.44
C ASN N 192 -33.53 -16.47 2.19
N VAL N 193 -33.99 -17.56 1.57
CA VAL N 193 -34.94 -18.46 2.22
C VAL N 193 -34.12 -19.55 2.92
N ILE N 194 -33.25 -20.19 2.16
CA ILE N 194 -32.37 -21.21 2.73
C ILE N 194 -30.97 -20.95 2.20
N SER N 195 -30.02 -20.85 3.12
CA SER N 195 -28.63 -20.65 2.79
C SER N 195 -27.89 -21.87 3.33
N TRP N 196 -27.24 -22.61 2.45
CA TRP N 196 -26.53 -23.83 2.83
C TRP N 196 -25.69 -23.70 4.09
N MET N 197 -25.95 -24.59 5.05
CA MET N 197 -25.23 -24.62 6.32
C MET N 197 -25.46 -23.41 7.24
N GLU N 198 -26.40 -22.54 6.88
CA GLU N 198 -26.72 -21.39 7.72
C GLU N 198 -28.14 -21.53 8.25
N ASP N 199 -28.85 -22.53 7.74
CA ASP N 199 -30.21 -22.81 8.17
C ASP N 199 -30.18 -24.26 8.66
N SER N 200 -30.44 -24.43 9.96
CA SER N 200 -30.38 -25.75 10.57
C SER N 200 -31.29 -26.82 9.98
N PHE N 201 -30.79 -28.05 9.96
CA PHE N 201 -31.55 -29.18 9.45
C PHE N 201 -31.19 -30.45 10.20
N VAL N 202 -32.16 -31.35 10.29
CA VAL N 202 -31.95 -32.62 10.96
C VAL N 202 -31.37 -33.57 9.93
N ALA N 203 -30.37 -34.35 10.34
CA ALA N 203 -29.74 -35.33 9.47
C ALA N 203 -30.15 -36.67 10.02
N ASP N 204 -30.64 -37.57 9.17
CA ASP N 204 -31.08 -38.86 9.67
C ASP N 204 -30.84 -40.03 8.70
N ASP N 205 -30.89 -41.23 9.27
CA ASP N 205 -30.70 -42.47 8.53
C ASP N 205 -29.42 -42.63 7.73
N GLY N 206 -28.31 -42.30 8.37
CA GLY N 206 -27.01 -42.48 7.75
C GLY N 206 -26.50 -41.57 6.65
N VAL N 207 -26.87 -40.30 6.63
CA VAL N 207 -26.33 -39.42 5.61
C VAL N 207 -24.86 -39.19 6.02
N ILE N 208 -24.01 -38.94 5.05
CA ILE N 208 -22.60 -38.72 5.32
C ILE N 208 -22.19 -37.27 5.09
N VAL N 209 -21.61 -36.66 6.13
CA VAL N 209 -21.16 -35.28 6.04
C VAL N 209 -19.70 -35.25 5.61
N GLY N 210 -19.43 -34.53 4.52
CA GLY N 210 -18.08 -34.43 4.01
C GLY N 210 -17.85 -33.12 3.26
N ILE N 211 -16.88 -33.13 2.36
CA ILE N 211 -16.54 -31.95 1.59
C ILE N 211 -16.67 -32.19 0.09
N SER N 212 -17.24 -31.21 -0.61
CA SER N 212 -17.41 -31.29 -2.05
C SER N 212 -16.18 -30.72 -2.75
N HIS N 213 -15.69 -31.43 -3.75
CA HIS N 213 -14.55 -30.97 -4.51
C HIS N 213 -14.92 -30.60 -5.95
N MET N 214 -16.17 -30.20 -6.14
CA MET N 214 -16.64 -29.81 -7.46
C MET N 214 -15.95 -28.51 -7.88
N CYS N 215 -15.83 -27.59 -6.94
CA CYS N 215 -15.23 -26.29 -7.19
C CYS N 215 -13.79 -26.13 -6.71
N SER N 216 -13.52 -26.49 -5.46
CA SER N 216 -12.17 -26.39 -4.90
C SER N 216 -11.61 -27.77 -4.59
N LEU N 217 -10.40 -28.03 -5.09
CA LEU N 217 -9.72 -29.30 -4.87
C LEU N 217 -9.11 -29.34 -3.47
CA CA O . -51.66 -13.45 25.02
CA CA P . -53.67 -10.12 25.54
CA CA Q . -57.55 11.16 -7.85
CA CA R . -59.29 7.76 -7.70
CA CA S . -44.86 34.93 16.27
CA CA T . -43.53 38.61 16.31
CA CA U . -27.00 48.94 -18.61
CA CA V . -30.72 48.32 -18.80
CA CA W . -2.41 58.64 5.76
CA CA X . 1.24 59.92 5.46
CA CA Y . 21.82 48.00 -26.18
CA CA Z . 18.89 50.36 -26.87
CA CA AA . 43.30 39.96 1.76
CA CA BA . 46.67 38.24 2.39
CA CA CA . 52.94 9.38 -24.63
CA CA DA . 52.94 13.03 -26.11
CA CA EA . 58.31 -6.93 7.08
CA CA FA . 58.91 -10.62 8.42
CA CA GA . 42.38 -38.09 -15.26
CA CA HA . 45.24 -36.08 -16.73
CA CA IA . 30.88 -47.04 17.46
CA CA JA . 28.55 -49.61 19.17
CA CA KA . -1.70 -58.78 -5.24
CA CA LA . 1.75 -59.89 -6.26
CA CA MA . -17.99 -49.84 25.82
CA CA NA . -21.49 -49.40 27.05
CA CA OA . -46.10 -36.71 -1.67
CA CA PA . -44.75 -40.32 -2.38
#